data_2EO6
#
_entry.id   2EO6
#
_entity_poly.entity_id   1
_entity_poly.type   'polypeptide(L)'
_entity_poly.pdbx_seq_one_letter_code
;GSSGSSGPFNSTFADQEAELLGKPWYAGACDRKSAEEALHRSNKDGSFLIRKSSGHDSKQPYTLVAFFNKRVYNIPVRFI
EATKQYALGKKKNGEEYFGSVVEIVNSHQHNPLVLIDSQNNTKDSTRLKYAVKVSSGPSSG
;
_entity_poly.pdbx_strand_id   A
#
# COMPACT_ATOMS: atom_id res chain seq x y z
N GLY A 1 18.64 5.83 6.53
CA GLY A 1 19.79 6.27 5.77
C GLY A 1 20.53 7.42 6.45
N SER A 2 20.49 8.59 5.83
CA SER A 2 21.17 9.76 6.37
C SER A 2 20.70 10.04 7.79
N SER A 3 19.38 10.09 7.98
CA SER A 3 18.81 10.36 9.29
C SER A 3 18.61 9.06 10.07
N GLY A 4 18.06 8.06 9.41
CA GLY A 4 17.83 6.78 10.06
C GLY A 4 19.11 6.12 10.51
N SER A 5 19.02 5.29 11.54
CA SER A 5 20.19 4.59 12.07
C SER A 5 19.77 3.58 13.14
N SER A 6 20.64 2.60 13.38
CA SER A 6 20.37 1.56 14.37
C SER A 6 19.71 2.16 15.62
N GLY A 7 18.84 1.37 16.25
CA GLY A 7 18.16 1.83 17.44
C GLY A 7 16.92 2.65 17.11
N PRO A 8 16.01 2.76 18.09
CA PRO A 8 14.76 3.50 17.93
C PRO A 8 14.99 5.01 17.84
N PHE A 9 16.25 5.41 17.87
CA PHE A 9 16.62 6.82 17.79
C PHE A 9 15.64 7.58 16.89
N ASN A 10 15.51 7.13 15.65
CA ASN A 10 14.62 7.77 14.70
C ASN A 10 13.44 6.86 14.36
N SER A 11 12.27 7.20 14.89
CA SER A 11 11.06 6.41 14.66
C SER A 11 9.93 7.29 14.11
N THR A 12 10.12 7.79 12.91
CA THR A 12 9.12 8.66 12.27
C THR A 12 7.93 7.84 11.79
N PHE A 13 8.18 6.89 10.90
CA PHE A 13 7.12 6.04 10.36
C PHE A 13 6.24 5.50 11.48
N ALA A 14 6.87 4.93 12.50
CA ALA A 14 6.14 4.38 13.64
C ALA A 14 4.88 5.18 13.93
N ASP A 15 5.06 6.49 14.14
CA ASP A 15 3.94 7.37 14.43
C ASP A 15 2.79 7.13 13.46
N GLN A 16 3.11 7.08 12.17
CA GLN A 16 2.11 6.85 11.14
C GLN A 16 1.36 5.55 11.39
N GLU A 17 2.09 4.51 11.80
CA GLU A 17 1.50 3.21 12.05
C GLU A 17 0.32 3.33 13.01
N ALA A 18 0.48 4.15 14.04
CA ALA A 18 -0.58 4.36 15.03
C ALA A 18 -1.90 4.70 14.35
N GLU A 19 -1.83 5.46 13.26
CA GLU A 19 -3.02 5.84 12.52
C GLU A 19 -3.26 4.91 11.34
N LEU A 20 -2.74 3.69 11.44
CA LEU A 20 -2.89 2.70 10.38
C LEU A 20 -3.39 1.37 10.95
N LEU A 21 -2.99 1.07 12.18
CA LEU A 21 -3.40 -0.17 12.83
C LEU A 21 -4.91 -0.22 13.02
N GLY A 22 -5.52 -1.30 12.56
CA GLY A 22 -6.96 -1.44 12.69
C GLY A 22 -7.68 -1.30 11.36
N LYS A 23 -7.17 -0.42 10.51
CA LYS A 23 -7.77 -0.18 9.20
C LYS A 23 -8.15 -1.50 8.53
N PRO A 24 -9.33 -1.54 7.92
CA PRO A 24 -9.84 -2.72 7.23
C PRO A 24 -9.07 -3.02 5.95
N TRP A 25 -8.13 -2.14 5.61
CA TRP A 25 -7.32 -2.29 4.40
C TRP A 25 -5.87 -2.55 4.76
N TYR A 26 -5.48 -2.16 5.97
CA TYR A 26 -4.10 -2.35 6.44
C TYR A 26 -3.79 -3.82 6.62
N ALA A 27 -3.14 -4.42 5.61
CA ALA A 27 -2.78 -5.83 5.66
C ALA A 27 -1.74 -6.09 6.74
N GLY A 28 -1.03 -5.04 7.14
CA GLY A 28 0.00 -5.18 8.16
C GLY A 28 1.24 -5.88 7.65
N ALA A 29 1.98 -6.50 8.57
CA ALA A 29 3.20 -7.21 8.21
C ALA A 29 2.88 -8.63 7.75
N CYS A 30 1.84 -8.78 6.95
CA CYS A 30 1.44 -10.09 6.44
C CYS A 30 2.21 -10.44 5.18
N ASP A 31 2.44 -11.74 4.96
CA ASP A 31 3.16 -12.20 3.79
C ASP A 31 2.60 -11.57 2.52
N ARG A 32 3.48 -11.29 1.56
CA ARG A 32 3.07 -10.69 0.31
C ARG A 32 2.04 -11.56 -0.41
N LYS A 33 2.34 -12.85 -0.54
CA LYS A 33 1.45 -13.79 -1.20
C LYS A 33 0.04 -13.68 -0.63
N SER A 34 -0.07 -13.72 0.70
CA SER A 34 -1.36 -13.63 1.36
C SER A 34 -2.13 -12.41 0.89
N ALA A 35 -1.44 -11.28 0.78
CA ALA A 35 -2.06 -10.04 0.34
C ALA A 35 -2.79 -10.23 -0.98
N GLU A 36 -2.15 -10.93 -1.91
CA GLU A 36 -2.72 -11.19 -3.22
C GLU A 36 -3.91 -12.15 -3.12
N GLU A 37 -3.74 -13.19 -2.31
CA GLU A 37 -4.80 -14.18 -2.13
C GLU A 37 -6.08 -13.52 -1.64
N ALA A 38 -6.00 -12.81 -0.52
CA ALA A 38 -7.15 -12.13 0.05
C ALA A 38 -7.84 -11.26 -0.99
N LEU A 39 -7.09 -10.81 -1.99
CA LEU A 39 -7.62 -9.98 -3.06
C LEU A 39 -8.31 -10.83 -4.13
N HIS A 40 -7.59 -11.83 -4.63
CA HIS A 40 -8.12 -12.72 -5.66
C HIS A 40 -9.42 -13.36 -5.19
N ARG A 41 -9.53 -13.60 -3.89
CA ARG A 41 -10.72 -14.21 -3.32
C ARG A 41 -11.89 -13.24 -3.33
N SER A 42 -11.59 -11.95 -3.23
CA SER A 42 -12.62 -10.92 -3.23
C SER A 42 -13.36 -10.89 -4.56
N ASN A 43 -12.60 -10.78 -5.65
CA ASN A 43 -13.18 -10.75 -6.99
C ASN A 43 -14.04 -9.50 -7.17
N LYS A 44 -13.56 -8.37 -6.65
CA LYS A 44 -14.28 -7.11 -6.76
C LYS A 44 -13.35 -5.98 -7.17
N ASP A 45 -13.17 -5.81 -8.48
CA ASP A 45 -12.31 -4.76 -9.00
C ASP A 45 -12.51 -3.45 -8.24
N GLY A 46 -11.52 -3.09 -7.43
CA GLY A 46 -11.61 -1.87 -6.66
C GLY A 46 -11.06 -2.03 -5.25
N SER A 47 -10.92 -3.27 -4.82
CA SER A 47 -10.41 -3.56 -3.48
C SER A 47 -8.95 -3.15 -3.35
N PHE A 48 -8.52 -2.87 -2.13
CA PHE A 48 -7.14 -2.46 -1.87
C PHE A 48 -6.70 -2.89 -0.48
N LEU A 49 -5.40 -2.80 -0.22
CA LEU A 49 -4.84 -3.18 1.07
C LEU A 49 -3.37 -2.81 1.16
N ILE A 50 -3.01 -2.08 2.21
CA ILE A 50 -1.62 -1.66 2.42
C ILE A 50 -0.84 -2.70 3.19
N ARG A 51 0.30 -3.12 2.64
CA ARG A 51 1.14 -4.12 3.28
C ARG A 51 2.51 -3.53 3.63
N LYS A 52 2.83 -3.53 4.92
CA LYS A 52 4.11 -3.00 5.38
C LYS A 52 5.27 -3.58 4.57
N SER A 53 6.21 -2.72 4.19
CA SER A 53 7.36 -3.15 3.42
C SER A 53 8.31 -4.01 4.26
N SER A 54 9.43 -4.40 3.67
CA SER A 54 10.42 -5.23 4.36
C SER A 54 10.88 -4.54 5.64
N GLY A 55 11.57 -5.31 6.49
CA GLY A 55 12.08 -4.76 7.74
C GLY A 55 13.26 -3.84 7.54
N HIS A 56 13.25 -2.70 8.22
CA HIS A 56 14.33 -1.73 8.12
C HIS A 56 14.28 -1.01 6.77
N ASP A 57 13.08 -0.66 6.33
CA ASP A 57 12.89 0.04 5.06
C ASP A 57 12.73 1.54 5.28
N SER A 58 13.19 2.33 4.32
CA SER A 58 13.08 3.78 4.41
C SER A 58 12.43 4.36 3.16
N LYS A 59 13.08 4.15 2.01
CA LYS A 59 12.56 4.64 0.74
C LYS A 59 11.18 4.06 0.44
N GLN A 60 10.96 2.82 0.86
CA GLN A 60 9.69 2.14 0.64
C GLN A 60 9.09 1.68 1.97
N PRO A 61 8.34 2.57 2.62
CA PRO A 61 7.70 2.28 3.90
C PRO A 61 6.55 1.28 3.76
N TYR A 62 5.67 1.54 2.79
CA TYR A 62 4.53 0.66 2.54
C TYR A 62 4.30 0.47 1.05
N THR A 63 3.33 -0.37 0.71
CA THR A 63 3.00 -0.64 -0.69
C THR A 63 1.51 -0.86 -0.86
N LEU A 64 0.91 -0.13 -1.79
CA LEU A 64 -0.53 -0.26 -2.06
C LEU A 64 -0.79 -1.36 -3.09
N VAL A 65 -1.86 -2.12 -2.88
CA VAL A 65 -2.23 -3.20 -3.77
C VAL A 65 -3.69 -3.11 -4.17
N ALA A 66 -3.95 -2.56 -5.35
CA ALA A 66 -5.32 -2.42 -5.84
C ALA A 66 -5.72 -3.61 -6.70
N PHE A 67 -6.72 -4.34 -6.25
CA PHE A 67 -7.20 -5.52 -6.97
C PHE A 67 -8.18 -5.12 -8.07
N PHE A 68 -7.99 -5.67 -9.26
CA PHE A 68 -8.86 -5.37 -10.40
C PHE A 68 -9.52 -6.64 -10.93
N ASN A 69 -10.34 -6.48 -11.96
CA ASN A 69 -11.04 -7.61 -12.56
C ASN A 69 -10.12 -8.82 -12.68
N LYS A 70 -10.11 -9.67 -11.66
CA LYS A 70 -9.27 -10.87 -11.65
C LYS A 70 -7.81 -10.50 -11.87
N ARG A 71 -7.37 -9.43 -11.20
CA ARG A 71 -5.98 -8.97 -11.31
C ARG A 71 -5.50 -8.37 -10.00
N VAL A 72 -4.20 -8.21 -9.88
CA VAL A 72 -3.60 -7.64 -8.67
C VAL A 72 -2.43 -6.73 -9.01
N TYR A 73 -2.54 -5.46 -8.63
CA TYR A 73 -1.49 -4.48 -8.89
C TYR A 73 -0.92 -3.93 -7.59
N ASN A 74 0.34 -4.25 -7.31
CA ASN A 74 0.99 -3.79 -6.09
C ASN A 74 1.97 -2.65 -6.42
N ILE A 75 1.51 -1.42 -6.22
CA ILE A 75 2.34 -0.24 -6.47
C ILE A 75 3.10 0.17 -5.22
N PRO A 76 4.42 0.40 -5.38
CA PRO A 76 5.28 0.81 -4.27
C PRO A 76 4.99 2.23 -3.81
N VAL A 77 4.76 2.38 -2.50
CA VAL A 77 4.46 3.69 -1.93
C VAL A 77 5.72 4.33 -1.35
N ARG A 78 6.51 4.96 -2.21
CA ARG A 78 7.74 5.61 -1.79
C ARG A 78 7.45 6.77 -0.85
N PHE A 79 8.44 7.17 -0.07
CA PHE A 79 8.29 8.27 0.86
C PHE A 79 9.40 9.30 0.68
N ILE A 80 9.04 10.44 0.09
CA ILE A 80 10.00 11.51 -0.14
C ILE A 80 10.32 12.26 1.15
N GLU A 81 11.34 11.77 1.86
CA GLU A 81 11.75 12.40 3.11
C GLU A 81 11.95 13.90 2.94
N ALA A 82 12.55 14.29 1.82
CA ALA A 82 12.80 15.68 1.53
C ALA A 82 11.69 16.57 2.07
N THR A 83 10.44 16.14 1.87
CA THR A 83 9.29 16.90 2.35
C THR A 83 8.41 16.04 3.24
N LYS A 84 8.86 14.82 3.54
CA LYS A 84 8.12 13.90 4.39
C LYS A 84 6.75 13.60 3.79
N GLN A 85 6.69 13.51 2.47
CA GLN A 85 5.44 13.22 1.78
C GLN A 85 5.43 11.79 1.23
N TYR A 86 4.32 11.41 0.61
CA TYR A 86 4.20 10.07 0.05
C TYR A 86 3.80 10.13 -1.43
N ALA A 87 4.27 9.16 -2.20
CA ALA A 87 3.97 9.11 -3.63
C ALA A 87 3.74 7.66 -4.08
N LEU A 88 3.15 7.51 -5.26
CA LEU A 88 2.88 6.19 -5.81
C LEU A 88 3.84 5.85 -6.95
N GLY A 89 4.30 4.61 -6.98
CA GLY A 89 5.22 4.18 -8.02
C GLY A 89 6.48 5.02 -8.06
N LYS A 90 7.39 4.70 -8.97
CA LYS A 90 8.63 5.43 -9.10
C LYS A 90 8.38 6.93 -9.27
N LYS A 91 9.45 7.71 -9.31
CA LYS A 91 9.34 9.15 -9.47
C LYS A 91 8.94 9.52 -10.89
N LYS A 92 8.19 10.61 -11.03
CA LYS A 92 7.73 11.07 -12.34
C LYS A 92 7.95 12.57 -12.49
N ASN A 93 7.62 13.09 -13.66
CA ASN A 93 7.78 14.52 -13.93
C ASN A 93 6.58 15.31 -13.41
N GLY A 94 6.20 15.04 -12.17
CA GLY A 94 5.08 15.73 -11.57
C GLY A 94 4.13 14.79 -10.85
N GLU A 95 4.69 13.84 -10.11
CA GLU A 95 3.88 12.87 -9.38
C GLU A 95 3.11 13.55 -8.25
N GLU A 96 2.09 12.85 -7.74
CA GLU A 96 1.27 13.39 -6.65
C GLU A 96 2.00 13.29 -5.32
N TYR A 97 1.97 14.38 -4.56
CA TYR A 97 2.64 14.43 -3.25
C TYR A 97 1.62 14.51 -2.13
N PHE A 98 1.55 13.45 -1.32
CA PHE A 98 0.62 13.41 -0.20
C PHE A 98 1.32 13.68 1.12
N GLY A 99 0.55 13.87 2.18
CA GLY A 99 1.13 14.13 3.48
C GLY A 99 1.37 12.86 4.28
N SER A 100 0.56 11.85 4.03
CA SER A 100 0.69 10.57 4.72
C SER A 100 0.06 9.44 3.92
N VAL A 101 0.32 8.20 4.34
CA VAL A 101 -0.24 7.04 3.65
C VAL A 101 -1.76 7.06 3.66
N VAL A 102 -2.34 7.33 4.83
CA VAL A 102 -3.79 7.38 4.96
C VAL A 102 -4.41 8.30 3.92
N GLU A 103 -3.74 9.43 3.65
CA GLU A 103 -4.22 10.39 2.68
C GLU A 103 -4.35 9.75 1.30
N ILE A 104 -3.36 8.94 0.93
CA ILE A 104 -3.37 8.26 -0.36
C ILE A 104 -4.66 7.48 -0.56
N VAL A 105 -5.18 6.91 0.52
CA VAL A 105 -6.41 6.13 0.46
C VAL A 105 -7.64 7.04 0.52
N ASN A 106 -7.63 7.98 1.47
CA ASN A 106 -8.74 8.91 1.63
C ASN A 106 -9.01 9.67 0.33
N SER A 107 -7.96 10.28 -0.21
CA SER A 107 -8.08 11.04 -1.44
C SER A 107 -8.48 10.14 -2.61
N HIS A 108 -7.90 8.94 -2.65
CA HIS A 108 -8.19 7.99 -3.71
C HIS A 108 -9.66 7.56 -3.67
N GLN A 109 -10.16 7.30 -2.46
CA GLN A 109 -11.55 6.88 -2.28
C GLN A 109 -12.46 7.57 -3.29
N HIS A 110 -12.21 8.86 -3.52
CA HIS A 110 -13.00 9.64 -4.46
C HIS A 110 -12.26 9.81 -5.79
N ASN A 111 -10.98 10.11 -5.70
CA ASN A 111 -10.15 10.31 -6.89
C ASN A 111 -9.64 8.97 -7.42
N PRO A 112 -9.76 8.77 -8.74
CA PRO A 112 -9.31 7.55 -9.40
C PRO A 112 -7.79 7.42 -9.42
N LEU A 113 -7.31 6.19 -9.28
CA LEU A 113 -5.87 5.94 -9.28
C LEU A 113 -5.47 5.11 -10.49
N VAL A 114 -5.08 5.79 -11.56
CA VAL A 114 -4.66 5.12 -12.78
C VAL A 114 -3.66 4.01 -12.49
N LEU A 115 -3.97 2.81 -12.98
CA LEU A 115 -3.10 1.65 -12.77
C LEU A 115 -2.28 1.35 -14.01
N ILE A 116 -1.15 2.05 -14.17
CA ILE A 116 -0.29 1.84 -15.32
C ILE A 116 0.68 0.70 -15.08
N ASP A 117 0.24 -0.51 -15.40
CA ASP A 117 1.07 -1.70 -15.22
C ASP A 117 2.19 -1.74 -16.27
N SER A 118 3.37 -1.28 -15.88
CA SER A 118 4.52 -1.26 -16.78
C SER A 118 4.49 -2.46 -17.72
N GLN A 119 4.25 -3.65 -17.16
CA GLN A 119 4.20 -4.87 -17.95
C GLN A 119 3.00 -4.85 -18.89
N ASN A 120 1.81 -4.73 -18.32
CA ASN A 120 0.58 -4.70 -19.11
C ASN A 120 0.08 -3.27 -19.29
N ASN A 121 0.52 -2.63 -20.38
CA ASN A 121 0.12 -1.26 -20.67
C ASN A 121 -1.40 -1.16 -20.85
N THR A 122 -2.11 -1.00 -19.74
CA THR A 122 -3.56 -0.89 -19.78
C THR A 122 -4.05 0.24 -18.88
N LYS A 123 -4.44 1.35 -19.51
CA LYS A 123 -4.93 2.51 -18.77
C LYS A 123 -6.30 2.22 -18.15
N ASP A 124 -6.29 1.79 -16.90
CA ASP A 124 -7.52 1.48 -16.18
C ASP A 124 -7.42 1.91 -14.72
N SER A 125 -8.09 3.00 -14.37
CA SER A 125 -8.09 3.50 -13.01
C SER A 125 -9.34 3.07 -12.26
N THR A 126 -9.28 3.16 -10.93
CA THR A 126 -10.41 2.78 -10.09
C THR A 126 -10.32 3.43 -8.72
N ARG A 127 -11.43 4.02 -8.27
CA ARG A 127 -11.47 4.68 -6.98
C ARG A 127 -11.72 3.68 -5.86
N LEU A 128 -10.79 3.61 -4.91
CA LEU A 128 -10.91 2.68 -3.79
C LEU A 128 -12.34 2.65 -3.26
N LYS A 129 -12.97 1.49 -3.35
CA LYS A 129 -14.34 1.32 -2.87
C LYS A 129 -14.41 0.24 -1.80
N TYR A 130 -13.68 -0.84 -2.00
CA TYR A 130 -13.66 -1.95 -1.05
C TYR A 130 -12.34 -1.98 -0.28
N ALA A 131 -12.36 -2.63 0.88
CA ALA A 131 -11.17 -2.75 1.71
C ALA A 131 -10.96 -4.18 2.18
N VAL A 132 -10.12 -4.92 1.47
CA VAL A 132 -9.83 -6.31 1.83
C VAL A 132 -8.49 -6.43 2.55
N LYS A 133 -8.55 -6.63 3.86
CA LYS A 133 -7.34 -6.77 4.66
C LYS A 133 -7.06 -8.23 4.96
N VAL A 134 -5.84 -8.67 4.65
CA VAL A 134 -5.43 -10.05 4.89
C VAL A 134 -5.16 -10.29 6.37
N SER A 135 -5.32 -11.54 6.80
CA SER A 135 -5.09 -11.90 8.19
C SER A 135 -4.82 -13.40 8.32
N SER A 136 -3.74 -13.74 9.03
CA SER A 136 -3.38 -15.14 9.23
C SER A 136 -4.12 -15.73 10.42
N GLY A 137 -4.00 -15.07 11.57
CA GLY A 137 -4.67 -15.55 12.77
C GLY A 137 -3.70 -15.78 13.92
N PRO A 138 -4.25 -16.03 15.11
CA PRO A 138 -3.45 -16.27 16.31
C PRO A 138 -2.71 -17.60 16.26
N SER A 139 -3.39 -18.63 15.76
CA SER A 139 -2.79 -19.96 15.66
C SER A 139 -1.60 -19.94 14.70
N SER A 140 -0.40 -20.05 15.26
CA SER A 140 0.82 -20.05 14.47
C SER A 140 1.22 -21.47 14.07
N GLY A 141 1.12 -21.77 12.78
CA GLY A 141 1.47 -23.09 12.30
C GLY A 141 0.61 -23.53 11.12
N GLY A 1 21.52 14.16 3.54
CA GLY A 1 22.40 13.02 3.53
C GLY A 1 21.81 11.81 4.22
N SER A 2 22.45 10.65 4.06
CA SER A 2 21.97 9.42 4.66
C SER A 2 23.13 8.63 5.27
N SER A 3 22.89 8.08 6.46
CA SER A 3 23.91 7.30 7.16
C SER A 3 24.21 6.00 6.40
N GLY A 4 23.17 5.22 6.15
CA GLY A 4 23.35 3.97 5.44
C GLY A 4 23.78 2.84 6.35
N SER A 5 22.90 2.46 7.29
CA SER A 5 23.19 1.38 8.23
C SER A 5 21.92 0.66 8.64
N SER A 6 22.08 -0.49 9.28
CA SER A 6 20.94 -1.29 9.73
C SER A 6 20.98 -1.49 11.24
N GLY A 7 20.13 -0.76 11.95
CA GLY A 7 20.08 -0.88 13.39
C GLY A 7 18.69 -0.67 13.94
N PRO A 8 18.52 0.35 14.80
CA PRO A 8 17.23 0.67 15.41
C PRO A 8 16.23 1.23 14.40
N PHE A 9 14.97 0.86 14.58
CA PHE A 9 13.90 1.32 13.69
C PHE A 9 13.70 2.83 13.81
N ASN A 10 12.92 3.40 12.90
CA ASN A 10 12.64 4.83 12.91
C ASN A 10 11.24 5.11 13.45
N SER A 11 11.04 6.35 13.90
CA SER A 11 9.75 6.75 14.45
C SER A 11 8.81 7.22 13.35
N THR A 12 9.35 8.01 12.43
CA THR A 12 8.56 8.54 11.31
C THR A 12 7.51 7.54 10.86
N PHE A 13 7.93 6.29 10.66
CA PHE A 13 7.02 5.24 10.22
C PHE A 13 6.20 4.71 11.39
N ALA A 14 6.89 4.32 12.46
CA ALA A 14 6.23 3.79 13.65
C ALA A 14 4.98 4.59 13.97
N ASP A 15 5.10 5.91 13.99
CA ASP A 15 3.98 6.78 14.29
C ASP A 15 2.82 6.52 13.34
N GLN A 16 3.14 6.24 12.08
CA GLN A 16 2.13 5.97 11.07
C GLN A 16 1.39 4.66 11.38
N GLU A 17 2.15 3.63 11.72
CA GLU A 17 1.57 2.33 12.03
C GLU A 17 0.38 2.48 12.98
N ALA A 18 0.56 3.30 14.01
CA ALA A 18 -0.50 3.53 15.00
C ALA A 18 -1.78 4.00 14.32
N GLU A 19 -1.63 4.86 13.32
CA GLU A 19 -2.79 5.39 12.59
C GLU A 19 -3.13 4.49 11.40
N LEU A 20 -2.64 3.27 11.43
CA LEU A 20 -2.90 2.32 10.35
C LEU A 20 -3.55 1.05 10.89
N LEU A 21 -3.20 0.69 12.12
CA LEU A 21 -3.75 -0.50 12.75
C LEU A 21 -5.28 -0.40 12.89
N GLY A 22 -5.98 -1.40 12.37
CA GLY A 22 -7.43 -1.40 12.44
C GLY A 22 -8.08 -1.23 11.08
N LYS A 23 -7.45 -0.42 10.23
CA LYS A 23 -7.97 -0.17 8.89
C LYS A 23 -8.33 -1.48 8.19
N PRO A 24 -9.48 -1.49 7.52
CA PRO A 24 -9.97 -2.67 6.79
C PRO A 24 -9.13 -2.98 5.55
N TRP A 25 -8.19 -2.08 5.25
CA TRP A 25 -7.32 -2.26 4.09
C TRP A 25 -5.88 -2.53 4.53
N TYR A 26 -5.50 -2.00 5.68
CA TYR A 26 -4.15 -2.19 6.20
C TYR A 26 -3.88 -3.66 6.48
N ALA A 27 -3.23 -4.33 5.54
CA ALA A 27 -2.90 -5.74 5.68
C ALA A 27 -1.84 -5.95 6.76
N GLY A 28 -1.15 -4.88 7.13
CA GLY A 28 -0.13 -4.97 8.15
C GLY A 28 1.14 -5.63 7.64
N ALA A 29 1.90 -6.25 8.54
CA ALA A 29 3.13 -6.91 8.18
C ALA A 29 2.87 -8.35 7.73
N CYS A 30 1.82 -8.53 6.93
CA CYS A 30 1.47 -9.86 6.44
C CYS A 30 2.21 -10.17 5.14
N ASP A 31 2.47 -11.46 4.91
CA ASP A 31 3.17 -11.88 3.71
C ASP A 31 2.52 -11.31 2.46
N ARG A 32 3.33 -10.99 1.46
CA ARG A 32 2.83 -10.43 0.21
C ARG A 32 1.84 -11.38 -0.45
N LYS A 33 2.24 -12.64 -0.58
CA LYS A 33 1.39 -13.66 -1.20
C LYS A 33 -0.02 -13.61 -0.62
N SER A 34 -0.11 -13.68 0.70
CA SER A 34 -1.41 -13.65 1.38
C SER A 34 -2.24 -12.47 0.89
N ALA A 35 -1.59 -11.35 0.65
CA ALA A 35 -2.27 -10.15 0.19
C ALA A 35 -2.97 -10.40 -1.15
N GLU A 36 -2.24 -10.97 -2.10
CA GLU A 36 -2.79 -11.26 -3.41
C GLU A 36 -3.96 -12.25 -3.31
N GLU A 37 -3.84 -13.19 -2.38
CA GLU A 37 -4.88 -14.19 -2.18
C GLU A 37 -6.14 -13.56 -1.58
N ALA A 38 -5.95 -12.82 -0.49
CA ALA A 38 -7.06 -12.17 0.19
C ALA A 38 -7.84 -11.28 -0.78
N LEU A 39 -7.17 -10.83 -1.84
CA LEU A 39 -7.80 -9.98 -2.84
C LEU A 39 -8.45 -10.80 -3.94
N HIS A 40 -7.70 -11.76 -4.46
CA HIS A 40 -8.21 -12.63 -5.53
C HIS A 40 -9.43 -13.41 -5.04
N ARG A 41 -9.48 -13.69 -3.75
CA ARG A 41 -10.59 -14.42 -3.16
C ARG A 41 -11.85 -13.56 -3.11
N SER A 42 -11.68 -12.30 -2.75
CA SER A 42 -12.80 -11.37 -2.64
C SER A 42 -13.56 -11.31 -3.96
N ASN A 43 -12.84 -11.11 -5.06
CA ASN A 43 -13.45 -11.03 -6.39
C ASN A 43 -14.32 -9.78 -6.50
N LYS A 44 -13.79 -8.64 -6.06
CA LYS A 44 -14.52 -7.38 -6.11
C LYS A 44 -13.65 -6.28 -6.70
N ASP A 45 -13.59 -6.20 -8.02
CA ASP A 45 -12.79 -5.19 -8.69
C ASP A 45 -12.91 -3.84 -7.98
N GLY A 46 -11.77 -3.33 -7.52
CA GLY A 46 -11.76 -2.05 -6.83
C GLY A 46 -11.18 -2.16 -5.43
N SER A 47 -11.13 -3.38 -4.90
CA SER A 47 -10.59 -3.61 -3.57
C SER A 47 -9.15 -3.12 -3.46
N PHE A 48 -8.72 -2.81 -2.25
CA PHE A 48 -7.37 -2.32 -2.01
C PHE A 48 -6.89 -2.70 -0.61
N LEU A 49 -5.58 -2.81 -0.44
CA LEU A 49 -5.00 -3.17 0.84
C LEU A 49 -3.53 -2.76 0.90
N ILE A 50 -3.13 -2.16 2.03
CA ILE A 50 -1.75 -1.73 2.22
C ILE A 50 -0.95 -2.78 2.97
N ARG A 51 0.22 -3.12 2.44
CA ARG A 51 1.09 -4.12 3.07
C ARG A 51 2.44 -3.50 3.41
N LYS A 52 2.83 -3.63 4.68
CA LYS A 52 4.11 -3.09 5.14
C LYS A 52 5.27 -3.71 4.39
N SER A 53 6.27 -2.91 4.07
CA SER A 53 7.45 -3.38 3.34
C SER A 53 7.94 -4.70 3.92
N SER A 54 7.91 -5.75 3.11
CA SER A 54 8.36 -7.07 3.55
C SER A 54 9.78 -7.01 4.10
N GLY A 55 10.64 -6.25 3.42
CA GLY A 55 12.02 -6.12 3.87
C GLY A 55 12.24 -4.87 4.69
N HIS A 56 13.33 -4.85 5.46
CA HIS A 56 13.66 -3.71 6.30
C HIS A 56 14.23 -2.57 5.47
N ASP A 57 13.37 -1.64 5.06
CA ASP A 57 13.79 -0.50 4.26
C ASP A 57 13.30 0.82 4.87
N SER A 58 13.68 1.93 4.25
CA SER A 58 13.28 3.25 4.74
C SER A 58 12.56 4.03 3.65
N LYS A 59 13.07 3.94 2.43
CA LYS A 59 12.48 4.64 1.30
C LYS A 59 11.07 4.13 1.02
N GLN A 60 10.87 2.83 1.12
CA GLN A 60 9.57 2.22 0.88
C GLN A 60 8.99 1.66 2.19
N PRO A 61 8.25 2.52 2.91
CA PRO A 61 7.62 2.14 4.18
C PRO A 61 6.47 1.16 3.98
N TYR A 62 5.62 1.44 3.01
CA TYR A 62 4.47 0.59 2.72
C TYR A 62 4.24 0.48 1.22
N THR A 63 3.30 -0.37 0.83
CA THR A 63 2.98 -0.57 -0.57
C THR A 63 1.48 -0.81 -0.76
N LEU A 64 0.87 -0.02 -1.64
CA LEU A 64 -0.56 -0.14 -1.91
C LEU A 64 -0.82 -1.20 -2.98
N VAL A 65 -1.76 -2.09 -2.71
CA VAL A 65 -2.11 -3.15 -3.64
C VAL A 65 -3.57 -3.05 -4.08
N ALA A 66 -3.78 -2.53 -5.29
CA ALA A 66 -5.12 -2.38 -5.83
C ALA A 66 -5.57 -3.63 -6.58
N PHE A 67 -6.66 -4.23 -6.14
CA PHE A 67 -7.18 -5.44 -6.76
C PHE A 67 -8.12 -5.09 -7.92
N PHE A 68 -7.72 -5.47 -9.13
CA PHE A 68 -8.51 -5.19 -10.32
C PHE A 68 -9.25 -6.44 -10.78
N ASN A 69 -10.10 -6.29 -11.79
CA ASN A 69 -10.87 -7.40 -12.32
C ASN A 69 -10.00 -8.65 -12.48
N LYS A 70 -9.96 -9.48 -11.44
CA LYS A 70 -9.17 -10.70 -11.45
C LYS A 70 -7.69 -10.38 -11.64
N ARG A 71 -7.23 -9.33 -10.96
CA ARG A 71 -5.82 -8.93 -11.06
C ARG A 71 -5.39 -8.19 -9.80
N VAL A 72 -4.08 -8.16 -9.56
CA VAL A 72 -3.53 -7.48 -8.38
C VAL A 72 -2.32 -6.65 -8.75
N TYR A 73 -2.39 -5.35 -8.49
CA TYR A 73 -1.29 -4.44 -8.79
C TYR A 73 -0.65 -3.93 -7.51
N ASN A 74 0.64 -4.21 -7.35
CA ASN A 74 1.38 -3.77 -6.17
C ASN A 74 2.15 -2.49 -6.46
N ILE A 75 1.58 -1.36 -6.04
CA ILE A 75 2.22 -0.07 -6.25
C ILE A 75 3.03 0.35 -5.04
N PRO A 76 4.34 0.58 -5.24
CA PRO A 76 5.25 0.98 -4.17
C PRO A 76 4.98 2.40 -3.69
N VAL A 77 4.82 2.56 -2.38
CA VAL A 77 4.56 3.87 -1.79
C VAL A 77 5.84 4.48 -1.23
N ARG A 78 6.58 5.16 -2.09
CA ARG A 78 7.83 5.80 -1.68
C ARG A 78 7.56 7.06 -0.88
N PHE A 79 8.50 7.42 -0.01
CA PHE A 79 8.35 8.61 0.82
C PHE A 79 9.45 9.63 0.51
N ILE A 80 9.04 10.85 0.17
CA ILE A 80 9.99 11.91 -0.15
C ILE A 80 10.29 12.76 1.07
N GLU A 81 11.56 12.81 1.45
CA GLU A 81 11.99 13.60 2.60
C GLU A 81 12.03 15.09 2.26
N ALA A 82 12.42 15.40 1.03
CA ALA A 82 12.51 16.78 0.58
C ALA A 82 11.36 17.62 1.14
N THR A 83 10.17 17.03 1.19
CA THR A 83 9.01 17.71 1.71
C THR A 83 8.30 16.88 2.77
N LYS A 84 8.80 15.68 3.00
CA LYS A 84 8.23 14.78 4.00
C LYS A 84 6.84 14.31 3.56
N GLN A 85 6.71 13.98 2.28
CA GLN A 85 5.43 13.53 1.74
C GLN A 85 5.56 12.11 1.18
N TYR A 86 4.44 11.56 0.72
CA TYR A 86 4.44 10.21 0.16
C TYR A 86 3.93 10.23 -1.28
N ALA A 87 4.29 9.19 -2.03
CA ALA A 87 3.88 9.08 -3.43
C ALA A 87 3.63 7.63 -3.81
N LEU A 88 3.18 7.41 -5.04
CA LEU A 88 2.89 6.07 -5.54
C LEU A 88 3.80 5.72 -6.72
N GLY A 89 4.24 4.46 -6.78
CA GLY A 89 5.09 4.03 -7.85
C GLY A 89 6.56 4.27 -7.57
N LYS A 90 7.43 3.58 -8.30
CA LYS A 90 8.87 3.73 -8.11
C LYS A 90 9.44 4.76 -9.08
N LYS A 91 8.63 5.16 -10.07
CA LYS A 91 9.05 6.14 -11.06
C LYS A 91 8.38 7.48 -10.80
N LYS A 92 9.04 8.56 -11.20
CA LYS A 92 8.51 9.90 -11.03
C LYS A 92 7.30 10.14 -11.93
N ASN A 93 7.30 9.50 -13.10
CA ASN A 93 6.21 9.64 -14.05
C ASN A 93 4.87 9.77 -13.33
N GLY A 94 4.39 11.00 -13.20
CA GLY A 94 3.13 11.24 -12.53
C GLY A 94 3.22 11.06 -11.03
N GLU A 95 4.28 11.61 -10.44
CA GLU A 95 4.48 11.52 -8.99
C GLU A 95 3.49 12.39 -8.24
N GLU A 96 2.78 11.79 -7.29
CA GLU A 96 1.80 12.52 -6.50
C GLU A 96 2.25 12.63 -5.05
N TYR A 97 2.10 13.83 -4.47
CA TYR A 97 2.49 14.07 -3.09
C TYR A 97 1.27 14.15 -2.19
N PHE A 98 1.25 13.29 -1.17
CA PHE A 98 0.14 13.27 -0.21
C PHE A 98 0.56 13.82 1.14
N GLY A 99 1.31 13.03 1.88
CA GLY A 99 1.77 13.45 3.19
C GLY A 99 1.66 12.35 4.23
N SER A 100 0.92 11.30 3.90
CA SER A 100 0.73 10.17 4.82
C SER A 100 0.11 8.99 4.09
N VAL A 101 0.28 7.80 4.68
CA VAL A 101 -0.27 6.59 4.09
C VAL A 101 -1.80 6.63 4.06
N VAL A 102 -2.39 7.07 5.15
CA VAL A 102 -3.84 7.16 5.25
C VAL A 102 -4.41 8.15 4.24
N GLU A 103 -3.75 9.31 4.13
CA GLU A 103 -4.19 10.34 3.20
C GLU A 103 -4.17 9.82 1.77
N ILE A 104 -3.13 9.09 1.42
CA ILE A 104 -3.00 8.53 0.08
C ILE A 104 -4.27 7.81 -0.34
N VAL A 105 -4.86 7.05 0.58
CA VAL A 105 -6.08 6.31 0.31
C VAL A 105 -7.30 7.22 0.41
N ASN A 106 -7.43 7.89 1.55
CA ASN A 106 -8.57 8.78 1.78
C ASN A 106 -8.81 9.66 0.56
N SER A 107 -7.73 10.10 -0.08
CA SER A 107 -7.83 10.96 -1.26
C SER A 107 -8.26 10.15 -2.48
N HIS A 108 -7.73 8.94 -2.59
CA HIS A 108 -8.06 8.06 -3.71
C HIS A 108 -9.53 7.65 -3.67
N GLN A 109 -10.18 7.91 -2.54
CA GLN A 109 -11.59 7.57 -2.38
C GLN A 109 -12.46 8.41 -3.28
N HIS A 110 -12.05 9.66 -3.51
CA HIS A 110 -12.81 10.57 -4.37
C HIS A 110 -12.08 10.79 -5.69
N ASN A 111 -11.19 9.87 -6.04
CA ASN A 111 -10.43 9.97 -7.28
C ASN A 111 -9.93 8.60 -7.71
N PRO A 112 -9.91 8.36 -9.03
CA PRO A 112 -9.46 7.10 -9.61
C PRO A 112 -7.95 6.90 -9.47
N LEU A 113 -7.55 5.67 -9.20
CA LEU A 113 -6.13 5.35 -9.03
C LEU A 113 -5.56 4.77 -10.32
N VAL A 114 -4.83 5.60 -11.06
CA VAL A 114 -4.22 5.17 -12.32
C VAL A 114 -3.34 3.95 -12.11
N LEU A 115 -3.45 2.97 -13.01
CA LEU A 115 -2.66 1.75 -12.92
C LEU A 115 -1.97 1.46 -14.24
N ILE A 116 -0.66 1.73 -14.29
CA ILE A 116 0.12 1.49 -15.49
C ILE A 116 1.12 0.37 -15.28
N ASP A 117 0.69 -0.87 -15.49
CA ASP A 117 1.54 -2.04 -15.33
C ASP A 117 1.77 -2.74 -16.67
N SER A 118 1.85 -1.96 -17.74
CA SER A 118 2.05 -2.52 -19.07
C SER A 118 2.91 -1.58 -19.92
N GLN A 119 3.62 -2.16 -20.89
CA GLN A 119 4.48 -1.39 -21.77
C GLN A 119 3.68 -0.80 -22.93
N ASN A 120 2.55 -0.20 -22.62
CA ASN A 120 1.69 0.40 -23.64
C ASN A 120 1.04 1.68 -23.12
N ASN A 121 0.26 2.32 -23.97
CA ASN A 121 -0.43 3.56 -23.60
C ASN A 121 -1.83 3.26 -23.07
N THR A 122 -1.90 2.67 -21.89
CA THR A 122 -3.17 2.33 -21.27
C THR A 122 -3.19 2.72 -19.79
N LYS A 123 -4.03 3.69 -19.45
CA LYS A 123 -4.14 4.16 -18.07
C LYS A 123 -5.45 3.69 -17.45
N ASP A 124 -5.44 2.49 -16.86
CA ASP A 124 -6.62 1.94 -16.23
C ASP A 124 -6.73 2.39 -14.78
N SER A 125 -7.32 3.57 -14.58
CA SER A 125 -7.48 4.12 -13.24
C SER A 125 -8.78 3.66 -12.61
N THR A 126 -8.74 3.38 -11.31
CA THR A 126 -9.92 2.92 -10.59
C THR A 126 -9.93 3.46 -9.16
N ARG A 127 -11.09 3.94 -8.73
CA ARG A 127 -11.24 4.49 -7.39
C ARG A 127 -11.38 3.37 -6.36
N LEU A 128 -10.95 3.65 -5.13
CA LEU A 128 -11.02 2.66 -4.06
C LEU A 128 -12.41 2.62 -3.44
N LYS A 129 -13.11 1.52 -3.66
CA LYS A 129 -14.47 1.35 -3.12
C LYS A 129 -14.49 0.29 -2.02
N TYR A 130 -13.81 -0.83 -2.27
CA TYR A 130 -13.76 -1.91 -1.30
C TYR A 130 -12.41 -1.94 -0.59
N ALA A 131 -12.40 -2.42 0.65
CA ALA A 131 -11.18 -2.49 1.44
C ALA A 131 -11.03 -3.88 2.06
N VAL A 132 -10.22 -4.72 1.42
CA VAL A 132 -9.98 -6.08 1.90
C VAL A 132 -8.66 -6.16 2.65
N LYS A 133 -8.73 -6.52 3.93
CA LYS A 133 -7.53 -6.64 4.76
C LYS A 133 -7.20 -8.11 5.03
N VAL A 134 -5.95 -8.47 4.83
CA VAL A 134 -5.50 -9.85 5.07
C VAL A 134 -5.20 -10.09 6.55
N SER A 135 -5.39 -11.33 6.99
CA SER A 135 -5.15 -11.69 8.37
C SER A 135 -4.79 -13.17 8.49
N SER A 136 -3.80 -13.47 9.33
CA SER A 136 -3.36 -14.85 9.53
C SER A 136 -4.55 -15.79 9.58
N GLY A 137 -5.57 -15.41 10.34
CA GLY A 137 -6.77 -16.24 10.46
C GLY A 137 -7.07 -17.01 9.18
N PRO A 138 -6.62 -18.27 9.14
CA PRO A 138 -6.82 -19.14 7.98
C PRO A 138 -8.29 -19.55 7.82
N SER A 139 -8.63 -20.03 6.63
CA SER A 139 -10.01 -20.44 6.35
C SER A 139 -10.11 -21.96 6.31
N SER A 140 -10.21 -22.58 7.49
CA SER A 140 -10.31 -24.02 7.59
C SER A 140 -11.15 -24.42 8.80
N GLY A 141 -12.01 -25.42 8.62
CA GLY A 141 -12.85 -25.88 9.70
C GLY A 141 -12.55 -27.31 10.10
N GLY A 1 4.02 -9.93 15.52
CA GLY A 1 4.98 -10.50 16.44
C GLY A 1 4.63 -10.24 17.89
N SER A 2 5.52 -10.64 18.79
CA SER A 2 5.30 -10.45 20.22
C SER A 2 6.01 -9.20 20.73
N SER A 3 7.31 -9.10 20.41
CA SER A 3 8.11 -7.96 20.85
C SER A 3 8.53 -7.11 19.65
N GLY A 4 9.26 -7.72 18.73
CA GLY A 4 9.71 -7.01 17.55
C GLY A 4 11.04 -6.31 17.76
N SER A 5 11.83 -6.18 16.69
CA SER A 5 13.13 -5.54 16.77
C SER A 5 13.02 -4.04 16.48
N SER A 6 12.87 -3.25 17.53
CA SER A 6 12.74 -1.80 17.38
C SER A 6 13.24 -1.08 18.63
N GLY A 7 13.26 0.24 18.58
CA GLY A 7 13.72 1.02 19.71
C GLY A 7 13.64 2.52 19.46
N PRO A 8 14.42 3.29 20.21
CA PRO A 8 14.46 4.75 20.08
C PRO A 8 15.08 5.22 18.77
N PHE A 9 15.47 4.25 17.94
CA PHE A 9 16.08 4.55 16.65
C PHE A 9 15.04 4.52 15.53
N ASN A 10 15.16 5.46 14.60
CA ASN A 10 14.24 5.53 13.47
C ASN A 10 12.80 5.31 13.94
N SER A 11 12.41 6.04 14.98
CA SER A 11 11.06 5.92 15.53
C SER A 11 10.14 6.97 14.91
N THR A 12 10.25 7.16 13.60
CA THR A 12 9.43 8.13 12.88
C THR A 12 8.13 7.50 12.40
N PHE A 13 8.25 6.54 11.48
CA PHE A 13 7.09 5.85 10.94
C PHE A 13 6.17 5.36 12.06
N ALA A 14 6.78 4.79 13.10
CA ALA A 14 6.03 4.28 14.24
C ALA A 14 4.79 5.12 14.51
N ASP A 15 4.96 6.43 14.48
CA ASP A 15 3.86 7.35 14.72
C ASP A 15 2.74 7.13 13.71
N GLN A 16 3.08 7.20 12.42
CA GLN A 16 2.10 7.01 11.36
C GLN A 16 1.36 5.69 11.53
N GLU A 17 2.08 4.66 11.96
CA GLU A 17 1.49 3.35 12.17
C GLU A 17 0.32 3.43 13.14
N ALA A 18 0.48 4.22 14.18
CA ALA A 18 -0.57 4.39 15.19
C ALA A 18 -1.91 4.71 14.54
N GLU A 19 -1.87 5.52 13.49
CA GLU A 19 -3.09 5.91 12.77
C GLU A 19 -3.32 4.99 11.57
N LEU A 20 -2.78 3.79 11.64
CA LEU A 20 -2.93 2.82 10.57
C LEU A 20 -3.43 1.47 11.10
N LEU A 21 -3.05 1.16 12.33
CA LEU A 21 -3.45 -0.10 12.95
C LEU A 21 -4.97 -0.15 13.13
N GLY A 22 -5.57 -1.24 12.67
CA GLY A 22 -7.01 -1.39 12.80
C GLY A 22 -7.73 -1.21 11.47
N LYS A 23 -7.21 -0.31 10.64
CA LYS A 23 -7.80 -0.04 9.34
C LYS A 23 -8.20 -1.33 8.64
N PRO A 24 -9.39 -1.33 8.02
CA PRO A 24 -9.92 -2.50 7.30
C PRO A 24 -9.14 -2.79 6.02
N TRP A 25 -8.18 -1.93 5.71
CA TRP A 25 -7.36 -2.11 4.52
C TRP A 25 -5.90 -2.37 4.88
N TYR A 26 -5.54 -1.98 6.10
CA TYR A 26 -4.17 -2.18 6.58
C TYR A 26 -3.86 -3.66 6.79
N ALA A 27 -3.31 -4.29 5.77
CA ALA A 27 -2.96 -5.70 5.84
C ALA A 27 -1.85 -5.95 6.86
N GLY A 28 -1.09 -4.90 7.16
CA GLY A 28 -0.01 -5.03 8.12
C GLY A 28 1.24 -5.62 7.51
N ALA A 29 1.96 -6.41 8.29
CA ALA A 29 3.20 -7.05 7.82
C ALA A 29 2.90 -8.40 7.16
N CYS A 30 1.84 -8.43 6.35
CA CYS A 30 1.45 -9.66 5.67
C CYS A 30 2.49 -10.05 4.62
N ASP A 31 2.22 -11.14 3.91
CA ASP A 31 3.13 -11.62 2.88
C ASP A 31 2.68 -11.16 1.49
N ARG A 32 3.62 -11.09 0.55
CA ARG A 32 3.32 -10.67 -0.81
C ARG A 32 2.18 -11.51 -1.40
N LYS A 33 2.20 -12.80 -1.12
CA LYS A 33 1.17 -13.70 -1.61
C LYS A 33 -0.15 -13.48 -0.89
N SER A 34 -0.14 -13.67 0.43
CA SER A 34 -1.33 -13.49 1.24
C SER A 34 -2.13 -12.26 0.78
N ALA A 35 -1.41 -11.17 0.51
CA ALA A 35 -2.05 -9.94 0.06
C ALA A 35 -2.82 -10.16 -1.24
N GLU A 36 -2.14 -10.72 -2.24
CA GLU A 36 -2.77 -10.99 -3.53
C GLU A 36 -3.94 -11.95 -3.38
N GLU A 37 -3.71 -13.04 -2.64
CA GLU A 37 -4.73 -14.04 -2.42
C GLU A 37 -6.00 -13.41 -1.83
N ALA A 38 -5.89 -12.92 -0.60
CA ALA A 38 -7.02 -12.29 0.07
C ALA A 38 -7.81 -11.40 -0.90
N LEU A 39 -7.13 -10.90 -1.91
CA LEU A 39 -7.77 -10.05 -2.91
C LEU A 39 -8.45 -10.88 -3.99
N HIS A 40 -7.70 -11.76 -4.62
CA HIS A 40 -8.23 -12.62 -5.67
C HIS A 40 -9.43 -13.42 -5.16
N ARG A 41 -9.43 -13.72 -3.87
CA ARG A 41 -10.51 -14.47 -3.25
C ARG A 41 -11.77 -13.62 -3.13
N SER A 42 -11.58 -12.32 -2.93
CA SER A 42 -12.70 -11.39 -2.79
C SER A 42 -13.51 -11.32 -4.08
N ASN A 43 -12.82 -11.14 -5.21
CA ASN A 43 -13.46 -11.05 -6.50
C ASN A 43 -14.35 -9.82 -6.58
N LYS A 44 -13.84 -8.68 -6.12
CA LYS A 44 -14.59 -7.43 -6.14
C LYS A 44 -13.71 -6.28 -6.65
N ASP A 45 -13.60 -6.18 -7.97
CA ASP A 45 -12.80 -5.12 -8.58
C ASP A 45 -12.90 -3.83 -7.78
N GLY A 46 -11.75 -3.28 -7.41
CA GLY A 46 -11.73 -2.06 -6.63
C GLY A 46 -11.09 -2.23 -5.27
N SER A 47 -11.12 -3.46 -4.75
CA SER A 47 -10.55 -3.76 -3.45
C SER A 47 -9.11 -3.25 -3.36
N PHE A 48 -8.64 -3.03 -2.14
CA PHE A 48 -7.28 -2.55 -1.91
C PHE A 48 -6.81 -2.88 -0.50
N LEU A 49 -5.50 -2.84 -0.30
CA LEU A 49 -4.92 -3.14 1.00
C LEU A 49 -3.46 -2.70 1.06
N ILE A 50 -3.07 -2.12 2.19
CA ILE A 50 -1.69 -1.67 2.37
C ILE A 50 -0.85 -2.71 3.08
N ARG A 51 0.22 -3.16 2.42
CA ARG A 51 1.10 -4.17 2.99
C ARG A 51 2.48 -3.57 3.31
N LYS A 52 2.89 -3.69 4.57
CA LYS A 52 4.17 -3.16 5.00
C LYS A 52 5.32 -3.85 4.26
N SER A 53 6.33 -3.07 3.89
CA SER A 53 7.49 -3.61 3.18
C SER A 53 7.83 -5.01 3.67
N SER A 54 8.41 -5.81 2.77
CA SER A 54 8.78 -7.18 3.11
C SER A 54 10.11 -7.21 3.86
N GLY A 55 10.27 -6.30 4.81
CA GLY A 55 11.50 -6.23 5.58
C GLY A 55 11.76 -4.86 6.16
N HIS A 56 13.03 -4.49 6.26
CA HIS A 56 13.41 -3.18 6.80
C HIS A 56 13.89 -2.25 5.70
N ASP A 57 13.14 -1.18 5.47
CA ASP A 57 13.49 -0.21 4.44
C ASP A 57 13.14 1.21 4.89
N SER A 58 13.49 2.19 4.06
CA SER A 58 13.22 3.59 4.37
C SER A 58 12.52 4.29 3.20
N LYS A 59 13.00 4.02 2.00
CA LYS A 59 12.43 4.62 0.79
C LYS A 59 11.05 4.04 0.51
N GLN A 60 10.86 2.77 0.86
CA GLN A 60 9.58 2.10 0.64
C GLN A 60 9.00 1.60 1.96
N PRO A 61 8.28 2.50 2.67
CA PRO A 61 7.66 2.16 3.95
C PRO A 61 6.49 1.19 3.79
N TYR A 62 5.66 1.43 2.78
CA TYR A 62 4.50 0.58 2.52
C TYR A 62 4.25 0.45 1.03
N THR A 63 3.23 -0.33 0.66
CA THR A 63 2.89 -0.55 -0.73
C THR A 63 1.39 -0.82 -0.89
N LEU A 64 0.74 -0.06 -1.76
CA LEU A 64 -0.68 -0.23 -2.01
C LEU A 64 -0.94 -1.30 -3.06
N VAL A 65 -1.94 -2.14 -2.81
CA VAL A 65 -2.29 -3.21 -3.74
C VAL A 65 -3.74 -3.11 -4.18
N ALA A 66 -3.96 -2.56 -5.38
CA ALA A 66 -5.30 -2.41 -5.91
C ALA A 66 -5.73 -3.65 -6.68
N PHE A 67 -6.81 -4.29 -6.24
CA PHE A 67 -7.32 -5.49 -6.89
C PHE A 67 -8.25 -5.13 -8.04
N PHE A 68 -7.87 -5.53 -9.25
CA PHE A 68 -8.67 -5.24 -10.43
C PHE A 68 -9.41 -6.49 -10.90
N ASN A 69 -10.24 -6.34 -11.92
CA ASN A 69 -11.02 -7.44 -12.46
C ASN A 69 -10.14 -8.68 -12.65
N LYS A 70 -10.05 -9.50 -11.61
CA LYS A 70 -9.25 -10.72 -11.65
C LYS A 70 -7.77 -10.38 -11.83
N ARG A 71 -7.33 -9.32 -11.17
CA ARG A 71 -5.93 -8.89 -11.25
C ARG A 71 -5.51 -8.16 -9.98
N VAL A 72 -4.21 -8.08 -9.75
CA VAL A 72 -3.67 -7.40 -8.57
C VAL A 72 -2.49 -6.52 -8.94
N TYR A 73 -2.60 -5.23 -8.62
CA TYR A 73 -1.54 -4.27 -8.90
C TYR A 73 -0.88 -3.77 -7.63
N ASN A 74 0.40 -4.09 -7.46
CA ASN A 74 1.14 -3.67 -6.28
C ASN A 74 1.99 -2.44 -6.57
N ILE A 75 1.52 -1.28 -6.11
CA ILE A 75 2.22 -0.03 -6.33
C ILE A 75 3.03 0.37 -5.09
N PRO A 76 4.35 0.54 -5.27
CA PRO A 76 5.25 0.91 -4.18
C PRO A 76 5.03 2.35 -3.72
N VAL A 77 4.65 2.51 -2.45
CA VAL A 77 4.41 3.82 -1.88
C VAL A 77 5.69 4.42 -1.31
N ARG A 78 6.53 4.97 -2.18
CA ARG A 78 7.78 5.57 -1.75
C ARG A 78 7.54 6.70 -0.75
N PHE A 79 8.59 7.09 -0.04
CA PHE A 79 8.49 8.16 0.94
C PHE A 79 9.61 9.18 0.77
N ILE A 80 9.25 10.38 0.34
CA ILE A 80 10.23 11.44 0.13
C ILE A 80 10.52 12.18 1.43
N GLU A 81 11.52 11.71 2.17
CA GLU A 81 11.90 12.33 3.43
C GLU A 81 12.12 13.83 3.25
N ALA A 82 12.63 14.21 2.08
CA ALA A 82 12.89 15.61 1.79
C ALA A 82 11.70 16.49 2.18
N THR A 83 10.50 15.97 1.96
CA THR A 83 9.28 16.70 2.29
C THR A 83 8.38 15.89 3.21
N LYS A 84 8.89 14.75 3.66
CA LYS A 84 8.12 13.87 4.55
C LYS A 84 6.76 13.52 3.94
N GLN A 85 6.71 13.51 2.60
CA GLN A 85 5.47 13.19 1.90
C GLN A 85 5.51 11.77 1.33
N TYR A 86 4.44 11.38 0.66
CA TYR A 86 4.36 10.05 0.07
C TYR A 86 3.97 10.13 -1.40
N ALA A 87 4.51 9.21 -2.20
CA ALA A 87 4.22 9.17 -3.63
C ALA A 87 3.93 7.75 -4.10
N LEU A 88 3.28 7.64 -5.26
CA LEU A 88 2.94 6.33 -5.81
C LEU A 88 3.90 5.95 -6.92
N GLY A 89 4.33 4.69 -6.93
CA GLY A 89 5.25 4.22 -7.95
C GLY A 89 6.56 4.99 -7.95
N LYS A 90 7.08 5.26 -9.14
CA LYS A 90 8.34 5.99 -9.27
C LYS A 90 8.09 7.43 -9.70
N LYS A 91 9.16 8.20 -9.82
CA LYS A 91 9.06 9.60 -10.22
C LYS A 91 8.15 9.76 -11.43
N LYS A 92 7.39 10.84 -11.47
CA LYS A 92 6.48 11.10 -12.57
C LYS A 92 6.35 12.60 -12.82
N ASN A 93 6.53 13.00 -14.07
CA ASN A 93 6.43 14.41 -14.45
C ASN A 93 5.27 15.08 -13.72
N GLY A 94 5.57 15.75 -12.61
CA GLY A 94 4.54 16.43 -11.85
C GLY A 94 3.65 15.47 -11.08
N GLU A 95 4.27 14.62 -10.28
CA GLU A 95 3.54 13.63 -9.49
C GLU A 95 2.81 14.31 -8.33
N GLU A 96 1.83 13.61 -7.77
CA GLU A 96 1.07 14.13 -6.64
C GLU A 96 1.57 13.57 -5.32
N TYR A 97 1.88 14.45 -4.38
CA TYR A 97 2.36 14.03 -3.06
C TYR A 97 1.22 13.88 -2.08
N PHE A 98 1.51 13.26 -0.93
CA PHE A 98 0.49 13.05 0.09
C PHE A 98 1.10 13.18 1.49
N GLY A 99 0.67 14.19 2.23
CA GLY A 99 1.19 14.40 3.57
C GLY A 99 1.49 13.10 4.28
N SER A 100 0.63 12.11 4.10
CA SER A 100 0.82 10.81 4.74
C SER A 100 0.23 9.69 3.88
N VAL A 101 0.34 8.45 4.37
CA VAL A 101 -0.17 7.30 3.64
C VAL A 101 -1.69 7.29 3.65
N VAL A 102 -2.28 7.49 4.82
CA VAL A 102 -3.73 7.50 4.97
C VAL A 102 -4.38 8.38 3.91
N GLU A 103 -3.81 9.57 3.70
CA GLU A 103 -4.33 10.50 2.70
C GLU A 103 -4.41 9.85 1.33
N ILE A 104 -3.34 9.17 0.94
CA ILE A 104 -3.29 8.49 -0.36
C ILE A 104 -4.56 7.69 -0.60
N VAL A 105 -5.07 7.05 0.45
CA VAL A 105 -6.27 6.24 0.35
C VAL A 105 -7.52 7.11 0.42
N ASN A 106 -7.53 8.04 1.38
CA ASN A 106 -8.67 8.94 1.56
C ASN A 106 -8.99 9.67 0.25
N SER A 107 -8.05 10.48 -0.22
CA SER A 107 -8.24 11.24 -1.44
C SER A 107 -8.58 10.32 -2.60
N HIS A 108 -7.87 9.20 -2.71
CA HIS A 108 -8.10 8.24 -3.77
C HIS A 108 -9.57 7.84 -3.83
N GLN A 109 -10.15 7.59 -2.67
CA GLN A 109 -11.56 7.19 -2.59
C GLN A 109 -12.36 7.83 -3.72
N HIS A 110 -12.12 9.11 -3.96
CA HIS A 110 -12.82 9.84 -5.01
C HIS A 110 -12.06 9.75 -6.34
N ASN A 111 -10.76 9.96 -6.28
CA ASN A 111 -9.92 9.90 -7.48
C ASN A 111 -9.36 8.50 -7.68
N PRO A 112 -9.61 7.92 -8.86
CA PRO A 112 -9.15 6.58 -9.21
C PRO A 112 -7.63 6.53 -9.40
N LEU A 113 -7.02 5.43 -8.97
CA LEU A 113 -5.58 5.25 -9.08
C LEU A 113 -5.22 4.54 -10.39
N VAL A 114 -5.10 5.32 -11.46
CA VAL A 114 -4.75 4.76 -12.76
C VAL A 114 -3.68 3.69 -12.65
N LEU A 115 -3.97 2.50 -13.15
CA LEU A 115 -3.03 1.39 -13.10
C LEU A 115 -2.43 1.13 -14.48
N ILE A 116 -1.10 1.10 -14.55
CA ILE A 116 -0.40 0.85 -15.81
C ILE A 116 0.59 -0.30 -15.66
N ASP A 117 0.35 -1.38 -16.40
CA ASP A 117 1.23 -2.54 -16.36
C ASP A 117 2.26 -2.49 -17.48
N SER A 118 3.52 -2.36 -17.12
CA SER A 118 4.60 -2.30 -18.10
C SER A 118 4.46 -1.05 -18.98
N GLN A 119 4.20 0.09 -18.36
CA GLN A 119 4.03 1.33 -19.08
C GLN A 119 3.22 1.12 -20.35
N ASN A 120 2.23 0.24 -20.27
CA ASN A 120 1.37 -0.06 -21.43
C ASN A 120 0.19 0.90 -21.47
N ASN A 121 -0.28 1.19 -22.69
CA ASN A 121 -1.40 2.09 -22.88
C ASN A 121 -2.49 1.85 -21.83
N THR A 122 -2.71 0.58 -21.50
CA THR A 122 -3.70 0.20 -20.52
C THR A 122 -3.57 1.05 -19.26
N LYS A 123 -4.45 2.04 -19.12
CA LYS A 123 -4.43 2.92 -17.96
C LYS A 123 -5.62 2.65 -17.05
N ASP A 124 -6.24 1.49 -17.23
CA ASP A 124 -7.40 1.11 -16.43
C ASP A 124 -7.27 1.63 -15.00
N SER A 125 -8.02 2.69 -14.69
CA SER A 125 -7.98 3.28 -13.36
C SER A 125 -9.16 2.83 -12.53
N THR A 126 -8.95 2.76 -11.21
CA THR A 126 -10.01 2.34 -10.29
C THR A 126 -9.95 3.12 -8.98
N ARG A 127 -11.11 3.34 -8.38
CA ARG A 127 -11.19 4.07 -7.12
C ARG A 127 -11.39 3.12 -5.95
N LEU A 128 -10.57 3.27 -4.92
CA LEU A 128 -10.65 2.43 -3.73
C LEU A 128 -12.07 2.43 -3.17
N LYS A 129 -12.81 1.35 -3.40
CA LYS A 129 -14.17 1.22 -2.92
C LYS A 129 -14.26 0.19 -1.79
N TYR A 130 -13.63 -0.96 -1.99
CA TYR A 130 -13.63 -2.02 -1.00
C TYR A 130 -12.30 -2.08 -0.25
N ALA A 131 -12.35 -2.51 1.00
CA ALA A 131 -11.15 -2.61 1.82
C ALA A 131 -10.96 -4.04 2.33
N VAL A 132 -10.17 -4.81 1.60
CA VAL A 132 -9.90 -6.19 1.97
C VAL A 132 -8.56 -6.31 2.70
N LYS A 133 -8.63 -6.49 4.02
CA LYS A 133 -7.43 -6.63 4.84
C LYS A 133 -7.13 -8.09 5.13
N VAL A 134 -5.91 -8.51 4.85
CA VAL A 134 -5.49 -9.88 5.10
C VAL A 134 -5.14 -10.10 6.55
N SER A 135 -5.29 -11.35 7.02
CA SER A 135 -4.99 -11.68 8.41
C SER A 135 -4.73 -13.18 8.56
N SER A 136 -3.60 -13.52 9.17
CA SER A 136 -3.25 -14.92 9.37
C SER A 136 -2.41 -15.09 10.64
N GLY A 137 -2.98 -15.75 11.64
CA GLY A 137 -2.27 -15.97 12.89
C GLY A 137 -3.22 -16.15 14.06
N PRO A 138 -2.73 -16.86 15.10
CA PRO A 138 -3.53 -17.12 16.30
C PRO A 138 -3.77 -15.86 17.14
N SER A 139 -3.20 -14.75 16.68
CA SER A 139 -3.35 -13.48 17.39
C SER A 139 -3.65 -12.34 16.40
N SER A 140 -4.48 -11.40 16.83
CA SER A 140 -4.85 -10.26 15.99
C SER A 140 -3.65 -9.77 15.19
N GLY A 141 -3.90 -9.39 13.95
CA GLY A 141 -2.82 -8.90 13.09
C GLY A 141 -2.16 -10.01 12.30
N GLY A 1 18.70 -5.55 17.19
CA GLY A 1 19.92 -5.02 17.75
C GLY A 1 21.04 -4.94 16.73
N SER A 2 21.13 -5.95 15.89
CA SER A 2 22.16 -5.99 14.85
C SER A 2 22.00 -4.85 13.86
N SER A 3 20.76 -4.66 13.39
CA SER A 3 20.47 -3.60 12.43
C SER A 3 20.48 -2.23 13.11
N GLY A 4 20.51 -1.18 12.31
CA GLY A 4 20.52 0.16 12.86
C GLY A 4 19.96 1.19 11.89
N SER A 5 19.10 2.07 12.39
CA SER A 5 18.48 3.10 11.56
C SER A 5 18.85 4.49 12.06
N SER A 6 18.97 5.43 11.13
CA SER A 6 19.32 6.80 11.47
C SER A 6 18.08 7.66 11.65
N GLY A 7 18.20 8.73 12.44
CA GLY A 7 17.06 9.61 12.67
C GLY A 7 17.42 10.77 13.58
N PRO A 8 17.81 11.90 12.98
CA PRO A 8 18.19 13.10 13.74
C PRO A 8 16.99 13.76 14.41
N PHE A 9 15.79 13.44 13.92
CA PHE A 9 14.56 14.01 14.48
C PHE A 9 13.63 12.90 14.95
N ASN A 10 12.65 13.27 15.77
CA ASN A 10 11.69 12.31 16.31
C ASN A 10 11.26 11.33 15.22
N SER A 11 10.70 10.19 15.65
CA SER A 11 10.25 9.17 14.72
C SER A 11 9.48 9.80 13.55
N THR A 12 9.41 9.06 12.45
CA THR A 12 8.72 9.55 11.26
C THR A 12 7.61 8.58 10.84
N PHE A 13 8.00 7.34 10.53
CA PHE A 13 7.05 6.32 10.11
C PHE A 13 6.27 5.78 11.30
N ALA A 14 7.00 5.37 12.34
CA ALA A 14 6.38 4.83 13.55
C ALA A 14 5.13 5.61 13.92
N ASP A 15 5.21 6.93 13.84
CA ASP A 15 4.07 7.79 14.16
C ASP A 15 2.90 7.53 13.21
N GLN A 16 3.21 7.41 11.92
CA GLN A 16 2.19 7.16 10.92
C GLN A 16 1.44 5.87 11.21
N GLU A 17 2.16 4.87 11.71
CA GLU A 17 1.56 3.58 12.03
C GLU A 17 0.40 3.75 13.02
N ALA A 18 0.58 4.66 13.98
CA ALA A 18 -0.45 4.92 14.98
C ALA A 18 -1.79 5.20 14.32
N GLU A 19 -1.75 5.85 13.16
CA GLU A 19 -2.98 6.18 12.44
C GLU A 19 -3.22 5.20 11.30
N LEU A 20 -2.66 4.00 11.43
CA LEU A 20 -2.82 2.97 10.41
C LEU A 20 -3.34 1.67 11.03
N LEU A 21 -3.00 1.44 12.29
CA LEU A 21 -3.44 0.25 13.00
C LEU A 21 -4.95 0.24 13.19
N GLY A 22 -5.60 -0.83 12.73
CA GLY A 22 -7.04 -0.93 12.86
C GLY A 22 -7.76 -0.77 11.54
N LYS A 23 -7.21 0.07 10.67
CA LYS A 23 -7.80 0.31 9.36
C LYS A 23 -8.21 -1.01 8.70
N PRO A 24 -9.40 -1.02 8.08
CA PRO A 24 -9.92 -2.21 7.39
C PRO A 24 -9.14 -2.54 6.13
N TRP A 25 -8.23 -1.65 5.76
CA TRP A 25 -7.43 -1.84 4.55
C TRP A 25 -5.98 -2.17 4.91
N TYR A 26 -5.54 -1.69 6.06
CA TYR A 26 -4.18 -1.93 6.53
C TYR A 26 -3.93 -3.43 6.71
N ALA A 27 -3.33 -4.04 5.70
CA ALA A 27 -3.02 -5.46 5.75
C ALA A 27 -1.95 -5.77 6.79
N GLY A 28 -1.24 -4.73 7.22
CA GLY A 28 -0.19 -4.90 8.21
C GLY A 28 1.09 -5.44 7.62
N ALA A 29 1.73 -6.38 8.32
CA ALA A 29 2.97 -6.97 7.86
C ALA A 29 2.71 -8.30 7.16
N CYS A 30 1.62 -8.37 6.42
CA CYS A 30 1.26 -9.59 5.69
C CYS A 30 2.30 -9.93 4.64
N ASP A 31 2.15 -11.08 4.00
CA ASP A 31 3.08 -11.53 2.98
C ASP A 31 2.61 -11.09 1.59
N ARG A 32 3.50 -11.19 0.61
CA ARG A 32 3.18 -10.80 -0.76
C ARG A 32 2.04 -11.66 -1.30
N LYS A 33 2.00 -12.92 -0.90
CA LYS A 33 0.97 -13.84 -1.35
C LYS A 33 -0.35 -13.55 -0.63
N SER A 34 -0.38 -13.78 0.67
CA SER A 34 -1.59 -13.55 1.46
C SER A 34 -2.31 -12.30 0.99
N ALA A 35 -1.54 -11.27 0.63
CA ALA A 35 -2.12 -10.01 0.16
C ALA A 35 -2.84 -10.20 -1.16
N GLU A 36 -2.17 -10.86 -2.11
CA GLU A 36 -2.75 -11.10 -3.43
C GLU A 36 -3.94 -12.05 -3.32
N GLU A 37 -3.80 -13.10 -2.51
CA GLU A 37 -4.86 -14.07 -2.33
C GLU A 37 -6.13 -13.41 -1.80
N ALA A 38 -6.02 -12.78 -0.63
CA ALA A 38 -7.16 -12.11 -0.02
C ALA A 38 -7.90 -11.25 -1.04
N LEU A 39 -7.18 -10.80 -2.05
CA LEU A 39 -7.76 -9.96 -3.09
C LEU A 39 -8.42 -10.81 -4.18
N HIS A 40 -7.64 -11.72 -4.75
CA HIS A 40 -8.14 -12.60 -5.80
C HIS A 40 -9.36 -13.38 -5.31
N ARG A 41 -9.41 -13.65 -4.01
CA ARG A 41 -10.52 -14.38 -3.42
C ARG A 41 -11.77 -13.50 -3.31
N SER A 42 -11.56 -12.23 -3.02
CA SER A 42 -12.66 -11.29 -2.89
C SER A 42 -13.47 -11.22 -4.17
N ASN A 43 -12.78 -11.08 -5.30
CA ASN A 43 -13.45 -11.01 -6.60
C ASN A 43 -14.34 -9.78 -6.69
N LYS A 44 -13.82 -8.65 -6.20
CA LYS A 44 -14.56 -7.40 -6.22
C LYS A 44 -13.68 -6.25 -6.71
N ASP A 45 -13.55 -6.13 -8.02
CA ASP A 45 -12.73 -5.07 -8.60
C ASP A 45 -12.82 -3.79 -7.79
N GLY A 46 -11.67 -3.19 -7.49
CA GLY A 46 -11.63 -1.98 -6.71
C GLY A 46 -11.02 -2.18 -5.33
N SER A 47 -11.02 -3.42 -4.87
CA SER A 47 -10.46 -3.75 -3.56
C SER A 47 -9.01 -3.29 -3.46
N PHE A 48 -8.55 -3.08 -2.23
CA PHE A 48 -7.18 -2.63 -1.99
C PHE A 48 -6.72 -3.00 -0.58
N LEU A 49 -5.42 -2.98 -0.37
CA LEU A 49 -4.85 -3.31 0.94
C LEU A 49 -3.37 -2.94 1.00
N ILE A 50 -3.00 -2.17 2.02
CA ILE A 50 -1.61 -1.76 2.19
C ILE A 50 -0.80 -2.84 2.91
N ARG A 51 0.29 -3.26 2.29
CA ARG A 51 1.16 -4.28 2.86
C ARG A 51 2.55 -3.72 3.16
N LYS A 52 2.95 -3.79 4.43
CA LYS A 52 4.26 -3.29 4.83
C LYS A 52 5.37 -3.99 4.07
N SER A 53 6.46 -3.25 3.79
CA SER A 53 7.59 -3.80 3.06
C SER A 53 7.95 -5.18 3.59
N SER A 54 8.76 -5.91 2.81
CA SER A 54 9.19 -7.25 3.19
C SER A 54 10.60 -7.23 3.77
N GLY A 55 10.71 -6.95 5.06
CA GLY A 55 12.01 -6.91 5.71
C GLY A 55 12.24 -5.61 6.46
N HIS A 56 13.43 -5.05 6.30
CA HIS A 56 13.78 -3.79 6.96
C HIS A 56 14.29 -2.77 5.95
N ASP A 57 13.45 -1.80 5.62
CA ASP A 57 13.82 -0.77 4.66
C ASP A 57 13.23 0.58 5.08
N SER A 58 13.61 1.64 4.36
CA SER A 58 13.14 2.98 4.66
C SER A 58 12.53 3.63 3.41
N LYS A 59 13.21 3.46 2.28
CA LYS A 59 12.73 4.02 1.02
C LYS A 59 11.30 3.62 0.75
N GLN A 60 11.00 2.34 0.93
CA GLN A 60 9.65 1.83 0.71
C GLN A 60 9.06 1.25 2.00
N PRO A 61 8.35 2.11 2.75
CA PRO A 61 7.71 1.71 4.02
C PRO A 61 6.55 0.76 3.81
N TYR A 62 5.66 1.11 2.87
CA TYR A 62 4.49 0.28 2.58
C TYR A 62 4.24 0.22 1.07
N THR A 63 3.29 -0.61 0.68
CA THR A 63 2.95 -0.77 -0.73
C THR A 63 1.45 -1.01 -0.91
N LEU A 64 0.87 -0.35 -1.90
CA LEU A 64 -0.56 -0.50 -2.18
C LEU A 64 -0.81 -1.59 -3.21
N VAL A 65 -1.93 -2.30 -3.07
CA VAL A 65 -2.28 -3.37 -3.98
C VAL A 65 -3.75 -3.27 -4.40
N ALA A 66 -3.99 -2.66 -5.55
CA ALA A 66 -5.34 -2.50 -6.07
C ALA A 66 -5.77 -3.73 -6.86
N PHE A 67 -6.83 -4.38 -6.40
CA PHE A 67 -7.34 -5.58 -7.06
C PHE A 67 -8.28 -5.21 -8.21
N PHE A 68 -7.87 -5.52 -9.43
CA PHE A 68 -8.67 -5.21 -10.60
C PHE A 68 -9.39 -6.47 -11.11
N ASN A 69 -10.15 -6.30 -12.18
CA ASN A 69 -10.90 -7.42 -12.77
C ASN A 69 -10.00 -8.65 -12.91
N LYS A 70 -10.02 -9.50 -11.89
CA LYS A 70 -9.21 -10.72 -11.90
C LYS A 70 -7.73 -10.39 -12.07
N ARG A 71 -7.31 -9.26 -11.50
CA ARG A 71 -5.92 -8.84 -11.60
C ARG A 71 -5.48 -8.14 -10.31
N VAL A 72 -4.17 -8.14 -10.07
CA VAL A 72 -3.62 -7.51 -8.87
C VAL A 72 -2.41 -6.64 -9.22
N TYR A 73 -2.51 -5.36 -8.89
CA TYR A 73 -1.43 -4.43 -9.17
C TYR A 73 -0.78 -3.94 -7.87
N ASN A 74 0.50 -4.25 -7.70
CA ASN A 74 1.23 -3.84 -6.50
C ASN A 74 2.01 -2.56 -6.76
N ILE A 75 1.48 -1.44 -6.26
CA ILE A 75 2.13 -0.14 -6.43
C ILE A 75 2.95 0.22 -5.21
N PRO A 76 4.26 0.46 -5.42
CA PRO A 76 5.18 0.82 -4.34
C PRO A 76 4.91 2.22 -3.80
N VAL A 77 4.79 2.33 -2.48
CA VAL A 77 4.54 3.62 -1.84
C VAL A 77 5.81 4.19 -1.23
N ARG A 78 6.58 4.91 -2.04
CA ARG A 78 7.83 5.51 -1.58
C ARG A 78 7.56 6.72 -0.70
N PHE A 79 8.50 7.03 0.19
CA PHE A 79 8.36 8.16 1.09
C PHE A 79 9.48 9.18 0.86
N ILE A 80 9.09 10.44 0.70
CA ILE A 80 10.06 11.51 0.48
C ILE A 80 10.27 12.33 1.75
N GLU A 81 11.48 12.27 2.29
CA GLU A 81 11.82 13.01 3.50
C GLU A 81 11.78 14.52 3.25
N ALA A 82 12.33 14.93 2.10
CA ALA A 82 12.36 16.35 1.75
C ALA A 82 11.10 17.06 2.24
N THR A 83 9.95 16.57 1.81
CA THR A 83 8.67 17.15 2.20
C THR A 83 7.90 16.24 3.14
N LYS A 84 8.55 15.16 3.58
CA LYS A 84 7.93 14.20 4.48
C LYS A 84 6.57 13.75 3.95
N GLN A 85 6.51 13.45 2.65
CA GLN A 85 5.27 13.01 2.03
C GLN A 85 5.42 11.62 1.43
N TYR A 86 4.31 11.06 0.96
CA TYR A 86 4.32 9.72 0.37
C TYR A 86 3.88 9.78 -1.09
N ALA A 87 4.47 8.90 -1.90
CA ALA A 87 4.13 8.83 -3.32
C ALA A 87 3.86 7.40 -3.76
N LEU A 88 3.26 7.25 -4.93
CA LEU A 88 2.94 5.93 -5.46
C LEU A 88 3.77 5.63 -6.71
N GLY A 89 4.26 4.39 -6.81
CA GLY A 89 5.05 4.00 -7.96
C GLY A 89 6.52 4.34 -7.78
N LYS A 90 7.32 4.07 -8.81
CA LYS A 90 8.75 4.35 -8.77
C LYS A 90 9.11 5.48 -9.71
N LYS A 91 8.24 5.73 -10.69
CA LYS A 91 8.47 6.80 -11.67
C LYS A 91 7.55 7.98 -11.40
N LYS A 92 8.12 9.18 -11.40
CA LYS A 92 7.34 10.39 -11.17
C LYS A 92 6.13 10.46 -12.08
N ASN A 93 6.37 10.76 -13.36
CA ASN A 93 5.30 10.85 -14.35
C ASN A 93 4.05 11.46 -13.72
N GLY A 94 4.24 12.47 -12.87
CA GLY A 94 3.12 13.12 -12.23
C GLY A 94 2.86 12.57 -10.84
N GLU A 95 3.84 11.88 -10.28
CA GLU A 95 3.70 11.30 -8.94
C GLU A 95 3.11 12.32 -7.97
N GLU A 96 2.10 11.90 -7.22
CA GLU A 96 1.45 12.78 -6.25
C GLU A 96 2.00 12.53 -4.85
N TYR A 97 2.46 13.60 -4.21
CA TYR A 97 3.02 13.50 -2.86
C TYR A 97 1.98 13.92 -1.81
N PHE A 98 1.50 12.95 -1.04
CA PHE A 98 0.51 13.22 -0.01
C PHE A 98 1.17 13.37 1.35
N GLY A 99 0.47 14.02 2.28
CA GLY A 99 1.02 14.23 3.61
C GLY A 99 1.42 12.92 4.26
N SER A 100 0.65 11.87 4.03
CA SER A 100 0.94 10.56 4.60
C SER A 100 0.16 9.46 3.88
N VAL A 101 0.33 8.23 4.34
CA VAL A 101 -0.36 7.09 3.74
C VAL A 101 -1.87 7.26 3.80
N VAL A 102 -2.38 7.51 5.01
CA VAL A 102 -3.82 7.69 5.20
C VAL A 102 -4.41 8.57 4.10
N GLU A 103 -3.71 9.63 3.75
CA GLU A 103 -4.17 10.55 2.72
C GLU A 103 -4.22 9.85 1.36
N ILE A 104 -3.18 9.08 1.05
CA ILE A 104 -3.11 8.36 -0.21
C ILE A 104 -4.38 7.57 -0.46
N VAL A 105 -4.80 6.80 0.54
CA VAL A 105 -6.02 6.00 0.43
C VAL A 105 -7.26 6.86 0.51
N ASN A 106 -7.41 7.57 1.62
CA ASN A 106 -8.57 8.45 1.83
C ASN A 106 -8.93 9.18 0.53
N SER A 107 -7.98 9.94 0.00
CA SER A 107 -8.20 10.69 -1.22
C SER A 107 -8.54 9.76 -2.38
N HIS A 108 -7.82 8.65 -2.46
CA HIS A 108 -8.04 7.67 -3.52
C HIS A 108 -9.48 7.17 -3.50
N GLN A 109 -10.04 7.01 -2.30
CA GLN A 109 -11.40 6.54 -2.14
C GLN A 109 -12.32 7.18 -3.18
N HIS A 110 -12.13 8.48 -3.41
CA HIS A 110 -12.96 9.22 -4.37
C HIS A 110 -12.20 9.39 -5.69
N ASN A 111 -10.94 9.82 -5.60
CA ASN A 111 -10.12 10.03 -6.78
C ASN A 111 -9.61 8.71 -7.33
N PRO A 112 -9.65 8.56 -8.66
CA PRO A 112 -9.17 7.34 -9.33
C PRO A 112 -7.66 7.18 -9.26
N LEU A 113 -7.21 5.93 -9.16
CA LEU A 113 -5.79 5.64 -9.08
C LEU A 113 -5.30 4.94 -10.34
N VAL A 114 -5.04 5.73 -11.38
CA VAL A 114 -4.58 5.19 -12.66
C VAL A 114 -3.51 4.12 -12.43
N LEU A 115 -3.68 2.99 -13.10
CA LEU A 115 -2.74 1.88 -12.97
C LEU A 115 -2.01 1.64 -14.29
N ILE A 116 -0.68 1.71 -14.24
CA ILE A 116 0.14 1.50 -15.42
C ILE A 116 1.01 0.26 -15.28
N ASP A 117 0.54 -0.86 -15.80
CA ASP A 117 1.27 -2.11 -15.73
C ASP A 117 1.93 -2.45 -17.07
N SER A 118 2.42 -1.41 -17.75
CA SER A 118 3.06 -1.58 -19.04
C SER A 118 2.39 -2.70 -19.84
N GLN A 119 1.05 -2.63 -19.93
CA GLN A 119 0.29 -3.63 -20.66
C GLN A 119 -0.51 -2.98 -21.78
N ASN A 120 -0.07 -3.20 -23.02
CA ASN A 120 -0.75 -2.63 -24.18
C ASN A 120 -1.06 -1.15 -23.97
N ASN A 121 -0.23 -0.49 -23.16
CA ASN A 121 -0.40 0.92 -22.88
C ASN A 121 -1.84 1.22 -22.48
N THR A 122 -2.40 0.38 -21.61
CA THR A 122 -3.76 0.55 -21.14
C THR A 122 -3.79 0.95 -19.67
N LYS A 123 -4.24 2.17 -19.41
CA LYS A 123 -4.33 2.68 -18.05
C LYS A 123 -5.74 2.54 -17.49
N ASP A 124 -5.91 1.59 -16.59
CA ASP A 124 -7.22 1.34 -15.97
C ASP A 124 -7.27 1.91 -14.56
N SER A 125 -7.67 3.18 -14.45
CA SER A 125 -7.76 3.85 -13.16
C SER A 125 -9.02 3.42 -12.42
N THR A 126 -8.88 3.21 -11.11
CA THR A 126 -10.01 2.80 -10.29
C THR A 126 -9.92 3.41 -8.89
N ARG A 127 -11.07 3.79 -8.34
CA ARG A 127 -11.12 4.39 -7.01
C ARG A 127 -11.38 3.33 -5.95
N LEU A 128 -10.61 3.37 -4.86
CA LEU A 128 -10.77 2.41 -3.77
C LEU A 128 -12.19 2.42 -3.24
N LYS A 129 -12.87 1.28 -3.39
CA LYS A 129 -14.24 1.14 -2.92
C LYS A 129 -14.34 0.07 -1.84
N TYR A 130 -13.60 -1.02 -2.01
CA TYR A 130 -13.61 -2.12 -1.05
C TYR A 130 -12.30 -2.16 -0.27
N ALA A 131 -12.39 -2.64 0.97
CA ALA A 131 -11.21 -2.73 1.83
C ALA A 131 -11.02 -4.16 2.34
N VAL A 132 -10.14 -4.90 1.68
CA VAL A 132 -9.86 -6.28 2.09
C VAL A 132 -8.56 -6.39 2.86
N LYS A 133 -8.68 -6.56 4.18
CA LYS A 133 -7.50 -6.68 5.03
C LYS A 133 -7.19 -8.14 5.34
N VAL A 134 -6.00 -8.59 4.94
CA VAL A 134 -5.58 -9.96 5.18
C VAL A 134 -5.19 -10.17 6.64
N SER A 135 -4.95 -11.43 7.01
CA SER A 135 -4.56 -11.76 8.37
C SER A 135 -3.74 -13.05 8.40
N SER A 136 -2.46 -12.93 8.77
CA SER A 136 -1.57 -14.08 8.84
C SER A 136 -0.23 -13.69 9.43
N GLY A 137 0.64 -14.68 9.60
CA GLY A 137 1.96 -14.42 10.15
C GLY A 137 2.86 -15.64 10.12
N PRO A 138 3.43 -15.92 8.94
CA PRO A 138 4.33 -17.07 8.75
C PRO A 138 5.66 -16.90 9.47
N SER A 139 6.33 -18.01 9.74
CA SER A 139 7.62 -17.98 10.43
C SER A 139 8.44 -19.22 10.10
N SER A 140 9.76 -19.06 10.08
CA SER A 140 10.66 -20.17 9.77
C SER A 140 11.49 -20.54 10.99
N GLY A 141 11.25 -21.74 11.51
CA GLY A 141 11.98 -22.21 12.68
C GLY A 141 11.66 -23.65 13.02
N GLY A 1 24.34 7.03 7.05
CA GLY A 1 24.25 5.98 8.05
C GLY A 1 22.93 5.99 8.79
N SER A 2 22.48 4.82 9.23
CA SER A 2 21.21 4.70 9.95
C SER A 2 21.36 5.21 11.38
N SER A 3 20.76 6.38 11.64
CA SER A 3 20.82 6.99 12.96
C SER A 3 20.61 5.94 14.05
N GLY A 4 19.49 5.23 13.96
CA GLY A 4 19.18 4.21 14.95
C GLY A 4 17.72 3.80 14.92
N SER A 5 17.36 2.95 13.96
CA SER A 5 15.98 2.48 13.83
C SER A 5 15.38 2.17 15.20
N SER A 6 14.06 2.21 15.28
CA SER A 6 13.36 1.93 16.52
C SER A 6 14.00 2.68 17.68
N GLY A 7 14.34 3.94 17.44
CA GLY A 7 14.96 4.75 18.48
C GLY A 7 14.00 5.74 19.09
N PRO A 8 14.15 5.97 20.41
CA PRO A 8 13.29 6.90 21.15
C PRO A 8 13.53 8.36 20.76
N PHE A 9 14.61 8.60 20.01
CA PHE A 9 14.95 9.94 19.56
C PHE A 9 13.82 10.55 18.73
N ASN A 10 13.41 9.82 17.70
CA ASN A 10 12.34 10.29 16.82
C ASN A 10 11.70 9.12 16.09
N SER A 11 10.40 9.25 15.80
CA SER A 11 9.67 8.21 15.10
C SER A 11 9.06 8.74 13.81
N THR A 12 9.69 8.41 12.68
CA THR A 12 9.21 8.87 11.38
C THR A 12 8.14 7.94 10.84
N PHE A 13 8.42 6.63 10.87
CA PHE A 13 7.48 5.63 10.39
C PHE A 13 6.67 5.03 11.53
N ALA A 14 7.37 4.65 12.60
CA ALA A 14 6.71 4.06 13.77
C ALA A 14 5.44 4.83 14.13
N ASP A 15 5.54 6.16 14.11
CA ASP A 15 4.40 7.00 14.44
C ASP A 15 3.25 6.78 13.46
N GLN A 16 3.53 6.90 12.17
CA GLN A 16 2.52 6.71 11.15
C GLN A 16 1.71 5.45 11.41
N GLU A 17 2.39 4.39 11.85
CA GLU A 17 1.73 3.13 12.14
C GLU A 17 0.53 3.34 13.06
N ALA A 18 0.67 4.23 14.02
CA ALA A 18 -0.39 4.53 14.96
C ALA A 18 -1.70 4.84 14.23
N GLU A 19 -1.59 5.59 13.14
CA GLU A 19 -2.76 5.96 12.35
C GLU A 19 -2.96 4.99 11.19
N LEU A 20 -2.45 3.78 11.35
CA LEU A 20 -2.58 2.75 10.32
C LEU A 20 -3.19 1.47 10.89
N LEU A 21 -2.91 1.21 12.16
CA LEU A 21 -3.43 0.02 12.83
C LEU A 21 -4.95 0.07 12.91
N GLY A 22 -5.60 -1.04 12.60
CA GLY A 22 -7.04 -1.11 12.65
C GLY A 22 -7.68 -0.96 11.28
N LYS A 23 -7.08 -0.12 10.44
CA LYS A 23 -7.59 0.12 9.09
C LYS A 23 -7.97 -1.19 8.42
N PRO A 24 -9.14 -1.21 7.78
CA PRO A 24 -9.64 -2.40 7.07
C PRO A 24 -8.85 -2.70 5.82
N TRP A 25 -7.90 -1.83 5.50
CA TRP A 25 -7.07 -2.01 4.32
C TRP A 25 -5.63 -2.32 4.71
N TYR A 26 -5.26 -1.96 5.93
CA TYR A 26 -3.91 -2.19 6.42
C TYR A 26 -3.65 -3.69 6.60
N ALA A 27 -3.04 -4.29 5.59
CA ALA A 27 -2.73 -5.71 5.63
C ALA A 27 -1.72 -6.03 6.73
N GLY A 28 -0.96 -5.01 7.14
CA GLY A 28 0.03 -5.20 8.18
C GLY A 28 1.33 -5.79 7.65
N ALA A 29 2.05 -6.50 8.52
CA ALA A 29 3.31 -7.12 8.12
C ALA A 29 3.09 -8.53 7.60
N CYS A 30 2.11 -8.68 6.72
CA CYS A 30 1.80 -9.99 6.14
C CYS A 30 2.62 -10.23 4.89
N ASP A 31 2.59 -11.47 4.40
CA ASP A 31 3.34 -11.84 3.20
C ASP A 31 2.66 -11.30 1.94
N ARG A 32 3.46 -11.03 0.91
CA ARG A 32 2.94 -10.51 -0.34
C ARG A 32 1.93 -11.48 -0.96
N LYS A 33 2.27 -12.76 -0.95
CA LYS A 33 1.40 -13.78 -1.51
C LYS A 33 0.02 -13.72 -0.88
N SER A 34 -0.03 -13.86 0.45
CA SER A 34 -1.30 -13.81 1.18
C SER A 34 -2.12 -12.60 0.78
N ALA A 35 -1.45 -11.44 0.73
CA ALA A 35 -2.12 -10.20 0.36
C ALA A 35 -2.90 -10.36 -0.94
N GLU A 36 -2.27 -10.97 -1.94
CA GLU A 36 -2.90 -11.18 -3.24
C GLU A 36 -4.09 -12.15 -3.11
N GLU A 37 -3.87 -13.24 -2.37
CA GLU A 37 -4.92 -14.23 -2.18
C GLU A 37 -6.17 -13.59 -1.55
N ALA A 38 -5.96 -12.80 -0.51
CA ALA A 38 -7.06 -12.13 0.17
C ALA A 38 -7.87 -11.28 -0.80
N LEU A 39 -7.21 -10.78 -1.84
CA LEU A 39 -7.88 -9.95 -2.84
C LEU A 39 -8.58 -10.81 -3.88
N HIS A 40 -7.82 -11.72 -4.49
CA HIS A 40 -8.37 -12.62 -5.51
C HIS A 40 -9.57 -13.38 -4.96
N ARG A 41 -9.56 -13.65 -3.66
CA ARG A 41 -10.64 -14.38 -3.02
C ARG A 41 -11.89 -13.52 -2.90
N SER A 42 -11.68 -12.21 -2.77
CA SER A 42 -12.80 -11.27 -2.64
C SER A 42 -13.59 -11.19 -3.94
N ASN A 43 -12.89 -11.01 -5.05
CA ASN A 43 -13.53 -10.91 -6.36
C ASN A 43 -14.40 -9.67 -6.44
N LYS A 44 -13.86 -8.54 -6.00
CA LYS A 44 -14.59 -7.28 -6.03
C LYS A 44 -13.72 -6.15 -6.56
N ASP A 45 -13.63 -6.05 -7.89
CA ASP A 45 -12.82 -5.01 -8.52
C ASP A 45 -12.88 -3.72 -7.73
N GLY A 46 -11.71 -3.15 -7.44
CA GLY A 46 -11.65 -1.92 -6.68
C GLY A 46 -10.99 -2.09 -5.34
N SER A 47 -11.12 -3.29 -4.77
CA SER A 47 -10.53 -3.59 -3.46
C SER A 47 -9.09 -3.09 -3.39
N PHE A 48 -8.64 -2.77 -2.18
CA PHE A 48 -7.28 -2.29 -1.98
C PHE A 48 -6.76 -2.69 -0.60
N LEU A 49 -5.44 -2.72 -0.44
CA LEU A 49 -4.82 -3.08 0.81
C LEU A 49 -3.36 -2.65 0.85
N ILE A 50 -2.91 -2.20 2.02
CA ILE A 50 -1.53 -1.76 2.19
C ILE A 50 -0.70 -2.82 2.92
N ARG A 51 0.46 -3.13 2.36
CA ARG A 51 1.35 -4.12 2.94
C ARG A 51 2.69 -3.49 3.33
N LYS A 52 3.05 -3.61 4.60
CA LYS A 52 4.31 -3.06 5.09
C LYS A 52 5.50 -3.78 4.48
N SER A 53 6.52 -3.01 4.09
CA SER A 53 7.72 -3.57 3.48
C SER A 53 8.15 -4.85 4.21
N SER A 54 8.89 -5.69 3.51
CA SER A 54 9.37 -6.94 4.08
C SER A 54 10.83 -6.82 4.52
N GLY A 55 11.64 -6.20 3.67
CA GLY A 55 13.05 -6.04 3.98
C GLY A 55 13.29 -4.88 4.92
N HIS A 56 14.56 -4.55 5.13
CA HIS A 56 14.93 -3.45 6.02
C HIS A 56 15.21 -2.18 5.23
N ASP A 57 14.35 -1.90 4.25
CA ASP A 57 14.50 -0.72 3.42
C ASP A 57 13.79 0.48 4.05
N SER A 58 14.05 1.67 3.52
CA SER A 58 13.45 2.90 4.03
C SER A 58 12.70 3.62 2.92
N LYS A 59 13.34 3.78 1.78
CA LYS A 59 12.74 4.47 0.64
C LYS A 59 11.29 4.03 0.45
N GLN A 60 11.04 2.74 0.61
CA GLN A 60 9.70 2.20 0.45
C GLN A 60 9.19 1.62 1.76
N PRO A 61 8.47 2.45 2.55
CA PRO A 61 7.91 2.05 3.83
C PRO A 61 6.77 1.05 3.69
N TYR A 62 5.82 1.36 2.81
CA TYR A 62 4.68 0.49 2.58
C TYR A 62 4.41 0.35 1.09
N THR A 63 3.46 -0.53 0.74
CA THR A 63 3.10 -0.77 -0.64
C THR A 63 1.61 -1.04 -0.79
N LEU A 64 0.98 -0.39 -1.76
CA LEU A 64 -0.45 -0.56 -1.99
C LEU A 64 -0.70 -1.65 -3.03
N VAL A 65 -1.81 -2.35 -2.89
CA VAL A 65 -2.18 -3.42 -3.82
C VAL A 65 -3.63 -3.32 -4.23
N ALA A 66 -3.87 -2.69 -5.37
CA ALA A 66 -5.23 -2.52 -5.89
C ALA A 66 -5.68 -3.76 -6.65
N PHE A 67 -6.81 -4.33 -6.24
CA PHE A 67 -7.35 -5.52 -6.89
C PHE A 67 -8.31 -5.14 -8.02
N PHE A 68 -7.93 -5.50 -9.25
CA PHE A 68 -8.75 -5.20 -10.41
C PHE A 68 -9.51 -6.44 -10.89
N ASN A 69 -10.25 -6.30 -11.98
CA ASN A 69 -11.01 -7.41 -12.53
C ASN A 69 -10.18 -8.68 -12.56
N LYS A 70 -10.24 -9.45 -11.48
CA LYS A 70 -9.49 -10.70 -11.38
C LYS A 70 -8.00 -10.46 -11.56
N ARG A 71 -7.51 -9.34 -11.02
CA ARG A 71 -6.11 -8.99 -11.12
C ARG A 71 -5.64 -8.23 -9.88
N VAL A 72 -4.33 -8.21 -9.65
CA VAL A 72 -3.76 -7.52 -8.51
C VAL A 72 -2.59 -6.64 -8.92
N TYR A 73 -2.69 -5.35 -8.60
CA TYR A 73 -1.65 -4.40 -8.93
C TYR A 73 -0.99 -3.84 -7.68
N ASN A 74 0.26 -4.23 -7.45
CA ASN A 74 1.01 -3.77 -6.28
C ASN A 74 1.90 -2.58 -6.64
N ILE A 75 1.43 -1.38 -6.29
CA ILE A 75 2.18 -0.16 -6.56
C ILE A 75 3.02 0.25 -5.36
N PRO A 76 4.31 0.55 -5.61
CA PRO A 76 5.25 0.97 -4.57
C PRO A 76 4.93 2.35 -4.02
N VAL A 77 4.79 2.43 -2.70
CA VAL A 77 4.48 3.70 -2.05
C VAL A 77 5.75 4.37 -1.53
N ARG A 78 6.42 5.13 -2.40
CA ARG A 78 7.65 5.82 -2.02
C ARG A 78 7.37 6.85 -0.93
N PHE A 79 8.43 7.21 -0.20
CA PHE A 79 8.31 8.18 0.88
C PHE A 79 9.16 9.41 0.60
N ILE A 80 8.56 10.60 0.72
CA ILE A 80 9.26 11.85 0.48
C ILE A 80 9.69 12.50 1.79
N GLU A 81 10.73 11.94 2.41
CA GLU A 81 11.24 12.46 3.67
C GLU A 81 11.31 13.98 3.63
N ALA A 82 11.85 14.52 2.55
CA ALA A 82 11.98 15.97 2.40
C ALA A 82 10.78 16.69 2.99
N THR A 83 9.58 16.20 2.66
CA THR A 83 8.35 16.80 3.17
C THR A 83 7.49 15.77 3.88
N LYS A 84 8.11 14.67 4.31
CA LYS A 84 7.40 13.62 5.02
C LYS A 84 6.11 13.25 4.30
N GLN A 85 6.16 13.22 2.97
CA GLN A 85 4.99 12.89 2.16
C GLN A 85 5.12 11.49 1.57
N TYR A 86 4.17 11.12 0.72
CA TYR A 86 4.18 9.81 0.07
C TYR A 86 3.84 9.93 -1.41
N ALA A 87 4.40 9.03 -2.21
CA ALA A 87 4.15 9.03 -3.65
C ALA A 87 3.64 7.66 -4.11
N LEU A 88 3.36 7.55 -5.40
CA LEU A 88 2.86 6.31 -5.98
C LEU A 88 3.71 5.89 -7.17
N GLY A 89 4.00 4.59 -7.27
CA GLY A 89 4.80 4.08 -8.36
C GLY A 89 6.28 4.32 -8.16
N LYS A 90 7.09 3.84 -9.10
CA LYS A 90 8.54 4.01 -9.02
C LYS A 90 9.03 4.97 -10.10
N LYS A 91 8.25 6.00 -10.38
CA LYS A 91 8.60 6.99 -11.38
C LYS A 91 8.04 8.37 -11.01
N LYS A 92 8.55 9.40 -11.68
CA LYS A 92 8.10 10.76 -11.42
C LYS A 92 6.87 11.11 -12.26
N ASN A 93 6.69 10.37 -13.36
CA ASN A 93 5.56 10.59 -14.25
C ASN A 93 4.27 10.76 -13.45
N GLY A 94 3.85 12.01 -13.27
CA GLY A 94 2.64 12.28 -12.53
C GLY A 94 2.79 11.99 -11.04
N GLU A 95 3.98 12.26 -10.51
CA GLU A 95 4.24 12.03 -9.09
C GLU A 95 3.38 12.94 -8.22
N GLU A 96 2.66 12.34 -7.27
CA GLU A 96 1.80 13.10 -6.38
C GLU A 96 2.26 12.94 -4.93
N TYR A 97 2.38 14.06 -4.22
CA TYR A 97 2.80 14.05 -2.83
C TYR A 97 1.60 14.06 -1.89
N PHE A 98 1.52 13.05 -1.03
CA PHE A 98 0.42 12.95 -0.08
C PHE A 98 0.92 13.14 1.36
N GLY A 99 0.32 14.09 2.06
CA GLY A 99 0.72 14.37 3.43
C GLY A 99 1.10 13.11 4.19
N SER A 100 0.31 12.06 4.01
CA SER A 100 0.57 10.79 4.69
C SER A 100 -0.05 9.62 3.92
N VAL A 101 0.27 8.41 4.34
CA VAL A 101 -0.26 7.21 3.69
C VAL A 101 -1.78 7.23 3.66
N VAL A 102 -2.38 7.49 4.82
CA VAL A 102 -3.84 7.53 4.93
C VAL A 102 -4.43 8.49 3.90
N GLU A 103 -3.76 9.61 3.67
CA GLU A 103 -4.22 10.61 2.71
C GLU A 103 -4.31 10.01 1.31
N ILE A 104 -3.33 9.19 0.97
CA ILE A 104 -3.28 8.56 -0.34
C ILE A 104 -4.57 7.77 -0.62
N VAL A 105 -5.06 7.08 0.40
CA VAL A 105 -6.28 6.30 0.27
C VAL A 105 -7.52 7.20 0.30
N ASN A 106 -7.56 8.12 1.27
CA ASN A 106 -8.68 9.04 1.40
C ASN A 106 -8.88 9.84 0.12
N SER A 107 -7.78 10.24 -0.51
CA SER A 107 -7.84 11.01 -1.74
C SER A 107 -8.37 10.17 -2.89
N HIS A 108 -7.76 9.01 -3.10
CA HIS A 108 -8.18 8.11 -4.17
C HIS A 108 -9.69 7.86 -4.11
N GLN A 109 -10.21 7.77 -2.90
CA GLN A 109 -11.64 7.54 -2.71
C GLN A 109 -12.46 8.18 -3.81
N HIS A 110 -12.07 9.40 -4.19
CA HIS A 110 -12.77 10.14 -5.25
C HIS A 110 -12.11 9.89 -6.60
N ASN A 111 -10.80 10.10 -6.66
CA ASN A 111 -10.05 9.91 -7.91
C ASN A 111 -9.50 8.49 -7.99
N PRO A 112 -9.70 7.84 -9.15
CA PRO A 112 -9.24 6.48 -9.39
C PRO A 112 -7.71 6.39 -9.50
N LEU A 113 -7.15 5.36 -8.89
CA LEU A 113 -5.70 5.16 -8.91
C LEU A 113 -5.25 4.58 -10.25
N VAL A 114 -4.99 5.46 -11.21
CA VAL A 114 -4.55 5.03 -12.53
C VAL A 114 -3.56 3.87 -12.43
N LEU A 115 -3.68 2.93 -13.36
CA LEU A 115 -2.79 1.77 -13.38
C LEU A 115 -2.34 1.46 -14.80
N ILE A 116 -1.02 1.34 -14.97
CA ILE A 116 -0.45 1.03 -16.29
C ILE A 116 0.47 -0.18 -16.22
N ASP A 117 -0.13 -1.37 -16.35
CA ASP A 117 0.63 -2.61 -16.31
C ASP A 117 0.82 -3.17 -17.72
N SER A 118 0.96 -2.27 -18.69
CA SER A 118 1.16 -2.67 -20.08
C SER A 118 1.49 -1.46 -20.95
N GLN A 119 2.47 -1.63 -21.84
CA GLN A 119 2.88 -0.55 -22.73
C GLN A 119 1.94 -0.44 -23.92
N ASN A 120 0.64 -0.50 -23.64
CA ASN A 120 -0.37 -0.40 -24.68
C ASN A 120 -1.15 0.90 -24.56
N ASN A 121 -0.46 1.97 -24.20
CA ASN A 121 -1.08 3.28 -24.05
C ASN A 121 -2.46 3.15 -23.40
N THR A 122 -2.55 2.28 -22.40
CA THR A 122 -3.81 2.06 -21.68
C THR A 122 -3.67 2.38 -20.21
N LYS A 123 -4.56 3.22 -19.70
CA LYS A 123 -4.54 3.60 -18.29
C LYS A 123 -5.83 3.19 -17.59
N ASP A 124 -5.78 2.10 -16.83
CA ASP A 124 -6.93 1.61 -16.11
C ASP A 124 -6.96 2.14 -14.68
N SER A 125 -7.68 3.24 -14.48
CA SER A 125 -7.78 3.87 -13.17
C SER A 125 -9.07 3.45 -12.47
N THR A 126 -8.99 3.23 -11.17
CA THR A 126 -10.14 2.82 -10.37
C THR A 126 -10.10 3.44 -8.98
N ARG A 127 -11.26 3.87 -8.50
CA ARG A 127 -11.36 4.47 -7.17
C ARG A 127 -11.50 3.41 -6.10
N LEU A 128 -10.80 3.60 -4.99
CA LEU A 128 -10.83 2.66 -3.87
C LEU A 128 -12.23 2.61 -3.24
N LYS A 129 -12.97 1.56 -3.55
CA LYS A 129 -14.32 1.39 -3.00
C LYS A 129 -14.33 0.34 -1.89
N TYR A 130 -13.67 -0.78 -2.14
CA TYR A 130 -13.61 -1.85 -1.15
C TYR A 130 -12.24 -1.90 -0.47
N ALA A 131 -12.24 -2.27 0.80
CA ALA A 131 -10.99 -2.36 1.57
C ALA A 131 -10.83 -3.74 2.20
N VAL A 132 -10.11 -4.62 1.50
CA VAL A 132 -9.88 -5.97 2.00
C VAL A 132 -8.53 -6.07 2.70
N LYS A 133 -8.55 -6.62 3.92
CA LYS A 133 -7.33 -6.77 4.70
C LYS A 133 -6.97 -8.25 4.86
N VAL A 134 -5.69 -8.56 4.71
CA VAL A 134 -5.23 -9.94 4.85
C VAL A 134 -4.88 -10.26 6.30
N SER A 135 -5.02 -11.53 6.67
CA SER A 135 -4.73 -11.97 8.03
C SER A 135 -4.36 -13.45 8.04
N SER A 136 -3.42 -13.80 8.92
CA SER A 136 -2.96 -15.18 9.05
C SER A 136 -3.97 -16.03 9.82
N GLY A 137 -4.08 -15.76 11.11
CA GLY A 137 -5.00 -16.50 11.95
C GLY A 137 -4.33 -17.59 12.75
N PRO A 138 -4.67 -18.85 12.44
CA PRO A 138 -4.10 -20.02 13.13
C PRO A 138 -2.63 -20.23 12.78
N SER A 139 -1.78 -20.23 13.81
CA SER A 139 -0.35 -20.42 13.61
C SER A 139 -0.03 -21.89 13.34
N SER A 140 1.17 -22.14 12.81
CA SER A 140 1.60 -23.49 12.51
C SER A 140 2.77 -23.92 13.39
N GLY A 141 3.77 -23.05 13.49
CA GLY A 141 4.94 -23.34 14.31
C GLY A 141 5.27 -22.21 15.26
N GLY A 1 5.81 -12.87 33.20
CA GLY A 1 4.53 -12.18 33.11
C GLY A 1 4.02 -12.10 31.68
N SER A 2 4.93 -12.00 30.73
CA SER A 2 4.56 -11.91 29.31
C SER A 2 3.59 -10.76 29.08
N SER A 3 3.89 -9.60 29.65
CA SER A 3 3.04 -8.43 29.51
C SER A 3 3.89 -7.18 29.30
N GLY A 4 3.36 -6.24 28.50
CA GLY A 4 4.08 -5.01 28.23
C GLY A 4 4.38 -4.82 26.76
N SER A 5 4.52 -3.57 26.34
CA SER A 5 4.80 -3.27 24.94
C SER A 5 6.31 -3.07 24.72
N SER A 6 6.72 -3.13 23.46
CA SER A 6 8.12 -2.98 23.11
C SER A 6 8.28 -2.12 21.86
N GLY A 7 9.52 -1.75 21.55
CA GLY A 7 9.78 -0.94 20.37
C GLY A 7 11.27 -0.80 20.09
N PRO A 8 11.59 -0.45 18.83
CA PRO A 8 12.99 -0.28 18.40
C PRO A 8 13.63 0.97 19.02
N PHE A 9 14.83 1.28 18.55
CA PHE A 9 15.56 2.45 19.06
C PHE A 9 15.61 3.54 18.00
N ASN A 10 14.50 3.77 17.32
CA ASN A 10 14.42 4.79 16.28
C ASN A 10 12.97 5.23 16.04
N SER A 11 12.78 6.51 15.79
CA SER A 11 11.45 7.06 15.55
C SER A 11 11.22 7.29 14.06
N THR A 12 11.04 6.22 13.31
CA THR A 12 10.81 6.30 11.88
C THR A 12 9.59 5.50 11.46
N PHE A 13 8.75 6.09 10.62
CA PHE A 13 7.54 5.42 10.15
C PHE A 13 6.88 4.63 11.27
N ALA A 14 7.13 5.05 12.51
CA ALA A 14 6.56 4.38 13.67
C ALA A 14 5.24 5.03 14.08
N ASP A 15 5.19 6.36 13.99
CA ASP A 15 3.98 7.09 14.35
C ASP A 15 2.86 6.84 13.35
N GLN A 16 3.21 6.83 12.06
CA GLN A 16 2.23 6.59 11.01
C GLN A 16 1.46 5.30 11.27
N GLU A 17 2.17 4.27 11.72
CA GLU A 17 1.55 2.97 11.99
C GLU A 17 0.39 3.13 12.96
N ALA A 18 0.53 4.03 13.92
CA ALA A 18 -0.51 4.28 14.91
C ALA A 18 -1.83 4.62 14.24
N GLU A 19 -1.75 5.40 13.15
CA GLU A 19 -2.95 5.79 12.42
C GLU A 19 -3.22 4.86 11.24
N LEU A 20 -2.78 3.60 11.38
CA LEU A 20 -2.96 2.61 10.34
C LEU A 20 -3.59 1.34 10.90
N LEU A 21 -3.31 1.07 12.16
CA LEU A 21 -3.86 -0.13 12.83
C LEU A 21 -5.38 -0.08 12.88
N GLY A 22 -6.02 -1.20 12.58
CA GLY A 22 -7.46 -1.26 12.61
C GLY A 22 -8.08 -1.14 11.24
N LYS A 23 -7.46 -0.31 10.39
CA LYS A 23 -7.96 -0.11 9.03
C LYS A 23 -8.29 -1.44 8.37
N PRO A 24 -9.45 -1.48 7.69
CA PRO A 24 -9.91 -2.69 7.00
C PRO A 24 -9.08 -3.01 5.77
N TRP A 25 -8.13 -2.13 5.45
CA TRP A 25 -7.26 -2.32 4.31
C TRP A 25 -5.82 -2.60 4.75
N TYR A 26 -5.48 -2.15 5.95
CA TYR A 26 -4.14 -2.36 6.49
C TYR A 26 -3.87 -3.84 6.70
N ALA A 27 -3.27 -4.47 5.70
CA ALA A 27 -2.94 -5.90 5.78
C ALA A 27 -1.92 -6.16 6.87
N GLY A 28 -1.19 -5.12 7.26
CA GLY A 28 -0.18 -5.26 8.30
C GLY A 28 1.11 -5.86 7.77
N ALA A 29 1.94 -6.36 8.67
CA ALA A 29 3.21 -6.96 8.29
C ALA A 29 3.02 -8.38 7.76
N CYS A 30 2.02 -8.55 6.91
CA CYS A 30 1.73 -9.87 6.34
C CYS A 30 2.56 -10.11 5.08
N ASP A 31 2.46 -11.31 4.54
CA ASP A 31 3.21 -11.67 3.33
C ASP A 31 2.51 -11.13 2.08
N ARG A 32 3.26 -11.07 0.98
CA ARG A 32 2.71 -10.58 -0.28
C ARG A 32 1.71 -11.57 -0.86
N LYS A 33 2.03 -12.85 -0.80
CA LYS A 33 1.16 -13.89 -1.31
C LYS A 33 -0.24 -13.78 -0.71
N SER A 34 -0.30 -13.79 0.61
CA SER A 34 -1.57 -13.70 1.32
C SER A 34 -2.33 -12.44 0.90
N ALA A 35 -1.60 -11.35 0.76
CA ALA A 35 -2.21 -10.07 0.35
C ALA A 35 -2.87 -10.19 -1.01
N GLU A 36 -2.24 -10.91 -1.92
CA GLU A 36 -2.76 -11.10 -3.26
C GLU A 36 -3.95 -12.07 -3.25
N GLU A 37 -3.82 -13.14 -2.47
CA GLU A 37 -4.86 -14.15 -2.37
C GLU A 37 -6.14 -13.54 -1.78
N ALA A 38 -5.99 -12.88 -0.64
CA ALA A 38 -7.12 -12.25 0.03
C ALA A 38 -7.89 -11.33 -0.93
N LEU A 39 -7.20 -10.82 -1.92
CA LEU A 39 -7.81 -9.92 -2.91
C LEU A 39 -8.49 -10.72 -4.01
N HIS A 40 -7.76 -11.64 -4.61
CA HIS A 40 -8.30 -12.48 -5.68
C HIS A 40 -9.53 -13.25 -5.20
N ARG A 41 -9.54 -13.59 -3.92
CA ARG A 41 -10.67 -14.32 -3.34
C ARG A 41 -11.90 -13.43 -3.23
N SER A 42 -11.67 -12.14 -3.01
CA SER A 42 -12.77 -11.18 -2.87
C SER A 42 -13.54 -11.05 -4.19
N ASN A 43 -12.80 -10.98 -5.29
CA ASN A 43 -13.41 -10.85 -6.61
C ASN A 43 -14.28 -9.60 -6.68
N LYS A 44 -13.75 -8.49 -6.20
CA LYS A 44 -14.47 -7.22 -6.21
C LYS A 44 -13.58 -6.08 -6.68
N ASP A 45 -13.41 -5.96 -7.99
CA ASP A 45 -12.58 -4.91 -8.57
C ASP A 45 -12.70 -3.61 -7.76
N GLY A 46 -11.56 -3.08 -7.35
CA GLY A 46 -11.56 -1.85 -6.58
C GLY A 46 -10.95 -2.03 -5.20
N SER A 47 -10.92 -3.27 -4.73
CA SER A 47 -10.37 -3.59 -3.41
C SER A 47 -8.93 -3.11 -3.30
N PHE A 48 -8.51 -2.78 -2.09
CA PHE A 48 -7.14 -2.31 -1.84
C PHE A 48 -6.69 -2.69 -0.43
N LEU A 49 -5.37 -2.83 -0.27
CA LEU A 49 -4.81 -3.19 1.03
C LEU A 49 -3.35 -2.75 1.11
N ILE A 50 -2.99 -2.11 2.23
CA ILE A 50 -1.62 -1.65 2.44
C ILE A 50 -0.80 -2.68 3.21
N ARG A 51 0.28 -3.14 2.60
CA ARG A 51 1.15 -4.13 3.23
C ARG A 51 2.50 -3.51 3.59
N LYS A 52 2.89 -3.66 4.85
CA LYS A 52 4.16 -3.12 5.32
C LYS A 52 5.34 -3.79 4.61
N SER A 53 6.35 -2.99 4.29
CA SER A 53 7.54 -3.51 3.61
C SER A 53 7.95 -4.86 4.19
N SER A 54 7.93 -5.89 3.35
CA SER A 54 8.30 -7.23 3.77
C SER A 54 9.38 -7.82 2.86
N GLY A 55 10.64 -7.59 3.21
CA GLY A 55 11.74 -8.10 2.41
C GLY A 55 12.98 -7.24 2.51
N HIS A 56 13.42 -6.71 1.37
CA HIS A 56 14.61 -5.87 1.33
C HIS A 56 14.30 -4.53 0.66
N ASP A 57 14.20 -3.47 1.46
CA ASP A 57 13.92 -2.15 0.93
C ASP A 57 14.78 -1.09 1.61
N SER A 58 14.66 0.14 1.16
CA SER A 58 15.45 1.25 1.71
C SER A 58 14.56 2.45 2.01
N LYS A 59 13.86 2.93 0.98
CA LYS A 59 12.97 4.08 1.13
C LYS A 59 11.53 3.69 0.81
N GLN A 60 11.11 2.54 1.32
CA GLN A 60 9.75 2.06 1.09
C GLN A 60 9.10 1.61 2.39
N PRO A 61 8.31 2.51 3.00
CA PRO A 61 7.62 2.22 4.26
C PRO A 61 6.50 1.20 4.09
N TYR A 62 5.71 1.37 3.04
CA TYR A 62 4.60 0.46 2.76
C TYR A 62 4.40 0.29 1.26
N THR A 63 3.48 -0.60 0.89
CA THR A 63 3.20 -0.87 -0.52
C THR A 63 1.71 -1.10 -0.74
N LEU A 64 1.11 -0.28 -1.60
CA LEU A 64 -0.31 -0.38 -1.90
C LEU A 64 -0.56 -1.50 -2.92
N VAL A 65 -1.70 -2.17 -2.77
CA VAL A 65 -2.07 -3.26 -3.67
C VAL A 65 -3.51 -3.13 -4.13
N ALA A 66 -3.70 -2.55 -5.31
CA ALA A 66 -5.04 -2.36 -5.87
C ALA A 66 -5.48 -3.60 -6.64
N PHE A 67 -6.59 -4.19 -6.21
CA PHE A 67 -7.12 -5.38 -6.88
C PHE A 67 -8.04 -5.01 -8.03
N PHE A 68 -7.66 -5.42 -9.24
CA PHE A 68 -8.45 -5.11 -10.43
C PHE A 68 -9.21 -6.35 -10.90
N ASN A 69 -9.93 -6.20 -12.01
CA ASN A 69 -10.70 -7.30 -12.57
C ASN A 69 -9.85 -8.56 -12.69
N LYS A 70 -9.80 -9.35 -11.63
CA LYS A 70 -9.02 -10.58 -11.61
C LYS A 70 -7.54 -10.29 -11.76
N ARG A 71 -7.08 -9.22 -11.11
CA ARG A 71 -5.68 -8.82 -11.18
C ARG A 71 -5.26 -8.11 -9.89
N VAL A 72 -3.95 -8.11 -9.63
CA VAL A 72 -3.43 -7.45 -8.44
C VAL A 72 -2.20 -6.61 -8.77
N TYR A 73 -2.31 -5.30 -8.54
CA TYR A 73 -1.20 -4.39 -8.82
C TYR A 73 -0.57 -3.89 -7.53
N ASN A 74 0.70 -4.22 -7.33
CA ASN A 74 1.43 -3.80 -6.15
C ASN A 74 2.24 -2.54 -6.41
N ILE A 75 1.72 -1.40 -5.96
CA ILE A 75 2.40 -0.13 -6.15
C ILE A 75 3.13 0.30 -4.87
N PRO A 76 4.45 0.51 -4.99
CA PRO A 76 5.29 0.92 -3.87
C PRO A 76 5.00 2.36 -3.43
N VAL A 77 4.80 2.55 -2.13
CA VAL A 77 4.53 3.87 -1.58
C VAL A 77 5.79 4.52 -1.04
N ARG A 78 6.61 5.03 -1.97
CA ARG A 78 7.86 5.68 -1.58
C ARG A 78 7.61 6.83 -0.62
N PHE A 79 8.64 7.21 0.13
CA PHE A 79 8.53 8.30 1.10
C PHE A 79 9.54 9.40 0.80
N ILE A 80 9.06 10.48 0.21
CA ILE A 80 9.93 11.61 -0.14
C ILE A 80 10.22 12.47 1.09
N GLU A 81 11.33 12.18 1.77
CA GLU A 81 11.71 12.92 2.96
C GLU A 81 11.86 14.40 2.65
N ALA A 82 12.38 14.71 1.46
CA ALA A 82 12.57 16.09 1.05
C ALA A 82 11.44 16.98 1.57
N THR A 83 10.22 16.45 1.55
CA THR A 83 9.06 17.21 2.02
C THR A 83 8.25 16.39 3.02
N LYS A 84 8.73 15.19 3.33
CA LYS A 84 8.05 14.31 4.27
C LYS A 84 6.68 13.90 3.74
N GLN A 85 6.61 13.63 2.43
CA GLN A 85 5.36 13.22 1.81
C GLN A 85 5.48 11.83 1.20
N TYR A 86 4.36 11.31 0.70
CA TYR A 86 4.35 9.98 0.09
C TYR A 86 3.85 10.06 -1.35
N ALA A 87 4.41 9.22 -2.21
CA ALA A 87 4.03 9.18 -3.61
C ALA A 87 3.93 7.75 -4.12
N LEU A 88 3.06 7.53 -5.10
CA LEU A 88 2.87 6.20 -5.67
C LEU A 88 3.95 5.89 -6.70
N GLY A 89 4.42 4.64 -6.72
CA GLY A 89 5.44 4.25 -7.67
C GLY A 89 6.70 5.08 -7.53
N LYS A 90 7.78 4.61 -8.15
CA LYS A 90 9.06 5.31 -8.10
C LYS A 90 8.89 6.78 -8.51
N LYS A 91 10.00 7.51 -8.53
CA LYS A 91 9.97 8.92 -8.90
C LYS A 91 9.56 9.09 -10.37
N LYS A 92 8.49 9.83 -10.59
CA LYS A 92 7.98 10.08 -11.94
C LYS A 92 8.08 11.55 -12.30
N ASN A 93 7.93 11.86 -13.58
CA ASN A 93 8.00 13.23 -14.06
C ASN A 93 7.01 14.12 -13.31
N GLY A 94 5.74 13.73 -13.32
CA GLY A 94 4.72 14.50 -12.64
C GLY A 94 4.01 13.70 -11.57
N GLU A 95 4.75 13.29 -10.54
CA GLU A 95 4.18 12.51 -9.45
C GLU A 95 3.26 13.37 -8.59
N GLU A 96 2.54 12.72 -7.68
CA GLU A 96 1.63 13.42 -6.79
C GLU A 96 1.96 13.15 -5.33
N TYR A 97 1.95 14.20 -4.52
CA TYR A 97 2.26 14.07 -3.10
C TYR A 97 0.99 14.08 -2.26
N PHE A 98 0.96 13.23 -1.25
CA PHE A 98 -0.20 13.13 -0.36
C PHE A 98 0.17 13.52 1.07
N GLY A 99 1.29 12.99 1.55
CA GLY A 99 1.74 13.29 2.90
C GLY A 99 1.86 12.05 3.76
N SER A 100 0.96 11.08 3.55
CA SER A 100 0.97 9.85 4.31
C SER A 100 0.16 8.77 3.61
N VAL A 101 0.43 7.51 3.96
CA VAL A 101 -0.28 6.38 3.36
C VAL A 101 -1.80 6.57 3.46
N VAL A 102 -2.27 6.91 4.66
CA VAL A 102 -3.69 7.12 4.88
C VAL A 102 -4.27 8.10 3.88
N GLU A 103 -3.57 9.21 3.68
CA GLU A 103 -4.02 10.24 2.73
C GLU A 103 -4.24 9.64 1.35
N ILE A 104 -3.20 9.02 0.81
CA ILE A 104 -3.28 8.41 -0.52
C ILE A 104 -4.61 7.66 -0.70
N VAL A 105 -5.09 7.05 0.37
CA VAL A 105 -6.34 6.31 0.34
C VAL A 105 -7.54 7.26 0.44
N ASN A 106 -7.49 8.15 1.41
CA ASN A 106 -8.56 9.11 1.62
C ASN A 106 -8.86 9.89 0.34
N SER A 107 -7.80 10.29 -0.35
CA SER A 107 -7.94 11.04 -1.60
C SER A 107 -8.53 10.17 -2.70
N HIS A 108 -8.01 8.96 -2.82
CA HIS A 108 -8.50 8.02 -3.84
C HIS A 108 -9.99 7.76 -3.68
N GLN A 109 -10.44 7.69 -2.42
CA GLN A 109 -11.84 7.44 -2.13
C GLN A 109 -12.75 8.15 -3.14
N HIS A 110 -12.33 9.34 -3.56
CA HIS A 110 -13.10 10.12 -4.52
C HIS A 110 -12.45 10.06 -5.90
N ASN A 111 -11.15 10.29 -5.96
CA ASN A 111 -10.41 10.27 -7.21
C ASN A 111 -10.00 8.86 -7.57
N PRO A 112 -10.10 8.52 -8.87
CA PRO A 112 -9.74 7.19 -9.38
C PRO A 112 -8.24 6.94 -9.33
N LEU A 113 -7.86 5.72 -8.94
CA LEU A 113 -6.46 5.35 -8.85
C LEU A 113 -5.92 4.92 -10.21
N VAL A 114 -5.34 5.87 -10.95
CA VAL A 114 -4.79 5.57 -12.26
C VAL A 114 -3.70 4.51 -12.18
N LEU A 115 -3.91 3.39 -12.86
CA LEU A 115 -2.96 2.30 -12.87
C LEU A 115 -2.28 2.16 -14.23
N ILE A 116 -1.00 2.46 -14.28
CA ILE A 116 -0.24 2.37 -15.53
C ILE A 116 0.46 1.02 -15.65
N ASP A 117 -0.18 0.07 -16.33
CA ASP A 117 0.39 -1.26 -16.52
C ASP A 117 1.52 -1.22 -17.53
N SER A 118 2.73 -0.91 -17.05
CA SER A 118 3.90 -0.84 -17.92
C SER A 118 3.81 -1.88 -19.03
N GLN A 119 3.45 -3.11 -18.67
CA GLN A 119 3.33 -4.19 -19.64
C GLN A 119 2.77 -3.67 -20.97
N ASN A 120 1.65 -2.96 -20.89
CA ASN A 120 1.03 -2.40 -22.09
C ASN A 120 0.71 -0.93 -21.90
N ASN A 121 0.46 -0.24 -23.01
CA ASN A 121 0.14 1.19 -22.97
C ASN A 121 -1.33 1.41 -22.63
N THR A 122 -1.74 0.92 -21.46
CA THR A 122 -3.11 1.05 -21.00
C THR A 122 -3.17 1.44 -19.53
N LYS A 123 -3.60 2.67 -19.26
CA LYS A 123 -3.70 3.16 -17.89
C LYS A 123 -5.13 3.05 -17.39
N ASP A 124 -5.41 2.04 -16.58
CA ASP A 124 -6.73 1.83 -16.02
C ASP A 124 -6.83 2.41 -14.61
N SER A 125 -7.67 3.43 -14.45
CA SER A 125 -7.86 4.07 -13.16
C SER A 125 -9.11 3.56 -12.47
N THR A 126 -9.00 3.30 -11.17
CA THR A 126 -10.12 2.79 -10.39
C THR A 126 -10.08 3.33 -8.96
N ARG A 127 -11.20 3.88 -8.51
CA ARG A 127 -11.29 4.42 -7.16
C ARG A 127 -11.38 3.31 -6.12
N LEU A 128 -10.90 3.59 -4.92
CA LEU A 128 -10.93 2.61 -3.84
C LEU A 128 -12.30 2.54 -3.19
N LYS A 129 -13.01 1.45 -3.43
CA LYS A 129 -14.35 1.26 -2.87
C LYS A 129 -14.34 0.21 -1.75
N TYR A 130 -13.65 -0.89 -2.01
CA TYR A 130 -13.55 -1.97 -1.03
C TYR A 130 -12.19 -1.97 -0.34
N ALA A 131 -12.15 -2.47 0.89
CA ALA A 131 -10.91 -2.53 1.65
C ALA A 131 -10.73 -3.90 2.28
N VAL A 132 -10.02 -4.79 1.56
CA VAL A 132 -9.77 -6.14 2.05
C VAL A 132 -8.50 -6.18 2.88
N LYS A 133 -8.56 -6.87 4.03
CA LYS A 133 -7.42 -7.00 4.91
C LYS A 133 -7.04 -8.46 5.11
N VAL A 134 -6.04 -8.91 4.36
CA VAL A 134 -5.58 -10.29 4.46
C VAL A 134 -5.61 -10.79 5.91
N SER A 135 -5.40 -9.87 6.84
CA SER A 135 -5.40 -10.20 8.26
C SER A 135 -6.81 -10.51 8.75
N SER A 136 -7.19 -11.78 8.69
CA SER A 136 -8.51 -12.20 9.13
C SER A 136 -8.55 -12.40 10.64
N GLY A 137 -8.87 -11.33 11.36
CA GLY A 137 -8.94 -11.40 12.81
C GLY A 137 -7.57 -11.39 13.45
N PRO A 138 -7.53 -11.56 14.78
CA PRO A 138 -6.28 -11.57 15.54
C PRO A 138 -5.43 -12.80 15.26
N SER A 139 -5.98 -13.72 14.46
CA SER A 139 -5.27 -14.95 14.12
C SER A 139 -4.60 -14.82 12.75
N SER A 140 -3.30 -15.05 12.73
CA SER A 140 -2.52 -14.96 11.49
C SER A 140 -2.85 -16.12 10.56
N GLY A 141 -3.12 -15.81 9.30
CA GLY A 141 -3.44 -16.84 8.33
C GLY A 141 -4.93 -17.12 8.26
N GLY A 1 21.37 -18.05 3.67
CA GLY A 1 21.77 -16.69 3.30
C GLY A 1 20.95 -15.64 4.01
N SER A 2 21.43 -15.21 5.18
CA SER A 2 20.73 -14.20 5.96
C SER A 2 20.19 -13.09 5.07
N SER A 3 21.05 -12.60 4.17
CA SER A 3 20.66 -11.53 3.26
C SER A 3 20.06 -10.34 4.01
N GLY A 4 20.72 -9.96 5.10
CA GLY A 4 20.24 -8.85 5.90
C GLY A 4 19.19 -9.27 6.91
N SER A 5 18.09 -8.53 6.96
CA SER A 5 17.00 -8.83 7.89
C SER A 5 17.45 -8.59 9.34
N SER A 6 18.17 -7.50 9.55
CA SER A 6 18.66 -7.15 10.88
C SER A 6 18.65 -5.65 11.09
N GLY A 7 18.93 -5.22 12.31
CA GLY A 7 18.95 -3.81 12.63
C GLY A 7 17.73 -3.37 13.41
N PRO A 8 17.85 -2.23 14.11
CA PRO A 8 16.76 -1.67 14.91
C PRO A 8 15.61 -1.14 14.06
N PHE A 9 14.52 -0.75 14.72
CA PHE A 9 13.35 -0.25 14.01
C PHE A 9 13.42 1.27 13.88
N ASN A 10 12.65 1.81 12.94
CA ASN A 10 12.63 3.26 12.70
C ASN A 10 11.34 3.87 13.22
N SER A 11 11.48 4.89 14.08
CA SER A 11 10.32 5.57 14.65
C SER A 11 9.58 6.37 13.59
N THR A 12 10.33 6.96 12.66
CA THR A 12 9.74 7.75 11.60
C THR A 12 8.41 7.15 11.14
N PHE A 13 8.44 5.87 10.76
CA PHE A 13 7.24 5.19 10.30
C PHE A 13 6.41 4.70 11.49
N ALA A 14 7.07 4.09 12.46
CA ALA A 14 6.40 3.58 13.64
C ALA A 14 5.22 4.46 14.03
N ASP A 15 5.49 5.75 14.23
CA ASP A 15 4.45 6.70 14.61
C ASP A 15 3.27 6.63 13.64
N GLN A 16 3.57 6.62 12.35
CA GLN A 16 2.55 6.56 11.32
C GLN A 16 1.71 5.30 11.46
N GLU A 17 2.39 4.16 11.65
CA GLU A 17 1.70 2.89 11.80
C GLU A 17 0.51 3.02 12.74
N ALA A 18 0.69 3.79 13.81
CA ALA A 18 -0.38 4.00 14.78
C ALA A 18 -1.68 4.40 14.10
N GLU A 19 -1.57 5.32 13.15
CA GLU A 19 -2.74 5.81 12.41
C GLU A 19 -3.07 4.88 11.25
N LEU A 20 -2.62 3.64 11.34
CA LEU A 20 -2.87 2.65 10.29
C LEU A 20 -3.46 1.38 10.87
N LEU A 21 -3.10 1.08 12.12
CA LEU A 21 -3.61 -0.12 12.79
C LEU A 21 -5.13 -0.07 12.93
N GLY A 22 -5.78 -1.15 12.55
CA GLY A 22 -7.23 -1.22 12.63
C GLY A 22 -7.91 -1.04 11.28
N LYS A 23 -7.35 -0.15 10.46
CA LYS A 23 -7.90 0.11 9.14
C LYS A 23 -8.26 -1.19 8.43
N PRO A 24 -9.41 -1.20 7.75
CA PRO A 24 -9.90 -2.37 7.02
C PRO A 24 -9.05 -2.67 5.78
N TRP A 25 -8.14 -1.75 5.46
CA TRP A 25 -7.26 -1.92 4.31
C TRP A 25 -5.84 -2.20 4.73
N TYR A 26 -5.50 -1.81 5.95
CA TYR A 26 -4.15 -2.03 6.48
C TYR A 26 -3.88 -3.52 6.68
N ALA A 27 -3.22 -4.12 5.69
CA ALA A 27 -2.89 -5.53 5.74
C ALA A 27 -1.89 -5.83 6.86
N GLY A 28 -1.18 -4.80 7.29
CA GLY A 28 -0.20 -4.96 8.35
C GLY A 28 1.17 -5.35 7.82
N ALA A 29 1.83 -6.27 8.51
CA ALA A 29 3.14 -6.73 8.11
C ALA A 29 3.07 -8.12 7.47
N CYS A 30 2.04 -8.34 6.66
CA CYS A 30 1.85 -9.62 5.99
C CYS A 30 2.69 -9.69 4.73
N ASP A 31 2.84 -10.89 4.19
CA ASP A 31 3.63 -11.10 2.98
C ASP A 31 2.89 -10.57 1.75
N ARG A 32 3.57 -10.55 0.62
CA ARG A 32 2.98 -10.07 -0.63
C ARG A 32 1.99 -11.08 -1.19
N LYS A 33 2.25 -12.35 -0.95
CA LYS A 33 1.38 -13.43 -1.42
C LYS A 33 0.00 -13.33 -0.79
N SER A 34 -0.05 -13.48 0.53
CA SER A 34 -1.30 -13.41 1.26
C SER A 34 -2.10 -12.19 0.86
N ALA A 35 -1.42 -11.06 0.70
CA ALA A 35 -2.07 -9.81 0.30
C ALA A 35 -2.85 -9.99 -1.00
N GLU A 36 -2.18 -10.54 -2.01
CA GLU A 36 -2.82 -10.76 -3.31
C GLU A 36 -3.96 -11.78 -3.19
N GLU A 37 -3.74 -12.81 -2.38
CA GLU A 37 -4.74 -13.85 -2.19
C GLU A 37 -6.05 -13.25 -1.67
N ALA A 38 -5.98 -12.62 -0.51
CA ALA A 38 -7.16 -12.00 0.10
C ALA A 38 -7.92 -11.16 -0.92
N LEU A 39 -7.20 -10.67 -1.92
CA LEU A 39 -7.80 -9.85 -2.96
C LEU A 39 -8.45 -10.71 -4.04
N HIS A 40 -7.67 -11.62 -4.60
CA HIS A 40 -8.16 -12.52 -5.64
C HIS A 40 -9.36 -13.33 -5.15
N ARG A 41 -9.37 -13.62 -3.86
CA ARG A 41 -10.45 -14.39 -3.25
C ARG A 41 -11.72 -13.55 -3.15
N SER A 42 -11.55 -12.26 -2.89
CA SER A 42 -12.69 -11.35 -2.77
C SER A 42 -13.45 -11.25 -4.08
N ASN A 43 -12.73 -11.10 -5.18
CA ASN A 43 -13.34 -10.99 -6.50
C ASN A 43 -14.24 -9.76 -6.58
N LYS A 44 -13.73 -8.63 -6.10
CA LYS A 44 -14.49 -7.38 -6.12
C LYS A 44 -13.62 -6.23 -6.63
N ASP A 45 -13.54 -6.09 -7.94
CA ASP A 45 -12.74 -5.03 -8.55
C ASP A 45 -12.86 -3.74 -7.75
N GLY A 46 -11.73 -3.29 -7.20
CA GLY A 46 -11.73 -2.07 -6.40
C GLY A 46 -11.07 -2.25 -5.06
N SER A 47 -11.04 -3.49 -4.57
CA SER A 47 -10.43 -3.80 -3.28
C SER A 47 -8.99 -3.30 -3.23
N PHE A 48 -8.52 -3.02 -2.02
CA PHE A 48 -7.15 -2.53 -1.83
C PHE A 48 -6.65 -2.85 -0.43
N LEU A 49 -5.34 -2.98 -0.29
CA LEU A 49 -4.73 -3.29 1.01
C LEU A 49 -3.30 -2.79 1.06
N ILE A 50 -2.92 -2.19 2.19
CA ILE A 50 -1.58 -1.68 2.37
C ILE A 50 -0.70 -2.67 3.12
N ARG A 51 0.37 -3.12 2.47
CA ARG A 51 1.29 -4.08 3.07
C ARG A 51 2.58 -3.41 3.48
N LYS A 52 2.96 -3.58 4.74
CA LYS A 52 4.19 -2.98 5.26
C LYS A 52 5.40 -3.79 4.84
N SER A 53 6.45 -3.09 4.41
CA SER A 53 7.69 -3.75 3.98
C SER A 53 8.77 -3.63 5.05
N SER A 54 9.59 -4.67 5.17
CA SER A 54 10.67 -4.69 6.15
C SER A 54 12.00 -5.07 5.49
N GLY A 55 13.09 -4.67 6.13
CA GLY A 55 14.41 -4.99 5.59
C GLY A 55 15.07 -3.79 4.95
N HIS A 56 16.26 -4.00 4.40
CA HIS A 56 17.01 -2.93 3.76
C HIS A 56 16.81 -2.97 2.24
N ASP A 57 15.56 -3.14 1.82
CA ASP A 57 15.23 -3.19 0.40
C ASP A 57 15.31 -1.81 -0.24
N SER A 58 14.51 -0.88 0.28
CA SER A 58 14.48 0.49 -0.23
C SER A 58 13.64 1.39 0.67
N LYS A 59 13.47 2.64 0.24
CA LYS A 59 12.68 3.60 1.00
C LYS A 59 11.19 3.35 0.83
N GLN A 60 10.80 2.08 0.86
CA GLN A 60 9.40 1.71 0.71
C GLN A 60 8.83 1.18 2.02
N PRO A 61 8.22 2.08 2.80
CA PRO A 61 7.62 1.72 4.09
C PRO A 61 6.37 0.86 3.94
N TYR A 62 5.58 1.17 2.92
CA TYR A 62 4.35 0.42 2.66
C TYR A 62 4.10 0.29 1.16
N THR A 63 3.18 -0.60 0.79
CA THR A 63 2.85 -0.83 -0.61
C THR A 63 1.35 -1.08 -0.78
N LEU A 64 0.72 -0.32 -1.66
CA LEU A 64 -0.70 -0.45 -1.93
C LEU A 64 -0.96 -1.49 -3.02
N VAL A 65 -1.97 -2.32 -2.82
CA VAL A 65 -2.31 -3.36 -3.80
C VAL A 65 -3.77 -3.23 -4.23
N ALA A 66 -4.00 -2.59 -5.38
CA ALA A 66 -5.34 -2.41 -5.90
C ALA A 66 -5.77 -3.61 -6.73
N PHE A 67 -6.83 -4.29 -6.27
CA PHE A 67 -7.34 -5.46 -6.97
C PHE A 67 -8.27 -5.05 -8.11
N PHE A 68 -7.91 -5.41 -9.33
CA PHE A 68 -8.71 -5.08 -10.50
C PHE A 68 -9.43 -6.32 -11.04
N ASN A 69 -10.18 -6.14 -12.12
CA ASN A 69 -10.92 -7.24 -12.73
C ASN A 69 -10.04 -8.48 -12.87
N LYS A 70 -10.08 -9.33 -11.85
CA LYS A 70 -9.29 -10.56 -11.86
C LYS A 70 -7.81 -10.25 -12.00
N ARG A 71 -7.39 -9.13 -11.42
CA ARG A 71 -5.99 -8.72 -11.48
C ARG A 71 -5.55 -8.07 -10.17
N VAL A 72 -4.25 -7.95 -9.97
CA VAL A 72 -3.70 -7.36 -8.76
C VAL A 72 -2.49 -6.48 -9.07
N TYR A 73 -2.57 -5.21 -8.70
CA TYR A 73 -1.49 -4.27 -8.94
C TYR A 73 -0.89 -3.78 -7.63
N ASN A 74 0.36 -4.15 -7.39
CA ASN A 74 1.05 -3.75 -6.17
C ASN A 74 2.00 -2.57 -6.43
N ILE A 75 1.52 -1.37 -6.15
CA ILE A 75 2.33 -0.16 -6.36
C ILE A 75 3.07 0.22 -5.09
N PRO A 76 4.39 0.47 -5.23
CA PRO A 76 5.25 0.86 -4.09
C PRO A 76 4.93 2.25 -3.59
N VAL A 77 4.86 2.40 -2.27
CA VAL A 77 4.56 3.68 -1.66
C VAL A 77 5.79 4.24 -0.93
N ARG A 78 6.75 4.74 -1.70
CA ARG A 78 7.97 5.31 -1.12
C ARG A 78 7.65 6.50 -0.24
N PHE A 79 8.59 6.84 0.65
CA PHE A 79 8.42 7.96 1.56
C PHE A 79 9.49 9.02 1.33
N ILE A 80 9.06 10.25 1.06
CA ILE A 80 9.99 11.35 0.83
C ILE A 80 10.11 12.24 2.05
N GLU A 81 11.16 12.04 2.83
CA GLU A 81 11.39 12.83 4.03
C GLU A 81 11.55 14.31 3.69
N ALA A 82 12.25 14.58 2.59
CA ALA A 82 12.48 15.95 2.15
C ALA A 82 11.27 16.83 2.47
N THR A 83 10.08 16.28 2.30
CA THR A 83 8.85 17.01 2.57
C THR A 83 7.87 16.18 3.38
N LYS A 84 8.33 15.00 3.83
CA LYS A 84 7.49 14.11 4.62
C LYS A 84 6.21 13.74 3.87
N GLN A 85 6.36 13.44 2.58
CA GLN A 85 5.21 13.08 1.76
C GLN A 85 5.36 11.64 1.25
N TYR A 86 4.34 11.18 0.53
CA TYR A 86 4.34 9.83 -0.02
C TYR A 86 3.90 9.83 -1.48
N ALA A 87 4.61 9.08 -2.32
CA ALA A 87 4.27 8.99 -3.73
C ALA A 87 4.10 7.54 -4.16
N LEU A 88 3.36 7.33 -5.24
CA LEU A 88 3.12 5.99 -5.76
C LEU A 88 4.09 5.65 -6.89
N GLY A 89 4.65 4.44 -6.83
CA GLY A 89 5.59 4.01 -7.85
C GLY A 89 7.03 4.35 -7.49
N LYS A 90 7.75 4.94 -8.44
CA LYS A 90 9.14 5.31 -8.23
C LYS A 90 9.25 6.78 -7.84
N LYS A 91 10.48 7.27 -7.71
CA LYS A 91 10.73 8.66 -7.35
C LYS A 91 10.49 9.58 -8.53
N LYS A 92 9.73 10.65 -8.30
CA LYS A 92 9.42 11.61 -9.36
C LYS A 92 8.80 12.88 -8.78
N ASN A 93 9.05 14.01 -9.43
CA ASN A 93 8.52 15.28 -8.97
C ASN A 93 7.33 15.71 -9.83
N GLY A 94 7.08 14.97 -10.90
CA GLY A 94 5.98 15.29 -11.80
C GLY A 94 4.76 14.43 -11.53
N GLU A 95 4.86 13.56 -10.52
CA GLU A 95 3.75 12.68 -10.16
C GLU A 95 2.96 13.24 -8.98
N GLU A 96 1.86 12.58 -8.66
CA GLU A 96 1.02 13.02 -7.55
C GLU A 96 1.64 12.62 -6.21
N TYR A 97 1.65 13.57 -5.27
CA TYR A 97 2.22 13.32 -3.96
C TYR A 97 1.21 13.63 -2.85
N PHE A 98 1.36 12.98 -1.72
CA PHE A 98 0.47 13.19 -0.59
C PHE A 98 1.25 13.42 0.70
N GLY A 99 0.58 13.98 1.71
CA GLY A 99 1.23 14.24 2.98
C GLY A 99 1.63 12.97 3.70
N SER A 100 0.73 11.99 3.70
CA SER A 100 1.00 10.72 4.37
C SER A 100 0.36 9.56 3.61
N VAL A 101 0.49 8.36 4.15
CA VAL A 101 -0.07 7.17 3.53
C VAL A 101 -1.60 7.21 3.55
N VAL A 102 -2.17 7.43 4.72
CA VAL A 102 -3.61 7.48 4.89
C VAL A 102 -4.24 8.40 3.83
N GLU A 103 -3.55 9.48 3.51
CA GLU A 103 -4.03 10.43 2.52
C GLU A 103 -4.16 9.77 1.15
N ILE A 104 -3.15 8.99 0.78
CA ILE A 104 -3.15 8.30 -0.51
C ILE A 104 -4.46 7.56 -0.73
N VAL A 105 -4.94 6.89 0.32
CA VAL A 105 -6.20 6.15 0.24
C VAL A 105 -7.39 7.07 0.20
N ASN A 106 -7.41 8.07 1.09
CA ASN A 106 -8.50 9.03 1.16
C ASN A 106 -8.65 9.76 -0.16
N SER A 107 -7.62 10.52 -0.54
CA SER A 107 -7.64 11.28 -1.78
C SER A 107 -8.13 10.41 -2.94
N HIS A 108 -7.90 9.11 -2.83
CA HIS A 108 -8.32 8.18 -3.87
C HIS A 108 -9.80 7.85 -3.74
N GLN A 109 -10.26 7.64 -2.52
CA GLN A 109 -11.66 7.32 -2.27
C GLN A 109 -12.57 8.04 -3.25
N HIS A 110 -12.18 9.25 -3.64
CA HIS A 110 -12.96 10.05 -4.58
C HIS A 110 -12.40 9.92 -6.00
N ASN A 111 -11.08 10.09 -6.12
CA ASN A 111 -10.43 10.00 -7.42
C ASN A 111 -9.80 8.62 -7.61
N PRO A 112 -9.97 8.06 -8.82
CA PRO A 112 -9.43 6.74 -9.17
C PRO A 112 -7.91 6.74 -9.27
N LEU A 113 -7.29 5.66 -8.82
CA LEU A 113 -5.83 5.54 -8.86
C LEU A 113 -5.38 4.92 -10.17
N VAL A 114 -5.13 5.76 -11.17
CA VAL A 114 -4.68 5.28 -12.48
C VAL A 114 -3.70 4.12 -12.34
N LEU A 115 -3.88 3.10 -13.17
CA LEU A 115 -3.01 1.93 -13.14
C LEU A 115 -2.45 1.64 -14.53
N ILE A 116 -1.34 2.29 -14.86
CA ILE A 116 -0.70 2.10 -16.16
C ILE A 116 -0.12 0.70 -16.28
N ASP A 117 -0.99 -0.27 -16.57
CA ASP A 117 -0.55 -1.66 -16.72
C ASP A 117 0.77 -1.74 -17.48
N SER A 118 0.82 -1.14 -18.65
CA SER A 118 2.03 -1.14 -19.47
C SER A 118 2.03 0.02 -20.45
N GLN A 119 3.03 0.06 -21.32
CA GLN A 119 3.15 1.12 -22.31
C GLN A 119 2.19 0.88 -23.48
N ASN A 120 0.95 0.54 -23.16
CA ASN A 120 -0.05 0.28 -24.19
C ASN A 120 -1.12 1.37 -24.20
N ASN A 121 -0.76 2.55 -23.71
CA ASN A 121 -1.67 3.68 -23.66
C ASN A 121 -2.89 3.35 -22.80
N THR A 122 -2.70 2.45 -21.84
CA THR A 122 -3.77 2.04 -20.95
C THR A 122 -3.65 2.71 -19.58
N LYS A 123 -4.75 3.26 -19.09
CA LYS A 123 -4.76 3.93 -17.79
C LYS A 123 -5.88 3.40 -16.91
N ASP A 124 -6.30 2.17 -17.17
CA ASP A 124 -7.36 1.54 -16.40
C ASP A 124 -7.30 1.96 -14.94
N SER A 125 -8.04 3.01 -14.60
CA SER A 125 -8.07 3.52 -13.23
C SER A 125 -9.31 3.05 -12.49
N THR A 126 -9.28 3.14 -11.17
CA THR A 126 -10.41 2.73 -10.34
C THR A 126 -10.35 3.37 -8.96
N ARG A 127 -11.51 3.76 -8.44
CA ARG A 127 -11.60 4.39 -7.13
C ARG A 127 -11.76 3.33 -6.03
N LEU A 128 -10.94 3.45 -4.98
CA LEU A 128 -11.00 2.52 -3.87
C LEU A 128 -12.40 2.47 -3.27
N LYS A 129 -13.06 1.32 -3.39
CA LYS A 129 -14.40 1.14 -2.85
C LYS A 129 -14.40 0.09 -1.74
N TYR A 130 -13.69 -1.01 -1.97
CA TYR A 130 -13.62 -2.10 -1.00
C TYR A 130 -12.27 -2.09 -0.28
N ALA A 131 -12.25 -2.66 0.92
CA ALA A 131 -11.02 -2.72 1.71
C ALA A 131 -10.83 -4.11 2.30
N VAL A 132 -10.02 -4.93 1.64
CA VAL A 132 -9.75 -6.29 2.11
C VAL A 132 -8.58 -6.31 3.08
N LYS A 133 -8.78 -6.97 4.22
CA LYS A 133 -7.75 -7.07 5.24
C LYS A 133 -7.28 -8.51 5.40
N VAL A 134 -6.10 -8.80 4.87
CA VAL A 134 -5.54 -10.14 4.96
C VAL A 134 -5.21 -10.52 6.40
N SER A 135 -5.05 -11.81 6.66
CA SER A 135 -4.75 -12.29 8.00
C SER A 135 -4.23 -13.73 7.95
N SER A 136 -3.20 -14.01 8.73
CA SER A 136 -2.61 -15.34 8.78
C SER A 136 -1.56 -15.44 9.88
N GLY A 137 -1.45 -16.61 10.48
CA GLY A 137 -0.47 -16.82 11.54
C GLY A 137 -0.54 -18.21 12.13
N PRO A 138 0.63 -18.83 12.32
CA PRO A 138 0.74 -20.18 12.87
C PRO A 138 0.37 -20.23 14.35
N SER A 139 -0.09 -21.39 14.81
CA SER A 139 -0.48 -21.56 16.20
C SER A 139 0.64 -21.13 17.14
N SER A 140 0.47 -19.98 17.77
CA SER A 140 1.47 -19.45 18.69
C SER A 140 2.04 -20.57 19.56
N GLY A 141 3.37 -20.56 19.73
CA GLY A 141 4.02 -21.57 20.55
C GLY A 141 4.33 -21.08 21.95
N GLY A 1 17.88 -11.42 6.96
CA GLY A 1 18.55 -12.13 8.05
C GLY A 1 17.95 -11.82 9.40
N SER A 2 18.28 -10.66 9.95
CA SER A 2 17.77 -10.25 11.26
C SER A 2 17.50 -8.76 11.29
N SER A 3 16.23 -8.40 11.45
CA SER A 3 15.82 -6.99 11.50
C SER A 3 15.66 -6.52 12.94
N GLY A 4 16.69 -5.88 13.48
CA GLY A 4 16.63 -5.39 14.83
C GLY A 4 17.36 -4.08 15.02
N SER A 5 16.72 -2.98 14.64
CA SER A 5 17.32 -1.66 14.75
C SER A 5 17.40 -1.22 16.22
N SER A 6 18.26 -0.25 16.49
CA SER A 6 18.44 0.26 17.84
C SER A 6 18.24 1.77 17.89
N GLY A 7 17.69 2.25 19.01
CA GLY A 7 17.46 3.68 19.15
C GLY A 7 16.09 4.10 18.64
N PRO A 8 15.06 3.92 19.47
CA PRO A 8 13.68 4.27 19.12
C PRO A 8 13.48 5.78 19.02
N PHE A 9 14.39 6.54 19.62
CA PHE A 9 14.31 7.99 19.60
C PHE A 9 13.72 8.49 18.29
N ASN A 10 14.33 8.05 17.18
CA ASN A 10 13.86 8.45 15.85
C ASN A 10 12.66 7.63 15.41
N SER A 11 11.54 8.30 15.16
CA SER A 11 10.31 7.62 14.75
C SER A 11 9.69 8.33 13.56
N THR A 12 10.12 7.97 12.36
CA THR A 12 9.60 8.57 11.13
C THR A 12 8.36 7.82 10.63
N PHE A 13 8.48 6.50 10.52
CA PHE A 13 7.37 5.68 10.06
C PHE A 13 6.58 5.12 11.24
N ALA A 14 7.30 4.64 12.25
CA ALA A 14 6.66 4.09 13.44
C ALA A 14 5.40 4.86 13.80
N ASP A 15 5.51 6.18 13.83
CA ASP A 15 4.37 7.03 14.15
C ASP A 15 3.22 6.82 13.17
N GLN A 16 3.56 6.80 11.89
CA GLN A 16 2.55 6.60 10.85
C GLN A 16 1.75 5.33 11.09
N GLU A 17 2.45 4.28 11.52
CA GLU A 17 1.79 3.00 11.78
C GLU A 17 0.61 3.17 12.74
N ALA A 18 0.76 4.09 13.69
CA ALA A 18 -0.29 4.35 14.67
C ALA A 18 -1.57 4.81 13.97
N GLU A 19 -1.41 5.61 12.92
CA GLU A 19 -2.56 6.12 12.18
C GLU A 19 -2.95 5.16 11.05
N LEU A 20 -2.53 3.91 11.18
CA LEU A 20 -2.83 2.89 10.18
C LEU A 20 -3.40 1.64 10.83
N LEU A 21 -2.98 1.36 12.05
CA LEU A 21 -3.46 0.20 12.80
C LEU A 21 -4.97 0.27 13.00
N GLY A 22 -5.67 -0.77 12.55
CA GLY A 22 -7.12 -0.82 12.69
C GLY A 22 -7.82 -0.70 11.35
N LYS A 23 -7.27 0.11 10.46
CA LYS A 23 -7.86 0.31 9.13
C LYS A 23 -8.19 -1.02 8.48
N PRO A 24 -9.34 -1.08 7.79
CA PRO A 24 -9.80 -2.28 7.09
C PRO A 24 -8.94 -2.60 5.88
N TRP A 25 -8.10 -1.66 5.48
CA TRP A 25 -7.22 -1.84 4.33
C TRP A 25 -5.79 -2.09 4.77
N TYR A 26 -5.42 -1.51 5.90
CA TYR A 26 -4.07 -1.67 6.44
C TYR A 26 -3.77 -3.14 6.76
N ALA A 27 -3.10 -3.81 5.84
CA ALA A 27 -2.74 -5.21 6.02
C ALA A 27 -1.68 -5.38 7.10
N GLY A 28 -1.08 -4.27 7.51
CA GLY A 28 -0.05 -4.31 8.54
C GLY A 28 1.24 -4.92 8.04
N ALA A 29 1.62 -6.05 8.64
CA ALA A 29 2.85 -6.74 8.25
C ALA A 29 2.54 -8.11 7.66
N CYS A 30 1.54 -8.16 6.78
CA CYS A 30 1.15 -9.42 6.15
C CYS A 30 2.10 -9.78 5.02
N ASP A 31 2.03 -11.02 4.56
CA ASP A 31 2.88 -11.49 3.47
C ASP A 31 2.27 -11.16 2.11
N ARG A 32 3.09 -10.63 1.21
CA ARG A 32 2.63 -10.27 -0.13
C ARG A 32 1.81 -11.40 -0.74
N LYS A 33 2.23 -12.64 -0.48
CA LYS A 33 1.53 -13.80 -1.01
C LYS A 33 0.08 -13.83 -0.55
N SER A 34 -0.12 -13.64 0.75
CA SER A 34 -1.46 -13.65 1.32
C SER A 34 -2.29 -12.49 0.77
N ALA A 35 -1.64 -11.36 0.51
CA ALA A 35 -2.32 -10.19 -0.02
C ALA A 35 -2.98 -10.50 -1.37
N GLU A 36 -2.23 -11.18 -2.24
CA GLU A 36 -2.73 -11.53 -3.56
C GLU A 36 -3.84 -12.57 -3.45
N GLU A 37 -3.77 -13.41 -2.42
CA GLU A 37 -4.78 -14.45 -2.21
C GLU A 37 -6.09 -13.83 -1.73
N ALA A 38 -6.00 -12.98 -0.71
CA ALA A 38 -7.19 -12.33 -0.16
C ALA A 38 -7.83 -11.39 -1.18
N LEU A 39 -7.01 -10.89 -2.10
CA LEU A 39 -7.49 -9.97 -3.13
C LEU A 39 -8.14 -10.75 -4.27
N HIS A 40 -7.42 -11.76 -4.77
CA HIS A 40 -7.93 -12.58 -5.87
C HIS A 40 -9.21 -13.31 -5.45
N ARG A 41 -9.30 -13.65 -4.18
CA ARG A 41 -10.47 -14.36 -3.66
C ARG A 41 -11.67 -13.41 -3.55
N SER A 42 -11.39 -12.14 -3.31
CA SER A 42 -12.43 -11.13 -3.16
C SER A 42 -13.30 -11.07 -4.43
N ASN A 43 -12.65 -11.15 -5.57
CA ASN A 43 -13.36 -11.10 -6.86
C ASN A 43 -14.25 -9.87 -6.93
N LYS A 44 -13.80 -8.78 -6.32
CA LYS A 44 -14.56 -7.53 -6.33
C LYS A 44 -13.69 -6.37 -6.80
N ASP A 45 -13.58 -6.22 -8.12
CA ASP A 45 -12.78 -5.14 -8.69
C ASP A 45 -12.92 -3.86 -7.88
N GLY A 46 -11.80 -3.39 -7.34
CA GLY A 46 -11.82 -2.17 -6.55
C GLY A 46 -11.16 -2.37 -5.19
N SER A 47 -11.13 -3.60 -4.71
CA SER A 47 -10.53 -3.91 -3.42
C SER A 47 -9.08 -3.46 -3.37
N PHE A 48 -8.57 -3.22 -2.16
CA PHE A 48 -7.19 -2.78 -1.99
C PHE A 48 -6.70 -3.10 -0.57
N LEU A 49 -5.39 -3.08 -0.40
CA LEU A 49 -4.78 -3.37 0.90
C LEU A 49 -3.37 -2.82 0.98
N ILE A 50 -3.02 -2.27 2.13
CA ILE A 50 -1.69 -1.71 2.34
C ILE A 50 -0.80 -2.67 3.13
N ARG A 51 0.23 -3.20 2.47
CA ARG A 51 1.14 -4.13 3.11
C ARG A 51 2.44 -3.43 3.51
N LYS A 52 2.78 -3.52 4.80
CA LYS A 52 4.00 -2.89 5.31
C LYS A 52 5.24 -3.59 4.76
N SER A 53 6.27 -2.79 4.45
CA SER A 53 7.51 -3.33 3.91
C SER A 53 8.71 -2.81 4.71
N SER A 54 9.62 -3.72 5.05
CA SER A 54 10.81 -3.36 5.81
C SER A 54 11.81 -4.51 5.84
N GLY A 55 13.10 -4.17 5.91
CA GLY A 55 14.13 -5.19 5.94
C GLY A 55 15.08 -5.09 4.76
N HIS A 56 16.24 -4.48 4.99
CA HIS A 56 17.24 -4.32 3.94
C HIS A 56 16.56 -4.12 2.58
N ASP A 57 15.68 -3.14 2.51
CA ASP A 57 14.97 -2.85 1.27
C ASP A 57 15.07 -1.36 0.92
N SER A 58 14.45 -0.98 -0.19
CA SER A 58 14.47 0.41 -0.63
C SER A 58 13.67 1.30 0.31
N LYS A 59 13.50 2.56 -0.07
CA LYS A 59 12.75 3.52 0.74
C LYS A 59 11.26 3.30 0.59
N GLN A 60 10.84 2.04 0.61
CA GLN A 60 9.42 1.69 0.47
C GLN A 60 8.86 1.18 1.79
N PRO A 61 8.26 2.08 2.58
CA PRO A 61 7.68 1.74 3.88
C PRO A 61 6.42 0.89 3.74
N TYR A 62 5.62 1.19 2.73
CA TYR A 62 4.38 0.45 2.48
C TYR A 62 4.13 0.28 0.99
N THR A 63 3.20 -0.61 0.65
CA THR A 63 2.86 -0.86 -0.74
C THR A 63 1.38 -1.09 -0.92
N LEU A 64 0.75 -0.29 -1.78
CA LEU A 64 -0.68 -0.42 -2.04
C LEU A 64 -0.95 -1.44 -3.13
N VAL A 65 -1.87 -2.37 -2.86
CA VAL A 65 -2.22 -3.40 -3.82
C VAL A 65 -3.69 -3.31 -4.21
N ALA A 66 -3.95 -2.74 -5.39
CA ALA A 66 -5.31 -2.60 -5.89
C ALA A 66 -5.73 -3.81 -6.72
N PHE A 67 -6.78 -4.49 -6.28
CA PHE A 67 -7.27 -5.67 -6.99
C PHE A 67 -8.20 -5.27 -8.13
N PHE A 68 -7.80 -5.61 -9.35
CA PHE A 68 -8.60 -5.28 -10.53
C PHE A 68 -9.32 -6.52 -11.06
N ASN A 69 -10.10 -6.33 -12.11
CA ASN A 69 -10.86 -7.42 -12.71
C ASN A 69 -9.95 -8.62 -12.97
N LYS A 70 -9.89 -9.53 -12.00
CA LYS A 70 -9.06 -10.73 -12.12
C LYS A 70 -7.59 -10.36 -12.25
N ARG A 71 -7.17 -9.33 -11.52
CA ARG A 71 -5.79 -8.87 -11.57
C ARG A 71 -5.38 -8.24 -10.23
N VAL A 72 -4.08 -8.02 -10.06
CA VAL A 72 -3.57 -7.42 -8.83
C VAL A 72 -2.38 -6.51 -9.12
N TYR A 73 -2.53 -5.23 -8.76
CA TYR A 73 -1.47 -4.26 -8.99
C TYR A 73 -0.90 -3.76 -7.66
N ASN A 74 0.35 -4.13 -7.39
CA ASN A 74 1.01 -3.72 -6.16
C ASN A 74 1.94 -2.53 -6.41
N ILE A 75 1.44 -1.33 -6.12
CA ILE A 75 2.22 -0.12 -6.31
C ILE A 75 3.01 0.24 -5.06
N PRO A 76 4.33 0.43 -5.23
CA PRO A 76 5.23 0.79 -4.11
C PRO A 76 4.97 2.18 -3.58
N VAL A 77 4.67 2.28 -2.29
CA VAL A 77 4.41 3.57 -1.66
C VAL A 77 5.67 4.12 -1.00
N ARG A 78 6.58 4.65 -1.81
CA ARG A 78 7.82 5.22 -1.31
C ARG A 78 7.54 6.34 -0.31
N PHE A 79 8.60 6.84 0.31
CA PHE A 79 8.47 7.92 1.29
C PHE A 79 9.59 8.95 1.12
N ILE A 80 9.21 10.18 0.85
CA ILE A 80 10.17 11.26 0.66
C ILE A 80 10.44 12.00 1.98
N GLU A 81 11.67 11.91 2.44
CA GLU A 81 12.06 12.56 3.69
C GLU A 81 12.20 14.07 3.50
N ALA A 82 12.74 14.46 2.35
CA ALA A 82 12.94 15.87 2.04
C ALA A 82 11.76 16.70 2.55
N THR A 83 10.55 16.17 2.41
CA THR A 83 9.35 16.87 2.85
C THR A 83 8.51 15.98 3.76
N LYS A 84 8.89 14.71 3.85
CA LYS A 84 8.17 13.76 4.69
C LYS A 84 6.80 13.43 4.09
N GLN A 85 6.75 13.34 2.77
CA GLN A 85 5.51 13.04 2.06
C GLN A 85 5.55 11.64 1.46
N TYR A 86 4.50 11.28 0.73
CA TYR A 86 4.43 9.96 0.10
C TYR A 86 4.11 10.09 -1.39
N ALA A 87 4.47 9.07 -2.15
CA ALA A 87 4.23 9.07 -3.59
C ALA A 87 4.02 7.65 -4.11
N LEU A 88 3.30 7.53 -5.21
CA LEU A 88 3.01 6.23 -5.82
C LEU A 88 4.05 5.88 -6.88
N GLY A 89 4.45 4.62 -6.91
CA GLY A 89 5.43 4.17 -7.88
C GLY A 89 6.79 4.82 -7.67
N LYS A 90 7.56 4.95 -8.74
CA LYS A 90 8.88 5.55 -8.66
C LYS A 90 8.81 7.07 -8.83
N LYS A 91 9.94 7.74 -8.63
CA LYS A 91 10.00 9.19 -8.77
C LYS A 91 9.51 9.62 -10.14
N LYS A 92 8.77 10.73 -10.18
CA LYS A 92 8.24 11.26 -11.43
C LYS A 92 8.45 12.77 -11.51
N ASN A 93 7.97 13.37 -12.59
CA ASN A 93 8.11 14.80 -12.79
C ASN A 93 7.07 15.56 -11.98
N GLY A 94 7.50 16.15 -10.86
CA GLY A 94 6.60 16.89 -10.01
C GLY A 94 5.22 16.27 -9.93
N GLU A 95 5.17 14.99 -9.56
CA GLU A 95 3.91 14.27 -9.44
C GLU A 95 3.18 14.64 -8.16
N GLU A 96 1.92 14.24 -8.05
CA GLU A 96 1.12 14.52 -6.88
C GLU A 96 1.65 13.78 -5.66
N TYR A 97 1.84 14.50 -4.56
CA TYR A 97 2.36 13.91 -3.32
C TYR A 97 1.24 13.74 -2.30
N PHE A 98 1.55 13.07 -1.20
CA PHE A 98 0.58 12.83 -0.14
C PHE A 98 1.23 12.94 1.23
N GLY A 99 0.82 13.96 1.99
CA GLY A 99 1.38 14.16 3.31
C GLY A 99 1.60 12.86 4.06
N SER A 100 0.67 11.93 3.92
CA SER A 100 0.77 10.65 4.59
C SER A 100 0.10 9.54 3.75
N VAL A 101 0.33 8.30 4.15
CA VAL A 101 -0.25 7.17 3.44
C VAL A 101 -1.77 7.20 3.46
N VAL A 102 -2.32 7.47 4.65
CA VAL A 102 -3.76 7.54 4.82
C VAL A 102 -4.40 8.47 3.79
N GLU A 103 -3.68 9.55 3.46
CA GLU A 103 -4.17 10.52 2.49
C GLU A 103 -4.30 9.89 1.11
N ILE A 104 -3.29 9.11 0.73
CA ILE A 104 -3.30 8.45 -0.57
C ILE A 104 -4.59 7.67 -0.79
N VAL A 105 -4.98 6.89 0.21
CA VAL A 105 -6.20 6.10 0.13
C VAL A 105 -7.44 6.98 0.20
N ASN A 106 -7.45 7.89 1.16
CA ASN A 106 -8.57 8.80 1.34
C ASN A 106 -8.89 9.53 0.04
N SER A 107 -7.97 10.37 -0.41
CA SER A 107 -8.15 11.13 -1.65
C SER A 107 -8.66 10.22 -2.76
N HIS A 108 -8.22 8.97 -2.75
CA HIS A 108 -8.63 8.00 -3.77
C HIS A 108 -10.09 7.62 -3.58
N GLN A 109 -10.53 7.56 -2.33
CA GLN A 109 -11.91 7.20 -2.02
C GLN A 109 -12.88 7.83 -3.03
N HIS A 110 -12.55 9.03 -3.49
CA HIS A 110 -13.38 9.73 -4.45
C HIS A 110 -12.77 9.69 -5.84
N ASN A 111 -11.47 10.00 -5.92
CA ASN A 111 -10.76 9.99 -7.19
C ASN A 111 -10.22 8.61 -7.51
N PRO A 112 -10.29 8.22 -8.79
CA PRO A 112 -9.80 6.92 -9.26
C PRO A 112 -8.29 6.81 -9.22
N LEU A 113 -7.79 5.62 -8.87
CA LEU A 113 -6.36 5.39 -8.78
C LEU A 113 -5.80 4.91 -10.11
N VAL A 114 -5.44 5.86 -10.97
CA VAL A 114 -4.89 5.54 -12.29
C VAL A 114 -3.78 4.50 -12.18
N LEU A 115 -3.92 3.42 -12.93
CA LEU A 115 -2.92 2.35 -12.92
C LEU A 115 -2.21 2.25 -14.27
N ILE A 116 -1.25 3.14 -14.49
CA ILE A 116 -0.49 3.16 -15.74
C ILE A 116 0.17 1.81 -15.99
N ASP A 117 -0.59 0.86 -16.52
CA ASP A 117 -0.07 -0.47 -16.81
C ASP A 117 0.66 -0.48 -18.15
N SER A 118 1.93 -0.08 -18.12
CA SER A 118 2.74 -0.05 -19.33
C SER A 118 2.63 -1.36 -20.10
N GLN A 119 2.26 -2.42 -19.40
CA GLN A 119 2.11 -3.74 -20.02
C GLN A 119 1.28 -3.65 -21.29
N ASN A 120 0.26 -2.79 -21.27
CA ASN A 120 -0.61 -2.62 -22.43
C ASN A 120 -0.78 -1.13 -22.75
N ASN A 121 0.21 -0.33 -22.39
CA ASN A 121 0.17 1.10 -22.65
C ASN A 121 -1.26 1.63 -22.51
N THR A 122 -1.95 1.23 -21.44
CA THR A 122 -3.31 1.66 -21.20
C THR A 122 -3.42 2.41 -19.88
N LYS A 123 -4.53 3.13 -19.70
CA LYS A 123 -4.76 3.89 -18.49
C LYS A 123 -6.01 3.38 -17.75
N ASP A 124 -5.81 2.45 -16.84
CA ASP A 124 -6.92 1.88 -16.07
C ASP A 124 -6.95 2.44 -14.66
N SER A 125 -7.84 3.40 -14.43
CA SER A 125 -7.96 4.02 -13.11
C SER A 125 -9.21 3.53 -12.39
N THR A 126 -9.05 3.22 -11.10
CA THR A 126 -10.16 2.72 -10.29
C THR A 126 -10.07 3.24 -8.87
N ARG A 127 -11.19 3.69 -8.33
CA ARG A 127 -11.25 4.22 -6.97
C ARG A 127 -11.28 3.08 -5.95
N LEU A 128 -11.02 3.42 -4.69
CA LEU A 128 -11.01 2.43 -3.62
C LEU A 128 -12.39 2.34 -2.96
N LYS A 129 -13.09 1.25 -3.23
CA LYS A 129 -14.42 1.03 -2.66
C LYS A 129 -14.38 -0.02 -1.57
N TYR A 130 -13.69 -1.12 -1.84
CA TYR A 130 -13.57 -2.21 -0.88
C TYR A 130 -12.18 -2.24 -0.25
N ALA A 131 -12.11 -2.72 0.98
CA ALA A 131 -10.85 -2.80 1.70
C ALA A 131 -10.61 -4.21 2.24
N VAL A 132 -9.84 -5.00 1.52
CA VAL A 132 -9.53 -6.36 1.92
C VAL A 132 -8.45 -6.39 2.99
N LYS A 133 -8.78 -6.96 4.15
CA LYS A 133 -7.84 -7.05 5.25
C LYS A 133 -7.33 -8.48 5.42
N VAL A 134 -6.10 -8.72 4.95
CA VAL A 134 -5.49 -10.04 5.05
C VAL A 134 -5.32 -10.46 6.50
N SER A 135 -4.67 -11.60 6.71
CA SER A 135 -4.44 -12.12 8.05
C SER A 135 -3.57 -13.38 8.00
N SER A 136 -3.19 -13.86 9.18
CA SER A 136 -2.36 -15.05 9.28
C SER A 136 -3.20 -16.28 9.63
N GLY A 137 -4.26 -16.06 10.40
CA GLY A 137 -5.13 -17.15 10.80
C GLY A 137 -6.52 -17.02 10.23
N PRO A 138 -7.23 -18.14 10.09
CA PRO A 138 -8.59 -18.17 9.56
C PRO A 138 -9.60 -17.55 10.50
N SER A 139 -9.24 -17.47 11.78
CA SER A 139 -10.11 -16.89 12.79
C SER A 139 -9.91 -15.38 12.90
N SER A 140 -10.85 -14.70 13.55
CA SER A 140 -10.78 -13.26 13.71
C SER A 140 -10.29 -12.59 12.42
N GLY A 141 -10.85 -13.01 11.30
CA GLY A 141 -10.46 -12.44 10.02
C GLY A 141 -10.89 -13.30 8.85
N GLY A 1 5.08 -11.33 17.17
CA GLY A 1 5.80 -10.09 17.47
C GLY A 1 5.22 -8.90 16.72
N SER A 2 4.04 -8.46 17.15
CA SER A 2 3.38 -7.33 16.52
C SER A 2 4.29 -6.10 16.53
N SER A 3 4.66 -5.65 17.71
CA SER A 3 5.53 -4.48 17.85
C SER A 3 6.92 -4.76 17.28
N GLY A 4 7.31 -3.96 16.29
CA GLY A 4 8.61 -4.13 15.67
C GLY A 4 9.75 -3.81 16.61
N SER A 5 10.97 -4.17 16.21
CA SER A 5 12.15 -3.92 17.03
C SER A 5 13.07 -2.90 16.36
N SER A 6 13.71 -3.32 15.28
CA SER A 6 14.62 -2.44 14.55
C SER A 6 14.01 -1.06 14.35
N GLY A 7 14.78 -0.02 14.66
CA GLY A 7 14.30 1.33 14.51
C GLY A 7 15.35 2.27 13.96
N PRO A 8 14.93 3.15 13.02
CA PRO A 8 15.84 4.11 12.39
C PRO A 8 16.30 5.19 13.35
N PHE A 9 15.88 5.08 14.61
CA PHE A 9 16.26 6.06 15.63
C PHE A 9 15.68 7.43 15.31
N ASN A 10 14.44 7.44 14.81
CA ASN A 10 13.77 8.69 14.46
C ASN A 10 12.28 8.47 14.27
N SER A 11 11.48 9.03 15.18
CA SER A 11 10.03 8.89 15.11
C SER A 11 9.50 9.42 13.78
N THR A 12 9.54 8.56 12.75
CA THR A 12 9.07 8.94 11.43
C THR A 12 7.94 8.01 10.97
N PHE A 13 8.28 6.74 10.76
CA PHE A 13 7.31 5.75 10.32
C PHE A 13 6.48 5.25 11.49
N ALA A 14 7.16 4.83 12.56
CA ALA A 14 6.47 4.33 13.75
C ALA A 14 5.22 5.13 14.05
N ASP A 15 5.35 6.45 14.08
CA ASP A 15 4.22 7.33 14.34
C ASP A 15 3.12 7.14 13.31
N GLN A 16 3.52 7.01 12.05
CA GLN A 16 2.56 6.82 10.96
C GLN A 16 1.71 5.58 11.20
N GLU A 17 2.32 4.55 11.80
CA GLU A 17 1.61 3.31 12.08
C GLU A 17 0.38 3.56 12.94
N ALA A 18 0.51 4.49 13.88
CA ALA A 18 -0.60 4.83 14.78
C ALA A 18 -1.86 5.16 14.00
N GLU A 19 -1.69 5.89 12.89
CA GLU A 19 -2.82 6.27 12.06
C GLU A 19 -3.10 5.20 11.00
N LEU A 20 -2.59 4.00 11.24
CA LEU A 20 -2.78 2.89 10.31
C LEU A 20 -3.35 1.68 11.02
N LEU A 21 -2.99 1.51 12.28
CA LEU A 21 -3.47 0.39 13.08
C LEU A 21 -4.98 0.44 13.23
N GLY A 22 -5.64 -0.65 12.85
CA GLY A 22 -7.09 -0.71 12.96
C GLY A 22 -7.78 -0.62 11.61
N LYS A 23 -7.17 0.13 10.69
CA LYS A 23 -7.73 0.29 9.35
C LYS A 23 -8.05 -1.06 8.73
N PRO A 24 -9.23 -1.14 8.08
CA PRO A 24 -9.68 -2.37 7.43
C PRO A 24 -8.86 -2.71 6.18
N TRP A 25 -8.16 -1.71 5.66
CA TRP A 25 -7.34 -1.90 4.47
C TRP A 25 -5.89 -2.22 4.86
N TYR A 26 -5.45 -1.69 5.99
CA TYR A 26 -4.10 -1.92 6.47
C TYR A 26 -3.83 -3.41 6.67
N ALA A 27 -3.22 -4.02 5.66
CA ALA A 27 -2.90 -5.44 5.70
C ALA A 27 -1.85 -5.73 6.77
N GLY A 28 -1.20 -4.68 7.25
CA GLY A 28 -0.18 -4.84 8.27
C GLY A 28 1.14 -5.35 7.70
N ALA A 29 1.77 -6.29 8.40
CA ALA A 29 3.03 -6.86 7.97
C ALA A 29 2.85 -8.29 7.49
N CYS A 30 1.89 -8.50 6.60
CA CYS A 30 1.61 -9.83 6.07
C CYS A 30 2.51 -10.14 4.88
N ASP A 31 2.47 -11.38 4.42
CA ASP A 31 3.29 -11.81 3.29
C ASP A 31 2.70 -11.31 1.98
N ARG A 32 3.56 -10.78 1.11
CA ARG A 32 3.12 -10.27 -0.18
C ARG A 32 2.14 -11.22 -0.85
N LYS A 33 2.40 -12.52 -0.73
CA LYS A 33 1.53 -13.54 -1.31
C LYS A 33 0.11 -13.42 -0.78
N SER A 34 -0.02 -13.43 0.55
CA SER A 34 -1.33 -13.32 1.18
C SER A 34 -2.09 -12.10 0.68
N ALA A 35 -1.36 -11.00 0.49
CA ALA A 35 -1.95 -9.76 0.01
C ALA A 35 -2.65 -9.98 -1.33
N GLU A 36 -2.06 -10.82 -2.18
CA GLU A 36 -2.62 -11.10 -3.49
C GLU A 36 -3.75 -12.14 -3.38
N GLU A 37 -3.54 -13.14 -2.53
CA GLU A 37 -4.53 -14.19 -2.34
C GLU A 37 -5.83 -13.62 -1.79
N ALA A 38 -5.73 -12.92 -0.67
CA ALA A 38 -6.90 -12.31 -0.03
C ALA A 38 -7.64 -11.41 -1.01
N LEU A 39 -6.93 -10.90 -2.00
CA LEU A 39 -7.52 -10.02 -3.01
C LEU A 39 -8.21 -10.83 -4.10
N HIS A 40 -7.48 -11.79 -4.66
CA HIS A 40 -8.01 -12.63 -5.72
C HIS A 40 -9.26 -13.37 -5.25
N ARG A 41 -9.31 -13.68 -3.96
CA ARG A 41 -10.45 -14.38 -3.38
C ARG A 41 -11.67 -13.46 -3.28
N SER A 42 -11.41 -12.17 -3.09
CA SER A 42 -12.49 -11.19 -2.98
C SER A 42 -13.35 -11.18 -4.23
N ASN A 43 -12.70 -11.05 -5.39
CA ASN A 43 -13.41 -11.03 -6.66
C ASN A 43 -14.33 -9.81 -6.76
N LYS A 44 -13.89 -8.70 -6.18
CA LYS A 44 -14.67 -7.46 -6.20
C LYS A 44 -13.83 -6.30 -6.71
N ASP A 45 -13.73 -6.18 -8.02
CA ASP A 45 -12.95 -5.10 -8.63
C ASP A 45 -13.10 -3.80 -7.84
N GLY A 46 -11.98 -3.30 -7.31
CA GLY A 46 -12.02 -2.09 -6.54
C GLY A 46 -11.39 -2.25 -5.17
N SER A 47 -11.22 -3.50 -4.73
CA SER A 47 -10.64 -3.79 -3.44
C SER A 47 -9.20 -3.27 -3.35
N PHE A 48 -8.74 -3.03 -2.13
CA PHE A 48 -7.38 -2.54 -1.92
C PHE A 48 -6.90 -2.87 -0.52
N LEU A 49 -5.58 -2.92 -0.35
CA LEU A 49 -4.99 -3.24 0.95
C LEU A 49 -3.52 -2.81 1.00
N ILE A 50 -3.14 -2.10 2.05
CA ILE A 50 -1.77 -1.64 2.22
C ILE A 50 -0.93 -2.66 2.97
N ARG A 51 0.10 -3.17 2.31
CA ARG A 51 0.98 -4.16 2.92
C ARG A 51 2.35 -3.56 3.20
N LYS A 52 2.79 -3.69 4.45
CA LYS A 52 4.10 -3.17 4.85
C LYS A 52 5.23 -3.86 4.11
N SER A 53 6.25 -3.09 3.73
CA SER A 53 7.39 -3.64 3.01
C SER A 53 7.85 -4.96 3.63
N SER A 54 8.06 -5.96 2.78
CA SER A 54 8.48 -7.27 3.24
C SER A 54 10.01 -7.36 3.28
N GLY A 55 10.65 -7.09 2.15
CA GLY A 55 12.10 -7.14 2.07
C GLY A 55 12.75 -5.94 2.73
N HIS A 56 14.07 -5.82 2.57
CA HIS A 56 14.82 -4.72 3.15
C HIS A 56 14.86 -3.53 2.19
N ASP A 57 13.79 -2.75 2.18
CA ASP A 57 13.70 -1.58 1.32
C ASP A 57 14.37 -0.37 1.96
N SER A 58 14.44 0.73 1.22
CA SER A 58 15.06 1.95 1.72
C SER A 58 14.02 3.06 1.90
N LYS A 59 13.43 3.48 0.79
CA LYS A 59 12.41 4.53 0.81
C LYS A 59 11.03 3.95 0.52
N GLN A 60 10.85 2.68 0.83
CA GLN A 60 9.57 2.02 0.60
C GLN A 60 8.99 1.47 1.91
N PRO A 61 8.31 2.35 2.66
CA PRO A 61 7.69 2.00 3.95
C PRO A 61 6.50 1.06 3.76
N TYR A 62 5.69 1.32 2.75
CA TYR A 62 4.51 0.51 2.47
C TYR A 62 4.27 0.40 0.98
N THR A 63 3.23 -0.36 0.60
CA THR A 63 2.88 -0.55 -0.80
C THR A 63 1.39 -0.79 -0.96
N LEU A 64 0.75 0.01 -1.82
CA LEU A 64 -0.68 -0.13 -2.08
C LEU A 64 -0.95 -1.22 -3.10
N VAL A 65 -1.97 -2.03 -2.83
CA VAL A 65 -2.33 -3.11 -3.74
C VAL A 65 -3.78 -2.99 -4.18
N ALA A 66 -3.99 -2.47 -5.39
CA ALA A 66 -5.33 -2.30 -5.93
C ALA A 66 -5.76 -3.53 -6.72
N PHE A 67 -6.79 -4.21 -6.22
CA PHE A 67 -7.31 -5.41 -6.88
C PHE A 67 -8.27 -5.04 -8.00
N PHE A 68 -7.92 -5.43 -9.22
CA PHE A 68 -8.75 -5.14 -10.38
C PHE A 68 -9.51 -6.40 -10.84
N ASN A 69 -10.34 -6.24 -11.86
CA ASN A 69 -11.11 -7.35 -12.39
C ASN A 69 -10.24 -8.58 -12.59
N LYS A 70 -10.17 -9.42 -11.57
CA LYS A 70 -9.36 -10.64 -11.62
C LYS A 70 -7.89 -10.31 -11.86
N ARG A 71 -7.43 -9.23 -11.23
CA ARG A 71 -6.03 -8.81 -11.36
C ARG A 71 -5.55 -8.11 -10.09
N VAL A 72 -4.24 -8.10 -9.89
CA VAL A 72 -3.65 -7.47 -8.72
C VAL A 72 -2.50 -6.54 -9.11
N TYR A 73 -2.60 -5.29 -8.71
CA TYR A 73 -1.57 -4.30 -9.02
C TYR A 73 -0.88 -3.82 -7.75
N ASN A 74 0.42 -4.08 -7.66
CA ASN A 74 1.20 -3.67 -6.49
C ASN A 74 1.94 -2.36 -6.77
N ILE A 75 1.40 -1.27 -6.24
CA ILE A 75 2.01 0.05 -6.42
C ILE A 75 2.87 0.42 -5.21
N PRO A 76 4.16 0.69 -5.48
CA PRO A 76 5.12 1.06 -4.43
C PRO A 76 4.85 2.46 -3.87
N VAL A 77 4.73 2.54 -2.55
CA VAL A 77 4.47 3.81 -1.88
C VAL A 77 5.76 4.41 -1.32
N ARG A 78 6.54 5.05 -2.17
CA ARG A 78 7.79 5.66 -1.75
C ARG A 78 7.54 6.78 -0.74
N PHE A 79 8.57 7.11 0.02
CA PHE A 79 8.46 8.17 1.02
C PHE A 79 9.58 9.19 0.87
N ILE A 80 9.22 10.46 0.75
CA ILE A 80 10.20 11.53 0.60
C ILE A 80 10.46 12.22 1.93
N GLU A 81 11.53 11.81 2.61
CA GLU A 81 11.90 12.39 3.89
C GLU A 81 12.05 13.91 3.77
N ALA A 82 12.66 14.35 2.68
CA ALA A 82 12.87 15.78 2.45
C ALA A 82 11.68 16.59 2.94
N THR A 83 10.47 16.12 2.63
CA THR A 83 9.26 16.81 3.04
C THR A 83 8.35 15.89 3.86
N LYS A 84 8.86 14.72 4.20
CA LYS A 84 8.11 13.75 4.98
C LYS A 84 6.76 13.45 4.32
N GLN A 85 6.77 13.38 2.99
CA GLN A 85 5.55 13.10 2.25
C GLN A 85 5.57 11.69 1.68
N TYR A 86 4.51 11.33 0.96
CA TYR A 86 4.40 10.00 0.36
C TYR A 86 4.10 10.10 -1.13
N ALA A 87 4.44 9.05 -1.87
CA ALA A 87 4.20 9.02 -3.31
C ALA A 87 4.02 7.58 -3.80
N LEU A 88 3.53 7.44 -5.03
CA LEU A 88 3.30 6.13 -5.61
C LEU A 88 4.32 5.85 -6.72
N GLY A 89 4.39 4.60 -7.15
CA GLY A 89 5.31 4.23 -8.21
C GLY A 89 6.76 4.54 -7.86
N LYS A 90 7.68 4.04 -8.66
CA LYS A 90 9.10 4.26 -8.42
C LYS A 90 9.46 5.73 -8.63
N LYS A 91 10.75 6.04 -8.55
CA LYS A 91 11.22 7.41 -8.73
C LYS A 91 10.55 8.06 -9.94
N LYS A 92 10.21 9.34 -9.80
CA LYS A 92 9.57 10.07 -10.89
C LYS A 92 9.61 11.58 -10.62
N ASN A 93 9.99 12.35 -11.62
CA ASN A 93 10.06 13.80 -11.49
C ASN A 93 8.72 14.45 -11.86
N GLY A 94 8.03 14.98 -10.86
CA GLY A 94 6.75 15.61 -11.09
C GLY A 94 5.59 14.67 -10.84
N GLU A 95 5.61 14.00 -9.70
CA GLU A 95 4.54 13.07 -9.34
C GLU A 95 3.74 13.58 -8.16
N GLU A 96 2.52 13.08 -8.01
CA GLU A 96 1.64 13.49 -6.91
C GLU A 96 2.17 12.98 -5.58
N TYR A 97 2.05 13.81 -4.55
CA TYR A 97 2.52 13.44 -3.21
C TYR A 97 1.34 13.27 -2.26
N PHE A 98 1.65 12.94 -1.01
CA PHE A 98 0.62 12.74 0.01
C PHE A 98 1.21 12.89 1.41
N GLY A 99 0.76 13.90 2.14
CA GLY A 99 1.25 14.12 3.49
C GLY A 99 1.50 12.83 4.24
N SER A 100 0.61 11.86 4.06
CA SER A 100 0.73 10.58 4.73
C SER A 100 0.16 9.46 3.87
N VAL A 101 0.26 8.22 4.36
CA VAL A 101 -0.25 7.07 3.64
C VAL A 101 -1.77 7.08 3.57
N VAL A 102 -2.40 7.43 4.69
CA VAL A 102 -3.86 7.48 4.76
C VAL A 102 -4.43 8.38 3.66
N GLU A 103 -3.79 9.53 3.45
CA GLU A 103 -4.23 10.47 2.44
C GLU A 103 -4.29 9.81 1.07
N ILE A 104 -3.31 8.94 0.80
CA ILE A 104 -3.25 8.24 -0.48
C ILE A 104 -4.52 7.42 -0.72
N VAL A 105 -4.96 6.71 0.30
CA VAL A 105 -6.17 5.89 0.21
C VAL A 105 -7.41 6.75 0.16
N ASN A 106 -7.52 7.67 1.13
CA ASN A 106 -8.68 8.56 1.21
C ASN A 106 -8.83 9.36 -0.08
N SER A 107 -7.78 10.10 -0.44
CA SER A 107 -7.80 10.91 -1.65
C SER A 107 -8.16 10.07 -2.87
N HIS A 108 -7.92 8.77 -2.78
CA HIS A 108 -8.22 7.84 -3.87
C HIS A 108 -9.64 7.33 -3.77
N GLN A 109 -10.11 7.12 -2.53
CA GLN A 109 -11.46 6.61 -2.30
C GLN A 109 -12.44 7.21 -3.31
N HIS A 110 -12.27 8.49 -3.62
CA HIS A 110 -13.14 9.18 -4.56
C HIS A 110 -12.46 9.31 -5.92
N ASN A 111 -11.23 9.81 -5.92
CA ASN A 111 -10.48 10.00 -7.16
C ASN A 111 -9.90 8.67 -7.64
N PRO A 112 -9.96 8.43 -8.96
CA PRO A 112 -9.45 7.21 -9.57
C PRO A 112 -7.93 7.15 -9.54
N LEU A 113 -7.39 5.94 -9.35
CA LEU A 113 -5.95 5.75 -9.30
C LEU A 113 -5.45 5.06 -10.57
N VAL A 114 -5.10 5.87 -11.56
CA VAL A 114 -4.60 5.35 -12.83
C VAL A 114 -3.50 4.32 -12.61
N LEU A 115 -3.77 3.08 -13.00
CA LEU A 115 -2.81 2.00 -12.84
C LEU A 115 -2.04 1.76 -14.14
N ILE A 116 -0.99 2.54 -14.35
CA ILE A 116 -0.17 2.42 -15.54
C ILE A 116 0.63 1.12 -15.53
N ASP A 117 0.24 0.18 -16.38
CA ASP A 117 0.92 -1.10 -16.47
C ASP A 117 1.80 -1.17 -17.71
N SER A 118 3.09 -0.93 -17.53
CA SER A 118 4.04 -0.96 -18.64
C SER A 118 3.67 -2.05 -19.64
N GLN A 119 3.42 -3.25 -19.13
CA GLN A 119 3.05 -4.38 -19.98
C GLN A 119 2.22 -3.92 -21.17
N ASN A 120 1.21 -3.09 -20.90
CA ASN A 120 0.34 -2.59 -21.94
C ASN A 120 0.23 -1.06 -21.87
N ASN A 121 0.18 -0.42 -23.03
CA ASN A 121 0.07 1.03 -23.10
C ASN A 121 -1.37 1.48 -22.90
N THR A 122 -2.02 0.93 -21.88
CA THR A 122 -3.40 1.27 -21.59
C THR A 122 -3.48 2.23 -20.40
N LYS A 123 -4.58 2.96 -20.32
CA LYS A 123 -4.78 3.92 -19.24
C LYS A 123 -6.02 3.57 -18.42
N ASP A 124 -5.87 2.62 -17.49
CA ASP A 124 -6.98 2.19 -16.65
C ASP A 124 -6.89 2.85 -15.27
N SER A 125 -8.02 2.90 -14.58
CA SER A 125 -8.07 3.50 -13.25
C SER A 125 -9.35 3.08 -12.52
N THR A 126 -9.24 2.96 -11.20
CA THR A 126 -10.37 2.56 -10.37
C THR A 126 -10.31 3.21 -9.00
N ARG A 127 -11.48 3.55 -8.45
CA ARG A 127 -11.55 4.18 -7.14
C ARG A 127 -11.75 3.14 -6.05
N LEU A 128 -11.00 3.27 -4.96
CA LEU A 128 -11.09 2.34 -3.84
C LEU A 128 -12.51 2.28 -3.30
N LYS A 129 -13.16 1.12 -3.46
CA LYS A 129 -14.52 0.94 -2.98
C LYS A 129 -14.56 -0.06 -1.82
N TYR A 130 -13.77 -1.12 -1.94
CA TYR A 130 -13.72 -2.14 -0.91
C TYR A 130 -12.36 -2.14 -0.20
N ALA A 131 -12.33 -2.71 1.00
CA ALA A 131 -11.09 -2.77 1.78
C ALA A 131 -10.86 -4.18 2.31
N VAL A 132 -10.06 -4.95 1.60
CA VAL A 132 -9.74 -6.31 2.01
C VAL A 132 -8.75 -6.34 3.16
N LYS A 133 -9.04 -7.13 4.18
CA LYS A 133 -8.17 -7.24 5.34
C LYS A 133 -7.56 -8.64 5.43
N VAL A 134 -6.28 -8.74 5.06
CA VAL A 134 -5.57 -10.02 5.09
C VAL A 134 -5.03 -10.30 6.49
N SER A 135 -5.71 -9.77 7.51
CA SER A 135 -5.30 -9.98 8.89
C SER A 135 -6.07 -11.13 9.52
N SER A 136 -6.43 -12.12 8.71
CA SER A 136 -7.17 -13.27 9.19
C SER A 136 -6.23 -14.46 9.41
N GLY A 137 -6.56 -15.30 10.39
CA GLY A 137 -5.74 -16.46 10.69
C GLY A 137 -4.54 -16.13 11.55
N PRO A 138 -3.98 -17.15 12.19
CA PRO A 138 -2.81 -16.99 13.06
C PRO A 138 -1.54 -16.65 12.28
N SER A 139 -0.45 -16.38 13.01
CA SER A 139 0.81 -16.04 12.38
C SER A 139 1.80 -17.20 12.47
N SER A 140 2.06 -17.65 13.70
CA SER A 140 2.98 -18.74 13.93
C SER A 140 2.40 -20.06 13.43
N GLY A 141 3.11 -20.71 12.52
CA GLY A 141 2.64 -21.97 11.97
C GLY A 141 3.11 -22.20 10.55
N GLY A 1 19.06 -12.42 11.88
CA GLY A 1 20.17 -13.08 11.21
C GLY A 1 20.46 -12.50 9.84
N SER A 2 21.16 -13.25 9.00
CA SER A 2 21.50 -12.79 7.66
C SER A 2 20.27 -12.29 6.92
N SER A 3 20.41 -11.14 6.27
CA SER A 3 19.31 -10.54 5.53
C SER A 3 18.02 -10.57 6.35
N GLY A 4 18.13 -10.28 7.63
CA GLY A 4 16.97 -10.29 8.51
C GLY A 4 17.20 -9.49 9.78
N SER A 5 16.63 -8.29 9.83
CA SER A 5 16.77 -7.43 11.00
C SER A 5 15.88 -6.19 10.88
N SER A 6 15.60 -5.56 12.01
CA SER A 6 14.76 -4.38 12.04
C SER A 6 15.42 -3.26 12.82
N GLY A 7 15.82 -3.56 14.06
CA GLY A 7 16.47 -2.57 14.89
C GLY A 7 15.49 -1.56 15.45
N PRO A 8 14.83 -1.91 16.58
CA PRO A 8 13.85 -1.04 17.23
C PRO A 8 14.50 0.18 17.88
N PHE A 9 15.81 0.30 17.71
CA PHE A 9 16.55 1.41 18.29
C PHE A 9 16.04 2.74 17.75
N ASN A 10 16.14 2.92 16.43
CA ASN A 10 15.68 4.15 15.78
C ASN A 10 14.17 4.12 15.57
N SER A 11 13.54 5.27 15.73
CA SER A 11 12.09 5.38 15.56
C SER A 11 11.74 5.86 14.15
N THR A 12 11.76 4.93 13.20
CA THR A 12 11.45 5.26 11.82
C THR A 12 10.13 4.63 11.39
N PHE A 13 9.38 5.35 10.56
CA PHE A 13 8.09 4.87 10.07
C PHE A 13 7.32 4.16 11.18
N ALA A 14 7.62 4.54 12.42
CA ALA A 14 6.95 3.95 13.58
C ALA A 14 5.75 4.79 14.00
N ASP A 15 5.91 6.12 13.96
CA ASP A 15 4.84 7.03 14.34
C ASP A 15 3.70 6.98 13.31
N GLN A 16 4.08 6.93 12.04
CA GLN A 16 3.09 6.89 10.96
C GLN A 16 2.19 5.66 11.09
N GLU A 17 2.75 4.56 11.59
CA GLU A 17 2.00 3.33 11.77
C GLU A 17 0.80 3.55 12.70
N ALA A 18 1.01 4.37 13.72
CA ALA A 18 -0.05 4.67 14.67
C ALA A 18 -1.35 5.04 13.97
N GLU A 19 -1.24 5.88 12.94
CA GLU A 19 -2.40 6.32 12.18
C GLU A 19 -2.71 5.34 11.06
N LEU A 20 -2.25 4.11 11.22
CA LEU A 20 -2.48 3.07 10.21
C LEU A 20 -3.05 1.81 10.84
N LEU A 21 -2.66 1.56 12.09
CA LEU A 21 -3.13 0.38 12.82
C LEU A 21 -4.63 0.45 13.05
N GLY A 22 -5.33 -0.62 12.69
CA GLY A 22 -6.78 -0.66 12.88
C GLY A 22 -7.52 -0.59 11.55
N LYS A 23 -6.96 0.16 10.61
CA LYS A 23 -7.59 0.33 9.30
C LYS A 23 -7.93 -1.03 8.69
N PRO A 24 -9.12 -1.11 8.06
CA PRO A 24 -9.59 -2.34 7.42
C PRO A 24 -8.79 -2.69 6.17
N TRP A 25 -8.13 -1.69 5.60
CA TRP A 25 -7.32 -1.90 4.40
C TRP A 25 -5.88 -2.22 4.76
N TYR A 26 -5.51 -1.96 6.01
CA TYR A 26 -4.16 -2.22 6.48
C TYR A 26 -3.94 -3.71 6.69
N ALA A 27 -3.33 -4.35 5.69
CA ALA A 27 -3.04 -5.78 5.76
C ALA A 27 -1.97 -6.08 6.80
N GLY A 28 -1.27 -5.04 7.26
CA GLY A 28 -0.24 -5.21 8.25
C GLY A 28 1.04 -5.76 7.65
N ALA A 29 1.88 -6.37 8.49
CA ALA A 29 3.14 -6.93 8.05
C ALA A 29 2.93 -8.29 7.41
N CYS A 30 1.89 -8.40 6.59
CA CYS A 30 1.58 -9.67 5.92
C CYS A 30 2.57 -9.93 4.78
N ASP A 31 2.34 -11.02 4.06
CA ASP A 31 3.22 -11.39 2.94
C ASP A 31 2.53 -11.12 1.61
N ARG A 32 3.29 -10.62 0.65
CA ARG A 32 2.75 -10.32 -0.67
C ARG A 32 1.73 -11.36 -1.10
N LYS A 33 2.05 -12.63 -0.87
CA LYS A 33 1.16 -13.73 -1.22
C LYS A 33 -0.18 -13.59 -0.50
N SER A 34 -0.12 -13.30 0.79
CA SER A 34 -1.33 -13.14 1.60
C SER A 34 -2.17 -11.98 1.09
N ALA A 35 -1.52 -10.86 0.79
CA ALA A 35 -2.21 -9.68 0.29
C ALA A 35 -2.90 -9.97 -1.04
N GLU A 36 -2.18 -10.58 -1.95
CA GLU A 36 -2.72 -10.92 -3.27
C GLU A 36 -3.84 -11.95 -3.15
N GLU A 37 -3.56 -13.04 -2.43
CA GLU A 37 -4.54 -14.09 -2.23
C GLU A 37 -5.87 -13.53 -1.73
N ALA A 38 -5.82 -12.86 -0.59
CA ALA A 38 -7.02 -12.27 -0.01
C ALA A 38 -7.80 -11.47 -1.04
N LEU A 39 -7.08 -10.93 -2.02
CA LEU A 39 -7.71 -10.14 -3.08
C LEU A 39 -8.31 -11.04 -4.16
N HIS A 40 -7.48 -11.89 -4.75
CA HIS A 40 -7.94 -12.81 -5.79
C HIS A 40 -9.14 -13.61 -5.30
N ARG A 41 -9.18 -13.89 -4.00
CA ARG A 41 -10.28 -14.66 -3.42
C ARG A 41 -11.52 -13.79 -3.24
N SER A 42 -11.30 -12.49 -3.07
CA SER A 42 -12.40 -11.55 -2.89
C SER A 42 -13.23 -11.42 -4.16
N ASN A 43 -12.54 -11.27 -5.29
CA ASN A 43 -13.22 -11.14 -6.58
C ASN A 43 -14.11 -9.90 -6.60
N LYS A 44 -13.59 -8.79 -6.08
CA LYS A 44 -14.35 -7.54 -6.05
C LYS A 44 -13.52 -6.40 -6.62
N ASP A 45 -13.53 -6.26 -7.94
CA ASP A 45 -12.79 -5.20 -8.60
C ASP A 45 -12.90 -3.89 -7.83
N GLY A 46 -11.75 -3.33 -7.46
CA GLY A 46 -11.74 -2.08 -6.72
C GLY A 46 -11.13 -2.24 -5.34
N SER A 47 -11.11 -3.46 -4.83
CA SER A 47 -10.55 -3.74 -3.52
C SER A 47 -9.10 -3.26 -3.43
N PHE A 48 -8.62 -3.08 -2.20
CA PHE A 48 -7.26 -2.62 -1.97
C PHE A 48 -6.80 -2.95 -0.55
N LEU A 49 -5.49 -2.95 -0.35
CA LEU A 49 -4.92 -3.25 0.96
C LEU A 49 -3.47 -2.79 1.05
N ILE A 50 -3.14 -2.05 2.10
CA ILE A 50 -1.79 -1.55 2.30
C ILE A 50 -0.93 -2.58 3.03
N ARG A 51 0.13 -3.04 2.37
CA ARG A 51 1.03 -4.02 2.97
C ARG A 51 2.33 -3.36 3.41
N LYS A 52 2.74 -3.66 4.64
CA LYS A 52 3.97 -3.10 5.20
C LYS A 52 5.19 -3.89 4.75
N SER A 53 6.24 -3.20 4.35
CA SER A 53 7.47 -3.84 3.89
C SER A 53 8.35 -4.22 5.07
N SER A 54 9.50 -4.81 4.77
CA SER A 54 10.44 -5.22 5.82
C SER A 54 11.74 -5.76 5.19
N GLY A 55 12.73 -5.99 6.05
CA GLY A 55 14.00 -6.50 5.57
C GLY A 55 14.65 -5.59 4.54
N HIS A 56 15.93 -5.82 4.27
CA HIS A 56 16.65 -5.01 3.29
C HIS A 56 15.75 -4.60 2.14
N ASP A 57 15.65 -3.29 1.90
CA ASP A 57 14.81 -2.78 0.82
C ASP A 57 14.97 -1.27 0.70
N SER A 58 14.24 -0.68 -0.24
CA SER A 58 14.29 0.77 -0.47
C SER A 58 13.51 1.51 0.61
N LYS A 59 13.37 2.82 0.43
CA LYS A 59 12.64 3.65 1.37
C LYS A 59 11.13 3.48 1.20
N GLN A 60 10.69 2.23 1.04
CA GLN A 60 9.28 1.93 0.86
C GLN A 60 8.68 1.38 2.15
N PRO A 61 8.02 2.26 2.93
CA PRO A 61 7.39 1.87 4.19
C PRO A 61 6.16 0.99 3.98
N TYR A 62 5.41 1.28 2.94
CA TYR A 62 4.20 0.51 2.62
C TYR A 62 4.01 0.40 1.12
N THR A 63 3.10 -0.49 0.71
CA THR A 63 2.81 -0.70 -0.70
C THR A 63 1.32 -0.96 -0.93
N LEU A 64 0.71 -0.12 -1.75
CA LEU A 64 -0.72 -0.26 -2.05
C LEU A 64 -0.94 -1.34 -3.11
N VAL A 65 -1.95 -2.17 -2.89
CA VAL A 65 -2.28 -3.24 -3.83
C VAL A 65 -3.73 -3.15 -4.28
N ALA A 66 -3.94 -2.60 -5.47
CA ALA A 66 -5.29 -2.45 -6.02
C ALA A 66 -5.69 -3.69 -6.82
N PHE A 67 -6.76 -4.33 -6.39
CA PHE A 67 -7.25 -5.54 -7.06
C PHE A 67 -8.25 -5.18 -8.15
N PHE A 68 -7.90 -5.49 -9.40
CA PHE A 68 -8.77 -5.20 -10.53
C PHE A 68 -9.53 -6.44 -10.97
N ASN A 69 -10.26 -6.33 -12.08
CA ASN A 69 -11.04 -7.44 -12.60
C ASN A 69 -10.19 -8.71 -12.69
N LYS A 70 -10.12 -9.44 -11.58
CA LYS A 70 -9.34 -10.67 -11.53
C LYS A 70 -7.86 -10.39 -11.70
N ARG A 71 -7.45 -9.17 -11.36
CA ARG A 71 -6.06 -8.77 -11.48
C ARG A 71 -5.54 -8.20 -10.16
N VAL A 72 -4.21 -8.10 -10.04
CA VAL A 72 -3.60 -7.57 -8.83
C VAL A 72 -2.41 -6.68 -9.17
N TYR A 73 -2.47 -5.43 -8.72
CA TYR A 73 -1.40 -4.47 -8.98
C TYR A 73 -0.78 -3.99 -7.66
N ASN A 74 0.49 -4.35 -7.45
CA ASN A 74 1.20 -3.95 -6.25
C ASN A 74 2.07 -2.72 -6.51
N ILE A 75 1.58 -1.56 -6.09
CA ILE A 75 2.31 -0.32 -6.27
C ILE A 75 3.02 0.10 -4.99
N PRO A 76 4.34 0.30 -5.08
CA PRO A 76 5.16 0.70 -3.93
C PRO A 76 4.88 2.13 -3.50
N VAL A 77 4.67 2.33 -2.20
CA VAL A 77 4.39 3.65 -1.66
C VAL A 77 5.62 4.23 -0.97
N ARG A 78 6.56 4.71 -1.77
CA ARG A 78 7.79 5.30 -1.24
C ARG A 78 7.47 6.41 -0.24
N PHE A 79 8.51 6.89 0.44
CA PHE A 79 8.34 7.95 1.43
C PHE A 79 9.44 9.00 1.30
N ILE A 80 9.06 10.20 0.86
CA ILE A 80 10.01 11.29 0.69
C ILE A 80 10.14 12.11 1.96
N GLU A 81 11.24 11.91 2.69
CA GLU A 81 11.48 12.63 3.93
C GLU A 81 11.66 14.12 3.66
N ALA A 82 12.29 14.44 2.53
CA ALA A 82 12.52 15.83 2.16
C ALA A 82 11.37 16.72 2.60
N THR A 83 10.15 16.20 2.50
CA THR A 83 8.96 16.95 2.89
C THR A 83 8.03 16.09 3.74
N LYS A 84 8.45 14.87 4.02
CA LYS A 84 7.64 13.96 4.83
C LYS A 84 6.33 13.63 4.14
N GLN A 85 6.39 13.44 2.82
CA GLN A 85 5.20 13.12 2.04
C GLN A 85 5.25 11.68 1.53
N TYR A 86 4.26 11.31 0.73
CA TYR A 86 4.19 9.97 0.17
C TYR A 86 3.83 10.01 -1.31
N ALA A 87 4.41 9.09 -2.08
CA ALA A 87 4.15 9.02 -3.51
C ALA A 87 3.85 7.59 -3.94
N LEU A 88 3.35 7.44 -5.17
CA LEU A 88 3.01 6.13 -5.70
C LEU A 88 4.06 5.66 -6.71
N GLY A 89 4.46 4.40 -6.60
CA GLY A 89 5.46 3.86 -7.50
C GLY A 89 6.88 4.22 -7.11
N LYS A 90 7.85 3.71 -7.85
CA LYS A 90 9.25 3.98 -7.56
C LYS A 90 9.81 5.03 -8.53
N LYS A 91 9.06 5.30 -9.60
CA LYS A 91 9.48 6.28 -10.59
C LYS A 91 8.31 6.67 -11.49
N LYS A 92 8.21 7.96 -11.79
CA LYS A 92 7.14 8.48 -12.64
C LYS A 92 7.37 9.94 -12.99
N ASN A 93 6.88 10.35 -14.15
CA ASN A 93 7.03 11.74 -14.61
C ASN A 93 5.84 12.59 -14.17
N GLY A 94 6.06 13.40 -13.14
CA GLY A 94 4.99 14.26 -12.65
C GLY A 94 4.05 13.54 -11.70
N GLU A 95 4.61 12.96 -10.65
CA GLU A 95 3.81 12.23 -9.67
C GLU A 95 3.27 13.16 -8.59
N GLU A 96 2.13 12.80 -8.01
CA GLU A 96 1.52 13.61 -6.97
C GLU A 96 1.95 13.15 -5.59
N TYR A 97 2.27 14.11 -4.72
CA TYR A 97 2.71 13.80 -3.36
C TYR A 97 1.54 13.86 -2.39
N PHE A 98 1.69 13.19 -1.25
CA PHE A 98 0.65 13.16 -0.23
C PHE A 98 1.24 13.41 1.15
N GLY A 99 0.47 14.09 2.00
CA GLY A 99 0.93 14.39 3.35
C GLY A 99 1.23 13.14 4.15
N SER A 100 0.42 12.10 3.96
CA SER A 100 0.60 10.85 4.66
C SER A 100 0.02 9.68 3.88
N VAL A 101 0.24 8.47 4.36
CA VAL A 101 -0.27 7.27 3.70
C VAL A 101 -1.79 7.26 3.68
N VAL A 102 -2.39 7.54 4.83
CA VAL A 102 -3.85 7.57 4.94
C VAL A 102 -4.48 8.42 3.85
N GLU A 103 -3.84 9.54 3.55
CA GLU A 103 -4.34 10.45 2.52
C GLU A 103 -4.43 9.75 1.17
N ILE A 104 -3.38 8.99 0.85
CA ILE A 104 -3.33 8.26 -0.42
C ILE A 104 -4.60 7.43 -0.62
N VAL A 105 -5.15 6.93 0.48
CA VAL A 105 -6.37 6.11 0.42
C VAL A 105 -7.61 7.00 0.39
N ASN A 106 -7.61 8.06 1.18
CA ASN A 106 -8.74 8.98 1.24
C ASN A 106 -8.92 9.69 -0.09
N SER A 107 -7.88 10.41 -0.52
CA SER A 107 -7.93 11.15 -1.78
C SER A 107 -8.31 10.22 -2.94
N HIS A 108 -7.99 8.95 -2.79
CA HIS A 108 -8.30 7.95 -3.81
C HIS A 108 -9.77 7.54 -3.75
N GLN A 109 -10.28 7.38 -2.53
CA GLN A 109 -11.68 6.98 -2.34
C GLN A 109 -12.57 7.63 -3.39
N HIS A 110 -12.35 8.91 -3.66
CA HIS A 110 -13.14 9.64 -4.63
C HIS A 110 -12.40 9.73 -5.97
N ASN A 111 -11.10 9.99 -5.90
CA ASN A 111 -10.27 10.11 -7.10
C ASN A 111 -9.70 8.75 -7.50
N PRO A 112 -9.85 8.41 -8.79
CA PRO A 112 -9.36 7.14 -9.34
C PRO A 112 -7.83 7.09 -9.40
N LEU A 113 -7.27 5.92 -9.11
CA LEU A 113 -5.83 5.74 -9.13
C LEU A 113 -5.38 5.04 -10.41
N VAL A 114 -5.21 5.81 -11.48
CA VAL A 114 -4.78 5.26 -12.76
C VAL A 114 -3.84 4.08 -12.56
N LEU A 115 -4.15 2.97 -13.22
CA LEU A 115 -3.34 1.77 -13.13
C LEU A 115 -2.77 1.37 -14.49
N ILE A 116 -1.66 1.99 -14.86
CA ILE A 116 -1.01 1.70 -16.13
C ILE A 116 -0.58 0.25 -16.22
N ASP A 117 -1.45 -0.59 -16.75
CA ASP A 117 -1.15 -2.02 -16.89
C ASP A 117 0.30 -2.24 -17.31
N SER A 118 0.72 -1.56 -18.38
CA SER A 118 2.08 -1.69 -18.87
C SER A 118 2.45 -0.49 -19.75
N GLN A 119 3.68 -0.49 -20.25
CA GLN A 119 4.16 0.60 -21.09
C GLN A 119 3.04 1.14 -21.97
N ASN A 120 2.28 0.22 -22.58
CA ASN A 120 1.17 0.61 -23.44
C ASN A 120 0.43 1.82 -22.88
N ASN A 121 -0.16 2.61 -23.78
CA ASN A 121 -0.90 3.80 -23.37
C ASN A 121 -2.08 3.43 -22.49
N THR A 122 -2.60 2.22 -22.67
CA THR A 122 -3.73 1.74 -21.90
C THR A 122 -3.53 2.01 -20.41
N LYS A 123 -4.39 2.87 -19.85
CA LYS A 123 -4.31 3.21 -18.44
C LYS A 123 -5.69 3.15 -17.78
N ASP A 124 -5.96 2.06 -17.09
CA ASP A 124 -7.24 1.88 -16.41
C ASP A 124 -7.18 2.38 -14.98
N SER A 125 -8.02 3.35 -14.65
CA SER A 125 -8.06 3.92 -13.31
C SER A 125 -9.32 3.48 -12.56
N THR A 126 -9.18 3.30 -11.25
CA THR A 126 -10.31 2.88 -10.41
C THR A 126 -10.21 3.48 -9.02
N ARG A 127 -11.34 3.92 -8.49
CA ARG A 127 -11.40 4.51 -7.17
C ARG A 127 -11.64 3.45 -6.10
N LEU A 128 -10.83 3.49 -5.05
CA LEU A 128 -10.96 2.52 -3.96
C LEU A 128 -12.38 2.52 -3.40
N LYS A 129 -13.03 1.36 -3.44
CA LYS A 129 -14.39 1.22 -2.94
C LYS A 129 -14.47 0.12 -1.90
N TYR A 130 -13.69 -0.94 -2.09
CA TYR A 130 -13.68 -2.06 -1.17
C TYR A 130 -12.34 -2.15 -0.43
N ALA A 131 -12.39 -2.63 0.81
CA ALA A 131 -11.19 -2.77 1.62
C ALA A 131 -11.01 -4.19 2.12
N VAL A 132 -10.19 -4.97 1.43
CA VAL A 132 -9.94 -6.36 1.80
C VAL A 132 -8.79 -6.46 2.81
N LYS A 133 -9.02 -7.21 3.87
CA LYS A 133 -8.00 -7.40 4.90
C LYS A 133 -7.62 -8.87 5.04
N VAL A 134 -6.45 -9.22 4.50
CA VAL A 134 -5.96 -10.59 4.56
C VAL A 134 -6.18 -11.20 5.94
N SER A 135 -6.04 -10.37 6.97
CA SER A 135 -6.23 -10.82 8.35
C SER A 135 -7.66 -11.26 8.59
N SER A 136 -8.61 -10.49 8.05
CA SER A 136 -10.02 -10.80 8.21
C SER A 136 -10.32 -12.24 7.80
N GLY A 137 -11.33 -12.83 8.44
CA GLY A 137 -11.70 -14.20 8.12
C GLY A 137 -11.24 -15.18 9.19
N PRO A 138 -10.17 -15.94 8.88
CA PRO A 138 -9.62 -16.94 9.80
C PRO A 138 -8.93 -16.28 11.00
N SER A 139 -9.40 -16.61 12.20
CA SER A 139 -8.83 -16.06 13.42
C SER A 139 -7.37 -16.46 13.57
N SER A 140 -6.48 -15.47 13.50
CA SER A 140 -5.05 -15.72 13.62
C SER A 140 -4.77 -16.77 14.69
N GLY A 141 -4.50 -18.00 14.25
CA GLY A 141 -4.22 -19.07 15.19
C GLY A 141 -3.42 -18.59 16.39
N GLY A 1 4.50 -9.50 14.66
CA GLY A 1 5.52 -10.33 15.30
C GLY A 1 6.89 -9.68 15.26
N SER A 2 7.62 -9.92 14.17
CA SER A 2 8.96 -9.36 14.01
C SER A 2 8.92 -8.12 13.13
N SER A 3 8.80 -6.96 13.77
CA SER A 3 8.75 -5.70 13.04
C SER A 3 9.56 -4.62 13.76
N GLY A 4 9.71 -3.47 13.12
CA GLY A 4 10.46 -2.38 13.72
C GLY A 4 11.78 -2.13 13.03
N SER A 5 11.73 -1.97 11.70
CA SER A 5 12.93 -1.73 10.91
C SER A 5 12.99 -0.28 10.45
N SER A 6 14.05 0.42 10.86
CA SER A 6 14.22 1.82 10.49
C SER A 6 15.70 2.18 10.41
N GLY A 7 15.99 3.42 10.04
CA GLY A 7 17.36 3.86 9.91
C GLY A 7 17.92 4.39 11.22
N PRO A 8 17.63 5.66 11.54
CA PRO A 8 18.09 6.31 12.76
C PRO A 8 17.41 5.76 14.00
N PHE A 9 18.03 5.94 15.16
CA PHE A 9 17.49 5.46 16.42
C PHE A 9 15.98 5.67 16.47
N ASN A 10 15.55 6.93 16.41
CA ASN A 10 14.14 7.27 16.45
C ASN A 10 13.41 6.71 15.24
N SER A 11 12.19 6.22 15.47
CA SER A 11 11.38 5.65 14.39
C SER A 11 10.25 6.58 14.00
N THR A 12 10.35 7.18 12.82
CA THR A 12 9.33 8.10 12.33
C THR A 12 8.09 7.35 11.86
N PHE A 13 8.28 6.48 10.88
CA PHE A 13 7.17 5.70 10.33
C PHE A 13 6.31 5.12 11.45
N ALA A 14 6.97 4.63 12.50
CA ALA A 14 6.25 4.06 13.64
C ALA A 14 5.04 4.90 14.01
N ASP A 15 5.23 6.21 14.06
CA ASP A 15 4.15 7.13 14.41
C ASP A 15 2.95 6.92 13.48
N GLN A 16 3.23 6.77 12.19
CA GLN A 16 2.16 6.57 11.21
C GLN A 16 1.41 5.28 11.48
N GLU A 17 2.14 4.22 11.80
CA GLU A 17 1.53 2.92 12.09
C GLU A 17 0.39 3.07 13.09
N ALA A 18 0.61 3.88 14.12
CA ALA A 18 -0.41 4.11 15.14
C ALA A 18 -1.76 4.44 14.51
N GLU A 19 -1.73 5.28 13.48
CA GLU A 19 -2.96 5.68 12.80
C GLU A 19 -3.22 4.79 11.59
N LEU A 20 -2.72 3.56 11.65
CA LEU A 20 -2.91 2.59 10.57
C LEU A 20 -3.42 1.26 11.11
N LEU A 21 -3.00 0.92 12.32
CA LEU A 21 -3.41 -0.33 12.95
C LEU A 21 -4.93 -0.37 13.14
N GLY A 22 -5.55 -1.44 12.65
CA GLY A 22 -6.99 -1.58 12.78
C GLY A 22 -7.71 -1.34 11.47
N LYS A 23 -7.21 -0.39 10.68
CA LYS A 23 -7.81 -0.07 9.40
C LYS A 23 -8.20 -1.33 8.64
N PRO A 24 -9.39 -1.30 8.02
CA PRO A 24 -9.91 -2.44 7.24
C PRO A 24 -9.12 -2.68 5.96
N TRP A 25 -8.18 -1.79 5.69
CA TRP A 25 -7.35 -1.90 4.48
C TRP A 25 -5.90 -2.19 4.85
N TYR A 26 -5.51 -1.80 6.05
CA TYR A 26 -4.14 -2.01 6.52
C TYR A 26 -3.85 -3.51 6.69
N ALA A 27 -3.20 -4.09 5.70
CA ALA A 27 -2.87 -5.51 5.74
C ALA A 27 -1.85 -5.80 6.83
N GLY A 28 -1.13 -4.77 7.26
CA GLY A 28 -0.14 -4.93 8.31
C GLY A 28 1.19 -5.43 7.77
N ALA A 29 1.67 -6.54 8.33
CA ALA A 29 2.94 -7.12 7.90
C ALA A 29 2.72 -8.45 7.21
N CYS A 30 1.68 -8.53 6.39
CA CYS A 30 1.36 -9.76 5.68
C CYS A 30 2.27 -9.93 4.47
N ASP A 31 2.34 -11.15 3.95
CA ASP A 31 3.18 -11.44 2.78
C ASP A 31 2.50 -11.00 1.50
N ARG A 32 3.28 -10.94 0.42
CA ARG A 32 2.76 -10.53 -0.88
C ARG A 32 1.67 -11.48 -1.35
N LYS A 33 1.84 -12.77 -1.06
CA LYS A 33 0.88 -13.78 -1.46
C LYS A 33 -0.47 -13.54 -0.78
N SER A 34 -0.48 -13.60 0.55
CA SER A 34 -1.69 -13.40 1.32
C SER A 34 -2.50 -12.22 0.78
N ALA A 35 -1.79 -11.16 0.40
CA ALA A 35 -2.43 -9.96 -0.14
C ALA A 35 -3.10 -10.27 -1.48
N GLU A 36 -2.42 -11.04 -2.31
CA GLU A 36 -2.95 -11.40 -3.63
C GLU A 36 -4.08 -12.42 -3.49
N GLU A 37 -4.03 -13.22 -2.44
CA GLU A 37 -5.05 -14.23 -2.20
C GLU A 37 -6.33 -13.59 -1.67
N ALA A 38 -6.22 -12.91 -0.55
CA ALA A 38 -7.38 -12.25 0.06
C ALA A 38 -8.07 -11.31 -0.93
N LEU A 39 -7.31 -10.86 -1.93
CA LEU A 39 -7.84 -9.96 -2.94
C LEU A 39 -8.49 -10.75 -4.07
N HIS A 40 -7.76 -11.71 -4.62
CA HIS A 40 -8.28 -12.53 -5.71
C HIS A 40 -9.52 -13.31 -5.27
N ARG A 41 -9.59 -13.63 -3.99
CA ARG A 41 -10.72 -14.37 -3.44
C ARG A 41 -11.96 -13.49 -3.37
N SER A 42 -11.75 -12.22 -3.04
CA SER A 42 -12.85 -11.27 -2.94
C SER A 42 -13.64 -11.20 -4.24
N ASN A 43 -12.92 -11.11 -5.36
CA ASN A 43 -13.56 -11.04 -6.67
C ASN A 43 -14.43 -9.79 -6.78
N LYS A 44 -13.93 -8.68 -6.25
CA LYS A 44 -14.66 -7.42 -6.29
C LYS A 44 -13.76 -6.28 -6.77
N ASP A 45 -13.60 -6.17 -8.08
CA ASP A 45 -12.76 -5.12 -8.67
C ASP A 45 -12.88 -3.83 -7.87
N GLY A 46 -11.75 -3.33 -7.36
CA GLY A 46 -11.75 -2.11 -6.59
C GLY A 46 -11.10 -2.29 -5.23
N SER A 47 -11.13 -3.50 -4.72
CA SER A 47 -10.54 -3.80 -3.42
C SER A 47 -9.11 -3.29 -3.33
N PHE A 48 -8.61 -3.10 -2.12
CA PHE A 48 -7.26 -2.61 -1.91
C PHE A 48 -6.78 -2.91 -0.48
N LEU A 49 -5.48 -3.08 -0.33
CA LEU A 49 -4.89 -3.37 0.98
C LEU A 49 -3.42 -2.95 1.03
N ILE A 50 -3.05 -2.29 2.11
CA ILE A 50 -1.67 -1.84 2.28
C ILE A 50 -0.84 -2.87 3.03
N ARG A 51 0.29 -3.25 2.43
CA ARG A 51 1.18 -4.24 3.04
C ARG A 51 2.53 -3.62 3.39
N LYS A 52 2.94 -3.79 4.64
CA LYS A 52 4.21 -3.25 5.11
C LYS A 52 5.38 -3.96 4.44
N SER A 53 6.41 -3.19 4.09
CA SER A 53 7.59 -3.73 3.44
C SER A 53 8.80 -3.70 4.37
N SER A 54 9.87 -4.36 3.97
CA SER A 54 11.09 -4.40 4.77
C SER A 54 12.26 -3.75 4.04
N GLY A 55 13.39 -3.65 4.72
CA GLY A 55 14.56 -3.03 4.12
C GLY A 55 14.27 -1.69 3.50
N HIS A 56 15.24 -1.13 2.78
CA HIS A 56 15.08 0.17 2.14
C HIS A 56 14.00 0.09 1.05
N ASP A 57 14.23 -0.75 0.06
CA ASP A 57 13.28 -0.92 -1.04
C ASP A 57 12.78 0.43 -1.52
N SER A 58 13.71 1.34 -1.82
CA SER A 58 13.36 2.68 -2.29
C SER A 58 12.54 3.43 -1.23
N LYS A 59 13.11 3.52 -0.03
CA LYS A 59 12.44 4.22 1.07
C LYS A 59 10.94 3.97 1.04
N GLN A 60 10.55 2.75 0.67
CA GLN A 60 9.14 2.40 0.61
C GLN A 60 8.73 1.55 1.81
N PRO A 61 8.18 2.22 2.83
CA PRO A 61 7.74 1.55 4.07
C PRO A 61 6.51 0.69 3.84
N TYR A 62 5.59 1.17 3.02
CA TYR A 62 4.36 0.44 2.72
C TYR A 62 4.11 0.38 1.21
N THR A 63 3.16 -0.46 0.81
CA THR A 63 2.83 -0.62 -0.60
C THR A 63 1.33 -0.82 -0.79
N LEU A 64 0.74 -0.03 -1.68
CA LEU A 64 -0.69 -0.12 -1.96
C LEU A 64 -0.96 -1.16 -3.04
N VAL A 65 -1.84 -2.10 -2.73
CA VAL A 65 -2.21 -3.15 -3.67
C VAL A 65 -3.67 -3.05 -4.08
N ALA A 66 -3.90 -2.55 -5.29
CA ALA A 66 -5.26 -2.40 -5.80
C ALA A 66 -5.68 -3.63 -6.60
N PHE A 67 -6.77 -4.27 -6.15
CA PHE A 67 -7.27 -5.46 -6.83
C PHE A 67 -8.17 -5.08 -8.00
N PHE A 68 -7.79 -5.55 -9.19
CA PHE A 68 -8.56 -5.26 -10.40
C PHE A 68 -9.26 -6.51 -10.91
N ASN A 69 -10.03 -6.35 -11.99
CA ASN A 69 -10.75 -7.47 -12.58
C ASN A 69 -9.88 -8.71 -12.67
N LYS A 70 -9.92 -9.55 -11.63
CA LYS A 70 -9.13 -10.77 -11.60
C LYS A 70 -7.65 -10.46 -11.73
N ARG A 71 -7.22 -9.35 -11.12
CA ARG A 71 -5.82 -8.95 -11.17
C ARG A 71 -5.41 -8.28 -9.87
N VAL A 72 -4.11 -8.05 -9.71
CA VAL A 72 -3.58 -7.42 -8.50
C VAL A 72 -2.35 -6.57 -8.82
N TYR A 73 -2.43 -5.28 -8.50
CA TYR A 73 -1.32 -4.36 -8.75
C TYR A 73 -0.77 -3.81 -7.44
N ASN A 74 0.46 -4.19 -7.11
CA ASN A 74 1.11 -3.73 -5.89
C ASN A 74 2.05 -2.57 -6.18
N ILE A 75 1.59 -1.35 -5.92
CA ILE A 75 2.40 -0.16 -6.15
C ILE A 75 3.14 0.26 -4.89
N PRO A 76 4.46 0.44 -5.01
CA PRO A 76 5.32 0.85 -3.88
C PRO A 76 5.06 2.28 -3.45
N VAL A 77 4.67 2.46 -2.19
CA VAL A 77 4.39 3.79 -1.65
C VAL A 77 5.68 4.47 -1.19
N ARG A 78 6.43 5.02 -2.14
CA ARG A 78 7.68 5.71 -1.83
C ARG A 78 7.43 6.87 -0.88
N PHE A 79 8.48 7.25 -0.14
CA PHE A 79 8.38 8.34 0.81
C PHE A 79 9.52 9.34 0.61
N ILE A 80 9.16 10.60 0.38
CA ILE A 80 10.15 11.65 0.18
C ILE A 80 10.33 12.49 1.44
N GLU A 81 11.55 12.49 1.97
CA GLU A 81 11.86 13.25 3.17
C GLU A 81 11.89 14.75 2.88
N ALA A 82 12.38 15.11 1.70
CA ALA A 82 12.46 16.51 1.30
C ALA A 82 11.27 17.29 1.82
N THR A 83 10.09 16.67 1.77
CA THR A 83 8.87 17.32 2.24
C THR A 83 8.07 16.40 3.15
N LYS A 84 8.66 15.25 3.48
CA LYS A 84 8.00 14.27 4.34
C LYS A 84 6.65 13.86 3.77
N GLN A 85 6.60 13.69 2.45
CA GLN A 85 5.37 13.29 1.78
C GLN A 85 5.48 11.88 1.22
N TYR A 86 4.40 11.38 0.65
CA TYR A 86 4.38 10.04 0.09
C TYR A 86 4.06 10.08 -1.40
N ALA A 87 4.55 9.09 -2.14
CA ALA A 87 4.32 9.00 -3.57
C ALA A 87 3.98 7.58 -4.00
N LEU A 88 3.53 7.43 -5.24
CA LEU A 88 3.17 6.12 -5.77
C LEU A 88 4.12 5.70 -6.88
N GLY A 89 4.60 4.46 -6.81
CA GLY A 89 5.51 3.96 -7.82
C GLY A 89 6.90 4.56 -7.70
N LYS A 90 7.83 4.07 -8.52
CA LYS A 90 9.20 4.57 -8.50
C LYS A 90 9.42 5.60 -9.59
N LYS A 91 8.48 5.68 -10.52
CA LYS A 91 8.57 6.63 -11.63
C LYS A 91 7.19 6.96 -12.18
N LYS A 92 6.90 8.25 -12.32
CA LYS A 92 5.61 8.70 -12.84
C LYS A 92 5.68 10.17 -13.26
N ASN A 93 4.90 10.51 -14.28
CA ASN A 93 4.86 11.88 -14.77
C ASN A 93 3.95 12.76 -13.92
N GLY A 94 4.54 13.78 -13.30
CA GLY A 94 3.78 14.69 -12.46
C GLY A 94 3.09 13.95 -11.30
N GLU A 95 3.87 13.15 -10.58
CA GLU A 95 3.34 12.40 -9.46
C GLU A 95 2.90 13.34 -8.34
N GLU A 96 1.64 13.22 -7.92
CA GLU A 96 1.10 14.06 -6.87
C GLU A 96 1.65 13.64 -5.51
N TYR A 97 2.14 14.62 -4.75
CA TYR A 97 2.70 14.35 -3.43
C TYR A 97 1.62 14.42 -2.35
N PHE A 98 1.63 13.43 -1.47
CA PHE A 98 0.64 13.37 -0.39
C PHE A 98 1.30 13.62 0.96
N GLY A 99 0.50 14.04 1.93
CA GLY A 99 1.02 14.32 3.26
C GLY A 99 1.42 13.05 4.00
N SER A 100 0.61 12.00 3.85
CA SER A 100 0.88 10.73 4.51
C SER A 100 0.22 9.58 3.76
N VAL A 101 0.45 8.36 4.24
CA VAL A 101 -0.13 7.18 3.61
C VAL A 101 -1.65 7.23 3.63
N VAL A 102 -2.22 7.52 4.80
CA VAL A 102 -3.66 7.61 4.95
C VAL A 102 -4.27 8.48 3.86
N GLU A 103 -3.74 9.68 3.69
CA GLU A 103 -4.23 10.60 2.68
C GLU A 103 -4.34 9.91 1.32
N ILE A 104 -3.30 9.16 0.96
CA ILE A 104 -3.28 8.45 -0.32
C ILE A 104 -4.55 7.63 -0.51
N VAL A 105 -4.98 6.95 0.55
CA VAL A 105 -6.18 6.12 0.49
C VAL A 105 -7.44 6.99 0.55
N ASN A 106 -7.53 7.82 1.60
CA ASN A 106 -8.68 8.69 1.77
C ASN A 106 -9.01 9.43 0.47
N SER A 107 -7.99 10.06 -0.11
CA SER A 107 -8.18 10.81 -1.35
C SER A 107 -8.55 9.88 -2.49
N HIS A 108 -7.77 8.81 -2.66
CA HIS A 108 -8.03 7.84 -3.71
C HIS A 108 -9.48 7.36 -3.69
N GLN A 109 -9.97 7.07 -2.50
CA GLN A 109 -11.35 6.62 -2.34
C GLN A 109 -12.27 7.28 -3.36
N HIS A 110 -12.06 8.56 -3.59
CA HIS A 110 -12.86 9.31 -4.55
C HIS A 110 -12.13 9.46 -5.89
N ASN A 111 -10.85 9.82 -5.82
CA ASN A 111 -10.04 9.99 -7.01
C ASN A 111 -9.43 8.67 -7.46
N PRO A 112 -9.54 8.38 -8.76
CA PRO A 112 -9.01 7.13 -9.34
C PRO A 112 -7.48 7.13 -9.37
N LEU A 113 -6.90 5.96 -9.12
CA LEU A 113 -5.45 5.81 -9.11
C LEU A 113 -4.98 4.91 -10.25
N VAL A 114 -4.66 5.52 -11.38
CA VAL A 114 -4.20 4.77 -12.55
C VAL A 114 -3.34 3.58 -12.14
N LEU A 115 -3.54 2.45 -12.80
CA LEU A 115 -2.78 1.24 -12.50
C LEU A 115 -2.13 0.69 -13.77
N ILE A 116 -0.84 0.38 -13.67
CA ILE A 116 -0.10 -0.17 -14.80
C ILE A 116 0.73 -1.38 -14.38
N ASP A 117 0.88 -2.33 -15.30
CA ASP A 117 1.65 -3.54 -15.03
C ASP A 117 3.02 -3.48 -15.71
N SER A 118 3.99 -2.92 -15.01
CA SER A 118 5.34 -2.79 -15.54
C SER A 118 5.33 -2.10 -16.90
N GLN A 119 4.62 -0.97 -16.98
CA GLN A 119 4.52 -0.22 -18.23
C GLN A 119 4.16 -1.13 -19.39
N ASN A 120 3.17 -1.99 -19.17
CA ASN A 120 2.73 -2.92 -20.21
C ASN A 120 1.69 -2.27 -21.12
N ASN A 121 1.87 -0.98 -21.39
CA ASN A 121 0.96 -0.24 -22.25
C ASN A 121 -0.49 -0.47 -21.82
N THR A 122 -0.73 -0.41 -20.50
CA THR A 122 -2.06 -0.61 -19.96
C THR A 122 -2.30 0.29 -18.75
N LYS A 123 -3.25 1.22 -18.89
CA LYS A 123 -3.58 2.13 -17.82
C LYS A 123 -5.01 1.92 -17.33
N ASP A 124 -5.17 1.10 -16.30
CA ASP A 124 -6.50 0.82 -15.75
C ASP A 124 -6.66 1.47 -14.38
N SER A 125 -7.20 2.68 -14.37
CA SER A 125 -7.41 3.40 -13.12
C SER A 125 -8.67 2.92 -12.41
N THR A 126 -8.74 3.18 -11.11
CA THR A 126 -9.90 2.76 -10.31
C THR A 126 -9.83 3.36 -8.91
N ARG A 127 -10.98 3.79 -8.40
CA ARG A 127 -11.06 4.38 -7.08
C ARG A 127 -11.32 3.30 -6.02
N LEU A 128 -10.65 3.44 -4.88
CA LEU A 128 -10.81 2.49 -3.78
C LEU A 128 -12.26 2.42 -3.31
N LYS A 129 -12.90 1.27 -3.51
CA LYS A 129 -14.28 1.08 -3.12
C LYS A 129 -14.38 0.08 -1.96
N TYR A 130 -13.64 -1.02 -2.09
CA TYR A 130 -13.64 -2.06 -1.06
C TYR A 130 -12.32 -2.08 -0.30
N ALA A 131 -12.37 -2.56 0.94
CA ALA A 131 -11.18 -2.64 1.77
C ALA A 131 -11.00 -4.04 2.35
N VAL A 132 -10.20 -4.86 1.67
CA VAL A 132 -9.95 -6.22 2.12
C VAL A 132 -8.63 -6.32 2.86
N LYS A 133 -8.70 -6.38 4.19
CA LYS A 133 -7.52 -6.48 5.02
C LYS A 133 -7.20 -7.94 5.35
N VAL A 134 -6.09 -8.44 4.79
CA VAL A 134 -5.67 -9.81 5.01
C VAL A 134 -5.60 -10.13 6.50
N SER A 135 -5.13 -11.33 6.83
CA SER A 135 -5.02 -11.75 8.22
C SER A 135 -4.35 -13.12 8.31
N SER A 136 -3.17 -13.15 8.93
CA SER A 136 -2.42 -14.40 9.08
C SER A 136 -2.77 -15.08 10.41
N GLY A 137 -2.30 -16.31 10.57
CA GLY A 137 -2.57 -17.05 11.80
C GLY A 137 -1.88 -18.40 11.83
N PRO A 138 -0.55 -18.39 11.98
CA PRO A 138 0.26 -19.61 12.01
C PRO A 138 0.02 -20.42 13.29
N SER A 139 -0.12 -21.72 13.14
CA SER A 139 -0.35 -22.61 14.28
C SER A 139 0.15 -24.02 13.98
N SER A 140 0.69 -24.67 14.99
CA SER A 140 1.20 -26.03 14.85
C SER A 140 2.45 -26.05 13.97
N GLY A 141 3.33 -25.07 14.18
CA GLY A 141 4.55 -24.98 13.41
C GLY A 141 4.81 -23.59 12.88
N GLY A 1 11.98 -6.86 8.03
CA GLY A 1 11.14 -7.55 8.98
C GLY A 1 11.87 -7.87 10.27
N SER A 2 11.76 -6.98 11.25
CA SER A 2 12.42 -7.17 12.54
C SER A 2 13.89 -7.52 12.35
N SER A 3 14.54 -6.83 11.41
CA SER A 3 15.95 -7.07 11.13
C SER A 3 16.65 -5.77 10.77
N GLY A 4 17.86 -5.59 11.31
CA GLY A 4 18.63 -4.38 11.03
C GLY A 4 17.74 -3.16 10.92
N SER A 5 17.05 -2.83 12.00
CA SER A 5 16.17 -1.66 12.01
C SER A 5 16.76 -0.53 12.84
N SER A 6 17.65 0.24 12.22
CA SER A 6 18.30 1.36 12.91
C SER A 6 17.31 2.50 13.12
N GLY A 7 16.88 2.68 14.37
CA GLY A 7 15.94 3.74 14.68
C GLY A 7 16.47 4.67 15.76
N PRO A 8 17.37 5.58 15.37
CA PRO A 8 17.97 6.55 16.30
C PRO A 8 16.98 7.60 16.76
N PHE A 9 16.32 7.34 17.89
CA PHE A 9 15.34 8.26 18.44
C PHE A 9 14.58 8.98 17.32
N ASN A 10 14.20 8.23 16.29
CA ASN A 10 13.48 8.79 15.17
C ASN A 10 12.20 8.00 14.90
N SER A 11 11.11 8.41 15.54
CA SER A 11 9.82 7.75 15.37
C SER A 11 8.94 8.51 14.37
N THR A 12 9.49 8.77 13.20
CA THR A 12 8.76 9.49 12.16
C THR A 12 7.65 8.63 11.58
N PHE A 13 8.01 7.45 11.08
CA PHE A 13 7.03 6.54 10.50
C PHE A 13 6.19 5.87 11.59
N ALA A 14 6.87 5.33 12.61
CA ALA A 14 6.19 4.67 13.70
C ALA A 14 4.86 5.35 14.02
N ASP A 15 4.88 6.67 14.13
CA ASP A 15 3.68 7.43 14.42
C ASP A 15 2.56 7.09 13.44
N GLN A 16 2.89 7.08 12.15
CA GLN A 16 1.92 6.76 11.11
C GLN A 16 1.28 5.40 11.36
N GLU A 17 2.08 4.45 11.84
CA GLU A 17 1.59 3.10 12.11
C GLU A 17 0.39 3.14 13.06
N ALA A 18 0.46 4.03 14.06
CA ALA A 18 -0.62 4.16 15.03
C ALA A 18 -1.94 4.47 14.33
N GLU A 19 -1.87 5.20 13.22
CA GLU A 19 -3.07 5.55 12.47
C GLU A 19 -3.28 4.60 11.29
N LEU A 20 -2.74 3.40 11.41
CA LEU A 20 -2.86 2.39 10.36
C LEU A 20 -3.38 1.07 10.93
N LEU A 21 -3.03 0.80 12.18
CA LEU A 21 -3.46 -0.43 12.84
C LEU A 21 -4.97 -0.46 13.02
N GLY A 22 -5.59 -1.55 12.58
CA GLY A 22 -7.04 -1.68 12.69
C GLY A 22 -7.75 -1.44 11.38
N LYS A 23 -7.20 -0.55 10.56
CA LYS A 23 -7.79 -0.23 9.27
C LYS A 23 -8.21 -1.51 8.54
N PRO A 24 -9.38 -1.46 7.89
CA PRO A 24 -9.92 -2.60 7.14
C PRO A 24 -9.12 -2.87 5.86
N TRP A 25 -8.16 -2.01 5.57
CA TRP A 25 -7.33 -2.15 4.38
C TRP A 25 -5.89 -2.45 4.76
N TYR A 26 -5.50 -2.04 5.96
CA TYR A 26 -4.14 -2.26 6.45
C TYR A 26 -3.87 -3.75 6.65
N ALA A 27 -3.29 -4.39 5.64
CA ALA A 27 -2.98 -5.82 5.71
C ALA A 27 -1.86 -6.08 6.70
N GLY A 28 -1.13 -5.03 7.07
CA GLY A 28 -0.05 -5.17 8.01
C GLY A 28 1.20 -5.76 7.37
N ALA A 29 1.97 -6.50 8.17
CA ALA A 29 3.20 -7.11 7.66
C ALA A 29 2.96 -8.57 7.27
N CYS A 30 1.88 -8.81 6.54
CA CYS A 30 1.54 -10.15 6.10
C CYS A 30 2.31 -10.52 4.83
N ASP A 31 2.36 -11.81 4.53
CA ASP A 31 3.06 -12.30 3.35
C ASP A 31 2.43 -11.75 2.07
N ARG A 32 3.28 -11.41 1.11
CA ARG A 32 2.81 -10.87 -0.16
C ARG A 32 1.71 -11.75 -0.75
N LYS A 33 2.01 -13.03 -0.92
CA LYS A 33 1.05 -13.98 -1.46
C LYS A 33 -0.32 -13.79 -0.84
N SER A 34 -0.39 -13.89 0.47
CA SER A 34 -1.65 -13.73 1.19
C SER A 34 -2.36 -12.45 0.77
N ALA A 35 -1.63 -11.34 0.78
CA ALA A 35 -2.18 -10.05 0.40
C ALA A 35 -2.90 -10.14 -0.95
N GLU A 36 -2.26 -10.78 -1.91
CA GLU A 36 -2.84 -10.94 -3.25
C GLU A 36 -4.03 -11.88 -3.21
N GLU A 37 -3.91 -12.95 -2.43
CA GLU A 37 -4.97 -13.95 -2.31
C GLU A 37 -6.23 -13.32 -1.72
N ALA A 38 -6.11 -12.77 -0.52
CA ALA A 38 -7.24 -12.14 0.15
C ALA A 38 -8.00 -11.21 -0.81
N LEU A 39 -7.29 -10.71 -1.81
CA LEU A 39 -7.88 -9.81 -2.79
C LEU A 39 -8.49 -10.60 -3.95
N HIS A 40 -7.75 -11.56 -4.47
CA HIS A 40 -8.22 -12.40 -5.57
C HIS A 40 -9.47 -13.17 -5.18
N ARG A 41 -9.59 -13.48 -3.88
CA ARG A 41 -10.73 -14.22 -3.38
C ARG A 41 -11.99 -13.35 -3.38
N SER A 42 -11.82 -12.10 -2.98
CA SER A 42 -12.95 -11.16 -2.94
C SER A 42 -13.67 -11.11 -4.27
N ASN A 43 -12.91 -10.88 -5.34
CA ASN A 43 -13.48 -10.80 -6.69
C ASN A 43 -14.34 -9.56 -6.84
N LYS A 44 -13.86 -8.44 -6.31
CA LYS A 44 -14.59 -7.18 -6.40
C LYS A 44 -13.68 -6.05 -6.88
N ASP A 45 -13.56 -5.92 -8.20
CA ASP A 45 -12.73 -4.89 -8.79
C ASP A 45 -12.84 -3.59 -8.00
N GLY A 46 -11.73 -3.19 -7.37
CA GLY A 46 -11.72 -1.96 -6.58
C GLY A 46 -11.09 -2.16 -5.22
N SER A 47 -11.12 -3.39 -4.72
CA SER A 47 -10.56 -3.70 -3.42
C SER A 47 -9.12 -3.18 -3.31
N PHE A 48 -8.69 -2.92 -2.07
CA PHE A 48 -7.35 -2.41 -1.83
C PHE A 48 -6.87 -2.78 -0.43
N LEU A 49 -5.55 -2.82 -0.25
CA LEU A 49 -4.97 -3.16 1.03
C LEU A 49 -3.49 -2.81 1.07
N ILE A 50 -3.10 -2.04 2.09
CA ILE A 50 -1.71 -1.63 2.24
C ILE A 50 -0.90 -2.68 3.02
N ARG A 51 0.19 -3.13 2.41
CA ARG A 51 1.04 -4.14 3.05
C ARG A 51 2.41 -3.56 3.36
N LYS A 52 2.78 -3.59 4.64
CA LYS A 52 4.07 -3.08 5.08
C LYS A 52 5.18 -3.50 4.13
N SER A 53 6.24 -2.69 4.07
CA SER A 53 7.36 -2.98 3.19
C SER A 53 7.61 -4.49 3.10
N SER A 54 7.94 -4.95 1.90
CA SER A 54 8.20 -6.38 1.69
C SER A 54 9.21 -6.91 2.69
N GLY A 55 10.27 -6.14 2.92
CA GLY A 55 11.30 -6.55 3.86
C GLY A 55 12.64 -5.91 3.56
N HIS A 56 12.95 -5.74 2.29
CA HIS A 56 14.21 -5.15 1.88
C HIS A 56 13.98 -3.80 1.19
N ASP A 57 13.90 -2.75 2.00
CA ASP A 57 13.69 -1.40 1.47
C ASP A 57 13.77 -0.37 2.59
N SER A 58 14.01 0.89 2.20
CA SER A 58 14.11 1.97 3.17
C SER A 58 13.23 3.15 2.76
N LYS A 59 13.29 3.50 1.48
CA LYS A 59 12.50 4.61 0.95
C LYS A 59 11.03 4.23 0.86
N GLN A 60 10.76 2.95 0.69
CA GLN A 60 9.39 2.45 0.59
C GLN A 60 8.96 1.74 1.86
N PRO A 61 8.43 2.51 2.83
CA PRO A 61 7.98 1.97 4.11
C PRO A 61 6.72 1.11 3.98
N TYR A 62 5.84 1.51 3.07
CA TYR A 62 4.61 0.77 2.83
C TYR A 62 4.36 0.56 1.34
N THR A 63 3.35 -0.22 1.01
CA THR A 63 3.01 -0.51 -0.38
C THR A 63 1.50 -0.65 -0.56
N LEU A 64 1.01 -0.22 -1.72
CA LEU A 64 -0.41 -0.29 -2.02
C LEU A 64 -0.71 -1.49 -2.92
N VAL A 65 -1.88 -2.09 -2.71
CA VAL A 65 -2.30 -3.24 -3.51
C VAL A 65 -3.71 -3.08 -4.03
N ALA A 66 -3.83 -2.64 -5.28
CA ALA A 66 -5.13 -2.43 -5.91
C ALA A 66 -5.56 -3.66 -6.70
N PHE A 67 -6.71 -4.21 -6.35
CA PHE A 67 -7.24 -5.39 -7.03
C PHE A 67 -8.17 -4.99 -8.16
N PHE A 68 -7.78 -5.33 -9.39
CA PHE A 68 -8.58 -5.00 -10.56
C PHE A 68 -9.31 -6.24 -11.08
N ASN A 69 -9.93 -6.10 -12.25
CA ASN A 69 -10.67 -7.21 -12.85
C ASN A 69 -9.83 -8.49 -12.83
N LYS A 70 -10.05 -9.32 -11.83
CA LYS A 70 -9.32 -10.57 -11.69
C LYS A 70 -7.82 -10.34 -11.77
N ARG A 71 -7.34 -9.38 -10.99
CA ARG A 71 -5.91 -9.06 -10.96
C ARG A 71 -5.59 -8.12 -9.80
N VAL A 72 -4.30 -7.94 -9.53
CA VAL A 72 -3.86 -7.07 -8.46
C VAL A 72 -2.57 -6.34 -8.83
N TYR A 73 -2.46 -5.08 -8.39
CA TYR A 73 -1.28 -4.28 -8.69
C TYR A 73 -0.59 -3.84 -7.40
N ASN A 74 0.71 -4.15 -7.30
CA ASN A 74 1.49 -3.78 -6.12
C ASN A 74 2.35 -2.56 -6.40
N ILE A 75 1.90 -1.40 -5.92
CA ILE A 75 2.63 -0.16 -6.11
C ILE A 75 3.34 0.26 -4.83
N PRO A 76 4.67 0.44 -4.92
CA PRO A 76 5.50 0.84 -3.78
C PRO A 76 5.24 2.28 -3.36
N VAL A 77 4.80 2.48 -2.12
CA VAL A 77 4.53 3.81 -1.60
C VAL A 77 5.79 4.49 -1.10
N ARG A 78 6.58 5.03 -2.02
CA ARG A 78 7.82 5.71 -1.66
C ARG A 78 7.56 6.85 -0.70
N PHE A 79 8.64 7.43 -0.16
CA PHE A 79 8.52 8.54 0.77
C PHE A 79 9.69 9.51 0.60
N ILE A 80 9.37 10.75 0.26
CA ILE A 80 10.38 11.78 0.06
C ILE A 80 10.67 12.53 1.35
N GLU A 81 11.93 12.62 1.72
CA GLU A 81 12.34 13.32 2.94
C GLU A 81 12.32 14.83 2.73
N ALA A 82 12.94 15.28 1.64
CA ALA A 82 12.99 16.70 1.32
C ALA A 82 11.71 17.40 1.75
N THR A 83 10.58 16.72 1.58
CA THR A 83 9.28 17.29 1.94
C THR A 83 8.54 16.37 2.91
N LYS A 84 9.14 15.22 3.21
CA LYS A 84 8.53 14.25 4.12
C LYS A 84 7.14 13.87 3.64
N GLN A 85 6.98 13.66 2.34
CA GLN A 85 5.70 13.29 1.76
C GLN A 85 5.76 11.88 1.19
N TYR A 86 4.60 11.35 0.83
CA TYR A 86 4.51 10.01 0.26
C TYR A 86 4.19 10.06 -1.23
N ALA A 87 4.60 9.03 -1.95
CA ALA A 87 4.35 8.96 -3.39
C ALA A 87 4.02 7.54 -3.83
N LEU A 88 3.52 7.39 -5.04
CA LEU A 88 3.17 6.08 -5.58
C LEU A 88 4.14 5.66 -6.68
N GLY A 89 4.58 4.41 -6.62
CA GLY A 89 5.51 3.90 -7.62
C GLY A 89 6.89 4.52 -7.50
N LYS A 90 7.78 4.17 -8.42
CA LYS A 90 9.14 4.71 -8.41
C LYS A 90 9.28 5.83 -9.44
N LYS A 91 8.31 5.94 -10.33
CA LYS A 91 8.32 6.97 -11.37
C LYS A 91 6.93 7.19 -11.94
N LYS A 92 6.58 8.45 -12.15
CA LYS A 92 5.28 8.81 -12.69
C LYS A 92 5.24 10.27 -13.12
N ASN A 93 5.04 10.50 -14.42
CA ASN A 93 4.98 11.85 -14.96
C ASN A 93 3.95 12.70 -14.20
N GLY A 94 4.42 13.77 -13.58
CA GLY A 94 3.54 14.65 -12.84
C GLY A 94 2.73 13.89 -11.79
N GLU A 95 3.42 13.29 -10.83
CA GLU A 95 2.75 12.55 -9.77
C GLU A 95 2.40 13.45 -8.60
N GLU A 96 1.24 13.22 -8.01
CA GLU A 96 0.78 14.02 -6.88
C GLU A 96 1.35 13.49 -5.56
N TYR A 97 1.87 14.38 -4.75
CA TYR A 97 2.46 13.99 -3.46
C TYR A 97 1.43 14.11 -2.34
N PHE A 98 1.52 13.21 -1.36
CA PHE A 98 0.60 13.21 -0.24
C PHE A 98 1.35 13.39 1.08
N GLY A 99 0.62 13.73 2.13
CA GLY A 99 1.23 13.92 3.43
C GLY A 99 1.51 12.61 4.14
N SER A 100 0.59 11.66 4.01
CA SER A 100 0.73 10.36 4.65
C SER A 100 0.07 9.27 3.82
N VAL A 101 0.20 8.02 4.26
CA VAL A 101 -0.38 6.89 3.55
C VAL A 101 -1.90 6.96 3.59
N VAL A 102 -2.45 7.24 4.76
CA VAL A 102 -3.90 7.33 4.93
C VAL A 102 -4.52 8.26 3.89
N GLU A 103 -3.88 9.41 3.68
CA GLU A 103 -4.37 10.38 2.71
C GLU A 103 -4.47 9.76 1.33
N ILE A 104 -3.45 9.01 0.94
CA ILE A 104 -3.43 8.36 -0.36
C ILE A 104 -4.67 7.51 -0.58
N VAL A 105 -5.12 6.84 0.48
CA VAL A 105 -6.31 6.00 0.41
C VAL A 105 -7.58 6.83 0.46
N ASN A 106 -7.70 7.66 1.49
CA ASN A 106 -8.87 8.52 1.66
C ASN A 106 -9.16 9.29 0.38
N SER A 107 -8.13 9.91 -0.19
CA SER A 107 -8.29 10.68 -1.42
C SER A 107 -8.62 9.77 -2.59
N HIS A 108 -7.94 8.63 -2.67
CA HIS A 108 -8.18 7.67 -3.75
C HIS A 108 -9.62 7.18 -3.73
N GLN A 109 -10.16 6.96 -2.53
CA GLN A 109 -11.52 6.48 -2.39
C GLN A 109 -12.44 7.13 -3.41
N HIS A 110 -12.25 8.42 -3.63
CA HIS A 110 -13.07 9.17 -4.59
C HIS A 110 -12.34 9.30 -5.93
N ASN A 111 -11.10 9.78 -5.88
CA ASN A 111 -10.30 9.96 -7.08
C ASN A 111 -9.68 8.64 -7.52
N PRO A 112 -9.77 8.34 -8.82
CA PRO A 112 -9.21 7.11 -9.40
C PRO A 112 -7.69 7.10 -9.39
N LEU A 113 -7.11 5.93 -9.17
CA LEU A 113 -5.65 5.78 -9.14
C LEU A 113 -5.17 4.98 -10.35
N VAL A 114 -4.97 5.66 -11.47
CA VAL A 114 -4.49 5.02 -12.68
C VAL A 114 -3.36 4.04 -12.39
N LEU A 115 -3.48 2.83 -12.91
CA LEU A 115 -2.46 1.79 -12.70
C LEU A 115 -1.80 1.42 -14.02
N ILE A 116 -0.70 2.10 -14.34
CA ILE A 116 0.03 1.83 -15.57
C ILE A 116 1.16 0.83 -15.32
N ASP A 117 0.84 -0.45 -15.40
CA ASP A 117 1.82 -1.50 -15.20
C ASP A 117 2.50 -1.87 -16.50
N SER A 118 3.79 -1.58 -16.60
CA SER A 118 4.56 -1.88 -17.81
C SER A 118 4.07 -3.17 -18.45
N GLN A 119 3.69 -4.13 -17.62
CA GLN A 119 3.20 -5.41 -18.11
C GLN A 119 2.08 -5.22 -19.13
N ASN A 120 2.42 -5.31 -20.41
CA ASN A 120 1.44 -5.14 -21.47
C ASN A 120 0.83 -3.74 -21.44
N ASN A 121 1.62 -2.78 -20.98
CA ASN A 121 1.15 -1.40 -20.90
C ASN A 121 -0.32 -1.33 -20.51
N THR A 122 -0.69 -2.07 -19.45
CA THR A 122 -2.06 -2.09 -18.99
C THR A 122 -2.37 -0.90 -18.10
N LYS A 123 -3.01 0.11 -18.67
CA LYS A 123 -3.36 1.31 -17.93
C LYS A 123 -4.82 1.27 -17.50
N ASP A 124 -5.06 1.11 -16.20
CA ASP A 124 -6.41 1.05 -15.66
C ASP A 124 -6.50 1.82 -14.35
N SER A 125 -7.44 2.75 -14.26
CA SER A 125 -7.62 3.55 -13.06
C SER A 125 -8.92 3.17 -12.35
N THR A 126 -8.88 3.18 -11.02
CA THR A 126 -10.06 2.85 -10.22
C THR A 126 -10.04 3.56 -8.88
N ARG A 127 -11.22 3.78 -8.30
CA ARG A 127 -11.33 4.45 -7.01
C ARG A 127 -11.59 3.44 -5.90
N LEU A 128 -10.65 3.35 -4.97
CA LEU A 128 -10.76 2.43 -3.84
C LEU A 128 -12.18 2.44 -3.29
N LYS A 129 -12.89 1.33 -3.48
CA LYS A 129 -14.26 1.20 -2.99
C LYS A 129 -14.36 0.16 -1.88
N TYR A 130 -13.63 -0.94 -2.04
CA TYR A 130 -13.63 -2.00 -1.05
C TYR A 130 -12.29 -2.07 -0.33
N ALA A 131 -12.33 -2.42 0.95
CA ALA A 131 -11.12 -2.53 1.77
C ALA A 131 -10.98 -3.92 2.37
N VAL A 132 -10.23 -4.78 1.69
CA VAL A 132 -10.02 -6.15 2.16
C VAL A 132 -8.68 -6.28 2.89
N LYS A 133 -8.75 -6.61 4.17
CA LYS A 133 -7.54 -6.77 4.98
C LYS A 133 -7.25 -8.24 5.22
N VAL A 134 -5.99 -8.63 4.99
CA VAL A 134 -5.57 -10.01 5.19
C VAL A 134 -5.21 -10.27 6.65
N SER A 135 -5.13 -11.55 7.01
CA SER A 135 -4.80 -11.93 8.38
C SER A 135 -4.40 -13.40 8.44
N SER A 136 -3.12 -13.66 8.70
CA SER A 136 -2.61 -15.03 8.79
C SER A 136 -1.46 -15.11 9.80
N GLY A 137 -1.55 -16.08 10.70
CA GLY A 137 -0.51 -16.25 11.70
C GLY A 137 0.73 -16.92 11.15
N PRO A 138 1.79 -16.98 11.95
CA PRO A 138 3.06 -17.60 11.55
C PRO A 138 2.96 -19.10 11.42
N SER A 139 3.44 -19.63 10.29
CA SER A 139 3.39 -21.06 10.03
C SER A 139 4.79 -21.59 9.71
N SER A 140 5.41 -22.22 10.70
CA SER A 140 6.75 -22.78 10.54
C SER A 140 6.70 -24.31 10.40
N GLY A 141 7.34 -24.83 9.37
CA GLY A 141 7.36 -26.26 9.16
C GLY A 141 6.44 -26.68 8.02
N GLY A 1 14.75 -9.04 5.35
CA GLY A 1 16.17 -8.79 5.16
C GLY A 1 16.89 -8.50 6.46
N SER A 2 17.50 -9.53 7.03
CA SER A 2 18.23 -9.37 8.29
C SER A 2 17.33 -8.76 9.36
N SER A 3 16.09 -9.22 9.42
CA SER A 3 15.14 -8.71 10.40
C SER A 3 15.67 -8.88 11.81
N GLY A 4 15.55 -7.82 12.61
CA GLY A 4 16.02 -7.87 13.98
C GLY A 4 16.32 -6.49 14.54
N SER A 5 17.60 -6.22 14.78
CA SER A 5 18.02 -4.93 15.33
C SER A 5 17.96 -3.85 14.26
N SER A 6 18.45 -4.17 13.06
CA SER A 6 18.46 -3.23 11.95
C SER A 6 17.19 -2.37 11.96
N GLY A 7 17.37 -1.07 12.14
CA GLY A 7 16.24 -0.16 12.16
C GLY A 7 16.61 1.24 11.73
N PRO A 8 15.58 2.08 11.51
CA PRO A 8 15.78 3.48 11.09
C PRO A 8 16.39 4.33 12.20
N PHE A 9 17.21 5.30 11.81
CA PHE A 9 17.86 6.19 12.77
C PHE A 9 16.81 6.91 13.62
N ASN A 10 15.85 7.54 12.96
CA ASN A 10 14.79 8.27 13.66
C ASN A 10 13.45 7.58 13.48
N SER A 11 12.52 7.88 14.38
CA SER A 11 11.18 7.28 14.33
C SER A 11 10.25 8.12 13.46
N THR A 12 9.91 7.58 12.28
CA THR A 12 9.02 8.27 11.35
C THR A 12 7.82 7.40 11.00
N PHE A 13 8.08 6.26 10.38
CA PHE A 13 7.01 5.35 9.99
C PHE A 13 6.23 4.86 11.20
N ALA A 14 6.96 4.42 12.24
CA ALA A 14 6.33 3.93 13.46
C ALA A 14 5.14 4.80 13.84
N ASP A 15 5.30 6.11 13.73
CA ASP A 15 4.23 7.04 14.07
C ASP A 15 3.01 6.81 13.17
N GLN A 16 3.24 6.78 11.87
CA GLN A 16 2.16 6.57 10.90
C GLN A 16 1.41 5.27 11.19
N GLU A 17 2.16 4.25 11.59
CA GLU A 17 1.57 2.95 11.89
C GLU A 17 0.41 3.09 12.86
N ALA A 18 0.58 3.95 13.87
CA ALA A 18 -0.45 4.18 14.87
C ALA A 18 -1.78 4.49 14.21
N GLU A 19 -1.73 5.21 13.09
CA GLU A 19 -2.95 5.57 12.37
C GLU A 19 -3.19 4.61 11.20
N LEU A 20 -2.69 3.39 11.33
CA LEU A 20 -2.85 2.38 10.29
C LEU A 20 -3.36 1.07 10.87
N LEU A 21 -2.98 0.80 12.12
CA LEU A 21 -3.41 -0.42 12.80
C LEU A 21 -4.92 -0.43 13.00
N GLY A 22 -5.55 -1.54 12.61
CA GLY A 22 -6.99 -1.65 12.75
C GLY A 22 -7.72 -1.45 11.44
N LYS A 23 -7.20 -0.57 10.59
CA LYS A 23 -7.81 -0.29 9.30
C LYS A 23 -8.14 -1.59 8.56
N PRO A 24 -9.29 -1.61 7.88
CA PRO A 24 -9.74 -2.78 7.12
C PRO A 24 -8.89 -3.03 5.88
N TRP A 25 -8.18 -1.99 5.44
CA TRP A 25 -7.32 -2.10 4.26
C TRP A 25 -5.87 -2.31 4.66
N TYR A 26 -5.52 -1.87 5.86
CA TYR A 26 -4.15 -2.00 6.37
C TYR A 26 -3.83 -3.46 6.67
N ALA A 27 -3.22 -4.14 5.69
CA ALA A 27 -2.86 -5.53 5.85
C ALA A 27 -1.74 -5.70 6.88
N GLY A 28 -1.01 -4.61 7.14
CA GLY A 28 0.07 -4.65 8.10
C GLY A 28 1.31 -5.33 7.55
N ALA A 29 2.06 -5.98 8.43
CA ALA A 29 3.28 -6.67 8.02
C ALA A 29 2.98 -8.10 7.57
N CYS A 30 1.98 -8.24 6.72
CA CYS A 30 1.58 -9.55 6.20
C CYS A 30 2.34 -9.87 4.92
N ASP A 31 2.40 -11.15 4.59
CA ASP A 31 3.09 -11.60 3.38
C ASP A 31 2.34 -11.16 2.13
N ARG A 32 3.06 -11.11 1.01
CA ARG A 32 2.46 -10.70 -0.25
C ARG A 32 1.43 -11.72 -0.72
N LYS A 33 1.76 -13.00 -0.58
CA LYS A 33 0.87 -14.08 -0.99
C LYS A 33 -0.54 -13.85 -0.44
N SER A 34 -0.64 -13.75 0.88
CA SER A 34 -1.94 -13.54 1.53
C SER A 34 -2.61 -12.27 1.00
N ALA A 35 -1.79 -11.28 0.64
CA ALA A 35 -2.30 -10.02 0.12
C ALA A 35 -2.96 -10.22 -1.24
N GLU A 36 -2.31 -10.98 -2.11
CA GLU A 36 -2.85 -11.23 -3.45
C GLU A 36 -4.01 -12.22 -3.38
N GLU A 37 -3.88 -13.22 -2.52
CA GLU A 37 -4.92 -14.24 -2.36
C GLU A 37 -6.19 -13.63 -1.75
N ALA A 38 -6.03 -13.00 -0.60
CA ALA A 38 -7.16 -12.36 0.09
C ALA A 38 -7.89 -11.40 -0.84
N LEU A 39 -7.19 -10.89 -1.84
CA LEU A 39 -7.77 -9.96 -2.80
C LEU A 39 -8.47 -10.70 -3.93
N HIS A 40 -7.76 -11.68 -4.51
CA HIS A 40 -8.31 -12.47 -5.60
C HIS A 40 -9.55 -13.23 -5.15
N ARG A 41 -9.59 -13.59 -3.87
CA ARG A 41 -10.71 -14.32 -3.31
C ARG A 41 -11.94 -13.43 -3.19
N SER A 42 -11.71 -12.15 -2.92
CA SER A 42 -12.80 -11.19 -2.78
C SER A 42 -13.60 -11.08 -4.07
N ASN A 43 -12.90 -10.95 -5.19
CA ASN A 43 -13.54 -10.85 -6.49
C ASN A 43 -14.36 -9.56 -6.58
N LYS A 44 -13.84 -8.48 -5.99
CA LYS A 44 -14.52 -7.20 -6.01
C LYS A 44 -13.62 -6.11 -6.60
N ASP A 45 -13.60 -6.03 -7.93
CA ASP A 45 -12.78 -5.04 -8.62
C ASP A 45 -12.82 -3.70 -7.90
N GLY A 46 -11.67 -3.27 -7.39
CA GLY A 46 -11.60 -2.01 -6.67
C GLY A 46 -10.99 -2.16 -5.29
N SER A 47 -11.00 -3.38 -4.77
CA SER A 47 -10.45 -3.66 -3.45
C SER A 47 -9.03 -3.14 -3.33
N PHE A 48 -8.62 -2.80 -2.11
CA PHE A 48 -7.27 -2.31 -1.87
C PHE A 48 -6.78 -2.70 -0.48
N LEU A 49 -5.47 -2.84 -0.34
CA LEU A 49 -4.88 -3.22 0.94
C LEU A 49 -3.41 -2.81 1.00
N ILE A 50 -3.02 -2.15 2.08
CA ILE A 50 -1.64 -1.70 2.26
C ILE A 50 -0.80 -2.79 2.94
N ARG A 51 0.39 -3.01 2.40
CA ARG A 51 1.29 -4.02 2.95
C ARG A 51 2.68 -3.43 3.21
N LYS A 52 3.14 -3.52 4.45
CA LYS A 52 4.44 -3.00 4.83
C LYS A 52 5.56 -3.75 4.11
N SER A 53 6.57 -3.00 3.66
CA SER A 53 7.70 -3.59 2.95
C SER A 53 8.24 -4.79 3.71
N SER A 54 8.35 -5.93 3.02
CA SER A 54 8.86 -7.15 3.64
C SER A 54 10.25 -6.93 4.21
N GLY A 55 11.08 -6.19 3.49
CA GLY A 55 12.43 -5.92 3.95
C GLY A 55 12.59 -4.50 4.45
N HIS A 56 13.10 -4.36 5.67
CA HIS A 56 13.30 -3.05 6.28
C HIS A 56 13.90 -2.07 5.27
N ASP A 57 13.06 -1.20 4.74
CA ASP A 57 13.51 -0.20 3.76
C ASP A 57 12.88 1.16 4.04
N SER A 58 13.71 2.19 4.07
CA SER A 58 13.24 3.54 4.34
C SER A 58 12.61 4.15 3.09
N LYS A 59 13.20 3.86 1.93
CA LYS A 59 12.70 4.38 0.66
C LYS A 59 11.26 3.93 0.43
N GLN A 60 10.98 2.66 0.70
CA GLN A 60 9.64 2.12 0.52
C GLN A 60 9.09 1.59 1.84
N PRO A 61 8.42 2.47 2.60
CA PRO A 61 7.83 2.11 3.89
C PRO A 61 6.63 1.19 3.74
N TYR A 62 5.77 1.49 2.77
CA TYR A 62 4.59 0.69 2.53
C TYR A 62 4.33 0.53 1.03
N THR A 63 3.42 -0.38 0.68
CA THR A 63 3.07 -0.63 -0.71
C THR A 63 1.60 -0.91 -0.88
N LEU A 64 0.93 -0.12 -1.70
CA LEU A 64 -0.50 -0.28 -1.94
C LEU A 64 -0.76 -1.37 -2.98
N VAL A 65 -1.80 -2.16 -2.76
CA VAL A 65 -2.15 -3.24 -3.67
C VAL A 65 -3.60 -3.12 -4.15
N ALA A 66 -3.77 -2.54 -5.33
CA ALA A 66 -5.11 -2.35 -5.89
C ALA A 66 -5.55 -3.60 -6.66
N PHE A 67 -6.65 -4.20 -6.21
CA PHE A 67 -7.18 -5.40 -6.85
C PHE A 67 -8.15 -5.04 -7.97
N PHE A 68 -7.79 -5.40 -9.20
CA PHE A 68 -8.63 -5.11 -10.36
C PHE A 68 -9.43 -6.35 -10.76
N ASN A 69 -10.16 -6.23 -11.86
CA ASN A 69 -10.98 -7.33 -12.36
C ASN A 69 -10.17 -8.62 -12.42
N LYS A 70 -10.15 -9.35 -11.30
CA LYS A 70 -9.42 -10.61 -11.23
C LYS A 70 -7.92 -10.37 -11.38
N ARG A 71 -7.45 -9.22 -10.91
CA ARG A 71 -6.04 -8.88 -11.01
C ARG A 71 -5.57 -8.14 -9.75
N VAL A 72 -4.26 -8.07 -9.57
CA VAL A 72 -3.69 -7.38 -8.42
C VAL A 72 -2.48 -6.54 -8.82
N TYR A 73 -2.55 -5.24 -8.53
CA TYR A 73 -1.46 -4.33 -8.86
C TYR A 73 -0.74 -3.85 -7.60
N ASN A 74 0.55 -4.18 -7.50
CA ASN A 74 1.35 -3.78 -6.35
C ASN A 74 2.13 -2.50 -6.64
N ILE A 75 1.67 -1.39 -6.08
CA ILE A 75 2.32 -0.10 -6.28
C ILE A 75 3.11 0.29 -5.04
N PRO A 76 4.43 0.50 -5.23
CA PRO A 76 5.33 0.88 -4.14
C PRO A 76 5.09 2.32 -3.67
N VAL A 77 4.71 2.46 -2.41
CA VAL A 77 4.45 3.78 -1.83
C VAL A 77 5.72 4.39 -1.25
N ARG A 78 6.51 5.03 -2.11
CA ARG A 78 7.76 5.65 -1.69
C ARG A 78 7.47 6.82 -0.74
N PHE A 79 8.51 7.27 -0.03
CA PHE A 79 8.38 8.38 0.90
C PHE A 79 9.49 9.41 0.68
N ILE A 80 9.10 10.67 0.57
CA ILE A 80 10.05 11.75 0.36
C ILE A 80 10.29 12.54 1.65
N GLU A 81 11.55 12.67 2.03
CA GLU A 81 11.91 13.39 3.25
C GLU A 81 11.77 14.90 3.04
N ALA A 82 12.20 15.37 1.88
CA ALA A 82 12.12 16.79 1.55
C ALA A 82 10.87 17.42 2.16
N THR A 83 9.71 16.82 1.89
CA THR A 83 8.45 17.33 2.41
C THR A 83 7.79 16.31 3.32
N LYS A 84 8.51 15.24 3.63
CA LYS A 84 7.99 14.19 4.50
C LYS A 84 6.62 13.72 4.02
N GLN A 85 6.48 13.56 2.72
CA GLN A 85 5.21 13.11 2.13
C GLN A 85 5.36 11.71 1.54
N TYR A 86 4.28 11.22 0.95
CA TYR A 86 4.28 9.89 0.35
C TYR A 86 3.90 9.95 -1.13
N ALA A 87 4.40 9.01 -1.91
CA ALA A 87 4.11 8.95 -3.34
C ALA A 87 3.96 7.51 -3.82
N LEU A 88 3.54 7.35 -5.07
CA LEU A 88 3.37 6.02 -5.65
C LEU A 88 4.42 5.74 -6.70
N GLY A 89 4.59 4.47 -7.05
CA GLY A 89 5.57 4.09 -8.05
C GLY A 89 6.90 4.78 -7.85
N LYS A 90 7.71 4.81 -8.90
CA LYS A 90 9.03 5.46 -8.82
C LYS A 90 8.90 6.97 -9.00
N LYS A 91 10.02 7.67 -8.81
CA LYS A 91 10.03 9.12 -8.96
C LYS A 91 9.59 9.53 -10.35
N LYS A 92 8.67 10.49 -10.42
CA LYS A 92 8.17 10.98 -11.70
C LYS A 92 8.07 12.50 -11.70
N ASN A 93 8.13 13.09 -12.88
CA ASN A 93 8.05 14.54 -13.03
C ASN A 93 6.69 15.06 -12.57
N GLY A 94 5.64 14.41 -13.05
CA GLY A 94 4.29 14.82 -12.69
C GLY A 94 3.66 13.89 -11.67
N GLU A 95 4.31 13.73 -10.53
CA GLU A 95 3.80 12.85 -9.47
C GLU A 95 3.16 13.67 -8.35
N GLU A 96 2.09 13.13 -7.78
CA GLU A 96 1.38 13.80 -6.70
C GLU A 96 1.85 13.29 -5.34
N TYR A 97 2.04 14.21 -4.41
CA TYR A 97 2.49 13.86 -3.06
C TYR A 97 1.30 13.71 -2.11
N PHE A 98 1.54 13.07 -0.98
CA PHE A 98 0.50 12.86 0.02
C PHE A 98 1.05 12.99 1.43
N GLY A 99 0.51 13.94 2.19
CA GLY A 99 0.97 14.14 3.56
C GLY A 99 1.37 12.85 4.24
N SER A 100 0.55 11.82 4.08
CA SER A 100 0.83 10.53 4.69
C SER A 100 0.16 9.40 3.89
N VAL A 101 0.35 8.17 4.36
CA VAL A 101 -0.24 7.01 3.70
C VAL A 101 -1.77 7.08 3.69
N VAL A 102 -2.35 7.31 4.86
CA VAL A 102 -3.80 7.41 4.98
C VAL A 102 -4.37 8.36 3.94
N GLU A 103 -3.68 9.47 3.72
CA GLU A 103 -4.12 10.46 2.75
C GLU A 103 -4.22 9.86 1.36
N ILE A 104 -3.22 9.07 0.98
CA ILE A 104 -3.20 8.42 -0.33
C ILE A 104 -4.51 7.68 -0.60
N VAL A 105 -5.09 7.12 0.47
CA VAL A 105 -6.35 6.39 0.34
C VAL A 105 -7.54 7.33 0.43
N ASN A 106 -7.55 8.17 1.46
CA ASN A 106 -8.64 9.12 1.67
C ASN A 106 -8.92 9.91 0.40
N SER A 107 -7.87 10.51 -0.16
CA SER A 107 -8.00 11.30 -1.39
C SER A 107 -8.39 10.41 -2.56
N HIS A 108 -7.74 9.26 -2.69
CA HIS A 108 -8.03 8.33 -3.76
C HIS A 108 -9.52 7.98 -3.81
N GLN A 109 -10.12 7.82 -2.63
CA GLN A 109 -11.53 7.49 -2.53
C GLN A 109 -12.32 8.14 -3.65
N HIS A 110 -11.93 9.36 -4.02
CA HIS A 110 -12.60 10.08 -5.08
C HIS A 110 -11.87 9.93 -6.41
N ASN A 111 -10.58 10.24 -6.40
CA ASN A 111 -9.76 10.13 -7.61
C ASN A 111 -9.30 8.69 -7.82
N PRO A 112 -9.54 8.18 -9.03
CA PRO A 112 -9.16 6.80 -9.41
C PRO A 112 -7.64 6.63 -9.51
N LEU A 113 -7.14 5.51 -9.02
CA LEU A 113 -5.71 5.23 -9.06
C LEU A 113 -5.32 4.58 -10.39
N VAL A 114 -4.98 5.40 -11.37
CA VAL A 114 -4.59 4.92 -12.68
C VAL A 114 -3.49 3.86 -12.57
N LEU A 115 -3.80 2.64 -12.99
CA LEU A 115 -2.85 1.54 -12.94
C LEU A 115 -2.20 1.32 -14.31
N ILE A 116 -0.92 1.64 -14.40
CA ILE A 116 -0.18 1.48 -15.64
C ILE A 116 0.78 0.29 -15.57
N ASP A 117 0.45 -0.77 -16.28
CA ASP A 117 1.27 -1.98 -16.30
C ASP A 117 1.85 -2.23 -17.69
N SER A 118 3.07 -1.76 -17.92
CA SER A 118 3.72 -1.92 -19.21
C SER A 118 3.34 -3.25 -19.85
N GLN A 119 3.59 -4.34 -19.13
CA GLN A 119 3.27 -5.67 -19.62
C GLN A 119 1.93 -5.68 -20.35
N ASN A 120 0.91 -5.07 -19.73
CA ASN A 120 -0.42 -5.00 -20.32
C ASN A 120 -0.48 -3.92 -21.39
N ASN A 121 0.03 -2.74 -21.06
CA ASN A 121 0.02 -1.61 -21.99
C ASN A 121 -1.37 -1.03 -22.15
N THR A 122 -2.08 -0.88 -21.04
CA THR A 122 -3.43 -0.34 -21.04
C THR A 122 -3.66 0.60 -19.87
N LYS A 123 -3.77 1.89 -20.18
CA LYS A 123 -4.00 2.91 -19.15
C LYS A 123 -5.33 2.69 -18.46
N ASP A 124 -5.29 2.02 -17.30
CA ASP A 124 -6.50 1.75 -16.53
C ASP A 124 -6.58 2.65 -15.31
N SER A 125 -7.67 2.53 -14.55
CA SER A 125 -7.86 3.33 -13.36
C SER A 125 -9.05 2.82 -12.55
N THR A 126 -9.01 3.04 -11.23
CA THR A 126 -10.09 2.60 -10.36
C THR A 126 -9.98 3.28 -8.99
N ARG A 127 -11.13 3.62 -8.42
CA ARG A 127 -11.18 4.27 -7.12
C ARG A 127 -11.36 3.25 -6.00
N LEU A 128 -10.63 3.43 -4.91
CA LEU A 128 -10.71 2.54 -3.77
C LEU A 128 -12.12 2.51 -3.19
N LYS A 129 -12.84 1.42 -3.44
CA LYS A 129 -14.20 1.28 -2.93
C LYS A 129 -14.28 0.18 -1.88
N TYR A 130 -13.62 -0.95 -2.14
CA TYR A 130 -13.61 -2.07 -1.21
C TYR A 130 -12.29 -2.15 -0.46
N ALA A 131 -12.34 -2.63 0.77
CA ALA A 131 -11.15 -2.76 1.60
C ALA A 131 -10.99 -4.18 2.12
N VAL A 132 -10.12 -4.95 1.46
CA VAL A 132 -9.88 -6.33 1.86
C VAL A 132 -8.79 -6.42 2.92
N LYS A 133 -8.90 -7.39 3.81
CA LYS A 133 -7.93 -7.58 4.87
C LYS A 133 -7.31 -8.98 4.80
N VAL A 134 -6.03 -9.08 5.14
CA VAL A 134 -5.33 -10.35 5.11
C VAL A 134 -5.56 -11.13 6.41
N SER A 135 -5.60 -12.46 6.29
CA SER A 135 -5.82 -13.31 7.45
C SER A 135 -5.72 -14.78 7.06
N SER A 136 -5.56 -15.64 8.06
CA SER A 136 -5.44 -17.08 7.83
C SER A 136 -6.82 -17.74 7.84
N GLY A 137 -7.08 -18.56 6.84
CA GLY A 137 -8.36 -19.25 6.76
C GLY A 137 -8.20 -20.76 6.71
N PRO A 138 -9.29 -21.49 7.01
CA PRO A 138 -9.30 -22.95 7.01
C PRO A 138 -9.20 -23.52 5.60
N SER A 139 -9.02 -24.84 5.51
CA SER A 139 -8.91 -25.51 4.21
C SER A 139 -9.97 -26.59 4.07
N SER A 140 -9.99 -27.53 5.01
CA SER A 140 -10.95 -28.62 4.98
C SER A 140 -12.16 -28.30 5.86
N GLY A 141 -13.34 -28.72 5.40
CA GLY A 141 -14.57 -28.47 6.15
C GLY A 141 -15.43 -27.41 5.49
N GLY A 1 -1.80 -9.18 14.56
CA GLY A 1 -0.83 -9.00 13.50
C GLY A 1 0.52 -8.53 14.02
N SER A 2 0.66 -7.22 14.20
CA SER A 2 1.90 -6.64 14.70
C SER A 2 2.32 -7.30 16.00
N SER A 3 3.50 -6.91 16.51
CA SER A 3 4.02 -7.47 17.75
C SER A 3 4.41 -6.36 18.72
N GLY A 4 3.58 -5.33 18.79
CA GLY A 4 3.86 -4.21 19.68
C GLY A 4 5.04 -3.39 19.23
N SER A 5 4.93 -2.07 19.36
CA SER A 5 6.00 -1.17 18.96
C SER A 5 6.86 -0.77 20.16
N SER A 6 8.10 -1.26 20.17
CA SER A 6 9.02 -0.96 21.25
C SER A 6 10.36 -0.45 20.71
N GLY A 7 10.67 0.81 21.03
CA GLY A 7 11.91 1.40 20.56
C GLY A 7 11.68 2.67 19.77
N PRO A 8 11.37 3.77 20.48
CA PRO A 8 11.11 5.06 19.85
C PRO A 8 12.38 5.69 19.28
N PHE A 9 12.53 5.62 17.96
CA PHE A 9 13.70 6.17 17.29
C PHE A 9 13.29 7.18 16.22
N ASN A 10 13.70 8.43 16.41
CA ASN A 10 13.37 9.49 15.47
C ASN A 10 11.94 9.35 14.95
N SER A 11 11.03 8.99 15.86
CA SER A 11 9.63 8.82 15.49
C SER A 11 9.50 8.24 14.09
N THR A 12 10.33 7.25 13.78
CA THR A 12 10.30 6.63 12.46
C THR A 12 8.90 6.16 12.10
N PHE A 13 8.78 5.54 10.92
CA PHE A 13 7.48 5.05 10.46
C PHE A 13 6.65 4.52 11.62
N ALA A 14 7.32 3.89 12.58
CA ALA A 14 6.64 3.34 13.75
C ALA A 14 5.48 4.23 14.18
N ASP A 15 5.76 5.53 14.34
CA ASP A 15 4.74 6.48 14.75
C ASP A 15 3.54 6.44 13.80
N GLN A 16 3.82 6.47 12.51
CA GLN A 16 2.76 6.44 11.50
C GLN A 16 1.89 5.19 11.67
N GLU A 17 2.54 4.06 11.92
CA GLU A 17 1.82 2.79 12.10
C GLU A 17 0.58 2.99 12.97
N ALA A 18 0.73 3.77 14.04
CA ALA A 18 -0.37 4.04 14.94
C ALA A 18 -1.58 4.59 14.19
N GLU A 19 -1.33 5.48 13.24
CA GLU A 19 -2.40 6.07 12.45
C GLU A 19 -2.79 5.17 11.28
N LEU A 20 -2.37 3.91 11.36
CA LEU A 20 -2.68 2.94 10.30
C LEU A 20 -3.33 1.69 10.89
N LEU A 21 -2.95 1.34 12.11
CA LEU A 21 -3.50 0.17 12.79
C LEU A 21 -5.01 0.29 12.94
N GLY A 22 -5.72 -0.80 12.66
CA GLY A 22 -7.16 -0.80 12.77
C GLY A 22 -7.85 -0.61 11.44
N LYS A 23 -7.22 0.15 10.55
CA LYS A 23 -7.77 0.41 9.23
C LYS A 23 -8.16 -0.89 8.53
N PRO A 24 -9.31 -0.88 7.85
CA PRO A 24 -9.82 -2.05 7.13
C PRO A 24 -8.98 -2.37 5.90
N TRP A 25 -8.09 -1.46 5.52
CA TRP A 25 -7.23 -1.65 4.37
C TRP A 25 -5.80 -1.94 4.80
N TYR A 26 -5.42 -1.45 5.97
CA TYR A 26 -4.08 -1.66 6.50
C TYR A 26 -3.85 -3.12 6.85
N ALA A 27 -3.20 -3.84 5.95
CA ALA A 27 -2.92 -5.25 6.17
C ALA A 27 -1.83 -5.45 7.23
N GLY A 28 -1.10 -4.37 7.51
CA GLY A 28 -0.04 -4.44 8.50
C GLY A 28 1.25 -4.95 7.92
N ALA A 29 1.70 -6.12 8.40
CA ALA A 29 2.94 -6.72 7.93
C ALA A 29 2.67 -8.06 7.26
N CYS A 30 1.65 -8.11 6.41
CA CYS A 30 1.28 -9.34 5.72
C CYS A 30 2.14 -9.53 4.47
N ASP A 31 2.35 -10.78 4.08
CA ASP A 31 3.15 -11.09 2.91
C ASP A 31 2.36 -10.83 1.63
N ARG A 32 3.00 -10.15 0.68
CA ARG A 32 2.36 -9.83 -0.58
C ARG A 32 1.52 -11.00 -1.09
N LYS A 33 2.05 -12.21 -0.93
CA LYS A 33 1.36 -13.41 -1.37
C LYS A 33 -0.06 -13.45 -0.81
N SER A 34 -0.17 -13.48 0.51
CA SER A 34 -1.47 -13.53 1.18
C SER A 34 -2.35 -12.35 0.73
N ALA A 35 -1.71 -11.21 0.50
CA ALA A 35 -2.42 -10.02 0.08
C ALA A 35 -3.09 -10.22 -1.28
N GLU A 36 -2.37 -10.87 -2.19
CA GLU A 36 -2.90 -11.14 -3.53
C GLU A 36 -3.99 -12.19 -3.47
N GLU A 37 -3.87 -13.14 -2.56
CA GLU A 37 -4.85 -14.21 -2.41
C GLU A 37 -6.16 -13.66 -1.87
N ALA A 38 -6.10 -13.05 -0.69
CA ALA A 38 -7.29 -12.48 -0.07
C ALA A 38 -8.02 -11.54 -1.01
N LEU A 39 -7.28 -10.98 -1.96
CA LEU A 39 -7.85 -10.06 -2.94
C LEU A 39 -8.48 -10.83 -4.10
N HIS A 40 -7.74 -11.79 -4.64
CA HIS A 40 -8.22 -12.59 -5.75
C HIS A 40 -9.49 -13.36 -5.37
N ARG A 41 -9.61 -13.69 -4.09
CA ARG A 41 -10.76 -14.43 -3.59
C ARG A 41 -11.98 -13.50 -3.49
N SER A 42 -11.74 -12.24 -3.17
CA SER A 42 -12.82 -11.27 -3.04
C SER A 42 -13.59 -11.13 -4.35
N ASN A 43 -12.86 -10.95 -5.44
CA ASN A 43 -13.48 -10.81 -6.76
C ASN A 43 -14.32 -9.54 -6.83
N LYS A 44 -13.76 -8.44 -6.34
CA LYS A 44 -14.45 -7.16 -6.34
C LYS A 44 -13.54 -6.04 -6.84
N ASP A 45 -13.43 -5.91 -8.15
CA ASP A 45 -12.58 -4.88 -8.76
C ASP A 45 -12.67 -3.57 -7.97
N GLY A 46 -11.56 -3.19 -7.36
CA GLY A 46 -11.54 -1.96 -6.59
C GLY A 46 -10.93 -2.16 -5.21
N SER A 47 -10.91 -3.40 -4.74
CA SER A 47 -10.36 -3.73 -3.44
C SER A 47 -8.92 -3.25 -3.32
N PHE A 48 -8.51 -2.91 -2.10
CA PHE A 48 -7.14 -2.44 -1.86
C PHE A 48 -6.69 -2.79 -0.44
N LEU A 49 -5.39 -2.95 -0.27
CA LEU A 49 -4.84 -3.28 1.04
C LEU A 49 -3.36 -2.89 1.12
N ILE A 50 -3.02 -2.13 2.16
CA ILE A 50 -1.64 -1.68 2.35
C ILE A 50 -0.83 -2.73 3.09
N ARG A 51 0.31 -3.10 2.51
CA ARG A 51 1.19 -4.10 3.13
C ARG A 51 2.56 -3.50 3.43
N LYS A 52 2.96 -3.61 4.70
CA LYS A 52 4.25 -3.07 5.13
C LYS A 52 5.39 -3.76 4.39
N SER A 53 6.41 -2.98 4.04
CA SER A 53 7.57 -3.51 3.31
C SER A 53 8.43 -4.38 4.24
N SER A 54 8.56 -5.65 3.88
CA SER A 54 9.35 -6.59 4.67
C SER A 54 10.81 -6.59 4.21
N GLY A 55 11.57 -5.61 4.68
CA GLY A 55 12.98 -5.52 4.31
C GLY A 55 13.74 -4.53 5.17
N HIS A 56 15.00 -4.30 4.83
CA HIS A 56 15.84 -3.37 5.57
C HIS A 56 15.98 -2.04 4.83
N ASP A 57 14.87 -1.57 4.26
CA ASP A 57 14.87 -0.32 3.52
C ASP A 57 13.98 0.71 4.21
N SER A 58 14.14 1.98 3.83
CA SER A 58 13.35 3.06 4.41
C SER A 58 12.56 3.80 3.33
N LYS A 59 13.17 3.94 2.16
CA LYS A 59 12.53 4.63 1.05
C LYS A 59 11.11 4.10 0.83
N GLN A 60 10.95 2.79 0.95
CA GLN A 60 9.65 2.16 0.75
C GLN A 60 9.14 1.56 2.07
N PRO A 61 8.44 2.40 2.86
CA PRO A 61 7.88 1.98 4.15
C PRO A 61 6.72 1.01 3.98
N TYR A 62 5.79 1.34 3.11
CA TYR A 62 4.63 0.50 2.86
C TYR A 62 4.44 0.26 1.36
N THR A 63 3.38 -0.49 1.02
CA THR A 63 3.09 -0.79 -0.37
C THR A 63 1.59 -0.97 -0.59
N LEU A 64 1.08 -0.37 -1.66
CA LEU A 64 -0.34 -0.47 -1.98
C LEU A 64 -0.61 -1.65 -2.90
N VAL A 65 -1.79 -2.25 -2.75
CA VAL A 65 -2.17 -3.39 -3.57
C VAL A 65 -3.59 -3.23 -4.11
N ALA A 66 -3.70 -2.77 -5.35
CA ALA A 66 -4.99 -2.57 -5.98
C ALA A 66 -5.41 -3.80 -6.78
N PHE A 67 -6.52 -4.41 -6.38
CA PHE A 67 -7.03 -5.60 -7.06
C PHE A 67 -7.94 -5.23 -8.22
N PHE A 68 -7.54 -5.59 -9.42
CA PHE A 68 -8.32 -5.29 -10.62
C PHE A 68 -8.94 -6.55 -11.20
N ASN A 69 -9.64 -6.41 -12.32
CA ASN A 69 -10.28 -7.54 -12.98
C ASN A 69 -9.44 -8.81 -12.83
N LYS A 70 -9.82 -9.64 -11.87
CA LYS A 70 -9.11 -10.89 -11.62
C LYS A 70 -7.59 -10.68 -11.69
N ARG A 71 -7.11 -9.70 -10.94
CA ARG A 71 -5.69 -9.38 -10.91
C ARG A 71 -5.34 -8.50 -9.72
N VAL A 72 -4.05 -8.31 -9.48
CA VAL A 72 -3.58 -7.48 -8.38
C VAL A 72 -2.37 -6.65 -8.78
N TYR A 73 -2.40 -5.37 -8.43
CA TYR A 73 -1.31 -4.47 -8.75
C TYR A 73 -0.52 -4.08 -7.50
N ASN A 74 0.78 -4.37 -7.50
CA ASN A 74 1.64 -4.05 -6.37
C ASN A 74 2.38 -2.73 -6.60
N ILE A 75 1.78 -1.64 -6.13
CA ILE A 75 2.39 -0.33 -6.29
C ILE A 75 3.19 0.05 -5.05
N PRO A 76 4.52 0.23 -5.23
CA PRO A 76 5.42 0.60 -4.14
C PRO A 76 5.20 2.03 -3.66
N VAL A 77 4.88 2.18 -2.38
CA VAL A 77 4.64 3.49 -1.79
C VAL A 77 5.93 4.10 -1.27
N ARG A 78 6.47 5.06 -2.01
CA ARG A 78 7.70 5.73 -1.63
C ARG A 78 7.42 6.87 -0.66
N PHE A 79 8.44 7.27 0.09
CA PHE A 79 8.32 8.34 1.07
C PHE A 79 9.37 9.42 0.85
N ILE A 80 8.97 10.51 0.20
CA ILE A 80 9.89 11.60 -0.07
C ILE A 80 10.15 12.44 1.18
N GLU A 81 11.15 12.03 1.95
CA GLU A 81 11.50 12.73 3.18
C GLU A 81 11.57 14.24 2.94
N ALA A 82 12.19 14.63 1.82
CA ALA A 82 12.32 16.04 1.47
C ALA A 82 11.04 16.81 1.79
N THR A 83 9.90 16.17 1.53
CA THR A 83 8.61 16.80 1.78
C THR A 83 7.81 16.01 2.82
N LYS A 84 8.43 14.98 3.37
CA LYS A 84 7.78 14.14 4.37
C LYS A 84 6.42 13.67 3.89
N GLN A 85 6.34 13.30 2.61
CA GLN A 85 5.09 12.83 2.02
C GLN A 85 5.27 11.46 1.40
N TYR A 86 4.18 10.88 0.91
CA TYR A 86 4.21 9.56 0.29
C TYR A 86 3.90 9.65 -1.20
N ALA A 87 4.38 8.67 -1.96
CA ALA A 87 4.15 8.63 -3.40
C ALA A 87 3.75 7.23 -3.84
N LEU A 88 3.32 7.12 -5.09
CA LEU A 88 2.91 5.84 -5.66
C LEU A 88 3.79 5.45 -6.84
N GLY A 89 4.18 4.18 -6.90
CA GLY A 89 5.01 3.71 -7.98
C GLY A 89 6.44 4.22 -7.88
N LYS A 90 7.36 3.55 -8.56
CA LYS A 90 8.76 3.95 -8.55
C LYS A 90 9.07 4.93 -9.68
N LYS A 91 8.14 5.85 -9.91
CA LYS A 91 8.30 6.85 -10.95
C LYS A 91 7.38 8.05 -10.73
N LYS A 92 7.97 9.20 -10.47
CA LYS A 92 7.19 10.42 -10.23
C LYS A 92 6.40 10.80 -11.47
N ASN A 93 7.09 11.31 -12.48
CA ASN A 93 6.43 11.72 -13.73
C ASN A 93 5.10 12.39 -13.45
N GLY A 94 5.11 13.43 -12.62
CA GLY A 94 3.90 14.13 -12.28
C GLY A 94 3.08 13.42 -11.23
N GLU A 95 3.74 12.98 -10.16
CA GLU A 95 3.06 12.27 -9.08
C GLU A 95 2.56 13.24 -8.02
N GLU A 96 1.64 12.77 -7.19
CA GLU A 96 1.08 13.61 -6.12
C GLU A 96 1.74 13.30 -4.78
N TYR A 97 1.93 14.33 -3.97
CA TYR A 97 2.55 14.16 -2.66
C TYR A 97 1.50 14.12 -1.56
N PHE A 98 1.29 12.94 -0.98
CA PHE A 98 0.31 12.78 0.08
C PHE A 98 0.97 12.92 1.45
N GLY A 99 0.59 13.98 2.17
CA GLY A 99 1.14 14.22 3.49
C GLY A 99 1.45 12.93 4.24
N SER A 100 0.52 11.99 4.17
CA SER A 100 0.69 10.70 4.86
C SER A 100 0.10 9.57 4.03
N VAL A 101 0.29 8.34 4.50
CA VAL A 101 -0.22 7.16 3.81
C VAL A 101 -1.75 7.20 3.73
N VAL A 102 -2.39 7.46 4.87
CA VAL A 102 -3.85 7.52 4.93
C VAL A 102 -4.41 8.41 3.84
N GLU A 103 -3.78 9.58 3.65
CA GLU A 103 -4.22 10.52 2.64
C GLU A 103 -4.29 9.86 1.26
N ILE A 104 -3.30 9.03 0.97
CA ILE A 104 -3.25 8.33 -0.31
C ILE A 104 -4.55 7.58 -0.58
N VAL A 105 -5.01 6.84 0.42
CA VAL A 105 -6.25 6.07 0.30
C VAL A 105 -7.46 6.99 0.23
N ASN A 106 -7.50 7.98 1.12
CA ASN A 106 -8.60 8.93 1.17
C ASN A 106 -8.78 9.63 -0.19
N SER A 107 -7.82 10.47 -0.53
CA SER A 107 -7.87 11.21 -1.80
C SER A 107 -8.38 10.31 -2.93
N HIS A 108 -8.03 9.03 -2.85
CA HIS A 108 -8.46 8.07 -3.86
C HIS A 108 -9.94 7.75 -3.73
N GLN A 109 -10.41 7.64 -2.49
CA GLN A 109 -11.81 7.34 -2.22
C GLN A 109 -12.72 8.01 -3.25
N HIS A 110 -12.33 9.20 -3.68
CA HIS A 110 -13.10 9.94 -4.67
C HIS A 110 -12.48 9.82 -6.06
N ASN A 111 -11.22 10.22 -6.17
CA ASN A 111 -10.51 10.17 -7.44
C ASN A 111 -10.10 8.73 -7.76
N PRO A 112 -10.19 8.36 -9.05
CA PRO A 112 -9.82 7.01 -9.51
C PRO A 112 -8.32 6.77 -9.46
N LEU A 113 -7.94 5.57 -9.04
CA LEU A 113 -6.53 5.21 -8.95
C LEU A 113 -6.02 4.64 -10.26
N VAL A 114 -5.31 5.47 -11.02
CA VAL A 114 -4.76 5.05 -12.31
C VAL A 114 -3.79 3.89 -12.14
N LEU A 115 -3.93 2.88 -12.99
CA LEU A 115 -3.06 1.70 -12.94
C LEU A 115 -2.51 1.37 -14.31
N ILE A 116 -1.19 1.29 -14.42
CA ILE A 116 -0.53 0.97 -15.67
C ILE A 116 0.24 -0.34 -15.59
N ASP A 117 -0.26 -1.37 -16.25
CA ASP A 117 0.38 -2.67 -16.26
C ASP A 117 1.57 -2.69 -17.20
N SER A 118 2.77 -2.74 -16.62
CA SER A 118 4.00 -2.76 -17.42
C SER A 118 3.87 -3.71 -18.60
N GLN A 119 3.35 -4.90 -18.33
CA GLN A 119 3.18 -5.91 -19.38
C GLN A 119 2.19 -5.43 -20.43
N ASN A 120 1.06 -4.89 -19.98
CA ASN A 120 0.03 -4.39 -20.90
C ASN A 120 -0.14 -2.89 -20.76
N ASN A 121 0.29 -2.15 -21.77
CA ASN A 121 0.19 -0.70 -21.75
C ASN A 121 -1.27 -0.25 -21.77
N THR A 122 -1.90 -0.30 -20.60
CA THR A 122 -3.30 0.10 -20.47
C THR A 122 -3.51 0.99 -19.26
N LYS A 123 -4.10 2.17 -19.49
CA LYS A 123 -4.36 3.11 -18.41
C LYS A 123 -5.72 2.84 -17.76
N ASP A 124 -5.74 1.88 -16.83
CA ASP A 124 -6.98 1.53 -16.14
C ASP A 124 -6.99 2.11 -14.73
N SER A 125 -7.84 3.10 -14.51
CA SER A 125 -7.95 3.75 -13.21
C SER A 125 -9.21 3.30 -12.48
N THR A 126 -9.11 3.14 -11.17
CA THR A 126 -10.25 2.71 -10.36
C THR A 126 -10.15 3.27 -8.94
N ARG A 127 -11.27 3.80 -8.44
CA ARG A 127 -11.32 4.36 -7.11
C ARG A 127 -11.42 3.27 -6.05
N LEU A 128 -10.75 3.48 -4.92
CA LEU A 128 -10.76 2.51 -3.83
C LEU A 128 -12.13 2.47 -3.15
N LYS A 129 -12.91 1.44 -3.45
CA LYS A 129 -14.23 1.28 -2.87
C LYS A 129 -14.24 0.17 -1.82
N TYR A 130 -13.61 -0.96 -2.16
CA TYR A 130 -13.54 -2.09 -1.25
C TYR A 130 -12.20 -2.16 -0.55
N ALA A 131 -12.19 -2.70 0.67
CA ALA A 131 -10.96 -2.82 1.45
C ALA A 131 -10.84 -4.20 2.06
N VAL A 132 -9.95 -5.02 1.48
CA VAL A 132 -9.74 -6.37 1.98
C VAL A 132 -8.57 -6.42 2.96
N LYS A 133 -8.87 -6.79 4.21
CA LYS A 133 -7.86 -6.88 5.24
C LYS A 133 -7.41 -8.32 5.45
N VAL A 134 -6.29 -8.69 4.83
CA VAL A 134 -5.76 -10.04 4.95
C VAL A 134 -5.78 -10.52 6.39
N SER A 135 -5.23 -9.71 7.28
CA SER A 135 -5.18 -10.04 8.70
C SER A 135 -6.56 -10.47 9.21
N SER A 136 -6.81 -11.77 9.20
CA SER A 136 -8.09 -12.30 9.65
C SER A 136 -8.21 -12.22 11.17
N GLY A 137 -9.44 -12.05 11.65
CA GLY A 137 -9.67 -11.95 13.08
C GLY A 137 -10.68 -10.88 13.43
N PRO A 138 -10.49 -10.25 14.61
CA PRO A 138 -11.39 -9.19 15.09
C PRO A 138 -11.26 -7.91 14.27
N SER A 139 -12.18 -6.98 14.50
CA SER A 139 -12.18 -5.71 13.77
C SER A 139 -13.18 -4.74 14.39
N SER A 140 -12.97 -3.44 14.15
CA SER A 140 -13.85 -2.42 14.68
C SER A 140 -15.22 -2.47 14.01
N GLY A 141 -15.22 -2.51 12.69
CA GLY A 141 -16.48 -2.57 11.94
C GLY A 141 -16.32 -3.28 10.60
N GLY A 1 17.51 -10.98 10.36
CA GLY A 1 17.20 -12.27 10.95
C GLY A 1 15.98 -12.92 10.32
N SER A 2 16.12 -13.39 9.10
CA SER A 2 15.02 -14.02 8.38
C SER A 2 13.77 -13.15 8.43
N SER A 3 13.95 -11.85 8.25
CA SER A 3 12.84 -10.90 8.27
C SER A 3 12.22 -10.85 9.67
N GLY A 4 13.07 -10.81 10.68
CA GLY A 4 12.58 -10.75 12.06
C GLY A 4 12.99 -9.47 12.76
N SER A 5 12.08 -8.92 13.55
CA SER A 5 12.36 -7.68 14.28
C SER A 5 12.03 -7.84 15.76
N SER A 6 12.35 -6.82 16.55
CA SER A 6 12.10 -6.85 17.99
C SER A 6 11.33 -5.62 18.44
N GLY A 7 11.76 -4.45 17.95
CA GLY A 7 11.09 -3.22 18.30
C GLY A 7 12.04 -2.03 18.33
N PRO A 8 12.12 -1.32 17.21
CA PRO A 8 13.00 -0.14 17.07
C PRO A 8 12.52 1.03 17.91
N PHE A 9 13.34 2.08 17.97
CA PHE A 9 13.00 3.28 18.75
C PHE A 9 12.01 4.14 17.98
N ASN A 10 11.25 4.97 18.70
CA ASN A 10 10.28 5.85 18.09
C ASN A 10 10.85 6.53 16.85
N SER A 11 10.40 6.10 15.68
CA SER A 11 10.88 6.66 14.43
C SER A 11 9.73 7.32 13.66
N THR A 12 10.08 8.21 12.73
CA THR A 12 9.09 8.90 11.93
C THR A 12 7.93 7.98 11.56
N PHE A 13 8.25 6.90 10.86
CA PHE A 13 7.25 5.93 10.44
C PHE A 13 6.45 5.42 11.63
N ALA A 14 7.17 4.98 12.66
CA ALA A 14 6.54 4.45 13.87
C ALA A 14 5.24 5.20 14.17
N ASP A 15 5.33 6.54 14.21
CA ASP A 15 4.16 7.37 14.49
C ASP A 15 3.03 7.05 13.53
N GLN A 16 3.30 7.17 12.24
CA GLN A 16 2.30 6.90 11.21
C GLN A 16 1.55 5.61 11.51
N GLU A 17 2.30 4.56 11.83
CA GLU A 17 1.71 3.26 12.13
C GLU A 17 0.56 3.40 13.12
N ALA A 18 0.73 4.30 14.08
CA ALA A 18 -0.30 4.54 15.09
C ALA A 18 -1.65 4.82 14.44
N GLU A 19 -1.63 5.58 13.35
CA GLU A 19 -2.85 5.92 12.63
C GLU A 19 -3.08 4.97 11.46
N LEU A 20 -2.59 3.74 11.60
CA LEU A 20 -2.75 2.73 10.55
C LEU A 20 -3.31 1.43 11.13
N LEU A 21 -2.96 1.15 12.38
CA LEU A 21 -3.42 -0.06 13.05
C LEU A 21 -4.93 -0.05 13.20
N GLY A 22 -5.59 -1.11 12.73
CA GLY A 22 -7.03 -1.21 12.83
C GLY A 22 -7.71 -1.09 11.47
N LYS A 23 -7.12 -0.32 10.57
CA LYS A 23 -7.67 -0.13 9.25
C LYS A 23 -7.90 -1.47 8.55
N PRO A 24 -9.04 -1.59 7.85
CA PRO A 24 -9.40 -2.82 7.13
C PRO A 24 -8.51 -3.06 5.91
N TRP A 25 -7.91 -1.98 5.40
CA TRP A 25 -7.03 -2.08 4.25
C TRP A 25 -5.59 -2.37 4.67
N TYR A 26 -5.27 -2.02 5.91
CA TYR A 26 -3.92 -2.23 6.44
C TYR A 26 -3.65 -3.72 6.64
N ALA A 27 -3.01 -4.34 5.65
CA ALA A 27 -2.69 -5.77 5.72
C ALA A 27 -1.64 -6.03 6.81
N GLY A 28 -0.94 -4.99 7.22
CA GLY A 28 0.08 -5.12 8.24
C GLY A 28 1.33 -5.81 7.72
N ALA A 29 1.94 -6.65 8.56
CA ALA A 29 3.14 -7.36 8.17
C ALA A 29 2.82 -8.77 7.67
N CYS A 30 1.77 -8.87 6.86
CA CYS A 30 1.35 -10.16 6.31
C CYS A 30 2.18 -10.52 5.09
N ASP A 31 2.19 -11.81 4.74
CA ASP A 31 2.94 -12.29 3.60
C ASP A 31 2.48 -11.62 2.32
N ARG A 32 3.43 -11.21 1.48
CA ARG A 32 3.11 -10.54 0.22
C ARG A 32 2.14 -11.39 -0.60
N LYS A 33 2.34 -12.70 -0.59
CA LYS A 33 1.48 -13.61 -1.33
C LYS A 33 0.04 -13.54 -0.82
N SER A 34 -0.12 -13.50 0.50
CA SER A 34 -1.43 -13.43 1.11
C SER A 34 -2.19 -12.18 0.66
N ALA A 35 -1.46 -11.06 0.59
CA ALA A 35 -2.05 -9.79 0.17
C ALA A 35 -2.80 -9.94 -1.14
N GLU A 36 -2.14 -10.53 -2.13
CA GLU A 36 -2.75 -10.73 -3.45
C GLU A 36 -3.89 -11.75 -3.37
N GLU A 37 -3.70 -12.79 -2.57
CA GLU A 37 -4.70 -13.83 -2.40
C GLU A 37 -5.99 -13.24 -1.83
N ALA A 38 -5.90 -12.69 -0.62
CA ALA A 38 -7.06 -12.10 0.03
C ALA A 38 -7.86 -11.24 -0.94
N LEU A 39 -7.19 -10.72 -1.96
CA LEU A 39 -7.85 -9.89 -2.97
C LEU A 39 -8.44 -10.74 -4.08
N HIS A 40 -7.63 -11.63 -4.65
CA HIS A 40 -8.07 -12.50 -5.73
C HIS A 40 -9.32 -13.28 -5.30
N ARG A 41 -9.45 -13.54 -4.01
CA ARG A 41 -10.59 -14.28 -3.48
C ARG A 41 -11.82 -13.39 -3.40
N SER A 42 -11.60 -12.11 -3.11
CA SER A 42 -12.69 -11.15 -3.00
C SER A 42 -13.45 -11.04 -4.33
N ASN A 43 -12.72 -10.85 -5.42
CA ASN A 43 -13.32 -10.73 -6.73
C ASN A 43 -14.19 -9.49 -6.82
N LYS A 44 -13.68 -8.37 -6.32
CA LYS A 44 -14.42 -7.11 -6.34
C LYS A 44 -13.52 -5.96 -6.79
N ASP A 45 -13.41 -5.79 -8.10
CA ASP A 45 -12.59 -4.72 -8.67
C ASP A 45 -12.71 -3.45 -7.85
N GLY A 46 -11.58 -2.92 -7.41
CA GLY A 46 -11.59 -1.71 -6.61
C GLY A 46 -10.97 -1.90 -5.24
N SER A 47 -10.96 -3.14 -4.77
CA SER A 47 -10.42 -3.47 -3.46
C SER A 47 -8.97 -2.98 -3.35
N PHE A 48 -8.50 -2.82 -2.12
CA PHE A 48 -7.14 -2.36 -1.88
C PHE A 48 -6.69 -2.73 -0.46
N LEU A 49 -5.38 -2.81 -0.27
CA LEU A 49 -4.81 -3.15 1.04
C LEU A 49 -3.34 -2.75 1.12
N ILE A 50 -2.97 -2.12 2.23
CA ILE A 50 -1.59 -1.68 2.44
C ILE A 50 -0.78 -2.76 3.16
N ARG A 51 0.33 -3.15 2.55
CA ARG A 51 1.20 -4.17 3.13
C ARG A 51 2.58 -3.59 3.47
N LYS A 52 3.06 -3.89 4.65
CA LYS A 52 4.36 -3.40 5.10
C LYS A 52 5.49 -4.10 4.34
N SER A 53 6.53 -3.33 4.00
CA SER A 53 7.67 -3.87 3.26
C SER A 53 8.20 -5.13 3.95
N SER A 54 9.10 -5.83 3.26
CA SER A 54 9.69 -7.06 3.80
C SER A 54 10.66 -6.73 4.93
N GLY A 55 11.57 -5.81 4.68
CA GLY A 55 12.55 -5.43 5.68
C GLY A 55 12.32 -4.03 6.21
N HIS A 56 11.05 -3.67 6.40
CA HIS A 56 10.70 -2.34 6.91
C HIS A 56 11.67 -1.29 6.39
N ASP A 57 12.01 -1.38 5.10
CA ASP A 57 12.92 -0.44 4.48
C ASP A 57 12.47 1.00 4.71
N SER A 58 13.40 1.94 4.62
CA SER A 58 13.10 3.35 4.83
C SER A 58 12.50 3.95 3.56
N LYS A 59 13.12 3.69 2.43
CA LYS A 59 12.65 4.21 1.14
C LYS A 59 11.24 3.71 0.85
N GLN A 60 10.97 2.47 1.22
CA GLN A 60 9.65 1.88 0.98
C GLN A 60 9.09 1.28 2.27
N PRO A 61 8.40 2.12 3.06
CA PRO A 61 7.80 1.68 4.32
C PRO A 61 6.61 0.74 4.11
N TYR A 62 5.82 1.02 3.09
CA TYR A 62 4.65 0.21 2.78
C TYR A 62 4.45 0.10 1.27
N THR A 63 3.46 -0.70 0.88
CA THR A 63 3.16 -0.90 -0.53
C THR A 63 1.66 -1.09 -0.76
N LEU A 64 1.10 -0.32 -1.69
CA LEU A 64 -0.32 -0.41 -2.00
C LEU A 64 -0.60 -1.57 -2.95
N VAL A 65 -1.77 -2.18 -2.78
CA VAL A 65 -2.16 -3.31 -3.62
C VAL A 65 -3.59 -3.13 -4.13
N ALA A 66 -3.72 -2.62 -5.35
CA ALA A 66 -5.02 -2.41 -5.96
C ALA A 66 -5.46 -3.63 -6.76
N PHE A 67 -6.61 -4.20 -6.41
CA PHE A 67 -7.14 -5.37 -7.09
C PHE A 67 -8.07 -4.96 -8.22
N PHE A 68 -7.68 -5.28 -9.45
CA PHE A 68 -8.48 -4.95 -10.63
C PHE A 68 -9.22 -6.18 -11.14
N ASN A 69 -9.88 -6.02 -12.28
CA ASN A 69 -10.63 -7.12 -12.90
C ASN A 69 -9.82 -8.41 -12.87
N LYS A 70 -10.12 -9.26 -11.89
CA LYS A 70 -9.42 -10.54 -11.74
C LYS A 70 -7.91 -10.34 -11.84
N ARG A 71 -7.39 -9.42 -11.04
CA ARG A 71 -5.96 -9.14 -11.04
C ARG A 71 -5.59 -8.22 -9.87
N VAL A 72 -4.30 -8.18 -9.54
CA VAL A 72 -3.82 -7.35 -8.45
C VAL A 72 -2.55 -6.61 -8.84
N TYR A 73 -2.49 -5.33 -8.49
CA TYR A 73 -1.31 -4.51 -8.81
C TYR A 73 -0.62 -4.04 -7.54
N ASN A 74 0.65 -4.37 -7.41
CA ASN A 74 1.43 -3.97 -6.24
C ASN A 74 2.26 -2.73 -6.53
N ILE A 75 1.74 -1.57 -6.12
CA ILE A 75 2.43 -0.30 -6.33
C ILE A 75 3.21 0.10 -5.10
N PRO A 76 4.48 0.47 -5.30
CA PRO A 76 5.37 0.90 -4.21
C PRO A 76 4.97 2.25 -3.64
N VAL A 77 4.93 2.34 -2.32
CA VAL A 77 4.55 3.57 -1.64
C VAL A 77 5.77 4.25 -1.03
N ARG A 78 6.54 4.94 -1.87
CA ARG A 78 7.74 5.64 -1.42
C ARG A 78 7.37 6.83 -0.53
N PHE A 79 8.16 7.05 0.52
CA PHE A 79 7.92 8.14 1.43
C PHE A 79 8.84 9.32 1.13
N ILE A 80 8.25 10.42 0.67
CA ILE A 80 9.02 11.62 0.34
C ILE A 80 9.49 12.33 1.60
N GLU A 81 10.58 11.84 2.19
CA GLU A 81 11.14 12.43 3.40
C GLU A 81 11.43 13.92 3.19
N ALA A 82 11.95 14.25 2.01
CA ALA A 82 12.28 15.64 1.69
C ALA A 82 11.16 16.58 2.11
N THR A 83 9.93 16.23 1.76
CA THR A 83 8.77 17.04 2.11
C THR A 83 7.79 16.27 2.98
N LYS A 84 8.25 15.14 3.53
CA LYS A 84 7.42 14.31 4.38
C LYS A 84 6.11 13.95 3.68
N GLN A 85 6.20 13.63 2.39
CA GLN A 85 5.02 13.27 1.62
C GLN A 85 5.07 11.80 1.20
N TYR A 86 4.09 11.39 0.39
CA TYR A 86 4.03 10.02 -0.08
C TYR A 86 3.59 9.96 -1.54
N ALA A 87 4.25 9.12 -2.33
CA ALA A 87 3.92 8.97 -3.74
C ALA A 87 3.92 7.49 -4.14
N LEU A 88 3.35 7.21 -5.31
CA LEU A 88 3.30 5.84 -5.82
C LEU A 88 4.26 5.64 -6.97
N GLY A 89 4.56 4.39 -7.28
CA GLY A 89 5.47 4.08 -8.37
C GLY A 89 6.83 4.74 -8.18
N LYS A 90 7.18 5.63 -9.11
CA LYS A 90 8.47 6.32 -9.05
C LYS A 90 8.27 7.79 -8.70
N LYS A 91 9.37 8.54 -8.66
CA LYS A 91 9.32 9.97 -8.35
C LYS A 91 9.22 10.80 -9.62
N LYS A 92 8.31 11.77 -9.61
CA LYS A 92 8.11 12.64 -10.77
C LYS A 92 7.18 13.79 -10.42
N ASN A 93 7.25 14.87 -11.21
CA ASN A 93 6.41 16.03 -10.98
C ASN A 93 4.93 15.68 -11.14
N GLY A 94 4.54 15.28 -12.35
CA GLY A 94 3.16 14.92 -12.60
C GLY A 94 2.62 13.94 -11.58
N GLU A 95 3.45 12.97 -11.21
CA GLU A 95 3.04 11.95 -10.24
C GLU A 95 2.23 12.58 -9.11
N GLU A 96 1.32 11.80 -8.53
CA GLU A 96 0.47 12.28 -7.45
C GLU A 96 1.15 12.07 -6.10
N TYR A 97 1.25 13.14 -5.32
CA TYR A 97 1.88 13.09 -4.02
C TYR A 97 0.88 13.41 -2.91
N PHE A 98 1.11 12.84 -1.73
CA PHE A 98 0.23 13.06 -0.59
C PHE A 98 1.03 13.43 0.65
N GLY A 99 0.31 13.82 1.71
CA GLY A 99 0.97 14.20 2.95
C GLY A 99 1.33 12.99 3.80
N SER A 100 0.54 11.93 3.69
CA SER A 100 0.78 10.72 4.46
C SER A 100 0.15 9.51 3.79
N VAL A 101 0.43 8.33 4.31
CA VAL A 101 -0.10 7.08 3.76
C VAL A 101 -1.63 7.10 3.74
N VAL A 102 -2.22 7.38 4.90
CA VAL A 102 -3.68 7.43 5.03
C VAL A 102 -4.29 8.29 3.92
N GLU A 103 -3.67 9.44 3.66
CA GLU A 103 -4.16 10.35 2.63
C GLU A 103 -4.26 9.64 1.28
N ILE A 104 -3.24 8.83 0.96
CA ILE A 104 -3.22 8.10 -0.29
C ILE A 104 -4.52 7.36 -0.53
N VAL A 105 -5.00 6.68 0.52
CA VAL A 105 -6.25 5.92 0.43
C VAL A 105 -7.45 6.85 0.39
N ASN A 106 -7.45 7.85 1.27
CA ASN A 106 -8.55 8.82 1.33
C ASN A 106 -8.64 9.61 0.04
N SER A 107 -7.63 10.44 -0.22
CA SER A 107 -7.61 11.27 -1.43
C SER A 107 -8.08 10.47 -2.64
N HIS A 108 -7.87 9.16 -2.61
CA HIS A 108 -8.27 8.28 -3.69
C HIS A 108 -9.75 7.94 -3.60
N GLN A 109 -10.25 7.78 -2.37
CA GLN A 109 -11.65 7.46 -2.15
C GLN A 109 -12.54 8.14 -3.19
N HIS A 110 -12.16 9.35 -3.58
CA HIS A 110 -12.93 10.10 -4.57
C HIS A 110 -12.27 10.01 -5.95
N ASN A 111 -10.98 10.35 -6.01
CA ASN A 111 -10.24 10.31 -7.27
C ASN A 111 -9.81 8.88 -7.60
N PRO A 112 -9.93 8.51 -8.87
CA PRO A 112 -9.56 7.17 -9.35
C PRO A 112 -8.05 6.95 -9.33
N LEU A 113 -7.65 5.75 -8.94
CA LEU A 113 -6.23 5.39 -8.87
C LEU A 113 -5.72 4.92 -10.22
N VAL A 114 -5.09 5.83 -10.96
CA VAL A 114 -4.55 5.49 -12.28
C VAL A 114 -3.58 4.32 -12.19
N LEU A 115 -3.77 3.33 -13.06
CA LEU A 115 -2.91 2.16 -13.08
C LEU A 115 -2.29 1.97 -14.46
N ILE A 116 -0.96 2.06 -14.52
CA ILE A 116 -0.25 1.90 -15.79
C ILE A 116 0.81 0.80 -15.68
N ASP A 117 0.37 -0.45 -15.85
CA ASP A 117 1.27 -1.60 -15.78
C ASP A 117 2.54 -1.34 -16.58
N SER A 118 2.38 -1.16 -17.89
CA SER A 118 3.52 -0.91 -18.77
C SER A 118 3.23 0.26 -19.71
N GLN A 119 4.25 0.68 -20.46
CA GLN A 119 4.11 1.78 -21.39
C GLN A 119 3.43 1.32 -22.68
N ASN A 120 2.34 0.57 -22.54
CA ASN A 120 1.61 0.07 -23.70
C ASN A 120 0.25 0.76 -23.81
N ASN A 121 0.22 2.05 -23.49
CA ASN A 121 -1.01 2.84 -23.56
C ASN A 121 -2.12 2.18 -22.74
N THR A 122 -1.77 1.72 -21.54
CA THR A 122 -2.74 1.07 -20.66
C THR A 122 -2.96 1.89 -19.40
N LYS A 123 -4.09 2.60 -19.35
CA LYS A 123 -4.42 3.43 -18.20
C LYS A 123 -5.75 2.98 -17.59
N ASP A 124 -5.66 2.14 -16.56
CA ASP A 124 -6.86 1.65 -15.88
C ASP A 124 -6.99 2.27 -14.49
N SER A 125 -7.58 3.47 -14.43
CA SER A 125 -7.76 4.16 -13.17
C SER A 125 -9.03 3.70 -12.47
N THR A 126 -8.91 3.44 -11.17
CA THR A 126 -10.06 2.99 -10.38
C THR A 126 -9.98 3.52 -8.95
N ARG A 127 -11.07 4.12 -8.50
CA ARG A 127 -11.13 4.67 -7.15
C ARG A 127 -11.30 3.57 -6.11
N LEU A 128 -10.67 3.75 -4.96
CA LEU A 128 -10.76 2.76 -3.89
C LEU A 128 -12.14 2.78 -3.25
N LYS A 129 -12.82 1.63 -3.29
CA LYS A 129 -14.16 1.51 -2.71
C LYS A 129 -14.20 0.40 -1.66
N TYR A 130 -13.57 -0.73 -1.98
CA TYR A 130 -13.53 -1.86 -1.06
C TYR A 130 -12.19 -1.94 -0.35
N ALA A 131 -12.21 -2.47 0.88
CA ALA A 131 -10.99 -2.61 1.67
C ALA A 131 -10.88 -4.01 2.26
N VAL A 132 -10.10 -4.86 1.59
CA VAL A 132 -9.91 -6.23 2.05
C VAL A 132 -8.82 -6.30 3.13
N LYS A 133 -9.06 -7.11 4.14
CA LYS A 133 -8.09 -7.27 5.23
C LYS A 133 -7.54 -8.69 5.26
N VAL A 134 -6.35 -8.87 4.71
CA VAL A 134 -5.70 -10.18 4.67
C VAL A 134 -5.51 -10.74 6.08
N SER A 135 -5.25 -12.04 6.16
CA SER A 135 -5.05 -12.69 7.45
C SER A 135 -4.34 -14.03 7.28
N SER A 136 -3.25 -14.21 8.03
CA SER A 136 -2.47 -15.44 7.95
C SER A 136 -3.36 -16.66 8.11
N GLY A 137 -3.18 -17.64 7.23
CA GLY A 137 -3.98 -18.85 7.29
C GLY A 137 -3.13 -20.11 7.30
N PRO A 138 -2.77 -20.58 8.50
CA PRO A 138 -1.95 -21.78 8.67
C PRO A 138 -2.70 -23.05 8.27
N SER A 139 -4.03 -22.97 8.27
CA SER A 139 -4.85 -24.12 7.92
C SER A 139 -5.34 -24.02 6.48
N SER A 140 -4.53 -24.51 5.54
CA SER A 140 -4.87 -24.47 4.13
C SER A 140 -4.97 -25.88 3.55
N GLY A 141 -6.17 -26.26 3.12
CA GLY A 141 -6.38 -27.57 2.56
C GLY A 141 -7.84 -27.87 2.29
N GLY A 1 20.65 -12.54 12.70
CA GLY A 1 19.74 -11.79 13.54
C GLY A 1 20.20 -10.36 13.76
N SER A 2 20.01 -9.87 14.98
CA SER A 2 20.41 -8.51 15.32
C SER A 2 20.49 -8.33 16.83
N SER A 3 21.30 -7.36 17.26
CA SER A 3 21.48 -7.09 18.68
C SER A 3 20.51 -6.00 19.14
N GLY A 4 19.57 -6.37 20.01
CA GLY A 4 18.61 -5.41 20.51
C GLY A 4 17.57 -5.04 19.48
N SER A 5 17.02 -3.83 19.62
CA SER A 5 16.00 -3.35 18.67
C SER A 5 16.62 -2.40 17.65
N SER A 6 16.61 -2.81 16.40
CA SER A 6 17.17 -2.00 15.32
C SER A 6 16.24 -0.85 14.97
N GLY A 7 16.70 0.04 14.09
CA GLY A 7 15.89 1.17 13.69
C GLY A 7 16.72 2.43 13.49
N PRO A 8 17.28 2.60 12.30
CA PRO A 8 18.12 3.76 11.97
C PRO A 8 17.29 5.04 11.86
N PHE A 9 15.98 4.92 12.01
CA PHE A 9 15.08 6.05 11.92
C PHE A 9 14.64 6.51 13.31
N ASN A 10 13.88 7.59 13.36
CA ASN A 10 13.39 8.13 14.63
C ASN A 10 11.86 8.17 14.64
N SER A 11 11.25 7.11 15.16
CA SER A 11 9.80 7.02 15.24
C SER A 11 9.15 7.70 14.04
N THR A 12 9.70 7.45 12.86
CA THR A 12 9.18 8.05 11.63
C THR A 12 7.96 7.28 11.12
N PHE A 13 8.05 5.96 11.11
CA PHE A 13 6.95 5.12 10.66
C PHE A 13 6.11 4.63 11.84
N ALA A 14 6.78 4.24 12.92
CA ALA A 14 6.09 3.77 14.11
C ALA A 14 4.87 4.62 14.42
N ASP A 15 5.05 5.94 14.41
CA ASP A 15 3.96 6.87 14.69
C ASP A 15 2.84 6.70 13.67
N GLN A 16 3.20 6.67 12.40
CA GLN A 16 2.23 6.52 11.32
C GLN A 16 1.46 5.21 11.47
N GLU A 17 2.14 4.18 11.95
CA GLU A 17 1.52 2.87 12.14
C GLU A 17 0.30 2.97 13.03
N ALA A 18 0.41 3.74 14.10
CA ALA A 18 -0.68 3.93 15.04
C ALA A 18 -1.95 4.39 14.32
N GLU A 19 -1.77 5.30 13.36
CA GLU A 19 -2.91 5.83 12.60
C GLU A 19 -3.29 4.87 11.48
N LEU A 20 -2.77 3.65 11.53
CA LEU A 20 -3.05 2.65 10.52
C LEU A 20 -3.59 1.36 11.15
N LEU A 21 -3.19 1.12 12.40
CA LEU A 21 -3.62 -0.06 13.13
C LEU A 21 -5.15 -0.10 13.25
N GLY A 22 -5.74 -1.20 12.79
CA GLY A 22 -7.18 -1.34 12.87
C GLY A 22 -7.85 -1.15 11.52
N LYS A 23 -7.31 -0.24 10.72
CA LYS A 23 -7.86 0.04 9.39
C LYS A 23 -8.24 -1.25 8.68
N PRO A 24 -9.42 -1.25 8.03
CA PRO A 24 -9.93 -2.41 7.31
C PRO A 24 -9.12 -2.69 6.04
N TRP A 25 -8.21 -1.79 5.72
CA TRP A 25 -7.38 -1.95 4.52
C TRP A 25 -5.93 -2.24 4.91
N TYR A 26 -5.52 -1.73 6.06
CA TYR A 26 -4.16 -1.94 6.54
C TYR A 26 -3.86 -3.42 6.71
N ALA A 27 -3.27 -4.02 5.68
CA ALA A 27 -2.93 -5.44 5.71
C ALA A 27 -1.87 -5.72 6.78
N GLY A 28 -1.13 -4.69 7.16
CA GLY A 28 -0.10 -4.85 8.17
C GLY A 28 1.16 -5.47 7.61
N ALA A 29 1.91 -6.17 8.45
CA ALA A 29 3.14 -6.82 8.04
C ALA A 29 2.86 -8.17 7.39
N CYS A 30 1.86 -8.22 6.52
CA CYS A 30 1.49 -9.44 5.85
C CYS A 30 2.56 -9.85 4.83
N ASP A 31 2.32 -10.97 4.15
CA ASP A 31 3.27 -11.47 3.16
C ASP A 31 2.80 -11.13 1.75
N ARG A 32 3.70 -10.58 0.94
CA ARG A 32 3.37 -10.21 -0.43
C ARG A 32 2.38 -11.20 -1.04
N LYS A 33 2.60 -12.48 -0.80
CA LYS A 33 1.72 -13.53 -1.32
C LYS A 33 0.30 -13.36 -0.78
N SER A 34 0.16 -13.48 0.53
CA SER A 34 -1.14 -13.35 1.18
C SER A 34 -1.90 -12.13 0.63
N ALA A 35 -1.21 -11.00 0.56
CA ALA A 35 -1.81 -9.78 0.06
C ALA A 35 -2.48 -10.00 -1.29
N GLU A 36 -1.81 -10.76 -2.15
CA GLU A 36 -2.36 -11.06 -3.47
C GLU A 36 -3.52 -12.03 -3.39
N GLU A 37 -3.39 -13.03 -2.52
CA GLU A 37 -4.44 -14.03 -2.34
C GLU A 37 -5.71 -13.39 -1.82
N ALA A 38 -5.63 -12.79 -0.63
CA ALA A 38 -6.79 -12.14 -0.02
C ALA A 38 -7.51 -11.26 -1.03
N LEU A 39 -6.79 -10.83 -2.06
CA LEU A 39 -7.37 -9.98 -3.10
C LEU A 39 -8.02 -10.81 -4.20
N HIS A 40 -7.31 -11.84 -4.64
CA HIS A 40 -7.81 -12.73 -5.69
C HIS A 40 -9.05 -13.48 -5.21
N ARG A 41 -9.11 -13.76 -3.92
CA ARG A 41 -10.23 -14.48 -3.34
C ARG A 41 -11.48 -13.59 -3.31
N SER A 42 -11.27 -12.29 -3.09
CA SER A 42 -12.38 -11.34 -3.02
C SER A 42 -13.09 -11.24 -4.37
N ASN A 43 -12.31 -11.03 -5.42
CA ASN A 43 -12.87 -10.92 -6.77
C ASN A 43 -13.76 -9.69 -6.89
N LYS A 44 -13.25 -8.55 -6.44
CA LYS A 44 -14.00 -7.30 -6.49
C LYS A 44 -13.13 -6.17 -7.01
N ASP A 45 -13.19 -5.94 -8.33
CA ASP A 45 -12.40 -4.88 -8.95
C ASP A 45 -12.62 -3.56 -8.24
N GLY A 46 -11.67 -3.20 -7.38
CA GLY A 46 -11.78 -1.94 -6.64
C GLY A 46 -11.21 -2.06 -5.23
N SER A 47 -10.98 -3.29 -4.78
CA SER A 47 -10.45 -3.52 -3.45
C SER A 47 -9.02 -3.03 -3.34
N PHE A 48 -8.59 -2.76 -2.11
CA PHE A 48 -7.23 -2.28 -1.87
C PHE A 48 -6.76 -2.66 -0.47
N LEU A 49 -5.46 -2.89 -0.33
CA LEU A 49 -4.87 -3.26 0.95
C LEU A 49 -3.41 -2.82 1.04
N ILE A 50 -3.06 -2.20 2.16
CA ILE A 50 -1.70 -1.74 2.37
C ILE A 50 -0.86 -2.79 3.10
N ARG A 51 0.30 -3.12 2.54
CA ARG A 51 1.19 -4.11 3.13
C ARG A 51 2.49 -3.46 3.58
N LYS A 52 2.75 -3.50 4.89
CA LYS A 52 3.96 -2.92 5.44
C LYS A 52 5.19 -3.71 5.01
N SER A 53 6.24 -3.00 4.60
CA SER A 53 7.48 -3.64 4.17
C SER A 53 8.20 -4.28 5.35
N SER A 54 9.40 -4.80 5.08
CA SER A 54 10.20 -5.44 6.12
C SER A 54 11.46 -4.63 6.42
N GLY A 55 12.24 -5.12 7.38
CA GLY A 55 13.47 -4.42 7.74
C GLY A 55 14.34 -4.12 6.53
N HIS A 56 15.41 -4.90 6.37
CA HIS A 56 16.32 -4.70 5.26
C HIS A 56 15.56 -4.45 3.96
N ASP A 57 15.51 -3.20 3.54
CA ASP A 57 14.81 -2.82 2.31
C ASP A 57 15.02 -1.33 2.01
N SER A 58 14.36 -0.86 0.96
CA SER A 58 14.47 0.53 0.55
C SER A 58 13.60 1.42 1.43
N LYS A 59 13.49 2.69 1.05
CA LYS A 59 12.68 3.65 1.80
C LYS A 59 11.20 3.43 1.53
N GLN A 60 10.78 2.18 1.53
CA GLN A 60 9.39 1.83 1.30
C GLN A 60 8.70 1.41 2.59
N PRO A 61 7.96 2.34 3.21
CA PRO A 61 7.25 2.07 4.46
C PRO A 61 6.06 1.14 4.26
N TYR A 62 5.36 1.30 3.15
CA TYR A 62 4.21 0.46 2.84
C TYR A 62 4.05 0.27 1.34
N THR A 63 3.09 -0.57 0.95
CA THR A 63 2.84 -0.84 -0.46
C THR A 63 1.35 -1.05 -0.72
N LEU A 64 0.76 -0.17 -1.53
CA LEU A 64 -0.65 -0.27 -1.86
C LEU A 64 -0.88 -1.28 -2.98
N VAL A 65 -1.87 -2.15 -2.78
CA VAL A 65 -2.20 -3.17 -3.78
C VAL A 65 -3.67 -3.10 -4.17
N ALA A 66 -3.94 -2.50 -5.33
CA ALA A 66 -5.30 -2.37 -5.83
C ALA A 66 -5.69 -3.57 -6.68
N PHE A 67 -6.64 -4.36 -6.18
CA PHE A 67 -7.10 -5.54 -6.89
C PHE A 67 -8.10 -5.16 -7.99
N PHE A 68 -7.89 -5.70 -9.19
CA PHE A 68 -8.78 -5.42 -10.30
C PHE A 68 -9.41 -6.70 -10.83
N ASN A 69 -10.41 -6.54 -11.70
CA ASN A 69 -11.11 -7.69 -12.28
C ASN A 69 -10.14 -8.82 -12.56
N LYS A 70 -9.99 -9.72 -11.61
CA LYS A 70 -9.09 -10.87 -11.74
C LYS A 70 -7.65 -10.40 -11.99
N ARG A 71 -7.21 -9.43 -11.20
CA ARG A 71 -5.85 -8.91 -11.32
C ARG A 71 -5.40 -8.27 -10.01
N VAL A 72 -4.08 -8.10 -9.87
CA VAL A 72 -3.51 -7.51 -8.66
C VAL A 72 -2.39 -6.54 -9.01
N TYR A 73 -2.57 -5.28 -8.61
CA TYR A 73 -1.57 -4.25 -8.89
C TYR A 73 -0.95 -3.73 -7.59
N ASN A 74 0.29 -4.15 -7.32
CA ASN A 74 0.99 -3.73 -6.12
C ASN A 74 1.85 -2.51 -6.39
N ILE A 75 1.31 -1.33 -6.09
CA ILE A 75 2.04 -0.07 -6.30
C ILE A 75 2.89 0.28 -5.08
N PRO A 76 4.19 0.47 -5.31
CA PRO A 76 5.14 0.81 -4.25
C PRO A 76 4.92 2.23 -3.73
N VAL A 77 4.66 2.34 -2.42
CA VAL A 77 4.44 3.63 -1.79
C VAL A 77 5.74 4.23 -1.29
N ARG A 78 6.55 4.75 -2.21
CA ARG A 78 7.82 5.35 -1.86
C ARG A 78 7.63 6.51 -0.89
N PHE A 79 8.59 6.68 0.01
CA PHE A 79 8.53 7.75 0.99
C PHE A 79 9.62 8.78 0.76
N ILE A 80 9.22 9.98 0.35
CA ILE A 80 10.16 11.05 0.08
C ILE A 80 10.48 11.83 1.36
N GLU A 81 11.76 11.83 1.75
CA GLU A 81 12.19 12.53 2.95
C GLU A 81 12.19 14.04 2.71
N ALA A 82 12.87 14.48 1.67
CA ALA A 82 12.94 15.90 1.33
C ALA A 82 11.66 16.62 1.74
N THR A 83 10.52 15.94 1.60
CA THR A 83 9.24 16.51 1.95
C THR A 83 8.46 15.61 2.91
N LYS A 84 9.08 14.49 3.26
CA LYS A 84 8.45 13.53 4.17
C LYS A 84 7.04 13.18 3.71
N GLN A 85 6.86 13.07 2.40
CA GLN A 85 5.56 12.75 1.82
C GLN A 85 5.56 11.35 1.21
N TYR A 86 4.42 10.94 0.68
CA TYR A 86 4.30 9.63 0.06
C TYR A 86 3.84 9.75 -1.40
N ALA A 87 4.52 9.04 -2.28
CA ALA A 87 4.19 9.07 -3.70
C ALA A 87 3.90 7.66 -4.23
N LEU A 88 3.09 7.58 -5.28
CA LEU A 88 2.74 6.29 -5.87
C LEU A 88 3.73 5.92 -6.97
N GLY A 89 4.18 4.66 -6.95
CA GLY A 89 5.12 4.19 -7.95
C GLY A 89 6.50 4.79 -7.77
N LYS A 90 7.44 4.35 -8.59
CA LYS A 90 8.81 4.85 -8.52
C LYS A 90 8.89 6.32 -8.94
N LYS A 91 10.10 6.84 -9.01
CA LYS A 91 10.31 8.24 -9.40
C LYS A 91 9.55 8.56 -10.68
N LYS A 92 8.78 9.64 -10.65
CA LYS A 92 8.01 10.06 -11.81
C LYS A 92 8.03 11.58 -11.96
N ASN A 93 8.17 12.05 -13.19
CA ASN A 93 8.21 13.48 -13.48
C ASN A 93 6.93 14.17 -12.99
N GLY A 94 7.05 14.92 -11.89
CA GLY A 94 5.90 15.61 -11.34
C GLY A 94 4.75 14.67 -11.03
N GLU A 95 4.92 13.84 -10.01
CA GLU A 95 3.88 12.89 -9.62
C GLU A 95 3.04 13.45 -8.47
N GLU A 96 2.07 12.66 -8.03
CA GLU A 96 1.20 13.06 -6.94
C GLU A 96 1.84 12.76 -5.58
N TYR A 97 1.79 13.73 -4.67
CA TYR A 97 2.37 13.57 -3.34
C TYR A 97 1.28 13.61 -2.27
N PHE A 98 1.44 12.77 -1.26
CA PHE A 98 0.46 12.71 -0.16
C PHE A 98 1.16 12.87 1.18
N GLY A 99 0.82 13.93 1.89
CA GLY A 99 1.42 14.19 3.20
C GLY A 99 1.64 12.92 3.98
N SER A 100 0.70 11.98 3.88
CA SER A 100 0.79 10.72 4.60
C SER A 100 0.12 9.60 3.81
N VAL A 101 0.31 8.36 4.27
CA VAL A 101 -0.28 7.21 3.61
C VAL A 101 -1.79 7.29 3.59
N VAL A 102 -2.39 7.44 4.78
CA VAL A 102 -3.83 7.54 4.90
C VAL A 102 -4.42 8.41 3.80
N GLU A 103 -3.81 9.58 3.59
CA GLU A 103 -4.28 10.50 2.57
C GLU A 103 -4.40 9.80 1.22
N ILE A 104 -3.38 9.04 0.86
CA ILE A 104 -3.38 8.32 -0.41
C ILE A 104 -4.69 7.55 -0.61
N VAL A 105 -5.18 6.93 0.45
CA VAL A 105 -6.42 6.17 0.39
C VAL A 105 -7.63 7.11 0.33
N ASN A 106 -7.59 8.17 1.13
CA ASN A 106 -8.68 9.14 1.18
C ASN A 106 -8.84 9.84 -0.17
N SER A 107 -7.85 10.65 -0.53
CA SER A 107 -7.87 11.39 -1.79
C SER A 107 -8.41 10.51 -2.91
N HIS A 108 -8.14 9.22 -2.84
CA HIS A 108 -8.59 8.28 -3.85
C HIS A 108 -10.10 8.04 -3.74
N GLN A 109 -10.59 7.97 -2.49
CA GLN A 109 -12.00 7.75 -2.25
C GLN A 109 -12.85 8.45 -3.30
N HIS A 110 -12.39 9.60 -3.76
CA HIS A 110 -13.12 10.37 -4.77
C HIS A 110 -12.49 10.16 -6.16
N ASN A 111 -11.21 10.47 -6.28
CA ASN A 111 -10.51 10.32 -7.55
C ASN A 111 -10.09 8.86 -7.76
N PRO A 112 -10.22 8.39 -9.01
CA PRO A 112 -9.86 7.01 -9.38
C PRO A 112 -8.36 6.78 -9.34
N LEU A 113 -7.97 5.62 -8.81
CA LEU A 113 -6.55 5.27 -8.71
C LEU A 113 -6.01 4.80 -10.05
N VAL A 114 -5.48 5.73 -10.83
CA VAL A 114 -4.92 5.41 -12.13
C VAL A 114 -3.82 4.37 -12.03
N LEU A 115 -4.02 3.23 -12.68
CA LEU A 115 -3.03 2.16 -12.66
C LEU A 115 -2.32 2.04 -14.00
N ILE A 116 -1.00 2.21 -13.96
CA ILE A 116 -0.19 2.11 -15.18
C ILE A 116 0.75 0.92 -15.13
N ASP A 117 0.22 -0.27 -15.44
CA ASP A 117 1.02 -1.49 -15.43
C ASP A 117 1.96 -1.53 -16.63
N SER A 118 3.21 -1.19 -16.40
CA SER A 118 4.22 -1.19 -17.48
C SER A 118 3.93 -2.31 -18.47
N GLN A 119 3.76 -3.53 -17.96
CA GLN A 119 3.49 -4.68 -18.81
C GLN A 119 2.63 -4.28 -20.02
N ASN A 120 1.54 -3.58 -19.75
CA ASN A 120 0.64 -3.15 -20.80
C ASN A 120 0.29 -1.67 -20.65
N ASN A 121 0.28 -0.95 -21.76
CA ASN A 121 -0.03 0.48 -21.74
C ASN A 121 -1.53 0.71 -21.60
N THR A 122 -2.13 0.02 -20.62
CA THR A 122 -3.56 0.14 -20.38
C THR A 122 -3.83 0.94 -19.10
N LYS A 123 -4.23 2.20 -19.26
CA LYS A 123 -4.52 3.06 -18.12
C LYS A 123 -5.87 2.71 -17.50
N ASP A 124 -5.84 1.94 -16.42
CA ASP A 124 -7.06 1.53 -15.73
C ASP A 124 -7.13 2.16 -14.33
N SER A 125 -7.88 3.25 -14.22
CA SER A 125 -8.02 3.94 -12.94
C SER A 125 -9.30 3.49 -12.22
N THR A 126 -9.16 3.19 -10.94
CA THR A 126 -10.30 2.74 -10.14
C THR A 126 -10.27 3.35 -8.74
N ARG A 127 -11.40 3.87 -8.30
CA ARG A 127 -11.49 4.48 -6.98
C ARG A 127 -11.61 3.42 -5.89
N LEU A 128 -11.00 3.69 -4.74
CA LEU A 128 -11.04 2.75 -3.62
C LEU A 128 -12.44 2.67 -3.03
N LYS A 129 -13.13 1.56 -3.28
CA LYS A 129 -14.48 1.36 -2.76
C LYS A 129 -14.51 0.22 -1.75
N TYR A 130 -13.76 -0.84 -2.03
CA TYR A 130 -13.70 -2.00 -1.14
C TYR A 130 -12.37 -2.04 -0.40
N ALA A 131 -12.40 -2.59 0.81
CA ALA A 131 -11.21 -2.70 1.63
C ALA A 131 -11.02 -4.13 2.14
N VAL A 132 -10.18 -4.89 1.44
CA VAL A 132 -9.91 -6.27 1.82
C VAL A 132 -8.58 -6.38 2.57
N LYS A 133 -8.66 -6.57 3.89
CA LYS A 133 -7.47 -6.70 4.71
C LYS A 133 -7.16 -8.17 5.00
N VAL A 134 -5.91 -8.55 4.79
CA VAL A 134 -5.48 -9.93 5.03
C VAL A 134 -5.21 -10.17 6.51
N SER A 135 -5.24 -11.43 6.91
CA SER A 135 -5.00 -11.80 8.31
C SER A 135 -4.65 -13.28 8.42
N SER A 136 -3.65 -13.58 9.23
CA SER A 136 -3.21 -14.96 9.43
C SER A 136 -4.37 -15.85 9.88
N GLY A 137 -4.29 -17.13 9.57
CA GLY A 137 -5.34 -18.06 9.94
C GLY A 137 -5.03 -19.49 9.52
N PRO A 138 -6.08 -20.25 9.21
CA PRO A 138 -5.95 -21.65 8.78
C PRO A 138 -5.32 -21.78 7.40
N SER A 139 -4.16 -22.41 7.34
CA SER A 139 -3.45 -22.60 6.08
C SER A 139 -2.71 -23.93 6.06
N SER A 140 -2.65 -24.56 4.89
CA SER A 140 -1.98 -25.85 4.74
C SER A 140 -0.91 -25.77 3.65
N GLY A 141 -0.01 -26.75 3.65
CA GLY A 141 1.04 -26.79 2.64
C GLY A 141 1.58 -28.18 2.42
N GLY A 1 23.18 -10.20 9.10
CA GLY A 1 22.56 -9.92 7.83
C GLY A 1 21.67 -8.69 7.87
N SER A 2 20.38 -8.90 8.08
CA SER A 2 19.42 -7.80 8.14
C SER A 2 19.58 -7.01 9.44
N SER A 3 19.44 -5.70 9.35
CA SER A 3 19.56 -4.82 10.51
C SER A 3 18.68 -5.32 11.65
N GLY A 4 17.44 -5.66 11.33
CA GLY A 4 16.50 -6.14 12.34
C GLY A 4 16.10 -5.06 13.32
N SER A 5 15.57 -3.96 12.78
CA SER A 5 15.14 -2.84 13.62
C SER A 5 14.54 -3.34 14.92
N SER A 6 15.13 -2.91 16.04
CA SER A 6 14.66 -3.33 17.36
C SER A 6 14.07 -2.13 18.12
N GLY A 7 12.95 -2.35 18.77
CA GLY A 7 12.30 -1.29 19.53
C GLY A 7 11.62 -0.28 18.64
N PRO A 8 10.59 -0.74 17.90
CA PRO A 8 9.84 0.13 16.99
C PRO A 8 8.98 1.14 17.73
N PHE A 9 9.08 1.14 19.06
CA PHE A 9 8.31 2.06 19.88
C PHE A 9 8.72 3.51 19.61
N ASN A 10 10.01 3.73 19.41
CA ASN A 10 10.53 5.07 19.14
C ASN A 10 11.46 5.05 17.95
N SER A 11 10.93 5.40 16.78
CA SER A 11 11.73 5.42 15.56
C SER A 11 10.91 5.98 14.39
N THR A 12 11.54 6.06 13.23
CA THR A 12 10.88 6.58 12.04
C THR A 12 9.68 5.70 11.65
N PHE A 13 8.70 6.31 11.01
CA PHE A 13 7.50 5.59 10.58
C PHE A 13 6.94 4.76 11.73
N ALA A 14 7.22 5.18 12.96
CA ALA A 14 6.75 4.48 14.13
C ALA A 14 5.48 5.12 14.69
N ASP A 15 5.45 6.45 14.68
CA ASP A 15 4.30 7.20 15.18
C ASP A 15 3.13 7.11 14.21
N GLN A 16 3.44 7.18 12.91
CA GLN A 16 2.40 7.10 11.89
C GLN A 16 1.65 5.77 11.96
N GLU A 17 2.40 4.69 12.11
CA GLU A 17 1.81 3.36 12.19
C GLU A 17 0.56 3.37 13.08
N ALA A 18 0.59 4.20 14.11
CA ALA A 18 -0.53 4.32 15.04
C ALA A 18 -1.81 4.72 14.31
N GLU A 19 -1.68 5.64 13.37
CA GLU A 19 -2.82 6.11 12.60
C GLU A 19 -3.12 5.17 11.43
N LEU A 20 -2.51 3.99 11.46
CA LEU A 20 -2.71 2.99 10.42
C LEU A 20 -3.27 1.69 11.00
N LEU A 21 -2.88 1.39 12.23
CA LEU A 21 -3.33 0.18 12.90
C LEU A 21 -4.85 0.20 13.10
N GLY A 22 -5.50 -0.91 12.77
CA GLY A 22 -6.95 -0.99 12.92
C GLY A 22 -7.67 -0.86 11.59
N LYS A 23 -7.11 -0.07 10.69
CA LYS A 23 -7.71 0.14 9.38
C LYS A 23 -8.05 -1.18 8.72
N PRO A 24 -9.22 -1.22 8.05
CA PRO A 24 -9.69 -2.42 7.35
C PRO A 24 -8.86 -2.75 6.12
N TRP A 25 -8.17 -1.74 5.60
CA TRP A 25 -7.34 -1.92 4.42
C TRP A 25 -5.90 -2.26 4.81
N TYR A 26 -5.49 -1.78 5.97
CA TYR A 26 -4.13 -2.03 6.47
C TYR A 26 -3.90 -3.52 6.69
N ALA A 27 -3.40 -4.20 5.66
CA ALA A 27 -3.13 -5.62 5.75
C ALA A 27 -2.07 -5.92 6.81
N GLY A 28 -1.27 -4.92 7.13
CA GLY A 28 -0.22 -5.09 8.13
C GLY A 28 1.00 -5.80 7.58
N ALA A 29 1.75 -6.45 8.45
CA ALA A 29 2.95 -7.17 8.05
C ALA A 29 2.63 -8.60 7.64
N CYS A 30 2.04 -8.76 6.46
CA CYS A 30 1.67 -10.07 5.95
C CYS A 30 2.52 -10.44 4.74
N ASP A 31 2.43 -11.69 4.32
CA ASP A 31 3.19 -12.17 3.16
C ASP A 31 2.65 -11.56 1.87
N ARG A 32 3.54 -11.41 0.89
CA ARG A 32 3.16 -10.84 -0.40
C ARG A 32 2.08 -11.69 -1.07
N LYS A 33 2.22 -13.01 -0.95
CA LYS A 33 1.27 -13.93 -1.56
C LYS A 33 -0.12 -13.78 -0.92
N SER A 34 -0.16 -13.84 0.40
CA SER A 34 -1.41 -13.71 1.13
C SER A 34 -2.20 -12.50 0.66
N ALA A 35 -1.55 -11.34 0.63
CA ALA A 35 -2.19 -10.11 0.20
C ALA A 35 -2.94 -10.32 -1.11
N GLU A 36 -2.25 -10.87 -2.10
CA GLU A 36 -2.86 -11.12 -3.40
C GLU A 36 -4.06 -12.05 -3.28
N GLU A 37 -3.86 -13.17 -2.58
CA GLU A 37 -4.93 -14.15 -2.37
C GLU A 37 -6.17 -13.49 -1.77
N ALA A 38 -5.99 -12.84 -0.62
CA ALA A 38 -7.08 -12.16 0.05
C ALA A 38 -7.89 -11.31 -0.92
N LEU A 39 -7.24 -10.87 -1.99
CA LEU A 39 -7.90 -10.04 -2.99
C LEU A 39 -8.55 -10.92 -4.07
N HIS A 40 -7.77 -11.83 -4.64
CA HIS A 40 -8.28 -12.73 -5.67
C HIS A 40 -9.51 -13.49 -5.17
N ARG A 41 -9.58 -13.71 -3.87
CA ARG A 41 -10.70 -14.43 -3.28
C ARG A 41 -11.95 -13.54 -3.23
N SER A 42 -11.76 -12.27 -2.92
CA SER A 42 -12.87 -11.33 -2.85
C SER A 42 -13.62 -11.26 -4.18
N ASN A 43 -12.87 -11.06 -5.26
CA ASN A 43 -13.45 -10.98 -6.59
C ASN A 43 -14.34 -9.74 -6.72
N LYS A 44 -13.84 -8.61 -6.22
CA LYS A 44 -14.59 -7.36 -6.27
C LYS A 44 -13.70 -6.21 -6.75
N ASP A 45 -13.56 -6.09 -8.06
CA ASP A 45 -12.74 -5.04 -8.65
C ASP A 45 -12.85 -3.74 -7.83
N GLY A 46 -11.71 -3.20 -7.43
CA GLY A 46 -11.71 -1.98 -6.65
C GLY A 46 -11.07 -2.15 -5.29
N SER A 47 -11.15 -3.37 -4.77
CA SER A 47 -10.57 -3.67 -3.45
C SER A 47 -9.12 -3.24 -3.37
N PHE A 48 -8.67 -2.92 -2.16
CA PHE A 48 -7.29 -2.49 -1.95
C PHE A 48 -6.80 -2.88 -0.57
N LEU A 49 -5.48 -2.95 -0.41
CA LEU A 49 -4.88 -3.31 0.88
C LEU A 49 -3.43 -2.86 0.94
N ILE A 50 -3.06 -2.25 2.06
CA ILE A 50 -1.69 -1.78 2.26
C ILE A 50 -0.85 -2.81 3.01
N ARG A 51 0.24 -3.24 2.38
CA ARG A 51 1.13 -4.23 2.99
C ARG A 51 2.48 -3.60 3.33
N LYS A 52 2.94 -3.80 4.56
CA LYS A 52 4.22 -3.26 5.00
C LYS A 52 5.37 -3.92 4.25
N SER A 53 6.39 -3.12 3.94
CA SER A 53 7.55 -3.62 3.21
C SER A 53 8.45 -4.44 4.13
N SER A 54 8.42 -5.76 3.96
CA SER A 54 9.23 -6.65 4.78
C SER A 54 10.66 -6.74 4.24
N GLY A 55 11.56 -6.02 4.88
CA GLY A 55 12.96 -6.04 4.45
C GLY A 55 13.77 -4.92 5.08
N HIS A 56 14.78 -4.45 4.35
CA HIS A 56 15.63 -3.37 4.85
C HIS A 56 15.59 -2.17 3.92
N ASP A 57 14.59 -1.31 4.11
CA ASP A 57 14.43 -0.11 3.29
C ASP A 57 13.46 0.86 3.94
N SER A 58 13.70 2.15 3.72
CA SER A 58 12.85 3.19 4.30
C SER A 58 12.05 3.90 3.21
N LYS A 59 12.71 4.13 2.06
CA LYS A 59 12.06 4.81 0.94
C LYS A 59 10.69 4.20 0.66
N GLN A 60 10.58 2.89 0.85
CA GLN A 60 9.32 2.19 0.62
C GLN A 60 8.76 1.62 1.92
N PRO A 61 8.03 2.45 2.67
CA PRO A 61 7.44 2.04 3.95
C PRO A 61 6.29 1.05 3.77
N TYR A 62 5.46 1.29 2.77
CA TYR A 62 4.34 0.42 2.48
C TYR A 62 4.13 0.26 0.98
N THR A 63 3.22 -0.65 0.60
CA THR A 63 2.94 -0.91 -0.80
C THR A 63 1.45 -1.14 -1.02
N LEU A 64 0.83 -0.30 -1.83
CA LEU A 64 -0.60 -0.41 -2.12
C LEU A 64 -0.85 -1.55 -3.12
N VAL A 65 -1.94 -2.27 -2.91
CA VAL A 65 -2.30 -3.38 -3.80
C VAL A 65 -3.76 -3.27 -4.24
N ALA A 66 -3.97 -2.74 -5.43
CA ALA A 66 -5.32 -2.59 -5.98
C ALA A 66 -5.74 -3.84 -6.74
N PHE A 67 -6.88 -4.40 -6.35
CA PHE A 67 -7.40 -5.61 -7.01
C PHE A 67 -8.33 -5.23 -8.17
N PHE A 68 -7.91 -5.58 -9.38
CA PHE A 68 -8.70 -5.28 -10.57
C PHE A 68 -9.47 -6.52 -11.02
N ASN A 69 -10.16 -6.39 -12.16
CA ASN A 69 -10.95 -7.50 -12.70
C ASN A 69 -10.11 -8.78 -12.76
N LYS A 70 -10.11 -9.52 -11.67
CA LYS A 70 -9.35 -10.77 -11.59
C LYS A 70 -7.86 -10.51 -11.75
N ARG A 71 -7.39 -9.43 -11.15
CA ARG A 71 -5.98 -9.08 -11.23
C ARG A 71 -5.52 -8.34 -9.97
N VAL A 72 -4.22 -8.32 -9.73
CA VAL A 72 -3.67 -7.65 -8.56
C VAL A 72 -2.49 -6.76 -8.93
N TYR A 73 -2.59 -5.47 -8.63
CA TYR A 73 -1.53 -4.52 -8.94
C TYR A 73 -0.89 -3.99 -7.66
N ASN A 74 0.39 -4.27 -7.48
CA ASN A 74 1.13 -3.83 -6.31
C ASN A 74 1.94 -2.57 -6.63
N ILE A 75 1.41 -1.42 -6.23
CA ILE A 75 2.09 -0.15 -6.47
C ILE A 75 2.89 0.29 -5.24
N PRO A 76 4.19 0.57 -5.46
CA PRO A 76 5.08 1.00 -4.37
C PRO A 76 4.75 2.41 -3.88
N VAL A 77 4.54 2.52 -2.57
CA VAL A 77 4.21 3.82 -1.97
C VAL A 77 5.47 4.51 -1.45
N ARG A 78 6.24 5.09 -2.37
CA ARG A 78 7.47 5.78 -2.00
C ARG A 78 7.18 6.94 -1.05
N PHE A 79 8.12 7.19 -0.13
CA PHE A 79 7.96 8.26 0.84
C PHE A 79 9.02 9.34 0.64
N ILE A 80 8.58 10.57 0.41
CA ILE A 80 9.49 11.69 0.21
C ILE A 80 10.11 12.15 1.52
N GLU A 81 11.37 12.56 1.47
CA GLU A 81 12.06 13.02 2.66
C GLU A 81 12.15 14.55 2.68
N ALA A 82 12.64 15.12 1.58
CA ALA A 82 12.77 16.57 1.47
C ALA A 82 11.57 17.28 2.08
N THR A 83 10.39 16.67 1.94
CA THR A 83 9.17 17.25 2.48
C THR A 83 8.38 16.22 3.28
N LYS A 84 9.07 15.17 3.71
CA LYS A 84 8.43 14.11 4.50
C LYS A 84 7.03 13.81 3.97
N GLN A 85 6.92 13.63 2.66
CA GLN A 85 5.63 13.34 2.04
C GLN A 85 5.58 11.89 1.55
N TYR A 86 4.50 11.55 0.86
CA TYR A 86 4.32 10.20 0.35
C TYR A 86 4.00 10.23 -1.15
N ALA A 87 4.17 9.09 -1.81
CA ALA A 87 3.90 8.98 -3.24
C ALA A 87 3.72 7.53 -3.65
N LEU A 88 3.55 7.31 -4.95
CA LEU A 88 3.37 5.96 -5.48
C LEU A 88 4.33 5.71 -6.65
N GLY A 89 4.35 4.47 -7.12
CA GLY A 89 5.22 4.11 -8.23
C GLY A 89 6.65 4.59 -8.03
N LYS A 90 7.51 4.29 -9.00
CA LYS A 90 8.91 4.69 -8.91
C LYS A 90 9.14 5.99 -9.68
N LYS A 91 8.24 6.30 -10.59
CA LYS A 91 8.34 7.53 -11.39
C LYS A 91 7.35 8.58 -10.90
N LYS A 92 7.71 9.28 -9.83
CA LYS A 92 6.85 10.31 -9.27
C LYS A 92 6.96 11.61 -10.08
N ASN A 93 7.56 11.51 -11.26
CA ASN A 93 7.72 12.67 -12.13
C ASN A 93 6.53 13.62 -12.02
N GLY A 94 6.64 14.61 -11.13
CA GLY A 94 5.58 15.56 -10.94
C GLY A 94 4.26 14.90 -10.59
N GLU A 95 4.28 14.08 -9.53
CA GLU A 95 3.09 13.37 -9.09
C GLU A 95 2.46 14.06 -7.88
N GLU A 96 1.32 13.55 -7.44
CA GLU A 96 0.63 14.12 -6.29
C GLU A 96 1.20 13.57 -4.98
N TYR A 97 1.60 14.48 -4.09
CA TYR A 97 2.17 14.09 -2.81
C TYR A 97 1.08 13.93 -1.76
N PHE A 98 1.35 13.12 -0.74
CA PHE A 98 0.40 12.88 0.33
C PHE A 98 1.05 13.02 1.69
N GLY A 99 0.66 14.06 2.43
CA GLY A 99 1.23 14.30 3.75
C GLY A 99 1.46 13.01 4.51
N SER A 100 0.58 12.03 4.32
CA SER A 100 0.69 10.75 5.01
C SER A 100 0.13 9.63 4.14
N VAL A 101 0.23 8.41 4.65
CA VAL A 101 -0.27 7.24 3.93
C VAL A 101 -1.78 7.26 3.82
N VAL A 102 -2.45 7.57 4.94
CA VAL A 102 -3.90 7.62 4.97
C VAL A 102 -4.44 8.48 3.83
N GLU A 103 -3.85 9.65 3.65
CA GLU A 103 -4.27 10.57 2.60
C GLU A 103 -4.30 9.87 1.25
N ILE A 104 -3.30 9.02 1.01
CA ILE A 104 -3.22 8.29 -0.25
C ILE A 104 -4.50 7.51 -0.53
N VAL A 105 -5.06 6.90 0.51
CA VAL A 105 -6.29 6.13 0.38
C VAL A 105 -7.51 7.05 0.39
N ASN A 106 -7.56 7.95 1.37
CA ASN A 106 -8.67 8.89 1.50
C ASN A 106 -8.90 9.63 0.20
N SER A 107 -7.83 10.23 -0.34
CA SER A 107 -7.92 10.98 -1.59
C SER A 107 -8.28 10.06 -2.75
N HIS A 108 -7.63 8.90 -2.81
CA HIS A 108 -7.89 7.93 -3.87
C HIS A 108 -9.36 7.53 -3.90
N GLN A 109 -9.93 7.32 -2.71
CA GLN A 109 -11.33 6.93 -2.61
C GLN A 109 -12.17 7.58 -3.71
N HIS A 110 -11.95 8.87 -3.93
CA HIS A 110 -12.67 9.61 -4.96
C HIS A 110 -11.90 9.62 -6.27
N ASN A 111 -10.68 10.16 -6.23
CA ASN A 111 -9.84 10.23 -7.42
C ASN A 111 -9.32 8.85 -7.80
N PRO A 112 -9.42 8.52 -9.10
CA PRO A 112 -8.96 7.24 -9.63
C PRO A 112 -7.45 7.10 -9.61
N LEU A 113 -6.97 5.90 -9.32
CA LEU A 113 -5.53 5.63 -9.28
C LEU A 113 -5.08 4.81 -10.49
N VAL A 114 -4.78 5.50 -11.58
CA VAL A 114 -4.34 4.83 -12.80
C VAL A 114 -3.41 3.66 -12.48
N LEU A 115 -3.55 2.58 -13.24
CA LEU A 115 -2.72 1.40 -13.04
C LEU A 115 -2.03 0.99 -14.33
N ILE A 116 -0.70 0.94 -14.31
CA ILE A 116 0.07 0.56 -15.48
C ILE A 116 1.10 -0.51 -15.14
N ASP A 117 0.75 -1.76 -15.42
CA ASP A 117 1.65 -2.89 -15.14
C ASP A 117 1.71 -3.83 -16.33
N SER A 118 1.76 -3.26 -17.54
CA SER A 118 1.82 -4.05 -18.76
C SER A 118 2.69 -3.38 -19.80
N GLN A 119 2.79 -3.99 -20.98
CA GLN A 119 3.58 -3.43 -22.07
C GLN A 119 2.77 -2.44 -22.89
N ASN A 120 1.46 -2.68 -22.97
CA ASN A 120 0.58 -1.81 -23.73
C ASN A 120 0.12 -0.63 -22.89
N ASN A 121 1.02 -0.13 -22.04
CA ASN A 121 0.70 1.00 -21.16
C ASN A 121 -0.75 0.94 -20.71
N THR A 122 -1.22 -0.26 -20.40
CA THR A 122 -2.59 -0.46 -19.95
C THR A 122 -2.98 0.59 -18.90
N LYS A 123 -3.83 1.53 -19.29
CA LYS A 123 -4.27 2.58 -18.37
C LYS A 123 -5.59 2.19 -17.71
N ASP A 124 -5.49 1.41 -16.64
CA ASP A 124 -6.66 0.97 -15.90
C ASP A 124 -6.75 1.67 -14.55
N SER A 125 -7.42 2.82 -14.53
CA SER A 125 -7.58 3.60 -13.30
C SER A 125 -8.88 3.23 -12.59
N THR A 126 -8.80 3.04 -11.28
CA THR A 126 -9.97 2.69 -10.48
C THR A 126 -9.90 3.33 -9.11
N ARG A 127 -11.06 3.69 -8.57
CA ARG A 127 -11.13 4.31 -7.25
C ARG A 127 -11.37 3.27 -6.16
N LEU A 128 -10.71 3.45 -5.02
CA LEU A 128 -10.85 2.52 -3.91
C LEU A 128 -12.28 2.53 -3.36
N LYS A 129 -12.94 1.38 -3.45
CA LYS A 129 -14.31 1.26 -2.96
C LYS A 129 -14.39 0.23 -1.83
N TYR A 130 -13.69 -0.88 -2.00
CA TYR A 130 -13.69 -1.95 -1.00
C TYR A 130 -12.34 -2.01 -0.27
N ALA A 131 -12.35 -2.54 0.94
CA ALA A 131 -11.13 -2.67 1.73
C ALA A 131 -10.99 -4.07 2.30
N VAL A 132 -10.18 -4.89 1.64
CA VAL A 132 -9.96 -6.26 2.08
C VAL A 132 -8.76 -6.35 3.03
N LYS A 133 -8.90 -7.16 4.07
CA LYS A 133 -7.84 -7.33 5.05
C LYS A 133 -7.29 -8.76 5.02
N VAL A 134 -6.00 -8.89 4.71
CA VAL A 134 -5.36 -10.20 4.65
C VAL A 134 -5.01 -10.71 6.04
N SER A 135 -5.20 -12.00 6.25
CA SER A 135 -4.90 -12.61 7.55
C SER A 135 -4.51 -14.07 7.39
N SER A 136 -4.25 -14.75 8.50
CA SER A 136 -3.87 -16.15 8.48
C SER A 136 -4.76 -16.98 9.40
N GLY A 137 -5.71 -17.69 8.82
CA GLY A 137 -6.62 -18.51 9.60
C GLY A 137 -6.84 -19.88 8.99
N PRO A 138 -7.62 -19.92 7.90
CA PRO A 138 -7.93 -21.17 7.20
C PRO A 138 -6.71 -21.74 6.47
N SER A 139 -5.58 -21.07 6.62
CA SER A 139 -4.34 -21.50 5.97
C SER A 139 -4.13 -23.01 6.15
N SER A 140 -4.66 -23.80 5.22
CA SER A 140 -4.53 -25.25 5.28
C SER A 140 -5.20 -25.79 6.54
N GLY A 141 -6.36 -25.25 6.87
CA GLY A 141 -7.09 -25.69 8.04
C GLY A 141 -7.73 -24.55 8.80
N GLY A 1 23.02 21.18 31.88
CA GLY A 1 23.45 19.83 31.55
C GLY A 1 22.47 19.11 30.64
N SER A 2 22.82 17.89 30.26
CA SER A 2 21.96 17.10 29.37
C SER A 2 21.88 15.65 29.86
N SER A 3 20.73 15.02 29.64
CA SER A 3 20.52 13.64 30.05
C SER A 3 20.36 12.73 28.83
N GLY A 4 20.77 11.48 28.99
CA GLY A 4 20.67 10.53 27.90
C GLY A 4 19.44 9.64 28.01
N SER A 5 18.28 10.20 27.67
CA SER A 5 17.03 9.46 27.74
C SER A 5 16.48 9.19 26.34
N SER A 6 16.99 8.13 25.70
CA SER A 6 16.54 7.78 24.36
C SER A 6 15.48 6.68 24.41
N GLY A 7 14.33 6.96 23.80
CA GLY A 7 13.25 5.99 23.79
C GLY A 7 12.52 5.95 22.46
N PRO A 8 11.23 6.31 22.48
CA PRO A 8 10.39 6.32 21.27
C PRO A 8 10.79 7.43 20.30
N PHE A 9 11.82 8.19 20.67
CA PHE A 9 12.29 9.29 19.83
C PHE A 9 12.79 8.76 18.49
N ASN A 10 12.93 9.67 17.52
CA ASN A 10 13.40 9.30 16.19
C ASN A 10 12.40 8.37 15.50
N SER A 11 11.12 8.68 15.64
CA SER A 11 10.06 7.88 15.03
C SER A 11 9.49 8.57 13.79
N THR A 12 9.81 8.04 12.62
CA THR A 12 9.34 8.60 11.37
C THR A 12 8.21 7.76 10.78
N PHE A 13 8.48 6.47 10.57
CA PHE A 13 7.49 5.56 10.02
C PHE A 13 6.68 4.89 11.13
N ALA A 14 7.37 4.40 12.15
CA ALA A 14 6.72 3.75 13.27
C ALA A 14 5.47 4.51 13.70
N ASP A 15 5.62 5.82 13.88
CA ASP A 15 4.50 6.67 14.30
C ASP A 15 3.29 6.45 13.40
N GLN A 16 3.50 6.63 12.09
CA GLN A 16 2.43 6.46 11.12
C GLN A 16 1.62 5.20 11.41
N GLU A 17 2.32 4.12 11.73
CA GLU A 17 1.67 2.85 12.03
C GLU A 17 0.53 3.05 13.04
N ALA A 18 0.76 3.91 14.02
CA ALA A 18 -0.24 4.19 15.05
C ALA A 18 -1.57 4.57 14.42
N GLU A 19 -1.53 5.38 13.38
CA GLU A 19 -2.73 5.82 12.69
C GLU A 19 -3.05 4.90 11.52
N LEU A 20 -2.52 3.68 11.56
CA LEU A 20 -2.74 2.71 10.51
C LEU A 20 -3.28 1.40 11.08
N LEU A 21 -2.89 1.09 12.31
CA LEU A 21 -3.34 -0.13 12.97
C LEU A 21 -4.85 -0.10 13.19
N GLY A 22 -5.52 -1.16 12.73
CA GLY A 22 -6.96 -1.25 12.88
C GLY A 22 -7.69 -1.04 11.57
N LYS A 23 -7.13 -0.21 10.71
CA LYS A 23 -7.74 0.07 9.41
C LYS A 23 -8.14 -1.22 8.71
N PRO A 24 -9.29 -1.19 8.02
CA PRO A 24 -9.81 -2.35 7.29
C PRO A 24 -8.98 -2.68 6.06
N TRP A 25 -8.24 -1.70 5.55
CA TRP A 25 -7.40 -1.89 4.38
C TRP A 25 -5.96 -2.23 4.80
N TYR A 26 -5.56 -1.76 5.97
CA TYR A 26 -4.22 -2.01 6.47
C TYR A 26 -4.01 -3.50 6.74
N ALA A 27 -3.43 -4.19 5.77
CA ALA A 27 -3.17 -5.62 5.90
C ALA A 27 -2.06 -5.88 6.92
N GLY A 28 -1.29 -4.84 7.24
CA GLY A 28 -0.21 -4.98 8.20
C GLY A 28 1.02 -5.63 7.60
N ALA A 29 1.79 -6.32 8.42
CA ALA A 29 3.00 -7.00 7.97
C ALA A 29 2.67 -8.38 7.40
N CYS A 30 1.65 -8.43 6.55
CA CYS A 30 1.23 -9.69 5.94
C CYS A 30 2.27 -10.16 4.91
N ASP A 31 1.98 -11.29 4.27
CA ASP A 31 2.89 -11.84 3.27
C ASP A 31 2.41 -11.52 1.86
N ARG A 32 3.34 -11.12 1.00
CA ARG A 32 3.00 -10.78 -0.38
C ARG A 32 1.90 -11.69 -0.92
N LYS A 33 2.03 -12.99 -0.66
CA LYS A 33 1.05 -13.96 -1.11
C LYS A 33 -0.29 -13.73 -0.44
N SER A 34 -0.32 -13.88 0.89
CA SER A 34 -1.54 -13.69 1.66
C SER A 34 -2.33 -12.50 1.13
N ALA A 35 -1.65 -11.37 0.95
CA ALA A 35 -2.30 -10.16 0.45
C ALA A 35 -3.00 -10.43 -0.88
N GLU A 36 -2.26 -10.99 -1.83
CA GLU A 36 -2.82 -11.29 -3.14
C GLU A 36 -3.99 -12.26 -3.03
N GLU A 37 -3.82 -13.29 -2.21
CA GLU A 37 -4.86 -14.29 -2.01
C GLU A 37 -6.13 -13.65 -1.47
N ALA A 38 -5.99 -12.82 -0.44
CA ALA A 38 -7.12 -12.15 0.17
C ALA A 38 -7.87 -11.29 -0.85
N LEU A 39 -7.14 -10.82 -1.86
CA LEU A 39 -7.73 -9.98 -2.90
C LEU A 39 -8.40 -10.84 -3.97
N HIS A 40 -7.63 -11.75 -4.55
CA HIS A 40 -8.15 -12.63 -5.60
C HIS A 40 -9.34 -13.43 -5.08
N ARG A 41 -9.32 -13.76 -3.79
CA ARG A 41 -10.40 -14.51 -3.18
C ARG A 41 -11.66 -13.66 -3.05
N SER A 42 -11.48 -12.37 -2.80
CA SER A 42 -12.60 -11.45 -2.65
C SER A 42 -13.41 -11.38 -3.94
N ASN A 43 -12.72 -11.19 -5.05
CA ASN A 43 -13.38 -11.09 -6.34
C ASN A 43 -14.26 -9.85 -6.43
N LYS A 44 -13.74 -8.73 -5.92
CA LYS A 44 -14.47 -7.48 -5.94
C LYS A 44 -13.61 -6.35 -6.52
N ASP A 45 -13.59 -6.25 -7.84
CA ASP A 45 -12.81 -5.22 -8.52
C ASP A 45 -12.86 -3.91 -7.74
N GLY A 46 -11.69 -3.32 -7.51
CA GLY A 46 -11.63 -2.06 -6.78
C GLY A 46 -11.02 -2.22 -5.41
N SER A 47 -11.10 -3.44 -4.86
CA SER A 47 -10.55 -3.71 -3.53
C SER A 47 -9.10 -3.25 -3.44
N PHE A 48 -8.67 -2.95 -2.22
CA PHE A 48 -7.29 -2.50 -1.99
C PHE A 48 -6.85 -2.82 -0.57
N LEU A 49 -5.53 -2.90 -0.37
CA LEU A 49 -4.98 -3.21 0.94
C LEU A 49 -3.52 -2.78 1.03
N ILE A 50 -3.16 -2.14 2.13
CA ILE A 50 -1.79 -1.68 2.34
C ILE A 50 -0.96 -2.72 3.07
N ARG A 51 0.15 -3.13 2.46
CA ARG A 51 1.03 -4.12 3.06
C ARG A 51 2.39 -3.52 3.39
N LYS A 52 2.78 -3.62 4.66
CA LYS A 52 4.06 -3.08 5.10
C LYS A 52 5.22 -3.75 4.37
N SER A 53 6.23 -2.97 4.02
CA SER A 53 7.39 -3.49 3.31
C SER A 53 8.12 -4.53 4.15
N SER A 54 8.27 -5.73 3.60
CA SER A 54 8.94 -6.81 4.31
C SER A 54 10.10 -6.28 5.13
N GLY A 55 11.10 -5.73 4.46
CA GLY A 55 12.26 -5.19 5.15
C GLY A 55 13.47 -5.11 4.26
N HIS A 56 13.48 -4.13 3.36
CA HIS A 56 14.61 -3.94 2.43
C HIS A 56 15.20 -2.55 2.58
N ASP A 57 14.36 -1.53 2.43
CA ASP A 57 14.79 -0.15 2.55
C ASP A 57 13.73 0.71 3.22
N SER A 58 14.05 1.98 3.44
CA SER A 58 13.13 2.90 4.08
C SER A 58 12.29 3.64 3.04
N LYS A 59 12.94 4.12 1.99
CA LYS A 59 12.26 4.83 0.92
C LYS A 59 10.87 4.26 0.69
N GLN A 60 10.75 2.94 0.75
CA GLN A 60 9.48 2.27 0.54
C GLN A 60 8.96 1.66 1.84
N PRO A 61 8.27 2.48 2.64
CA PRO A 61 7.71 2.03 3.93
C PRO A 61 6.55 1.06 3.75
N TYR A 62 5.65 1.38 2.82
CA TYR A 62 4.50 0.53 2.56
C TYR A 62 4.23 0.41 1.06
N THR A 63 3.23 -0.38 0.70
CA THR A 63 2.88 -0.58 -0.70
C THR A 63 1.38 -0.81 -0.86
N LEU A 64 0.80 -0.19 -1.89
CA LEU A 64 -0.62 -0.32 -2.16
C LEU A 64 -0.89 -1.42 -3.17
N VAL A 65 -1.95 -2.19 -2.94
CA VAL A 65 -2.31 -3.28 -3.84
C VAL A 65 -3.77 -3.17 -4.28
N ALA A 66 -3.99 -2.62 -5.47
CA ALA A 66 -5.33 -2.46 -6.01
C ALA A 66 -5.76 -3.70 -6.79
N PHE A 67 -6.79 -4.38 -6.29
CA PHE A 67 -7.29 -5.58 -6.94
C PHE A 67 -8.27 -5.23 -8.06
N PHE A 68 -7.88 -5.54 -9.29
CA PHE A 68 -8.72 -5.26 -10.44
C PHE A 68 -9.45 -6.51 -10.91
N ASN A 69 -10.29 -6.35 -11.93
CA ASN A 69 -11.05 -7.48 -12.48
C ASN A 69 -10.18 -8.71 -12.63
N LYS A 70 -10.14 -9.53 -11.58
CA LYS A 70 -9.34 -10.75 -11.59
C LYS A 70 -7.86 -10.42 -11.81
N ARG A 71 -7.39 -9.37 -11.17
CA ARG A 71 -6.00 -8.95 -11.29
C ARG A 71 -5.50 -8.33 -9.98
N VAL A 72 -4.19 -8.15 -9.88
CA VAL A 72 -3.59 -7.56 -8.69
C VAL A 72 -2.36 -6.73 -9.05
N TYR A 73 -2.43 -5.43 -8.76
CA TYR A 73 -1.33 -4.52 -9.05
C TYR A 73 -0.64 -4.07 -7.77
N ASN A 74 0.67 -4.23 -7.72
CA ASN A 74 1.45 -3.84 -6.54
C ASN A 74 2.24 -2.56 -6.82
N ILE A 75 1.71 -1.44 -6.32
CA ILE A 75 2.36 -0.15 -6.52
C ILE A 75 3.13 0.27 -5.26
N PRO A 76 4.43 0.55 -5.44
CA PRO A 76 5.31 0.97 -4.34
C PRO A 76 4.97 2.37 -3.82
N VAL A 77 4.80 2.48 -2.50
CA VAL A 77 4.48 3.76 -1.89
C VAL A 77 5.70 4.41 -1.27
N ARG A 78 6.53 5.02 -2.12
CA ARG A 78 7.74 5.68 -1.67
C ARG A 78 7.42 6.82 -0.73
N PHE A 79 8.43 7.30 0.00
CA PHE A 79 8.25 8.40 0.94
C PHE A 79 9.34 9.45 0.75
N ILE A 80 8.92 10.67 0.42
CA ILE A 80 9.86 11.77 0.22
C ILE A 80 10.06 12.57 1.51
N GLU A 81 11.31 12.66 1.95
CA GLU A 81 11.64 13.40 3.16
C GLU A 81 11.62 14.91 2.91
N ALA A 82 12.06 15.30 1.72
CA ALA A 82 12.08 16.71 1.35
C ALA A 82 10.86 17.45 1.88
N THR A 83 9.71 16.77 1.83
CA THR A 83 8.46 17.37 2.30
C THR A 83 7.71 16.41 3.23
N LYS A 84 8.35 15.29 3.55
CA LYS A 84 7.76 14.29 4.43
C LYS A 84 6.40 13.84 3.90
N GLN A 85 6.31 13.69 2.58
CA GLN A 85 5.07 13.25 1.95
C GLN A 85 5.25 11.87 1.30
N TYR A 86 4.17 11.36 0.73
CA TYR A 86 4.19 10.06 0.08
C TYR A 86 3.92 10.18 -1.42
N ALA A 87 4.45 9.24 -2.19
CA ALA A 87 4.26 9.24 -3.63
C ALA A 87 4.01 7.83 -4.16
N LEU A 88 3.23 7.73 -5.22
CA LEU A 88 2.91 6.44 -5.83
C LEU A 88 3.85 6.13 -6.99
N GLY A 89 4.32 4.89 -7.05
CA GLY A 89 5.22 4.48 -8.11
C GLY A 89 6.46 5.35 -8.19
N LYS A 90 7.20 5.24 -9.28
CA LYS A 90 8.41 6.03 -9.47
C LYS A 90 8.10 7.53 -9.41
N LYS A 91 9.08 8.30 -8.95
CA LYS A 91 8.92 9.74 -8.84
C LYS A 91 8.59 10.36 -10.20
N LYS A 92 8.55 11.69 -10.25
CA LYS A 92 8.26 12.40 -11.49
C LYS A 92 8.38 13.91 -11.29
N ASN A 93 8.71 14.61 -12.36
CA ASN A 93 8.86 16.06 -12.31
C ASN A 93 7.84 16.68 -11.37
N GLY A 94 6.57 16.34 -11.57
CA GLY A 94 5.50 16.86 -10.73
C GLY A 94 4.70 15.77 -10.07
N GLU A 95 5.37 14.72 -9.64
CA GLU A 95 4.71 13.59 -8.97
C GLU A 95 3.77 14.09 -7.88
N GLU A 96 2.75 13.29 -7.58
CA GLU A 96 1.79 13.65 -6.55
C GLU A 96 2.34 13.33 -5.15
N TYR A 97 2.12 14.24 -4.22
CA TYR A 97 2.58 14.06 -2.85
C TYR A 97 1.42 13.96 -1.87
N PHE A 98 1.51 13.01 -0.94
CA PHE A 98 0.46 12.80 0.04
C PHE A 98 1.01 12.94 1.46
N GLY A 99 0.44 13.87 2.23
CA GLY A 99 0.89 14.08 3.58
C GLY A 99 1.32 12.79 4.27
N SER A 100 0.55 11.72 4.04
CA SER A 100 0.85 10.43 4.63
C SER A 100 0.13 9.31 3.90
N VAL A 101 0.38 8.07 4.33
CA VAL A 101 -0.25 6.92 3.71
C VAL A 101 -1.78 7.02 3.75
N VAL A 102 -2.30 7.43 4.90
CA VAL A 102 -3.74 7.58 5.07
C VAL A 102 -4.32 8.51 4.02
N GLU A 103 -3.61 9.60 3.74
CA GLU A 103 -4.06 10.58 2.76
C GLU A 103 -4.21 9.93 1.38
N ILE A 104 -3.19 9.17 0.98
CA ILE A 104 -3.21 8.50 -0.32
C ILE A 104 -4.53 7.77 -0.54
N VAL A 105 -4.89 6.91 0.41
CA VAL A 105 -6.13 6.15 0.32
C VAL A 105 -7.35 7.07 0.38
N ASN A 106 -7.41 7.87 1.44
CA ASN A 106 -8.53 8.81 1.63
C ASN A 106 -8.83 9.55 0.33
N SER A 107 -7.86 10.34 -0.14
CA SER A 107 -8.03 11.11 -1.36
C SER A 107 -8.35 10.19 -2.54
N HIS A 108 -7.75 9.02 -2.56
CA HIS A 108 -7.98 8.04 -3.62
C HIS A 108 -9.43 7.62 -3.66
N GLN A 109 -10.02 7.41 -2.49
CA GLN A 109 -11.42 7.00 -2.40
C GLN A 109 -12.25 7.65 -3.48
N HIS A 110 -12.03 8.94 -3.70
CA HIS A 110 -12.76 9.69 -4.71
C HIS A 110 -11.94 9.82 -5.99
N ASN A 111 -10.65 10.07 -5.84
CA ASN A 111 -9.75 10.21 -6.99
C ASN A 111 -9.23 8.85 -7.44
N PRO A 112 -9.35 8.57 -8.74
CA PRO A 112 -8.89 7.31 -9.33
C PRO A 112 -7.37 7.21 -9.35
N LEU A 113 -6.86 6.01 -9.15
CA LEU A 113 -5.41 5.77 -9.15
C LEU A 113 -4.98 5.08 -10.43
N VAL A 114 -4.68 5.86 -11.46
CA VAL A 114 -4.24 5.32 -12.74
C VAL A 114 -3.44 4.05 -12.55
N LEU A 115 -3.92 2.95 -13.12
CA LEU A 115 -3.24 1.67 -13.02
C LEU A 115 -2.66 1.24 -14.37
N ILE A 116 -1.56 1.88 -14.76
CA ILE A 116 -0.91 1.56 -16.03
C ILE A 116 0.21 0.54 -15.83
N ASP A 117 0.13 -0.56 -16.57
CA ASP A 117 1.15 -1.61 -16.48
C ASP A 117 1.73 -1.92 -17.86
N SER A 118 0.85 -2.24 -18.81
CA SER A 118 1.28 -2.56 -20.16
C SER A 118 1.79 -1.32 -20.88
N GLN A 119 2.71 -1.53 -21.83
CA GLN A 119 3.28 -0.42 -22.58
C GLN A 119 2.19 0.50 -23.13
N ASN A 120 1.23 -0.10 -23.85
CA ASN A 120 0.13 0.67 -24.43
C ASN A 120 -0.32 1.78 -23.48
N ASN A 121 -0.93 2.82 -24.03
CA ASN A 121 -1.42 3.94 -23.24
C ASN A 121 -2.76 3.62 -22.61
N THR A 122 -2.91 2.39 -22.11
CA THR A 122 -4.14 1.96 -21.48
C THR A 122 -4.32 2.60 -20.10
N LYS A 123 -5.53 3.04 -19.82
CA LYS A 123 -5.82 3.68 -18.53
C LYS A 123 -6.93 2.93 -17.80
N ASP A 124 -6.54 1.99 -16.94
CA ASP A 124 -7.50 1.20 -16.18
C ASP A 124 -7.68 1.78 -14.78
N SER A 125 -7.46 3.08 -14.64
CA SER A 125 -7.58 3.75 -13.35
C SER A 125 -8.89 3.37 -12.67
N THR A 126 -8.86 3.29 -11.34
CA THR A 126 -10.04 2.94 -10.57
C THR A 126 -9.99 3.55 -9.18
N ARG A 127 -11.15 3.96 -8.67
CA ARG A 127 -11.24 4.58 -7.35
C ARG A 127 -11.50 3.51 -6.28
N LEU A 128 -10.73 3.57 -5.21
CA LEU A 128 -10.88 2.61 -4.12
C LEU A 128 -12.32 2.59 -3.60
N LYS A 129 -12.94 1.43 -3.66
CA LYS A 129 -14.32 1.27 -3.20
C LYS A 129 -14.41 0.23 -2.08
N TYR A 130 -13.69 -0.87 -2.25
CA TYR A 130 -13.68 -1.94 -1.26
C TYR A 130 -12.35 -1.99 -0.51
N ALA A 131 -12.39 -2.48 0.72
CA ALA A 131 -11.18 -2.59 1.54
C ALA A 131 -10.99 -4.01 2.05
N VAL A 132 -10.20 -4.79 1.32
CA VAL A 132 -9.94 -6.18 1.71
C VAL A 132 -8.86 -6.26 2.77
N LYS A 133 -8.99 -7.21 3.68
CA LYS A 133 -8.02 -7.39 4.75
C LYS A 133 -7.46 -8.81 4.74
N VAL A 134 -6.22 -8.96 5.20
CA VAL A 134 -5.57 -10.26 5.25
C VAL A 134 -5.82 -10.95 6.58
N SER A 135 -5.91 -12.28 6.54
CA SER A 135 -6.15 -13.06 7.75
C SER A 135 -6.10 -14.56 7.44
N SER A 136 -5.90 -15.36 8.48
CA SER A 136 -5.83 -16.81 8.33
C SER A 136 -6.84 -17.51 9.24
N GLY A 137 -8.05 -16.95 9.29
CA GLY A 137 -9.09 -17.54 10.13
C GLY A 137 -9.30 -19.01 9.85
N PRO A 138 -10.30 -19.31 9.00
CA PRO A 138 -10.64 -20.69 8.63
C PRO A 138 -9.56 -21.32 7.74
N SER A 139 -8.55 -21.88 8.38
CA SER A 139 -7.45 -22.52 7.65
C SER A 139 -6.80 -23.63 8.50
N SER A 140 -6.11 -24.53 7.84
CA SER A 140 -5.44 -25.63 8.52
C SER A 140 -4.27 -25.13 9.36
N GLY A 141 -4.15 -25.65 10.58
CA GLY A 141 -3.07 -25.25 11.46
C GLY A 141 -2.73 -26.30 12.49
N GLY A 1 28.84 0.55 3.42
CA GLY A 1 29.32 0.33 4.77
C GLY A 1 28.89 -1.02 5.32
N SER A 2 27.94 -0.99 6.25
CA SER A 2 27.44 -2.21 6.87
C SER A 2 25.94 -2.12 7.14
N SER A 3 25.20 -3.12 6.69
CA SER A 3 23.75 -3.14 6.89
C SER A 3 23.35 -4.23 7.87
N GLY A 4 22.40 -3.91 8.74
CA GLY A 4 21.95 -4.88 9.72
C GLY A 4 20.66 -4.45 10.41
N SER A 5 20.58 -4.69 11.72
CA SER A 5 19.39 -4.32 12.48
C SER A 5 19.66 -3.08 13.34
N SER A 6 19.29 -1.92 12.80
CA SER A 6 19.50 -0.66 13.51
C SER A 6 18.29 0.25 13.35
N GLY A 7 17.96 0.99 14.40
CA GLY A 7 16.82 1.91 14.35
C GLY A 7 17.24 3.36 14.45
N PRO A 8 16.51 4.24 13.76
CA PRO A 8 16.79 5.68 13.76
C PRO A 8 16.48 6.33 15.10
N PHE A 9 17.05 7.50 15.33
CA PHE A 9 16.84 8.24 16.57
C PHE A 9 15.42 8.81 16.62
N ASN A 10 15.04 9.51 15.56
CA ASN A 10 13.71 10.11 15.49
C ASN A 10 12.70 9.14 14.88
N SER A 11 11.45 9.26 15.32
CA SER A 11 10.39 8.38 14.82
C SER A 11 9.43 9.16 13.92
N THR A 12 9.47 8.87 12.63
CA THR A 12 8.61 9.54 11.67
C THR A 12 7.50 8.60 11.18
N PHE A 13 7.89 7.43 10.70
CA PHE A 13 6.94 6.45 10.21
C PHE A 13 6.10 5.88 11.34
N ALA A 14 6.77 5.47 12.41
CA ALA A 14 6.09 4.91 13.58
C ALA A 14 4.79 5.66 13.86
N ASP A 15 4.89 6.97 14.01
CA ASP A 15 3.73 7.81 14.30
C ASP A 15 2.57 7.44 13.38
N GLN A 16 2.85 7.33 12.08
CA GLN A 16 1.82 6.98 11.10
C GLN A 16 1.21 5.62 11.41
N GLU A 17 2.05 4.69 11.84
CA GLU A 17 1.60 3.34 12.17
C GLU A 17 0.42 3.39 13.14
N ALA A 18 0.51 4.27 14.12
CA ALA A 18 -0.54 4.42 15.12
C ALA A 18 -1.89 4.68 14.46
N GLU A 19 -1.87 5.46 13.38
CA GLU A 19 -3.09 5.78 12.66
C GLU A 19 -3.30 4.83 11.48
N LEU A 20 -2.63 3.68 11.52
CA LEU A 20 -2.74 2.69 10.47
C LEU A 20 -3.24 1.36 11.02
N LEU A 21 -2.87 1.06 12.26
CA LEU A 21 -3.28 -0.18 12.90
C LEU A 21 -4.79 -0.22 13.11
N GLY A 22 -5.41 -1.32 12.68
CA GLY A 22 -6.85 -1.46 12.83
C GLY A 22 -7.58 -1.28 11.52
N LYS A 23 -7.09 -0.38 10.68
CA LYS A 23 -7.70 -0.11 9.39
C LYS A 23 -8.10 -1.41 8.70
N PRO A 24 -9.30 -1.41 8.09
CA PRO A 24 -9.82 -2.59 7.38
C PRO A 24 -9.06 -2.88 6.09
N TRP A 25 -8.11 -2.00 5.75
CA TRP A 25 -7.32 -2.17 4.55
C TRP A 25 -5.87 -2.48 4.90
N TYR A 26 -5.46 -2.11 6.11
CA TYR A 26 -4.09 -2.35 6.57
C TYR A 26 -3.83 -3.84 6.72
N ALA A 27 -3.20 -4.43 5.71
CA ALA A 27 -2.88 -5.85 5.73
C ALA A 27 -1.82 -6.16 6.78
N GLY A 28 -1.08 -5.14 7.18
CA GLY A 28 -0.04 -5.32 8.18
C GLY A 28 1.17 -6.06 7.62
N ALA A 29 2.05 -6.50 8.52
CA ALA A 29 3.25 -7.22 8.10
C ALA A 29 2.90 -8.60 7.58
N CYS A 30 2.37 -8.65 6.36
CA CYS A 30 1.99 -9.92 5.75
C CYS A 30 2.75 -10.13 4.44
N ASP A 31 2.79 -11.38 3.99
CA ASP A 31 3.49 -11.73 2.75
C ASP A 31 2.67 -11.29 1.54
N ARG A 32 3.37 -10.97 0.44
CA ARG A 32 2.72 -10.54 -0.78
C ARG A 32 1.65 -11.53 -1.21
N LYS A 33 1.97 -12.82 -1.11
CA LYS A 33 1.02 -13.87 -1.48
C LYS A 33 -0.32 -13.67 -0.79
N SER A 34 -0.31 -13.67 0.54
CA SER A 34 -1.53 -13.49 1.31
C SER A 34 -2.33 -12.29 0.80
N ALA A 35 -1.65 -11.16 0.65
CA ALA A 35 -2.30 -9.95 0.15
C ALA A 35 -2.99 -10.20 -1.19
N GLU A 36 -2.28 -10.85 -2.09
CA GLU A 36 -2.83 -11.15 -3.41
C GLU A 36 -3.99 -12.12 -3.32
N GLU A 37 -3.89 -13.08 -2.40
CA GLU A 37 -4.94 -14.08 -2.21
C GLU A 37 -6.21 -13.42 -1.68
N ALA A 38 -6.11 -12.75 -0.54
CA ALA A 38 -7.25 -12.09 0.06
C ALA A 38 -7.97 -11.20 -0.96
N LEU A 39 -7.23 -10.75 -1.97
CA LEU A 39 -7.79 -9.90 -3.00
C LEU A 39 -8.47 -10.74 -4.09
N HIS A 40 -7.72 -11.67 -4.65
CA HIS A 40 -8.24 -12.55 -5.70
C HIS A 40 -9.49 -13.28 -5.23
N ARG A 41 -9.55 -13.56 -3.93
CA ARG A 41 -10.68 -14.27 -3.34
C ARG A 41 -11.92 -13.36 -3.31
N SER A 42 -11.69 -12.06 -3.15
CA SER A 42 -12.79 -11.10 -3.09
C SER A 42 -13.54 -11.05 -4.41
N ASN A 43 -12.80 -10.89 -5.50
CA ASN A 43 -13.39 -10.83 -6.83
C ASN A 43 -14.26 -9.57 -6.99
N LYS A 44 -13.77 -8.46 -6.44
CA LYS A 44 -14.48 -7.19 -6.52
C LYS A 44 -13.54 -6.06 -6.91
N ASP A 45 -13.37 -5.84 -8.21
CA ASP A 45 -12.50 -4.79 -8.70
C ASP A 45 -12.69 -3.50 -7.90
N GLY A 46 -11.63 -3.10 -7.20
CA GLY A 46 -11.70 -1.89 -6.39
C GLY A 46 -11.10 -2.07 -5.02
N SER A 47 -11.03 -3.33 -4.57
CA SER A 47 -10.48 -3.64 -3.25
C SER A 47 -9.02 -3.18 -3.15
N PHE A 48 -8.62 -2.77 -1.96
CA PHE A 48 -7.25 -2.33 -1.73
C PHE A 48 -6.75 -2.76 -0.35
N LEU A 49 -5.43 -2.79 -0.19
CA LEU A 49 -4.84 -3.19 1.08
C LEU A 49 -3.35 -2.84 1.10
N ILE A 50 -2.94 -2.13 2.15
CA ILE A 50 -1.54 -1.72 2.30
C ILE A 50 -0.75 -2.78 3.08
N ARG A 51 0.42 -3.13 2.55
CA ARG A 51 1.27 -4.12 3.19
C ARG A 51 2.62 -3.51 3.58
N LYS A 52 2.96 -3.63 4.87
CA LYS A 52 4.22 -3.09 5.37
C LYS A 52 5.41 -3.79 4.71
N SER A 53 6.40 -2.98 4.31
CA SER A 53 7.60 -3.51 3.66
C SER A 53 7.96 -4.88 4.24
N SER A 54 8.58 -5.71 3.40
CA SER A 54 8.97 -7.06 3.83
C SER A 54 10.40 -7.36 3.37
N GLY A 55 10.64 -7.24 2.07
CA GLY A 55 11.96 -7.51 1.53
C GLY A 55 12.99 -6.48 1.98
N HIS A 56 14.06 -6.35 1.21
CA HIS A 56 15.12 -5.40 1.53
C HIS A 56 15.05 -4.17 0.62
N ASP A 57 14.27 -3.18 1.05
CA ASP A 57 14.11 -1.95 0.28
C ASP A 57 14.80 -0.78 0.98
N SER A 58 14.68 0.41 0.39
CA SER A 58 15.30 1.61 0.94
C SER A 58 14.23 2.62 1.35
N LYS A 59 13.66 3.29 0.35
CA LYS A 59 12.63 4.30 0.60
C LYS A 59 11.24 3.73 0.30
N GLN A 60 10.94 2.56 0.86
CA GLN A 60 9.66 1.91 0.65
C GLN A 60 9.09 1.40 1.97
N PRO A 61 8.43 2.30 2.72
CA PRO A 61 7.83 1.95 4.02
C PRO A 61 6.61 1.04 3.86
N TYR A 62 5.83 1.27 2.80
CA TYR A 62 4.65 0.47 2.54
C TYR A 62 4.38 0.34 1.04
N THR A 63 3.35 -0.41 0.69
CA THR A 63 3.00 -0.62 -0.72
C THR A 63 1.50 -0.83 -0.87
N LEU A 64 0.90 -0.08 -1.80
CA LEU A 64 -0.53 -0.19 -2.06
C LEU A 64 -0.82 -1.23 -3.14
N VAL A 65 -1.76 -2.12 -2.87
CA VAL A 65 -2.13 -3.16 -3.83
C VAL A 65 -3.59 -3.03 -4.24
N ALA A 66 -3.81 -2.49 -5.44
CA ALA A 66 -5.16 -2.32 -5.96
C ALA A 66 -5.60 -3.52 -6.77
N PHE A 67 -6.63 -4.22 -6.28
CA PHE A 67 -7.16 -5.40 -6.96
C PHE A 67 -8.12 -5.00 -8.07
N PHE A 68 -7.96 -5.60 -9.24
CA PHE A 68 -8.83 -5.31 -10.38
C PHE A 68 -9.52 -6.57 -10.87
N ASN A 69 -10.53 -6.40 -11.71
CA ASN A 69 -11.29 -7.53 -12.25
C ASN A 69 -10.36 -8.71 -12.52
N LYS A 70 -10.26 -9.62 -11.55
CA LYS A 70 -9.42 -10.80 -11.69
C LYS A 70 -7.97 -10.40 -11.95
N ARG A 71 -7.46 -9.46 -11.15
CA ARG A 71 -6.09 -8.99 -11.30
C ARG A 71 -5.57 -8.41 -9.98
N VAL A 72 -4.28 -8.12 -9.94
CA VAL A 72 -3.66 -7.56 -8.75
C VAL A 72 -2.48 -6.65 -9.10
N TYR A 73 -2.57 -5.39 -8.73
CA TYR A 73 -1.52 -4.42 -9.02
C TYR A 73 -0.86 -3.94 -7.73
N ASN A 74 0.44 -4.19 -7.60
CA ASN A 74 1.19 -3.78 -6.42
C ASN A 74 1.97 -2.51 -6.70
N ILE A 75 1.42 -1.37 -6.29
CA ILE A 75 2.07 -0.08 -6.49
C ILE A 75 2.92 0.29 -5.28
N PRO A 76 4.21 0.60 -5.53
CA PRO A 76 5.15 0.98 -4.48
C PRO A 76 4.84 2.35 -3.89
N VAL A 77 4.83 2.43 -2.57
CA VAL A 77 4.55 3.68 -1.88
C VAL A 77 5.82 4.32 -1.34
N ARG A 78 6.56 4.98 -2.22
CA ARG A 78 7.81 5.64 -1.84
C ARG A 78 7.54 6.84 -0.94
N PHE A 79 8.45 7.08 0.01
CA PHE A 79 8.31 8.19 0.94
C PHE A 79 9.36 9.26 0.66
N ILE A 80 8.91 10.50 0.48
CA ILE A 80 9.81 11.61 0.22
C ILE A 80 10.16 12.36 1.50
N GLU A 81 11.42 12.27 1.90
CA GLU A 81 11.89 12.93 3.10
C GLU A 81 11.86 14.45 2.94
N ALA A 82 12.24 14.92 1.75
CA ALA A 82 12.26 16.34 1.46
C ALA A 82 11.10 17.06 2.15
N THR A 83 9.89 16.50 2.01
CA THR A 83 8.71 17.09 2.61
C THR A 83 7.89 16.03 3.34
N LYS A 84 8.56 15.04 3.89
CA LYS A 84 7.90 13.96 4.61
C LYS A 84 6.56 13.61 3.96
N GLN A 85 6.57 13.51 2.63
CA GLN A 85 5.35 13.18 1.89
C GLN A 85 5.41 11.75 1.36
N TYR A 86 4.32 11.31 0.75
CA TYR A 86 4.24 9.95 0.21
C TYR A 86 3.88 9.99 -1.27
N ALA A 87 4.45 9.07 -2.04
CA ALA A 87 4.19 9.00 -3.47
C ALA A 87 3.90 7.56 -3.89
N LEU A 88 3.34 7.40 -5.08
CA LEU A 88 3.02 6.08 -5.61
C LEU A 88 3.78 5.81 -6.90
N GLY A 89 4.09 4.53 -7.13
CA GLY A 89 4.82 4.15 -8.34
C GLY A 89 6.30 4.44 -8.23
N LYS A 90 7.03 4.20 -9.32
CA LYS A 90 8.46 4.44 -9.34
C LYS A 90 8.84 5.34 -10.52
N LYS A 91 7.98 6.31 -10.82
CA LYS A 91 8.23 7.24 -11.91
C LYS A 91 7.53 8.57 -11.67
N LYS A 92 8.31 9.58 -11.29
CA LYS A 92 7.77 10.91 -11.03
C LYS A 92 6.59 11.20 -11.94
N ASN A 93 6.73 10.87 -13.22
CA ASN A 93 5.68 11.10 -14.19
C ASN A 93 4.31 10.71 -13.63
N GLY A 94 3.61 11.68 -13.05
CA GLY A 94 2.31 11.43 -12.48
C GLY A 94 2.36 11.26 -10.98
N GLU A 95 3.49 10.81 -10.47
CA GLU A 95 3.66 10.60 -9.04
C GLU A 95 2.86 11.62 -8.24
N GLU A 96 2.07 11.14 -7.29
CA GLU A 96 1.24 12.02 -6.46
C GLU A 96 1.80 12.09 -5.04
N TYR A 97 2.21 13.30 -4.64
CA TYR A 97 2.76 13.51 -3.30
C TYR A 97 1.66 13.86 -2.31
N PHE A 98 1.61 13.13 -1.21
CA PHE A 98 0.60 13.36 -0.17
C PHE A 98 1.27 13.62 1.17
N GLY A 99 0.47 14.08 2.14
CA GLY A 99 0.99 14.36 3.46
C GLY A 99 1.35 13.10 4.22
N SER A 100 0.54 12.06 4.06
CA SER A 100 0.77 10.79 4.74
C SER A 100 0.14 9.64 3.98
N VAL A 101 0.38 8.42 4.46
CA VAL A 101 -0.18 7.23 3.81
C VAL A 101 -1.70 7.28 3.79
N VAL A 102 -2.30 7.49 4.96
CA VAL A 102 -3.75 7.55 5.07
C VAL A 102 -4.35 8.42 3.97
N GLU A 103 -3.75 9.60 3.77
CA GLU A 103 -4.22 10.52 2.75
C GLU A 103 -4.31 9.84 1.39
N ILE A 104 -3.26 9.12 1.03
CA ILE A 104 -3.23 8.42 -0.25
C ILE A 104 -4.52 7.65 -0.49
N VAL A 105 -5.00 6.97 0.54
CA VAL A 105 -6.23 6.20 0.44
C VAL A 105 -7.46 7.11 0.50
N ASN A 106 -7.55 7.89 1.57
CA ASN A 106 -8.67 8.80 1.75
C ASN A 106 -9.01 9.51 0.44
N SER A 107 -8.01 10.15 -0.16
CA SER A 107 -8.22 10.87 -1.42
C SER A 107 -8.57 9.90 -2.54
N HIS A 108 -7.78 8.83 -2.68
CA HIS A 108 -8.02 7.83 -3.71
C HIS A 108 -9.47 7.37 -3.70
N GLN A 109 -10.03 7.20 -2.51
CA GLN A 109 -11.42 6.76 -2.37
C GLN A 109 -12.30 7.39 -3.44
N HIS A 110 -12.08 8.66 -3.71
CA HIS A 110 -12.85 9.37 -4.72
C HIS A 110 -12.07 9.52 -6.01
N ASN A 111 -10.79 9.86 -5.88
CA ASN A 111 -9.92 10.04 -7.04
C ASN A 111 -9.40 8.69 -7.54
N PRO A 112 -9.45 8.48 -8.86
CA PRO A 112 -8.99 7.24 -9.48
C PRO A 112 -7.47 7.08 -9.43
N LEU A 113 -7.01 5.86 -9.19
CA LEU A 113 -5.58 5.59 -9.11
C LEU A 113 -5.13 4.76 -10.30
N VAL A 114 -4.76 5.45 -11.38
CA VAL A 114 -4.29 4.78 -12.59
C VAL A 114 -3.35 3.64 -12.26
N LEU A 115 -3.38 2.59 -13.07
CA LEU A 115 -2.53 1.43 -12.86
C LEU A 115 -1.84 1.02 -14.16
N ILE A 116 -0.70 1.62 -14.44
CA ILE A 116 0.06 1.31 -15.66
C ILE A 116 0.77 -0.02 -15.53
N ASP A 117 0.16 -1.07 -16.07
CA ASP A 117 0.74 -2.40 -16.02
C ASP A 117 2.06 -2.45 -16.79
N SER A 118 3.16 -2.63 -16.06
CA SER A 118 4.48 -2.69 -16.68
C SER A 118 4.48 -3.64 -17.86
N GLN A 119 5.25 -3.29 -18.89
CA GLN A 119 5.34 -4.11 -20.09
C GLN A 119 3.96 -4.38 -20.68
N ASN A 120 3.10 -3.36 -20.65
CA ASN A 120 1.75 -3.48 -21.17
C ASN A 120 1.07 -2.12 -21.25
N ASN A 121 0.44 -1.84 -22.38
CA ASN A 121 -0.25 -0.56 -22.57
C ASN A 121 -1.63 -0.60 -21.94
N THR A 122 -1.68 -0.50 -20.62
CA THR A 122 -2.94 -0.53 -19.90
C THR A 122 -2.99 0.59 -18.86
N LYS A 123 -3.68 1.67 -19.19
CA LYS A 123 -3.82 2.81 -18.29
C LYS A 123 -5.19 2.82 -17.63
N ASP A 124 -5.56 1.69 -17.04
CA ASP A 124 -6.86 1.57 -16.37
C ASP A 124 -6.78 2.10 -14.94
N SER A 125 -7.62 3.07 -14.63
CA SER A 125 -7.64 3.67 -13.30
C SER A 125 -8.94 3.34 -12.58
N THR A 126 -8.84 3.19 -11.26
CA THR A 126 -10.02 2.86 -10.44
C THR A 126 -9.90 3.46 -9.05
N ARG A 127 -11.04 3.85 -8.48
CA ARG A 127 -11.06 4.44 -7.15
C ARG A 127 -11.34 3.39 -6.09
N LEU A 128 -10.64 3.48 -4.97
CA LEU A 128 -10.81 2.52 -3.88
C LEU A 128 -12.25 2.53 -3.38
N LYS A 129 -12.92 1.39 -3.50
CA LYS A 129 -14.31 1.26 -3.07
C LYS A 129 -14.42 0.22 -1.96
N TYR A 130 -13.67 -0.86 -2.08
CA TYR A 130 -13.69 -1.93 -1.08
C TYR A 130 -12.37 -1.99 -0.31
N ALA A 131 -12.44 -2.44 0.93
CA ALA A 131 -11.27 -2.54 1.79
C ALA A 131 -11.08 -3.95 2.30
N VAL A 132 -10.21 -4.71 1.64
CA VAL A 132 -9.94 -6.10 2.04
C VAL A 132 -8.61 -6.21 2.78
N LYS A 133 -8.68 -6.66 4.02
CA LYS A 133 -7.48 -6.82 4.84
C LYS A 133 -7.20 -8.29 5.12
N VAL A 134 -5.94 -8.68 5.00
CA VAL A 134 -5.53 -10.06 5.24
C VAL A 134 -5.23 -10.30 6.71
N SER A 135 -5.66 -11.45 7.22
CA SER A 135 -5.44 -11.81 8.61
C SER A 135 -5.57 -13.31 8.83
N SER A 136 -4.58 -13.90 9.49
CA SER A 136 -4.58 -15.33 9.75
C SER A 136 -3.61 -15.68 10.87
N GLY A 137 -3.61 -16.94 11.27
CA GLY A 137 -2.71 -17.39 12.34
C GLY A 137 -3.26 -18.59 13.08
N PRO A 138 -2.34 -19.36 13.71
CA PRO A 138 -2.71 -20.56 14.46
C PRO A 138 -3.46 -20.22 15.74
N SER A 139 -4.64 -20.81 15.89
CA SER A 139 -5.47 -20.57 17.08
C SER A 139 -5.57 -21.84 17.92
N SER A 140 -6.15 -21.69 19.12
CA SER A 140 -6.30 -22.82 20.03
C SER A 140 -7.71 -22.84 20.63
N GLY A 141 -8.45 -23.91 20.35
CA GLY A 141 -9.80 -24.04 20.85
C GLY A 141 -9.84 -24.02 22.38
N GLY A 1 20.46 2.48 2.63
CA GLY A 1 21.59 3.39 2.71
C GLY A 1 22.83 2.73 3.29
N SER A 2 23.48 3.42 4.22
CA SER A 2 24.69 2.89 4.84
C SER A 2 24.71 3.22 6.33
N SER A 3 24.97 2.20 7.16
CA SER A 3 25.01 2.38 8.60
C SER A 3 26.00 3.48 8.98
N GLY A 4 25.47 4.61 9.44
CA GLY A 4 26.31 5.72 9.84
C GLY A 4 26.45 5.84 11.34
N SER A 5 25.33 6.05 12.02
CA SER A 5 25.33 6.19 13.47
C SER A 5 24.82 4.92 14.14
N SER A 6 25.49 4.51 15.21
CA SER A 6 25.12 3.30 15.94
C SER A 6 24.03 3.62 16.97
N GLY A 7 23.11 2.68 17.15
CA GLY A 7 22.03 2.86 18.09
C GLY A 7 20.65 2.72 17.47
N PRO A 8 19.60 2.94 18.26
CA PRO A 8 18.22 2.84 17.79
C PRO A 8 17.85 3.96 16.82
N PHE A 9 17.69 3.60 15.55
CA PHE A 9 17.34 4.57 14.52
C PHE A 9 16.01 5.26 14.85
N ASN A 10 15.84 6.47 14.34
CA ASN A 10 14.61 7.23 14.59
C ASN A 10 13.38 6.43 14.16
N SER A 11 12.49 6.19 15.11
CA SER A 11 11.27 5.44 14.84
C SER A 11 10.14 6.37 14.41
N THR A 12 10.45 7.27 13.48
CA THR A 12 9.46 8.22 12.98
C THR A 12 8.18 7.51 12.59
N PHE A 13 8.27 6.63 11.60
CA PHE A 13 7.10 5.89 11.13
C PHE A 13 6.26 5.39 12.30
N ALA A 14 6.89 4.65 13.20
CA ALA A 14 6.20 4.11 14.37
C ALA A 14 5.12 5.07 14.85
N ASP A 15 5.37 6.37 14.70
CA ASP A 15 4.42 7.39 15.12
C ASP A 15 3.25 7.48 14.14
N GLN A 16 3.56 7.89 12.91
CA GLN A 16 2.54 8.03 11.88
C GLN A 16 1.70 6.76 11.77
N GLU A 17 2.34 5.61 11.94
CA GLU A 17 1.65 4.33 11.87
C GLU A 17 0.40 4.33 12.75
N ALA A 18 0.34 5.28 13.68
CA ALA A 18 -0.79 5.39 14.60
C ALA A 18 -2.09 5.58 13.81
N GLU A 19 -1.98 6.12 12.61
CA GLU A 19 -3.14 6.36 11.76
C GLU A 19 -3.32 5.24 10.74
N LEU A 20 -2.56 4.16 10.92
CA LEU A 20 -2.63 3.02 10.02
C LEU A 20 -3.15 1.78 10.74
N LEU A 21 -2.88 1.71 12.05
CA LEU A 21 -3.33 0.58 12.86
C LEU A 21 -4.84 0.58 13.02
N GLY A 22 -5.48 -0.52 12.63
CA GLY A 22 -6.92 -0.62 12.74
C GLY A 22 -7.60 -0.60 11.39
N LYS A 23 -6.98 0.06 10.42
CA LYS A 23 -7.54 0.17 9.08
C LYS A 23 -7.80 -1.21 8.49
N PRO A 24 -8.96 -1.36 7.84
CA PRO A 24 -9.36 -2.63 7.22
C PRO A 24 -8.51 -2.97 6.00
N TRP A 25 -7.83 -1.97 5.46
CA TRP A 25 -6.98 -2.16 4.29
C TRP A 25 -5.53 -2.37 4.70
N TYR A 26 -5.22 -2.06 5.95
CA TYR A 26 -3.87 -2.21 6.47
C TYR A 26 -3.57 -3.67 6.77
N ALA A 27 -2.97 -4.36 5.79
CA ALA A 27 -2.61 -5.77 5.96
C ALA A 27 -1.54 -5.95 7.02
N GLY A 28 -0.88 -4.85 7.38
CA GLY A 28 0.17 -4.92 8.39
C GLY A 28 1.48 -5.43 7.84
N ALA A 29 2.01 -6.49 8.46
CA ALA A 29 3.27 -7.07 8.02
C ALA A 29 3.06 -8.47 7.44
N CYS A 30 1.96 -8.64 6.70
CA CYS A 30 1.65 -9.92 6.10
C CYS A 30 2.46 -10.13 4.83
N ASP A 31 2.62 -11.40 4.43
CA ASP A 31 3.37 -11.74 3.23
C ASP A 31 2.72 -11.14 2.00
N ARG A 32 3.53 -10.85 0.98
CA ARG A 32 3.03 -10.26 -0.25
C ARG A 32 2.06 -11.21 -0.95
N LYS A 33 2.44 -12.47 -1.04
CA LYS A 33 1.60 -13.48 -1.68
C LYS A 33 0.18 -13.44 -1.12
N SER A 34 0.06 -13.63 0.19
CA SER A 34 -1.25 -13.61 0.85
C SER A 34 -2.07 -12.40 0.39
N ALA A 35 -1.44 -11.24 0.37
CA ALA A 35 -2.12 -10.01 -0.04
C ALA A 35 -2.81 -10.20 -1.38
N GLU A 36 -2.16 -10.92 -2.29
CA GLU A 36 -2.73 -11.17 -3.61
C GLU A 36 -3.90 -12.14 -3.52
N GLU A 37 -3.77 -13.15 -2.66
CA GLU A 37 -4.82 -14.15 -2.49
C GLU A 37 -6.07 -13.52 -1.87
N ALA A 38 -5.88 -12.80 -0.77
CA ALA A 38 -6.99 -12.14 -0.09
C ALA A 38 -7.75 -11.22 -1.04
N LEU A 39 -7.04 -10.62 -1.98
CA LEU A 39 -7.65 -9.72 -2.95
C LEU A 39 -8.31 -10.50 -4.08
N HIS A 40 -7.68 -11.59 -4.48
CA HIS A 40 -8.21 -12.43 -5.55
C HIS A 40 -9.48 -13.15 -5.10
N ARG A 41 -9.55 -13.47 -3.81
CA ARG A 41 -10.71 -14.16 -3.26
C ARG A 41 -11.91 -13.23 -3.20
N SER A 42 -11.65 -11.93 -3.03
CA SER A 42 -12.71 -10.93 -2.93
C SER A 42 -13.53 -10.90 -4.21
N ASN A 43 -12.84 -10.78 -5.35
CA ASN A 43 -13.50 -10.73 -6.65
C ASN A 43 -14.36 -9.47 -6.77
N LYS A 44 -13.84 -8.36 -6.27
CA LYS A 44 -14.55 -7.09 -6.34
C LYS A 44 -13.64 -5.98 -6.85
N ASP A 45 -13.57 -5.82 -8.17
CA ASP A 45 -12.74 -4.80 -8.79
C ASP A 45 -12.87 -3.48 -8.04
N GLY A 46 -11.84 -3.14 -7.26
CA GLY A 46 -11.85 -1.90 -6.50
C GLY A 46 -11.23 -2.06 -5.14
N SER A 47 -11.03 -3.30 -4.71
CA SER A 47 -10.46 -3.58 -3.40
C SER A 47 -9.03 -3.04 -3.31
N PHE A 48 -8.51 -2.95 -2.10
CA PHE A 48 -7.17 -2.45 -1.87
C PHE A 48 -6.68 -2.78 -0.47
N LEU A 49 -5.37 -2.87 -0.30
CA LEU A 49 -4.77 -3.18 1.00
C LEU A 49 -3.32 -2.74 1.05
N ILE A 50 -2.97 -2.04 2.13
CA ILE A 50 -1.61 -1.55 2.31
C ILE A 50 -0.76 -2.55 3.08
N ARG A 51 0.23 -3.13 2.40
CA ARG A 51 1.11 -4.12 3.02
C ARG A 51 2.47 -3.50 3.33
N LYS A 52 3.03 -3.84 4.49
CA LYS A 52 4.33 -3.34 4.90
C LYS A 52 5.45 -4.11 4.22
N SER A 53 6.47 -3.39 3.76
CA SER A 53 7.61 -4.01 3.10
C SER A 53 8.15 -5.18 3.93
N SER A 54 8.25 -6.35 3.29
CA SER A 54 8.74 -7.54 3.96
C SER A 54 10.04 -7.25 4.70
N GLY A 55 11.03 -6.71 3.99
CA GLY A 55 12.31 -6.39 4.59
C GLY A 55 12.27 -5.10 5.38
N HIS A 56 13.43 -4.50 5.59
CA HIS A 56 13.53 -3.25 6.34
C HIS A 56 14.20 -2.16 5.50
N ASP A 57 13.39 -1.26 4.96
CA ASP A 57 13.90 -0.17 4.13
C ASP A 57 13.09 1.10 4.36
N SER A 58 13.77 2.24 4.29
CA SER A 58 13.12 3.53 4.48
C SER A 58 12.50 4.04 3.18
N LYS A 59 13.14 3.71 2.07
CA LYS A 59 12.66 4.13 0.76
C LYS A 59 11.25 3.62 0.51
N GLN A 60 11.03 2.34 0.82
CA GLN A 60 9.71 1.74 0.63
C GLN A 60 9.17 1.20 1.95
N PRO A 61 8.49 2.07 2.72
CA PRO A 61 7.92 1.72 4.01
C PRO A 61 6.72 0.77 3.86
N TYR A 62 5.86 1.07 2.90
CA TYR A 62 4.67 0.24 2.67
C TYR A 62 4.41 0.09 1.17
N THR A 63 3.45 -0.76 0.83
CA THR A 63 3.10 -1.00 -0.57
C THR A 63 1.59 -1.16 -0.73
N LEU A 64 1.03 -0.45 -1.71
CA LEU A 64 -0.40 -0.52 -1.98
C LEU A 64 -0.71 -1.58 -3.02
N VAL A 65 -1.81 -2.30 -2.82
CA VAL A 65 -2.21 -3.35 -3.76
C VAL A 65 -3.66 -3.15 -4.20
N ALA A 66 -3.83 -2.56 -5.39
CA ALA A 66 -5.16 -2.32 -5.93
C ALA A 66 -5.65 -3.52 -6.73
N PHE A 67 -6.73 -4.13 -6.27
CA PHE A 67 -7.31 -5.29 -6.94
C PHE A 67 -8.22 -4.86 -8.09
N PHE A 68 -7.85 -5.26 -9.30
CA PHE A 68 -8.63 -4.91 -10.48
C PHE A 68 -9.43 -6.11 -10.98
N ASN A 69 -10.22 -5.90 -12.02
CA ASN A 69 -11.05 -6.96 -12.59
C ASN A 69 -10.24 -8.24 -12.76
N LYS A 70 -10.26 -9.09 -11.73
CA LYS A 70 -9.53 -10.35 -11.76
C LYS A 70 -8.03 -10.11 -11.93
N ARG A 71 -7.53 -9.07 -11.27
CA ARG A 71 -6.12 -8.74 -11.34
C ARG A 71 -5.66 -8.07 -10.04
N VAL A 72 -4.35 -8.02 -9.85
CA VAL A 72 -3.76 -7.41 -8.66
C VAL A 72 -2.56 -6.54 -9.01
N TYR A 73 -2.61 -5.28 -8.60
CA TYR A 73 -1.51 -4.36 -8.87
C TYR A 73 -0.88 -3.87 -7.57
N ASN A 74 0.36 -4.29 -7.34
CA ASN A 74 1.08 -3.90 -6.13
C ASN A 74 1.99 -2.70 -6.40
N ILE A 75 1.48 -1.50 -6.13
CA ILE A 75 2.25 -0.28 -6.35
C ILE A 75 3.03 0.10 -5.10
N PRO A 76 4.33 0.41 -5.28
CA PRO A 76 5.20 0.80 -4.17
C PRO A 76 4.87 2.17 -3.62
N VAL A 77 4.83 2.28 -2.30
CA VAL A 77 4.51 3.54 -1.64
C VAL A 77 5.76 4.15 -1.00
N ARG A 78 6.59 4.78 -1.82
CA ARG A 78 7.81 5.41 -1.34
C ARG A 78 7.49 6.60 -0.43
N PHE A 79 8.44 6.94 0.43
CA PHE A 79 8.26 8.06 1.35
C PHE A 79 9.37 9.10 1.17
N ILE A 80 8.97 10.30 0.74
CA ILE A 80 9.92 11.38 0.52
C ILE A 80 10.11 12.21 1.79
N GLU A 81 11.05 11.78 2.63
CA GLU A 81 11.34 12.48 3.87
C GLU A 81 11.46 13.98 3.64
N ALA A 82 12.11 14.35 2.53
CA ALA A 82 12.30 15.75 2.19
C ALA A 82 11.01 16.54 2.39
N THR A 83 9.88 15.91 2.13
CA THR A 83 8.59 16.55 2.29
C THR A 83 7.69 15.78 3.25
N LYS A 84 8.24 14.71 3.83
CA LYS A 84 7.50 13.89 4.78
C LYS A 84 6.18 13.44 4.17
N GLN A 85 6.19 13.16 2.87
CA GLN A 85 5.00 12.71 2.17
C GLN A 85 5.22 11.34 1.53
N TYR A 86 4.20 10.85 0.83
CA TYR A 86 4.28 9.55 0.18
C TYR A 86 3.84 9.65 -1.28
N ALA A 87 4.56 8.96 -2.15
CA ALA A 87 4.24 8.96 -3.58
C ALA A 87 3.90 7.56 -4.07
N LEU A 88 3.40 7.47 -5.30
CA LEU A 88 3.04 6.19 -5.88
C LEU A 88 4.04 5.77 -6.94
N GLY A 89 4.39 4.48 -6.95
CA GLY A 89 5.35 3.98 -7.92
C GLY A 89 6.78 4.31 -7.54
N LYS A 90 7.71 4.02 -8.46
CA LYS A 90 9.12 4.28 -8.23
C LYS A 90 9.57 5.51 -9.01
N LYS A 91 8.80 5.89 -10.02
CA LYS A 91 9.13 7.04 -10.84
C LYS A 91 8.01 7.32 -11.85
N LYS A 92 7.67 8.60 -12.01
CA LYS A 92 6.62 9.00 -12.94
C LYS A 92 6.55 10.52 -13.06
N ASN A 93 6.32 11.01 -14.28
CA ASN A 93 6.22 12.44 -14.52
C ASN A 93 5.10 13.06 -13.68
N GLY A 94 5.35 14.27 -13.19
CA GLY A 94 4.35 14.96 -12.39
C GLY A 94 3.73 14.05 -11.34
N GLU A 95 4.58 13.37 -10.58
CA GLU A 95 4.11 12.47 -9.53
C GLU A 95 3.48 13.24 -8.38
N GLU A 96 2.23 12.90 -8.06
CA GLU A 96 1.52 13.58 -6.98
C GLU A 96 1.96 13.05 -5.62
N TYR A 97 2.04 13.94 -4.64
CA TYR A 97 2.46 13.56 -3.30
C TYR A 97 1.26 13.40 -2.38
N PHE A 98 1.51 12.94 -1.16
CA PHE A 98 0.44 12.74 -0.18
C PHE A 98 0.98 12.85 1.24
N GLY A 99 0.36 13.70 2.05
CA GLY A 99 0.80 13.88 3.42
C GLY A 99 1.28 12.58 4.05
N SER A 100 0.46 11.54 3.97
CA SER A 100 0.80 10.24 4.54
C SER A 100 0.11 9.12 3.79
N VAL A 101 0.31 7.89 4.25
CA VAL A 101 -0.30 6.72 3.62
C VAL A 101 -1.82 6.86 3.56
N VAL A 102 -2.44 7.03 4.71
CA VAL A 102 -3.89 7.18 4.79
C VAL A 102 -4.40 8.17 3.76
N GLU A 103 -3.69 9.29 3.62
CA GLU A 103 -4.05 10.32 2.66
C GLU A 103 -4.14 9.75 1.25
N ILE A 104 -3.18 8.91 0.90
CA ILE A 104 -3.15 8.29 -0.42
C ILE A 104 -4.43 7.52 -0.69
N VAL A 105 -4.99 6.92 0.35
CA VAL A 105 -6.22 6.15 0.21
C VAL A 105 -7.45 7.05 0.24
N ASN A 106 -7.53 7.88 1.28
CA ASN A 106 -8.65 8.80 1.43
C ASN A 106 -8.82 9.66 0.19
N SER A 107 -7.70 9.95 -0.48
CA SER A 107 -7.72 10.77 -1.68
C SER A 107 -8.27 9.99 -2.87
N HIS A 108 -7.94 8.71 -2.92
CA HIS A 108 -8.42 7.84 -4.00
C HIS A 108 -9.89 7.53 -3.84
N GLN A 109 -10.38 7.57 -2.61
CA GLN A 109 -11.78 7.28 -2.32
C GLN A 109 -12.68 7.94 -3.36
N HIS A 110 -12.34 9.16 -3.76
CA HIS A 110 -13.12 9.90 -4.75
C HIS A 110 -12.48 9.80 -6.13
N ASN A 111 -11.18 10.12 -6.20
CA ASN A 111 -10.46 10.07 -7.46
C ASN A 111 -9.99 8.65 -7.77
N PRO A 112 -10.08 8.26 -9.05
CA PRO A 112 -9.67 6.93 -9.50
C PRO A 112 -8.16 6.74 -9.45
N LEU A 113 -7.74 5.53 -9.07
CA LEU A 113 -6.32 5.22 -8.98
C LEU A 113 -5.80 4.65 -10.30
N VAL A 114 -5.33 5.53 -11.17
CA VAL A 114 -4.80 5.11 -12.47
C VAL A 114 -3.68 4.09 -12.30
N LEU A 115 -3.74 3.02 -13.10
CA LEU A 115 -2.72 1.98 -13.03
C LEU A 115 -2.04 1.81 -14.39
N ILE A 116 -0.78 2.23 -14.46
CA ILE A 116 -0.01 2.12 -15.69
C ILE A 116 1.16 1.15 -15.53
N ASP A 117 0.91 -0.11 -15.86
CA ASP A 117 1.94 -1.14 -15.75
C ASP A 117 2.47 -1.52 -17.12
N SER A 118 2.54 -0.55 -18.03
CA SER A 118 3.02 -0.79 -19.38
C SER A 118 2.56 -2.15 -19.88
N GLN A 119 1.29 -2.47 -19.65
CA GLN A 119 0.73 -3.75 -20.08
C GLN A 119 -0.48 -3.52 -21.00
N ASN A 120 -1.47 -2.77 -20.50
CA ASN A 120 -2.67 -2.49 -21.27
C ASN A 120 -2.54 -1.16 -22.00
N ASN A 121 -1.47 -0.42 -21.70
CA ASN A 121 -1.24 0.87 -22.33
C ASN A 121 -2.55 1.61 -22.56
N THR A 122 -3.50 1.43 -21.64
CA THR A 122 -4.80 2.08 -21.74
C THR A 122 -5.01 3.07 -20.60
N LYS A 123 -4.00 3.21 -19.76
CA LYS A 123 -4.08 4.13 -18.62
C LYS A 123 -5.30 3.83 -17.76
N ASP A 124 -5.49 2.55 -17.42
CA ASP A 124 -6.63 2.14 -16.60
C ASP A 124 -6.68 2.94 -15.31
N SER A 125 -7.76 2.79 -14.56
CA SER A 125 -7.95 3.49 -13.30
C SER A 125 -9.16 2.97 -12.54
N THR A 126 -9.08 3.01 -11.21
CA THR A 126 -10.17 2.52 -10.37
C THR A 126 -10.09 3.14 -8.98
N ARG A 127 -11.20 3.71 -8.52
CA ARG A 127 -11.27 4.33 -7.21
C ARG A 127 -11.43 3.27 -6.12
N LEU A 128 -10.81 3.51 -4.97
CA LEU A 128 -10.88 2.58 -3.85
C LEU A 128 -12.27 2.62 -3.21
N LYS A 129 -12.88 1.44 -3.10
CA LYS A 129 -14.21 1.33 -2.50
C LYS A 129 -14.24 0.24 -1.44
N TYR A 130 -13.61 -0.89 -1.74
CA TYR A 130 -13.56 -2.00 -0.81
C TYR A 130 -12.21 -2.07 -0.08
N ALA A 131 -12.21 -2.67 1.11
CA ALA A 131 -11.00 -2.79 1.89
C ALA A 131 -10.82 -4.21 2.42
N VAL A 132 -10.05 -5.02 1.70
CA VAL A 132 -9.80 -6.40 2.09
C VAL A 132 -8.62 -6.50 3.03
N LYS A 133 -8.78 -7.28 4.09
CA LYS A 133 -7.71 -7.47 5.08
C LYS A 133 -7.19 -8.90 5.05
N VAL A 134 -5.94 -9.06 4.63
CA VAL A 134 -5.32 -10.37 4.56
C VAL A 134 -5.02 -10.92 5.95
N SER A 135 -5.05 -12.24 6.07
CA SER A 135 -4.79 -12.89 7.35
C SER A 135 -4.22 -14.29 7.14
N SER A 136 -3.21 -14.64 7.93
CA SER A 136 -2.57 -15.95 7.83
C SER A 136 -3.61 -17.06 7.85
N GLY A 137 -3.21 -18.25 7.39
CA GLY A 137 -4.13 -19.38 7.37
C GLY A 137 -3.40 -20.70 7.19
N PRO A 138 -3.29 -21.15 5.94
CA PRO A 138 -2.63 -22.42 5.61
C PRO A 138 -1.12 -22.35 5.82
N SER A 139 -0.57 -23.35 6.50
CA SER A 139 0.86 -23.40 6.76
C SER A 139 1.37 -24.85 6.76
N SER A 140 2.46 -25.07 6.06
CA SER A 140 3.06 -26.41 5.96
C SER A 140 4.32 -26.49 6.80
N GLY A 141 5.28 -25.61 6.53
CA GLY A 141 6.53 -25.60 7.26
C GLY A 141 7.67 -25.01 6.46
#